data_7NG4
#
_entry.id   7NG4
#
_cell.length_a   1.00
_cell.length_b   1.00
_cell.length_c   1.00
_cell.angle_alpha   90.00
_cell.angle_beta   90.00
_cell.angle_gamma   90.00
#
_symmetry.space_group_name_H-M   'P 1'
#
loop_
_entity.id
_entity.type
_entity.pdbx_description
1 polymer 'Lon protease homolog, mitochondrial'
2 polymer 'substrate protein, chain G'
3 non-polymer "ADENOSINE-5'-TRIPHOSPHATE"
4 non-polymer 'MAGNESIUM ION'
5 non-polymer "ADENOSINE-5'-DIPHOSPHATE"
#
loop_
_entity_poly.entity_id
_entity_poly.type
_entity_poly.pdbx_seq_one_letter_code
_entity_poly.pdbx_strand_id
1 'polypeptide(L)'
;HHHHHHGSMTIPDVFPHLPLIAITRNPVFPRFIKIIEVKNKKLVELLRRKVRLAQPYVGVFLKRDDSNESDVVESLDEIY
HTGTFAQIHEMQDLGDKLRMIVMGHRRVHISRQLEVEPEEPEAENKHKPRRKSKRGKKEAEDELSARHPAELAMEPTPEL
PAEVLMVEVENVVHEDFQVTEEVKALTAEIVKTIRDIIALNPLYRESVLQMMQAGQRVVDNPIYLSDMGAALTGAESHEL
QDVLEETNIPKRLYKALSLLKKEFELSKLQQRLGREVEEKIKQTHRKYLLQEQLKIIKKELGLEKDDKDAIEEKFRERLK
ELVVPKHVMDVVDEELSKLGLLDNHSSEFNVTRNYLDWLTSIPWGKYSNENLDLARAQAVLEEDHYGMEDVKKRILEFIA
VSQLRGSTQGKILCFYGPPGVGKTSIARSIARALNREYFRFSVGGMTDVAEIKGHRRTYVGAMPGKIIQCLKKTKTENPL
ILIDEVDKIGRGYQGDPSSALLELLDPEQNANFLDHYLDVPVDLSKVLFICTANVTDTIPEPLRDRMEMINVSGYVAQEK
LAIAERYLVPQARALCGLDESKAKLSSDVLTLLIKQYCRESGVRNLQKQVEKVLRKSAYKIVSGEAESVEVTPENLQDFV
GKPVFTVERMYDVTPPGVVMGLAWTAMGGSTLFVETSLRRPQDKDAKGDKDGSLEVTGQLGEVMKESARIAYTFARAFLM
QHAPANDYLVTSHIHLHVPEGATPKDGPSAGCTIVTALLSLAMGRPVRQNLAMTGEVSLTGKILPVGGIKEKTIAAKRAG
VTCIVLPAENKKDFYDLAAFITEGLEVHFVEHYREIFDIAFPDEQAEALAVER
;
A,B,C,D,E,F
2 'polypeptide(L)'
;(UNK)(UNK)(UNK)(UNK)(UNK)(UNK)(UNK)(UNK)(UNK)(UNK)(UNK)(UNK)(UNK)(UNK)(UNK)(UNK)
(UNK)(UNK)(UNK)(UNK)(UNK)(UNK)(UNK)(UNK)(UNK)(UNK)(UNK)(UNK)(UNK)(UNK)(UNK)(UNK)
(UNK)(UNK)(UNK)(UNK)(UNK)(UNK)(UNK)(UNK)(UNK)(UNK)(UNK)(UNK)(UNK)(UNK)(UNK)(UNK)
(UNK)(UNK)(UNK)(UNK)(UNK)(UNK)(UNK)
;
G
#
# COMPACT_ATOMS: atom_id res chain seq x y z
N HIS A 17 -12.49 70.15 -20.42
CA HIS A 17 -11.85 69.41 -21.51
C HIS A 17 -10.76 68.47 -20.97
N LEU A 18 -11.19 67.46 -20.23
CA LEU A 18 -10.31 66.44 -19.69
C LEU A 18 -10.83 65.04 -20.01
N PRO A 19 -9.94 64.05 -20.16
CA PRO A 19 -10.41 62.70 -20.49
C PRO A 19 -11.27 62.15 -19.36
N LEU A 20 -12.22 61.28 -19.74
CA LEU A 20 -13.12 60.69 -18.76
C LEU A 20 -12.34 59.91 -17.72
N ILE A 21 -12.78 60.02 -16.48
CA ILE A 21 -12.14 59.33 -15.38
C ILE A 21 -12.53 57.86 -15.42
N ALA A 22 -11.62 57.02 -14.95
CA ALA A 22 -11.83 55.58 -14.83
C ALA A 22 -12.43 55.43 -13.45
N ILE A 23 -13.77 55.38 -13.37
CA ILE A 23 -14.44 55.31 -12.08
C ILE A 23 -13.98 54.07 -11.33
N THR A 24 -13.81 52.95 -12.05
CA THR A 24 -13.29 51.69 -11.52
C THR A 24 -13.99 51.28 -10.23
N ARG A 25 -15.29 51.00 -10.39
CA ARG A 25 -16.15 50.46 -9.35
C ARG A 25 -16.15 51.34 -8.10
N ASN A 26 -16.67 52.56 -8.29
CA ASN A 26 -16.73 53.55 -7.22
C ASN A 26 -17.96 54.43 -7.45
N PRO A 27 -19.16 53.97 -7.05
CA PRO A 27 -20.33 54.85 -7.18
C PRO A 27 -20.15 56.06 -6.30
N VAL A 28 -20.67 57.20 -6.75
CA VAL A 28 -20.63 58.44 -5.98
C VAL A 28 -22.04 59.03 -5.99
N PHE A 29 -22.80 58.74 -4.95
CA PHE A 29 -24.19 59.16 -4.87
C PHE A 29 -24.22 60.69 -4.72
N PRO A 30 -25.27 61.35 -5.23
CA PRO A 30 -25.37 62.82 -5.08
C PRO A 30 -25.19 63.32 -3.65
N ARG A 31 -24.31 64.31 -3.49
CA ARG A 31 -23.97 64.91 -2.20
C ARG A 31 -23.58 63.83 -1.19
N PHE A 32 -22.49 63.12 -1.50
CA PHE A 32 -22.01 62.05 -0.63
C PHE A 32 -20.53 61.88 -0.89
N ILE A 33 -19.71 61.97 0.16
CA ILE A 33 -18.25 61.87 0.01
C ILE A 33 -17.84 60.46 -0.35
N LYS A 34 -16.86 60.36 -1.25
CA LYS A 34 -16.36 59.08 -1.75
C LYS A 34 -14.90 59.24 -2.14
N ILE A 35 -14.19 58.12 -2.13
CA ILE A 35 -12.77 58.06 -2.50
C ILE A 35 -12.62 57.19 -3.75
N ILE A 36 -11.64 57.53 -4.59
CA ILE A 36 -11.29 56.76 -5.77
C ILE A 36 -9.79 56.48 -5.72
N GLU A 37 -9.44 55.21 -6.10
CA GLU A 37 -8.07 54.67 -6.09
C GLU A 37 -7.95 53.77 -7.33
N VAL A 38 -7.84 54.39 -8.51
CA VAL A 38 -7.67 53.64 -9.74
C VAL A 38 -6.27 53.02 -9.79
N LYS A 39 -6.17 51.80 -10.30
CA LYS A 39 -4.87 51.14 -10.35
C LYS A 39 -3.94 51.74 -11.40
N ASN A 40 -4.48 52.25 -12.51
CA ASN A 40 -3.64 52.88 -13.52
C ASN A 40 -3.02 54.15 -12.97
N LYS A 41 -1.82 54.46 -13.45
CA LYS A 41 -1.10 55.67 -13.06
C LYS A 41 -1.28 56.82 -14.04
N LYS A 42 -1.90 56.58 -15.20
CA LYS A 42 -2.10 57.64 -16.19
C LYS A 42 -3.03 58.73 -15.65
N LEU A 43 -3.98 58.34 -14.78
CA LEU A 43 -4.81 59.38 -14.20
C LEU A 43 -3.98 60.27 -13.29
N VAL A 44 -2.88 59.76 -12.72
CA VAL A 44 -2.08 60.66 -11.89
C VAL A 44 -1.51 61.75 -12.79
N GLU A 45 -1.21 61.41 -14.05
CA GLU A 45 -0.72 62.40 -15.01
C GLU A 45 -1.80 63.44 -15.23
N LEU A 46 -3.06 62.98 -15.27
CA LEU A 46 -4.16 63.93 -15.39
C LEU A 46 -4.34 64.78 -14.14
N LEU A 47 -4.15 64.21 -12.96
CA LEU A 47 -4.27 65.01 -11.74
C LEU A 47 -3.17 66.05 -11.62
N ARG A 48 -1.98 65.74 -12.12
CA ARG A 48 -0.89 66.72 -12.10
C ARG A 48 -1.02 67.75 -13.20
N ARG A 49 -1.66 67.42 -14.32
CA ARG A 49 -1.88 68.41 -15.36
C ARG A 49 -2.93 69.45 -14.97
N LYS A 50 -3.84 69.13 -14.03
CA LYS A 50 -4.86 70.07 -13.58
C LYS A 50 -4.47 70.86 -12.33
N VAL A 51 -3.30 70.60 -11.73
CA VAL A 51 -2.89 71.43 -10.58
C VAL A 51 -2.59 72.84 -11.05
N ARG A 52 -2.19 73.02 -12.31
CA ARG A 52 -1.87 74.34 -12.82
C ARG A 52 -3.14 75.17 -13.02
N LEU A 53 -4.31 74.54 -13.09
CA LEU A 53 -5.57 75.26 -13.23
C LEU A 53 -5.91 75.92 -11.91
N ALA A 54 -6.49 77.12 -11.96
CA ALA A 54 -6.88 77.81 -10.74
C ALA A 54 -8.05 77.14 -10.04
N GLN A 55 -8.85 76.38 -10.78
CA GLN A 55 -10.05 75.69 -10.29
C GLN A 55 -9.91 74.25 -10.76
N PRO A 56 -9.05 73.44 -10.12
CA PRO A 56 -8.91 72.05 -10.56
C PRO A 56 -10.24 71.35 -10.34
N TYR A 57 -10.53 70.39 -11.21
CA TYR A 57 -11.82 69.74 -11.17
C TYR A 57 -11.68 68.31 -11.64
N VAL A 58 -12.74 67.57 -11.37
CA VAL A 58 -12.87 66.19 -11.79
C VAL A 58 -14.35 65.97 -11.96
N GLY A 59 -14.70 65.14 -12.94
CA GLY A 59 -16.07 64.78 -13.16
C GLY A 59 -16.29 63.46 -12.49
N VAL A 60 -17.55 63.14 -12.25
CA VAL A 60 -17.89 61.87 -11.67
C VAL A 60 -19.09 61.36 -12.44
N PHE A 61 -18.95 60.19 -12.99
CA PHE A 61 -19.94 59.49 -13.76
C PHE A 61 -20.16 58.18 -13.05
N LEU A 62 -21.08 57.39 -13.59
CA LEU A 62 -21.39 56.09 -13.06
C LEU A 62 -21.10 55.12 -14.18
N LYS A 63 -20.51 54.00 -13.81
CA LYS A 63 -20.18 52.98 -14.79
C LYS A 63 -21.40 52.18 -15.20
N ARG A 64 -21.35 51.68 -16.43
CA ARG A 64 -22.39 50.80 -16.95
C ARG A 64 -22.03 49.36 -16.58
N ASP A 65 -22.85 48.44 -17.04
CA ASP A 65 -22.62 47.04 -16.72
C ASP A 65 -21.34 46.56 -17.39
N ASP A 66 -20.72 45.53 -16.81
CA ASP A 66 -19.48 44.95 -17.30
C ASP A 66 -18.36 45.99 -17.35
N SER A 67 -17.85 46.35 -16.17
CA SER A 67 -16.75 47.31 -16.12
C SER A 67 -15.54 46.74 -16.84
N ASN A 68 -14.81 47.60 -17.56
CA ASN A 68 -13.64 47.15 -18.32
C ASN A 68 -12.73 48.35 -18.51
N GLU A 69 -11.55 48.32 -17.88
CA GLU A 69 -10.61 49.44 -17.97
C GLU A 69 -10.17 49.65 -19.42
N SER A 70 -9.98 48.55 -20.16
CA SER A 70 -9.54 48.66 -21.54
C SER A 70 -10.60 49.37 -22.35
N ASP A 71 -11.88 49.11 -22.03
CA ASP A 71 -12.91 49.81 -22.78
C ASP A 71 -12.95 51.26 -22.35
N VAL A 72 -12.57 51.56 -21.10
CA VAL A 72 -12.61 52.95 -20.64
C VAL A 72 -11.62 53.79 -21.44
N VAL A 73 -10.48 53.19 -21.79
CA VAL A 73 -9.51 53.91 -22.62
C VAL A 73 -9.77 53.77 -24.11
N GLU A 74 -10.51 52.73 -24.54
CA GLU A 74 -10.76 52.51 -25.97
C GLU A 74 -11.97 53.26 -26.48
N SER A 75 -13.12 53.09 -25.81
CA SER A 75 -14.38 53.73 -26.14
C SER A 75 -14.87 54.61 -25.00
N LEU A 76 -15.65 55.62 -25.35
CA LEU A 76 -16.19 56.56 -24.40
C LEU A 76 -17.65 56.30 -24.07
N ASP A 77 -18.28 55.27 -24.68
CA ASP A 77 -19.68 54.96 -24.38
C ASP A 77 -19.88 54.16 -23.10
N GLU A 78 -18.82 53.54 -22.55
CA GLU A 78 -18.98 52.76 -21.32
C GLU A 78 -19.44 53.64 -20.17
N ILE A 79 -18.94 54.87 -20.14
CA ILE A 79 -19.37 55.80 -19.13
C ILE A 79 -20.79 56.27 -19.43
N TYR A 80 -21.61 56.42 -18.40
CA TYR A 80 -22.98 56.85 -18.62
C TYR A 80 -23.02 58.31 -19.02
N HIS A 81 -24.10 58.68 -19.73
CA HIS A 81 -24.26 60.08 -20.08
C HIS A 81 -24.38 60.92 -18.82
N THR A 82 -24.92 60.35 -17.74
CA THR A 82 -24.97 61.07 -16.49
C THR A 82 -23.54 61.27 -15.99
N GLY A 83 -23.26 62.47 -15.52
CA GLY A 83 -21.98 62.82 -14.97
C GLY A 83 -22.26 63.75 -13.81
N THR A 84 -21.34 63.79 -12.87
CA THR A 84 -21.52 64.60 -11.67
C THR A 84 -20.23 65.38 -11.51
N PHE A 85 -20.15 66.54 -12.14
CA PHE A 85 -18.98 67.39 -12.01
C PHE A 85 -18.90 67.99 -10.61
N ALA A 86 -17.67 68.11 -10.12
CA ALA A 86 -17.41 68.62 -8.79
C ALA A 86 -15.99 69.11 -8.73
N GLN A 87 -15.74 70.03 -7.80
CA GLN A 87 -14.41 70.55 -7.57
C GLN A 87 -13.60 69.62 -6.69
N ILE A 88 -12.32 69.52 -6.99
CA ILE A 88 -11.43 68.67 -6.20
C ILE A 88 -11.14 69.42 -4.90
N HIS A 89 -10.86 68.66 -3.85
CA HIS A 89 -10.54 69.20 -2.53
C HIS A 89 -9.03 69.14 -2.36
N GLU A 90 -8.48 67.97 -2.06
CA GLU A 90 -7.04 67.91 -1.88
C GLU A 90 -6.56 66.48 -2.07
N MET A 91 -5.41 66.35 -2.73
CA MET A 91 -4.73 65.07 -2.87
C MET A 91 -4.01 64.73 -1.58
N GLN A 92 -3.79 63.43 -1.36
CA GLN A 92 -3.08 62.99 -0.15
C GLN A 92 -2.02 61.99 -0.61
N ASP A 93 -2.42 60.80 -1.06
CA ASP A 93 -1.47 59.76 -1.48
C ASP A 93 -0.55 59.38 -0.31
N LEU A 94 -1.16 58.80 0.72
CA LEU A 94 -0.39 58.31 1.86
C LEU A 94 0.46 57.10 1.50
N GLY A 95 -0.15 56.07 0.90
CA GLY A 95 0.57 54.87 0.49
C GLY A 95 0.69 54.74 -1.01
N ASP A 96 -0.47 54.68 -1.67
CA ASP A 96 -0.54 54.65 -3.12
C ASP A 96 -0.39 56.06 -3.66
N LYS A 97 -0.04 56.16 -4.93
CA LYS A 97 0.12 57.48 -5.54
C LYS A 97 -1.20 58.08 -6.02
N LEU A 98 -2.33 57.37 -5.87
CA LEU A 98 -3.63 57.88 -6.36
C LEU A 98 -4.75 57.52 -5.38
N ARG A 99 -5.02 58.41 -4.43
CA ARG A 99 -6.15 58.25 -3.49
C ARG A 99 -6.86 59.61 -3.52
N MET A 100 -7.49 59.89 -4.66
CA MET A 100 -8.22 61.13 -4.83
C MET A 100 -9.61 61.05 -4.21
N ILE A 101 -10.13 62.22 -3.79
CA ILE A 101 -11.48 62.33 -3.24
C ILE A 101 -12.43 62.82 -4.33
N VAL A 102 -13.66 62.32 -4.29
CA VAL A 102 -14.72 62.59 -5.25
C VAL A 102 -16.02 62.87 -4.51
N MET A 103 -16.87 63.61 -5.19
CA MET A 103 -18.11 64.19 -4.69
C MET A 103 -19.19 64.19 -5.75
N GLY A 104 -20.42 64.15 -5.24
CA GLY A 104 -21.59 64.25 -6.07
C GLY A 104 -22.03 65.66 -5.78
N HIS A 105 -21.63 66.63 -6.61
CA HIS A 105 -21.91 68.04 -6.35
C HIS A 105 -22.85 68.65 -7.38
N ARG A 106 -22.43 68.71 -8.65
CA ARG A 106 -23.19 69.31 -9.75
C ARG A 106 -23.56 68.11 -10.63
N ARG A 107 -24.82 67.70 -10.58
CA ARG A 107 -25.24 66.67 -11.52
C ARG A 107 -25.38 67.28 -12.91
N VAL A 108 -25.16 66.43 -13.90
CA VAL A 108 -25.25 66.79 -15.31
C VAL A 108 -25.52 65.51 -16.09
N HIS A 109 -26.15 65.66 -17.25
CA HIS A 109 -26.41 64.57 -18.16
C HIS A 109 -25.94 65.10 -19.50
N ILE A 110 -24.70 64.75 -19.87
CA ILE A 110 -24.18 65.19 -21.16
C ILE A 110 -25.01 64.55 -22.25
N SER A 111 -25.40 65.35 -23.25
CA SER A 111 -26.23 64.80 -24.33
C SER A 111 -25.48 63.73 -25.11
N ARG A 112 -24.16 63.88 -25.22
CA ARG A 112 -23.32 62.89 -25.90
C ARG A 112 -21.93 63.18 -25.36
N GLN A 113 -21.41 62.30 -24.49
CA GLN A 113 -20.05 62.51 -24.00
C GLN A 113 -19.01 62.30 -25.09
N LEU A 114 -19.33 61.54 -26.14
CA LEU A 114 -18.39 61.36 -27.24
C LEU A 114 -18.14 62.68 -27.94
N GLU A 115 -19.16 63.55 -27.99
CA GLU A 115 -19.05 64.85 -28.65
C GLU A 115 -18.45 65.88 -27.71
N MET A 166 -16.11 68.84 -24.19
CA MET A 166 -17.45 68.29 -24.41
C MET A 166 -18.50 69.19 -23.79
N VAL A 167 -19.56 69.42 -24.57
CA VAL A 167 -20.65 70.30 -24.15
C VAL A 167 -21.35 69.75 -22.90
N GLU A 168 -21.79 70.66 -22.03
CA GLU A 168 -22.48 70.28 -20.80
C GLU A 168 -23.40 71.41 -20.39
N VAL A 169 -24.40 71.07 -19.57
CA VAL A 169 -25.38 72.05 -19.08
C VAL A 169 -25.94 71.55 -17.76
N GLU A 170 -26.26 72.49 -16.85
CA GLU A 170 -26.83 72.13 -15.55
C GLU A 170 -28.33 71.92 -15.69
N ASN A 171 -28.67 70.82 -16.38
CA ASN A 171 -30.04 70.38 -16.58
C ASN A 171 -30.53 69.60 -15.34
N VAL A 172 -30.41 70.23 -14.18
CA VAL A 172 -30.78 69.67 -12.90
C VAL A 172 -32.28 69.84 -12.81
N VAL A 173 -33.03 69.02 -13.54
CA VAL A 173 -34.49 69.13 -13.52
C VAL A 173 -34.91 68.88 -12.08
N HIS A 174 -35.88 69.66 -11.65
CA HIS A 174 -36.41 69.62 -10.29
C HIS A 174 -37.82 70.20 -10.26
N GLU A 175 -38.74 69.66 -11.06
CA GLU A 175 -40.08 70.19 -11.05
C GLU A 175 -40.74 69.88 -9.72
N ASP A 176 -41.55 70.82 -9.23
CA ASP A 176 -42.28 70.62 -7.97
C ASP A 176 -43.58 71.38 -8.02
N PHE A 177 -44.59 70.80 -7.41
CA PHE A 177 -45.91 71.40 -7.40
C PHE A 177 -45.86 72.62 -6.48
N GLN A 178 -46.69 73.62 -6.78
CA GLN A 178 -46.64 74.85 -5.98
C GLN A 178 -47.05 74.64 -4.53
N VAL A 179 -47.97 73.71 -4.27
CA VAL A 179 -48.46 73.45 -2.92
C VAL A 179 -47.50 72.42 -2.33
N THR A 180 -46.57 72.88 -1.49
CA THR A 180 -45.59 72.00 -0.85
C THR A 180 -45.99 71.88 0.62
N GLU A 181 -47.12 71.20 0.80
CA GLU A 181 -47.71 70.83 2.08
C GLU A 181 -47.93 69.33 2.13
N GLU A 182 -48.74 68.78 1.22
CA GLU A 182 -48.98 67.35 1.22
C GLU A 182 -47.90 66.53 0.54
N VAL A 183 -47.01 67.18 -0.23
CA VAL A 183 -45.93 66.40 -0.81
C VAL A 183 -44.94 65.93 0.26
N LYS A 184 -44.77 66.71 1.35
CA LYS A 184 -43.85 66.26 2.39
C LYS A 184 -44.42 65.21 3.31
N ALA A 185 -45.72 64.92 3.25
CA ALA A 185 -46.25 63.87 4.13
C ALA A 185 -45.60 62.54 3.81
N LEU A 186 -45.32 62.31 2.52
CA LEU A 186 -44.67 61.07 2.11
C LEU A 186 -43.25 61.01 2.66
N THR A 187 -42.65 62.18 2.86
CA THR A 187 -41.27 62.26 3.34
C THR A 187 -41.16 61.62 4.70
N ALA A 188 -42.21 61.74 5.53
CA ALA A 188 -42.15 61.13 6.85
C ALA A 188 -42.08 59.62 6.76
N GLU A 189 -42.72 59.04 5.75
CA GLU A 189 -42.60 57.60 5.58
C GLU A 189 -41.26 57.22 4.96
N ILE A 190 -40.73 58.09 4.08
CA ILE A 190 -39.43 57.84 3.47
C ILE A 190 -38.31 57.86 4.51
N VAL A 191 -38.34 58.85 5.39
CA VAL A 191 -37.33 58.90 6.44
C VAL A 191 -37.55 57.78 7.43
N LYS A 192 -38.81 57.40 7.65
CA LYS A 192 -39.06 56.27 8.54
C LYS A 192 -38.53 54.98 7.95
N THR A 193 -38.57 54.86 6.63
CA THR A 193 -37.96 53.70 5.99
C THR A 193 -36.46 53.78 6.14
N ILE A 194 -35.90 54.94 5.84
CA ILE A 194 -34.46 55.14 5.93
C ILE A 194 -33.99 54.87 7.35
N ARG A 195 -34.77 55.33 8.34
CA ARG A 195 -34.46 55.09 9.74
C ARG A 195 -34.52 53.60 10.06
N ASP A 196 -35.42 52.88 9.41
CA ASP A 196 -35.47 51.44 9.66
C ASP A 196 -34.31 50.70 9.02
N ILE A 197 -33.72 51.24 7.95
CA ILE A 197 -32.58 50.53 7.37
C ILE A 197 -31.37 50.72 8.24
N ILE A 198 -31.08 51.94 8.66
CA ILE A 198 -29.94 52.11 9.54
C ILE A 198 -30.22 51.48 10.90
N ALA A 199 -31.50 51.39 11.31
CA ALA A 199 -31.73 50.78 12.62
C ALA A 199 -31.61 49.25 12.59
N LEU A 200 -32.38 48.61 11.72
CA LEU A 200 -32.32 47.16 11.61
C LEU A 200 -31.03 46.68 10.96
N ASN A 201 -30.43 47.49 10.10
CA ASN A 201 -29.17 47.17 9.43
C ASN A 201 -28.24 48.38 9.53
N PRO A 202 -27.68 48.65 10.71
CA PRO A 202 -26.74 49.78 10.78
C PRO A 202 -25.52 49.54 9.91
N LEU A 203 -25.25 50.53 9.08
CA LEU A 203 -24.10 50.59 8.18
C LEU A 203 -23.27 51.81 8.48
N TYR A 204 -23.89 52.98 8.49
CA TYR A 204 -23.26 54.24 8.79
C TYR A 204 -23.85 54.80 10.09
N ARG A 205 -23.23 55.85 10.57
CA ARG A 205 -23.67 56.52 11.77
C ARG A 205 -25.03 57.19 11.59
N GLU A 206 -25.80 57.21 12.67
CA GLU A 206 -27.09 57.89 12.68
C GLU A 206 -26.92 59.38 12.95
N SER A 207 -25.70 59.83 13.29
CA SER A 207 -25.46 61.23 13.61
C SER A 207 -25.72 62.13 12.40
N VAL A 208 -25.50 61.63 11.18
CA VAL A 208 -25.84 62.41 10.01
C VAL A 208 -27.35 62.61 9.95
N LEU A 209 -28.12 61.63 10.42
CA LEU A 209 -29.56 61.81 10.53
C LEU A 209 -29.89 62.86 11.59
N GLN A 210 -29.09 62.93 12.66
CA GLN A 210 -29.25 64.01 13.64
C GLN A 210 -28.79 65.36 13.11
N MET A 211 -27.90 65.38 12.11
CA MET A 211 -27.41 66.65 11.60
C MET A 211 -28.47 67.30 10.74
N MET A 212 -29.02 66.55 9.78
CA MET A 212 -29.99 67.09 8.83
C MET A 212 -31.31 66.45 9.26
N GLN A 213 -31.99 67.08 10.21
CA GLN A 213 -33.28 66.63 10.72
C GLN A 213 -34.38 67.45 10.07
N ALA A 214 -35.57 66.86 9.93
CA ALA A 214 -36.67 67.59 9.29
C ALA A 214 -37.18 68.74 10.15
N GLY A 215 -37.02 68.69 11.47
CA GLY A 215 -37.47 69.79 12.31
C GLY A 215 -36.55 70.99 12.33
N GLN A 216 -35.33 70.83 11.81
CA GLN A 216 -34.34 71.89 11.76
C GLN A 216 -34.56 72.85 10.59
N ARG A 217 -35.44 72.49 9.63
CA ARG A 217 -35.73 73.27 8.43
C ARG A 217 -34.49 73.48 7.55
N VAL A 218 -33.45 72.65 7.73
CA VAL A 218 -32.22 72.73 6.94
C VAL A 218 -32.27 71.88 5.67
N VAL A 219 -33.37 71.15 5.41
CA VAL A 219 -33.43 70.31 4.22
C VAL A 219 -33.84 71.18 3.05
N ASP A 220 -32.95 72.08 2.63
CA ASP A 220 -33.26 72.95 1.51
C ASP A 220 -33.40 72.18 0.20
N ASN A 221 -32.84 70.97 0.13
CA ASN A 221 -32.85 70.11 -1.06
C ASN A 221 -33.36 68.74 -0.64
N PRO A 222 -34.69 68.55 -0.52
CA PRO A 222 -35.18 67.22 -0.16
C PRO A 222 -34.76 66.16 -1.16
N ILE A 223 -34.64 66.52 -2.45
CA ILE A 223 -34.22 65.53 -3.44
C ILE A 223 -32.80 65.04 -3.14
N TYR A 224 -31.91 65.91 -2.66
CA TYR A 224 -30.56 65.48 -2.32
C TYR A 224 -30.55 64.66 -1.05
N LEU A 225 -31.39 64.99 -0.07
CA LEU A 225 -31.46 64.13 1.12
C LEU A 225 -31.98 62.75 0.72
N SER A 226 -32.99 62.70 -0.17
CA SER A 226 -33.51 61.41 -0.61
C SER A 226 -32.46 60.65 -1.41
N ASP A 227 -31.61 61.35 -2.18
CA ASP A 227 -30.51 60.65 -2.84
C ASP A 227 -29.52 60.11 -1.81
N MET A 228 -29.25 60.88 -0.75
CA MET A 228 -28.36 60.40 0.31
C MET A 228 -28.98 59.20 1.02
N GLY A 229 -30.30 59.18 1.17
CA GLY A 229 -30.94 58.06 1.82
C GLY A 229 -31.00 56.84 0.91
N ALA A 230 -31.12 57.08 -0.39
CA ALA A 230 -31.04 56.01 -1.36
C ALA A 230 -29.62 55.46 -1.46
N ALA A 231 -28.63 56.27 -1.06
CA ALA A 231 -27.25 55.80 -1.11
C ALA A 231 -27.00 54.64 -0.17
N LEU A 232 -27.75 54.52 0.92
CA LEU A 232 -27.57 53.37 1.79
C LEU A 232 -27.97 52.06 1.10
N THR A 233 -28.81 52.13 0.07
CA THR A 233 -29.25 50.92 -0.61
C THR A 233 -28.07 50.20 -1.26
N GLY A 234 -28.11 48.88 -1.22
CA GLY A 234 -27.16 47.98 -1.83
C GLY A 234 -27.49 47.67 -3.28
N ALA A 235 -28.48 48.35 -3.87
CA ALA A 235 -28.90 48.10 -5.23
C ALA A 235 -27.77 48.36 -6.23
N GLU A 236 -27.82 47.61 -7.32
CA GLU A 236 -26.82 47.66 -8.37
C GLU A 236 -26.75 49.04 -9.00
N SER A 237 -25.58 49.37 -9.54
CA SER A 237 -25.36 50.66 -10.19
C SER A 237 -26.34 50.89 -11.35
N HIS A 238 -26.79 49.82 -12.00
CA HIS A 238 -27.81 49.98 -13.04
C HIS A 238 -29.11 50.50 -12.44
N GLU A 239 -29.45 50.03 -11.24
CA GLU A 239 -30.63 50.54 -10.56
C GLU A 239 -30.47 52.01 -10.18
N LEU A 240 -29.26 52.43 -9.84
CA LEU A 240 -29.01 53.84 -9.55
C LEU A 240 -29.17 54.66 -10.82
N GLN A 241 -28.70 54.12 -11.95
CA GLN A 241 -28.90 54.83 -13.21
C GLN A 241 -30.37 54.90 -13.55
N ASP A 242 -31.12 53.86 -13.21
CA ASP A 242 -32.56 53.89 -13.44
C ASP A 242 -33.23 54.94 -12.57
N VAL A 243 -32.76 55.10 -11.33
CA VAL A 243 -33.33 56.15 -10.50
C VAL A 243 -32.97 57.51 -11.11
N LEU A 244 -31.79 57.62 -11.71
CA LEU A 244 -31.41 58.87 -12.37
C LEU A 244 -32.22 59.14 -13.63
N GLU A 245 -32.67 58.08 -14.32
CA GLU A 245 -33.50 58.27 -15.52
C GLU A 245 -34.83 58.94 -15.21
N GLU A 246 -35.39 58.69 -14.03
CA GLU A 246 -36.67 59.28 -13.68
C GLU A 246 -36.51 60.79 -13.60
N THR A 247 -37.46 61.52 -14.18
CA THR A 247 -37.48 62.98 -14.12
C THR A 247 -38.46 63.53 -13.12
N ASN A 248 -39.67 62.97 -13.06
CA ASN A 248 -40.65 63.44 -12.09
C ASN A 248 -40.17 63.10 -10.69
N ILE A 249 -40.37 64.05 -9.77
CA ILE A 249 -39.96 63.83 -8.38
C ILE A 249 -40.65 62.62 -7.76
N PRO A 250 -41.98 62.47 -7.81
CA PRO A 250 -42.56 61.26 -7.20
C PRO A 250 -42.02 60.00 -7.84
N LYS A 251 -41.70 60.02 -9.15
CA LYS A 251 -41.19 58.83 -9.82
C LYS A 251 -39.76 58.48 -9.38
N ARG A 252 -38.87 59.47 -9.26
CA ARG A 252 -37.54 59.15 -8.76
C ARG A 252 -37.61 58.76 -7.28
N LEU A 253 -38.45 59.46 -6.50
CA LEU A 253 -38.68 59.07 -5.11
C LEU A 253 -39.23 57.65 -5.05
N TYR A 254 -40.00 57.26 -6.05
CA TYR A 254 -40.56 55.92 -6.13
C TYR A 254 -39.53 54.86 -6.44
N LYS A 255 -38.66 55.11 -7.41
CA LYS A 255 -37.65 54.09 -7.67
C LYS A 255 -36.70 53.98 -6.48
N ALA A 256 -36.40 55.11 -5.81
CA ALA A 256 -35.51 55.04 -4.63
C ALA A 256 -36.17 54.28 -3.48
N LEU A 257 -37.49 54.51 -3.29
CA LEU A 257 -38.23 53.78 -2.26
C LEU A 257 -38.32 52.31 -2.58
N SER A 258 -38.50 51.98 -3.85
CA SER A 258 -38.52 50.57 -4.21
C SER A 258 -37.17 49.93 -3.97
N LEU A 259 -36.08 50.67 -4.19
CA LEU A 259 -34.76 50.15 -3.89
C LEU A 259 -34.59 49.94 -2.40
N LEU A 260 -35.17 50.81 -1.59
CA LEU A 260 -35.08 50.65 -0.15
C LEU A 260 -35.82 49.38 0.26
N LYS A 261 -37.03 49.20 -0.27
CA LYS A 261 -37.81 48.00 0.02
C LYS A 261 -37.07 46.75 -0.47
N LYS A 262 -36.41 46.86 -1.62
CA LYS A 262 -35.69 45.72 -2.19
C LYS A 262 -34.56 45.26 -1.28
N GLU A 263 -33.83 46.21 -0.71
CA GLU A 263 -32.84 45.86 0.30
C GLU A 263 -33.49 45.39 1.59
N PHE A 264 -34.61 46.00 1.97
CA PHE A 264 -35.19 45.70 3.27
C PHE A 264 -35.72 44.28 3.35
N GLU A 265 -36.28 43.77 2.25
CA GLU A 265 -36.78 42.40 2.24
C GLU A 265 -35.65 41.43 2.49
N LEU A 266 -34.58 41.59 1.71
CA LEU A 266 -33.42 40.73 1.81
C LEU A 266 -32.80 40.77 3.19
N SER A 267 -32.66 41.99 3.74
CA SER A 267 -32.14 42.14 5.09
C SER A 267 -32.99 41.35 6.06
N LYS A 268 -34.30 41.62 6.08
CA LYS A 268 -35.19 41.01 7.05
C LYS A 268 -35.17 39.50 6.93
N LEU A 269 -35.01 38.99 5.71
CA LEU A 269 -34.91 37.55 5.54
C LEU A 269 -33.64 37.04 6.19
N GLN A 270 -32.51 37.72 5.95
CA GLN A 270 -31.26 37.26 6.50
C GLN A 270 -31.30 37.28 8.02
N GLN A 271 -31.86 38.34 8.60
CA GLN A 271 -31.85 38.44 10.05
C GLN A 271 -32.75 37.38 10.66
N ARG A 272 -33.97 37.21 10.12
CA ARG A 272 -34.86 36.19 10.66
C ARG A 272 -34.24 34.81 10.53
N LEU A 273 -33.52 34.58 9.44
CA LEU A 273 -32.89 33.27 9.26
C LEU A 273 -31.77 33.06 10.24
N GLY A 274 -30.97 34.09 10.50
CA GLY A 274 -29.87 33.92 11.43
C GLY A 274 -30.37 33.66 12.82
N ARG A 275 -31.33 34.48 13.28
CA ARG A 275 -31.86 34.27 14.64
C ARG A 275 -32.50 32.90 14.72
N GLU A 276 -33.14 32.46 13.64
CA GLU A 276 -33.79 31.17 13.62
C GLU A 276 -32.77 30.06 13.77
N VAL A 277 -31.70 30.12 12.97
CA VAL A 277 -30.66 29.09 13.05
C VAL A 277 -30.06 29.07 14.45
N GLU A 278 -29.81 30.26 15.01
CA GLU A 278 -29.22 30.30 16.33
C GLU A 278 -30.17 29.71 17.37
N GLU A 279 -31.45 30.08 17.30
CA GLU A 279 -32.41 29.53 18.24
C GLU A 279 -32.52 28.03 18.09
N LYS A 280 -32.38 27.53 16.86
CA LYS A 280 -32.35 26.08 16.68
C LYS A 280 -31.17 25.49 17.41
N ILE A 281 -30.03 26.22 17.44
CA ILE A 281 -28.89 25.74 18.19
C ILE A 281 -29.22 25.74 19.67
N LYS A 282 -29.95 26.76 20.11
CA LYS A 282 -30.29 26.81 21.53
C LYS A 282 -31.26 25.71 21.89
N GLN A 283 -32.28 25.47 21.06
CA GLN A 283 -33.19 24.37 21.33
C GLN A 283 -32.49 23.03 21.32
N THR A 284 -31.46 22.90 20.49
CA THR A 284 -30.57 21.74 20.46
C THR A 284 -29.92 21.67 21.83
N HIS A 285 -29.01 22.62 22.09
CA HIS A 285 -28.15 22.45 23.24
C HIS A 285 -28.97 22.44 24.50
N ARG A 286 -30.06 23.23 24.54
CA ARG A 286 -30.83 23.35 25.76
C ARG A 286 -31.41 21.98 26.10
N LYS A 287 -32.04 21.32 25.10
CA LYS A 287 -32.55 19.99 25.35
C LYS A 287 -31.42 19.06 25.78
N TYR A 288 -30.23 19.28 25.24
CA TYR A 288 -29.10 18.53 25.78
C TYR A 288 -28.84 18.89 27.23
N LEU A 289 -29.05 20.14 27.62
CA LEU A 289 -28.91 20.47 29.03
C LEU A 289 -29.93 19.73 29.85
N LEU A 290 -31.11 19.52 29.30
CA LEU A 290 -32.10 18.70 29.98
C LEU A 290 -31.62 17.26 30.07
N GLN A 291 -31.04 16.75 29.00
CA GLN A 291 -30.53 15.38 29.07
C GLN A 291 -29.38 15.28 30.05
N GLU A 292 -28.54 16.32 30.12
CA GLU A 292 -27.46 16.37 31.10
C GLU A 292 -28.01 16.40 32.52
N GLN A 293 -29.09 17.17 32.74
CA GLN A 293 -29.73 17.20 34.03
C GLN A 293 -30.32 15.84 34.37
N LEU A 294 -30.88 15.17 33.36
CA LEU A 294 -31.43 13.84 33.54
C LEU A 294 -30.33 12.90 34.01
N LYS A 295 -29.17 12.98 33.37
CA LYS A 295 -28.10 12.05 33.71
C LYS A 295 -27.56 12.35 35.10
N ILE A 296 -27.32 13.62 35.44
CA ILE A 296 -26.78 13.94 36.76
C ILE A 296 -27.73 13.50 37.86
N ILE A 297 -29.01 13.87 37.75
CA ILE A 297 -29.94 13.51 38.82
C ILE A 297 -30.15 12.01 38.86
N LYS A 298 -30.15 11.35 37.69
CA LYS A 298 -30.21 9.90 37.67
C LYS A 298 -28.93 9.29 38.27
N LYS A 299 -27.82 10.04 38.23
CA LYS A 299 -26.55 9.52 38.70
C LYS A 299 -26.46 9.53 40.21
N GLU A 300 -26.90 10.61 40.87
CA GLU A 300 -26.76 10.66 42.35
C GLU A 300 -27.41 9.42 42.96
N LEU A 301 -28.62 9.10 42.52
CA LEU A 301 -29.33 7.95 43.08
C LEU A 301 -29.13 6.69 42.26
N GLY A 302 -28.67 6.79 41.00
CA GLY A 302 -28.52 5.56 40.22
C GLY A 302 -27.20 4.80 40.23
N LEU A 303 -26.16 5.39 39.63
CA LEU A 303 -24.87 4.71 39.41
C LEU A 303 -23.70 5.58 39.87
N GLU A 304 -23.91 6.39 40.90
CA GLU A 304 -22.89 7.31 41.43
C GLU A 304 -21.74 6.54 42.05
N LYS A 305 -20.61 6.46 41.33
CA LYS A 305 -19.41 5.80 41.84
C LYS A 305 -19.68 4.34 42.20
N ASP A 306 -20.56 3.72 41.43
CA ASP A 306 -20.97 2.34 41.67
C ASP A 306 -20.23 1.40 40.73
N ASP A 307 -20.54 1.45 39.43
CA ASP A 307 -19.93 0.53 38.50
C ASP A 307 -18.41 0.71 38.43
N LYS A 308 -17.94 1.95 38.54
CA LYS A 308 -16.49 2.17 38.53
C LYS A 308 -15.83 1.46 39.70
N ASP A 309 -16.37 1.69 40.90
CA ASP A 309 -15.85 1.00 42.08
C ASP A 309 -16.13 -0.49 42.08
N ALA A 310 -17.29 -0.91 41.55
CA ALA A 310 -17.54 -2.35 41.48
C ALA A 310 -16.51 -3.03 40.62
N ILE A 311 -16.18 -2.40 39.49
CA ILE A 311 -15.14 -2.93 38.61
C ILE A 311 -13.79 -2.86 39.28
N GLU A 312 -13.51 -1.76 40.00
CA GLU A 312 -12.24 -1.61 40.69
C GLU A 312 -12.04 -2.77 41.65
N GLU A 313 -13.02 -2.96 42.54
CA GLU A 313 -12.94 -4.04 43.51
C GLU A 313 -12.88 -5.38 42.80
N LYS A 314 -13.69 -5.55 41.74
CA LYS A 314 -13.75 -6.83 41.05
C LYS A 314 -12.39 -7.18 40.48
N PHE A 315 -11.76 -6.23 39.82
CA PHE A 315 -10.45 -6.48 39.26
C PHE A 315 -9.40 -6.68 40.33
N ARG A 316 -9.52 -5.98 41.46
CA ARG A 316 -8.58 -6.22 42.56
C ARG A 316 -8.71 -7.63 43.09
N GLU A 317 -9.94 -8.06 43.41
CA GLU A 317 -10.11 -9.43 43.90
C GLU A 317 -9.68 -10.41 42.83
N ARG A 318 -9.83 -10.04 41.57
CA ARG A 318 -9.37 -10.90 40.50
C ARG A 318 -7.87 -11.06 40.57
N LEU A 319 -7.16 -10.00 40.96
CA LEU A 319 -5.72 -10.09 41.15
C LEU A 319 -5.32 -10.61 42.52
N LYS A 320 -6.28 -10.82 43.43
CA LYS A 320 -5.99 -11.05 44.84
C LYS A 320 -5.10 -12.25 45.08
N GLU A 321 -5.25 -13.27 44.24
CA GLU A 321 -4.64 -14.56 44.45
C GLU A 321 -3.56 -14.84 43.42
N LEU A 322 -3.46 -14.03 42.37
CA LEU A 322 -2.46 -14.26 41.36
C LEU A 322 -1.11 -13.75 41.83
N VAL A 323 -0.06 -14.41 41.34
CA VAL A 323 1.31 -14.01 41.61
C VAL A 323 1.55 -12.96 40.55
N VAL A 324 1.19 -11.73 40.85
CA VAL A 324 1.17 -10.69 39.83
C VAL A 324 2.59 -10.20 39.55
N PRO A 325 3.09 -10.23 38.31
CA PRO A 325 4.38 -9.58 38.05
C PRO A 325 4.28 -8.09 38.28
N LYS A 326 5.41 -7.52 38.68
CA LYS A 326 5.45 -6.12 39.09
C LYS A 326 5.02 -5.19 37.96
N HIS A 327 5.37 -5.56 36.73
CA HIS A 327 5.07 -4.74 35.56
C HIS A 327 3.57 -4.55 35.44
N VAL A 328 2.86 -5.66 35.32
CA VAL A 328 1.43 -5.59 35.17
C VAL A 328 0.79 -5.00 36.41
N MET A 329 1.37 -5.20 37.59
CA MET A 329 0.76 -4.65 38.79
C MET A 329 0.76 -3.13 38.76
N ASP A 330 1.93 -2.52 38.53
CA ASP A 330 1.95 -1.06 38.55
C ASP A 330 1.14 -0.50 37.39
N VAL A 331 1.16 -1.19 36.25
CA VAL A 331 0.40 -0.69 35.12
C VAL A 331 -1.10 -0.78 35.43
N VAL A 332 -1.51 -1.84 36.12
CA VAL A 332 -2.92 -1.97 36.48
C VAL A 332 -3.31 -0.90 37.47
N ASP A 333 -2.40 -0.51 38.35
CA ASP A 333 -2.74 0.55 39.29
C ASP A 333 -2.90 1.86 38.57
N GLU A 334 -1.98 2.18 37.65
CA GLU A 334 -2.11 3.40 36.89
C GLU A 334 -3.39 3.38 36.07
N GLU A 335 -3.71 2.22 35.50
CA GLU A 335 -4.93 2.14 34.73
C GLU A 335 -6.14 2.30 35.62
N LEU A 336 -6.06 1.81 36.86
CA LEU A 336 -7.16 2.00 37.79
C LEU A 336 -7.31 3.46 38.15
N SER A 337 -6.19 4.16 38.25
CA SER A 337 -6.28 5.59 38.45
C SER A 337 -6.97 6.22 37.26
N LYS A 338 -6.60 5.80 36.06
CA LYS A 338 -7.26 6.31 34.87
C LYS A 338 -8.73 5.95 34.88
N LEU A 339 -9.07 4.78 35.41
CA LEU A 339 -10.46 4.39 35.53
C LEU A 339 -11.19 5.31 36.46
N GLY A 340 -10.53 5.71 37.55
CA GLY A 340 -11.18 6.61 38.48
C GLY A 340 -11.37 7.97 37.84
N LEU A 341 -10.38 8.39 37.04
CA LEU A 341 -10.39 9.73 36.46
C LEU A 341 -11.52 9.90 35.47
N LEU A 342 -11.70 8.91 34.60
CA LEU A 342 -12.54 9.14 33.44
C LEU A 342 -14.01 9.04 33.82
N ASP A 343 -14.85 9.69 33.02
CA ASP A 343 -16.28 9.58 33.20
C ASP A 343 -16.76 8.21 32.78
N ASN A 344 -17.88 7.80 33.35
CA ASN A 344 -18.34 6.43 33.27
C ASN A 344 -18.98 6.07 31.93
N HIS A 345 -19.25 7.06 31.05
CA HIS A 345 -19.93 6.83 29.78
C HIS A 345 -19.18 7.23 28.53
N SER A 346 -18.08 7.96 28.62
CA SER A 346 -17.35 8.27 27.39
C SER A 346 -16.81 7.00 26.75
N SER A 347 -16.71 7.03 25.43
CA SER A 347 -16.33 5.83 24.69
C SER A 347 -14.94 5.36 25.09
N GLU A 348 -14.06 6.31 25.38
CA GLU A 348 -12.70 5.98 25.78
C GLU A 348 -12.70 5.24 27.10
N PHE A 349 -13.62 5.61 28.01
CA PHE A 349 -13.74 4.88 29.25
C PHE A 349 -14.15 3.45 29.00
N ASN A 350 -15.04 3.24 28.04
CA ASN A 350 -15.44 1.87 27.79
C ASN A 350 -14.32 1.07 27.16
N VAL A 351 -13.61 1.67 26.19
CA VAL A 351 -12.50 0.96 25.56
C VAL A 351 -11.43 0.65 26.58
N THR A 352 -11.22 1.58 27.49
CA THR A 352 -10.19 1.39 28.50
C THR A 352 -10.60 0.28 29.44
N ARG A 353 -11.86 0.30 29.85
CA ARG A 353 -12.37 -0.72 30.74
C ARG A 353 -12.29 -2.08 30.08
N ASN A 354 -12.52 -2.13 28.78
CA ASN A 354 -12.44 -3.39 28.07
C ASN A 354 -11.01 -3.89 28.08
N TYR A 355 -10.06 -2.99 27.85
CA TYR A 355 -8.66 -3.38 27.86
C TYR A 355 -8.28 -3.89 29.22
N LEU A 356 -8.72 -3.19 30.25
CA LEU A 356 -8.36 -3.57 31.58
C LEU A 356 -8.97 -4.91 31.93
N ASP A 357 -10.14 -5.20 31.37
CA ASP A 357 -10.74 -6.50 31.59
C ASP A 357 -9.88 -7.57 30.94
N TRP A 358 -9.49 -7.35 29.70
CA TRP A 358 -8.64 -8.35 29.05
C TRP A 358 -7.32 -8.54 29.77
N LEU A 359 -6.84 -7.51 30.43
CA LEU A 359 -5.57 -7.63 31.12
C LEU A 359 -5.73 -8.39 32.42
N THR A 360 -6.71 -8.00 33.21
CA THR A 360 -6.91 -8.67 34.48
C THR A 360 -7.38 -10.10 34.29
N SER A 361 -8.00 -10.41 33.15
CA SER A 361 -8.53 -11.74 32.94
C SER A 361 -7.45 -12.79 32.79
N ILE A 362 -6.26 -12.41 32.37
CA ILE A 362 -5.21 -13.41 32.11
C ILE A 362 -4.83 -14.07 33.42
N PRO A 363 -4.53 -15.37 33.46
CA PRO A 363 -3.89 -15.91 34.67
C PRO A 363 -2.53 -15.27 34.88
N TRP A 364 -2.17 -15.07 36.14
CA TRP A 364 -0.90 -14.45 36.50
C TRP A 364 -0.25 -15.33 37.56
N GLY A 365 0.55 -16.26 37.08
CA GLY A 365 1.26 -17.15 37.95
C GLY A 365 0.48 -18.37 38.36
N LYS A 366 -0.72 -18.57 37.84
CA LYS A 366 -1.35 -19.85 38.06
C LYS A 366 -0.60 -20.91 37.28
N TYR A 367 -0.44 -22.07 37.88
CA TYR A 367 0.34 -23.18 37.33
C TYR A 367 -0.43 -24.45 37.57
N SER A 368 -0.97 -25.04 36.50
CA SER A 368 -1.65 -26.32 36.65
C SER A 368 -0.63 -27.30 37.17
N ASN A 369 -1.02 -28.05 38.19
CA ASN A 369 -0.05 -28.90 38.84
C ASN A 369 0.33 -29.99 37.86
N GLU A 370 1.62 -30.28 37.76
CA GLU A 370 2.05 -31.27 36.78
C GLU A 370 2.00 -32.65 37.40
N ASN A 371 1.86 -33.66 36.55
CA ASN A 371 1.99 -35.02 37.02
C ASN A 371 3.47 -35.33 37.19
N LEU A 372 3.74 -36.26 38.10
CA LEU A 372 5.09 -36.70 38.44
C LEU A 372 5.25 -38.20 38.30
N ASP A 373 4.24 -38.98 38.72
CA ASP A 373 4.33 -40.43 38.69
C ASP A 373 4.47 -40.91 37.26
N LEU A 374 5.41 -41.83 37.07
CA LEU A 374 5.67 -42.32 35.74
C LEU A 374 4.74 -43.44 35.35
N ALA A 375 4.43 -44.33 36.28
CA ALA A 375 3.57 -45.46 35.95
C ALA A 375 2.19 -45.02 35.48
N ARG A 376 1.68 -43.93 36.05
CA ARG A 376 0.36 -43.47 35.62
C ARG A 376 0.42 -42.99 34.17
N ALA A 377 1.45 -42.21 33.85
CA ALA A 377 1.59 -41.73 32.49
C ALA A 377 1.79 -42.90 31.54
N GLN A 378 2.52 -43.91 32.00
CA GLN A 378 2.77 -45.08 31.17
C GLN A 378 1.47 -45.80 30.84
N ALA A 379 0.62 -45.98 31.84
CA ALA A 379 -0.61 -46.69 31.61
C ALA A 379 -1.52 -45.91 30.68
N VAL A 380 -1.65 -44.61 30.92
CA VAL A 380 -2.56 -43.82 30.11
C VAL A 380 -2.03 -43.71 28.68
N LEU A 381 -0.72 -43.59 28.51
CA LEU A 381 -0.18 -43.50 27.16
C LEU A 381 -0.39 -44.80 26.42
N GLU A 382 -0.35 -45.93 27.14
CA GLU A 382 -0.53 -47.19 26.45
C GLU A 382 -2.00 -47.49 26.25
N GLU A 383 -2.89 -46.75 26.90
CA GLU A 383 -4.30 -47.07 26.78
C GLU A 383 -4.83 -46.79 25.39
N ASP A 384 -4.24 -45.84 24.67
CA ASP A 384 -4.89 -45.26 23.51
C ASP A 384 -3.97 -45.14 22.31
N HIS A 385 -2.80 -45.79 22.32
CA HIS A 385 -1.87 -45.69 21.19
C HIS A 385 -0.98 -46.92 21.19
N TYR A 386 -1.32 -47.87 20.33
CA TYR A 386 -0.46 -49.02 20.14
C TYR A 386 0.76 -48.66 19.31
N GLY A 387 1.87 -49.29 19.63
CA GLY A 387 3.07 -49.08 18.87
C GLY A 387 3.79 -47.80 19.21
N MET A 388 4.69 -47.41 18.30
CA MET A 388 5.57 -46.24 18.39
C MET A 388 6.21 -46.16 19.77
N GLU A 389 7.03 -47.17 20.06
CA GLU A 389 7.67 -47.26 21.37
C GLU A 389 8.62 -46.10 21.61
N ASP A 390 9.26 -45.61 20.56
CA ASP A 390 10.34 -44.65 20.76
C ASP A 390 9.81 -43.35 21.33
N VAL A 391 8.69 -42.87 20.80
CA VAL A 391 8.15 -41.61 21.29
C VAL A 391 7.68 -41.76 22.72
N LYS A 392 7.13 -42.93 23.05
CA LYS A 392 6.75 -43.16 24.43
C LYS A 392 7.98 -43.13 25.32
N LYS A 393 9.10 -43.66 24.84
CA LYS A 393 10.31 -43.57 25.63
C LYS A 393 10.72 -42.13 25.79
N ARG A 394 10.60 -41.33 24.73
CA ARG A 394 11.03 -39.95 24.80
C ARG A 394 10.18 -39.15 25.79
N ILE A 395 8.89 -39.44 25.86
CA ILE A 395 8.04 -38.67 26.79
C ILE A 395 8.25 -39.14 28.22
N LEU A 396 8.42 -40.44 28.42
CA LEU A 396 8.78 -40.94 29.74
C LEU A 396 10.09 -40.33 30.21
N GLU A 397 11.06 -40.27 29.32
CA GLU A 397 12.34 -39.72 29.65
C GLU A 397 12.23 -38.24 29.96
N PHE A 398 11.34 -37.55 29.26
CA PHE A 398 11.13 -36.13 29.54
C PHE A 398 10.60 -35.95 30.93
N ILE A 399 9.58 -36.73 31.30
CA ILE A 399 8.99 -36.59 32.63
C ILE A 399 10.06 -36.87 33.67
N ALA A 400 10.90 -37.89 33.42
CA ALA A 400 11.92 -38.24 34.39
C ALA A 400 12.87 -37.08 34.60
N VAL A 401 13.40 -36.55 33.51
CA VAL A 401 14.41 -35.50 33.64
C VAL A 401 13.78 -34.26 34.25
N SER A 402 12.51 -34.00 33.94
CA SER A 402 11.90 -32.80 34.48
C SER A 402 11.68 -32.93 35.97
N GLN A 403 11.24 -34.10 36.43
CA GLN A 403 11.12 -34.24 37.87
C GLN A 403 12.50 -34.21 38.52
N LEU A 404 13.53 -34.71 37.83
CA LEU A 404 14.82 -34.79 38.48
C LEU A 404 15.44 -33.42 38.63
N ARG A 405 15.21 -32.54 37.66
CA ARG A 405 15.78 -31.21 37.69
C ARG A 405 14.70 -30.21 38.06
N GLY A 406 14.17 -30.36 39.27
CA GLY A 406 13.29 -29.34 39.84
C GLY A 406 12.04 -29.06 39.02
N SER A 407 11.84 -27.76 38.77
CA SER A 407 10.63 -27.20 38.20
C SER A 407 10.45 -27.57 36.73
N THR A 408 9.20 -27.51 36.29
CA THR A 408 8.88 -27.90 34.93
C THR A 408 9.57 -26.98 33.93
N GLN A 409 9.94 -27.55 32.81
CA GLN A 409 10.53 -26.87 31.68
C GLN A 409 9.83 -27.29 30.41
N GLY A 410 9.86 -26.41 29.43
CA GLY A 410 9.11 -26.58 28.21
C GLY A 410 9.99 -26.78 27.01
N LYS A 411 9.90 -27.94 26.36
CA LYS A 411 10.71 -28.28 25.19
C LYS A 411 9.85 -28.32 23.95
N ILE A 412 10.34 -27.71 22.89
CA ILE A 412 9.70 -27.84 21.60
C ILE A 412 9.97 -29.25 21.12
N LEU A 413 9.09 -29.80 20.31
CA LEU A 413 9.42 -31.00 19.57
C LEU A 413 8.39 -31.15 18.45
N CYS A 414 8.82 -31.83 17.39
CA CYS A 414 8.14 -31.76 16.10
C CYS A 414 8.13 -33.13 15.46
N PHE A 415 7.01 -33.81 15.59
CA PHE A 415 6.87 -35.09 14.93
C PHE A 415 6.78 -34.87 13.44
N TYR A 416 7.17 -35.90 12.70
CA TYR A 416 7.01 -35.85 11.26
C TYR A 416 7.08 -37.25 10.70
N GLY A 417 6.37 -37.44 9.59
CA GLY A 417 6.27 -38.72 8.96
C GLY A 417 5.13 -38.76 7.95
N PRO A 418 4.86 -39.93 7.40
CA PRO A 418 3.78 -40.05 6.42
C PRO A 418 2.45 -39.72 7.03
N PRO A 419 1.53 -39.13 6.26
CA PRO A 419 0.25 -38.69 6.84
C PRO A 419 -0.57 -39.87 7.37
N GLY A 420 -1.30 -39.62 8.44
CA GLY A 420 -2.19 -40.61 8.98
C GLY A 420 -1.52 -41.63 9.85
N VAL A 421 -0.28 -41.37 10.24
CA VAL A 421 0.44 -42.33 11.08
C VAL A 421 0.07 -42.15 12.53
N GLY A 422 -0.68 -41.10 12.88
CA GLY A 422 -0.98 -40.76 14.25
C GLY A 422 -0.25 -39.56 14.76
N LYS A 423 0.36 -38.76 13.89
CA LYS A 423 1.15 -37.63 14.39
C LYS A 423 0.27 -36.64 15.13
N THR A 424 -1.00 -36.54 14.74
CA THR A 424 -1.92 -35.58 15.30
C THR A 424 -2.78 -36.19 16.38
N SER A 425 -3.02 -37.49 16.31
CA SER A 425 -3.88 -38.12 17.27
C SER A 425 -3.17 -38.53 18.54
N ILE A 426 -1.87 -38.31 18.65
CA ILE A 426 -1.15 -38.61 19.87
C ILE A 426 -1.12 -37.45 20.85
N ALA A 427 -1.18 -36.22 20.35
CA ALA A 427 -1.05 -35.04 21.19
C ALA A 427 -2.00 -35.07 22.38
N ARG A 428 -3.28 -35.29 22.12
CA ARG A 428 -4.28 -35.29 23.18
C ARG A 428 -3.91 -36.25 24.30
N SER A 429 -3.58 -37.49 23.94
CA SER A 429 -3.28 -38.48 24.97
C SER A 429 -2.09 -38.06 25.79
N ILE A 430 -1.08 -37.51 25.13
CA ILE A 430 0.09 -37.00 25.82
C ILE A 430 -0.34 -35.94 26.81
N ALA A 431 -1.17 -35.00 26.34
CA ALA A 431 -1.61 -33.91 27.19
C ALA A 431 -2.40 -34.44 28.38
N ARG A 432 -3.02 -35.60 28.20
CA ARG A 432 -3.76 -36.20 29.30
C ARG A 432 -2.81 -36.80 30.30
N ALA A 433 -1.71 -37.37 29.83
CA ALA A 433 -0.81 -37.99 30.79
C ALA A 433 -0.03 -36.93 31.55
N LEU A 434 0.52 -35.95 30.84
CA LEU A 434 1.29 -34.93 31.52
C LEU A 434 0.40 -33.99 32.33
N ASN A 435 -0.90 -33.94 32.01
CA ASN A 435 -2.00 -33.36 32.77
C ASN A 435 -2.12 -31.84 32.62
N ARG A 436 -1.27 -31.17 31.84
CA ARG A 436 -1.51 -29.75 31.60
C ARG A 436 -2.61 -29.58 30.54
N GLU A 437 -3.26 -28.43 30.57
CA GLU A 437 -4.38 -28.14 29.69
C GLU A 437 -3.96 -28.09 28.23
N TYR A 438 -4.90 -28.48 27.34
CA TYR A 438 -4.66 -28.64 25.91
C TYR A 438 -5.31 -27.52 25.11
N PHE A 439 -4.69 -27.21 23.97
CA PHE A 439 -5.22 -26.25 23.02
C PHE A 439 -4.51 -26.46 21.68
N ARG A 440 -5.23 -26.88 20.66
CA ARG A 440 -4.64 -27.02 19.34
C ARG A 440 -4.61 -25.66 18.66
N PHE A 441 -3.82 -25.55 17.58
CA PHE A 441 -3.59 -24.23 16.98
C PHE A 441 -3.23 -24.41 15.50
N SER A 442 -4.23 -24.33 14.65
CA SER A 442 -3.95 -24.46 13.22
C SER A 442 -3.19 -23.24 12.72
N VAL A 443 -2.24 -23.46 11.81
CA VAL A 443 -1.56 -22.38 11.11
C VAL A 443 -1.50 -22.59 9.60
N GLY A 444 -2.14 -23.64 9.08
CA GLY A 444 -2.08 -23.91 7.65
C GLY A 444 -2.68 -22.80 6.83
N GLY A 445 -1.91 -22.27 5.89
CA GLY A 445 -2.41 -21.24 5.00
C GLY A 445 -2.47 -19.87 5.61
N MET A 446 -2.05 -19.72 6.87
CA MET A 446 -2.07 -18.43 7.54
C MET A 446 -1.16 -17.45 6.82
N THR A 447 -1.59 -16.20 6.78
CA THR A 447 -0.84 -15.11 6.17
C THR A 447 -0.72 -13.90 7.06
N ASP A 448 -1.78 -13.54 7.79
CA ASP A 448 -1.77 -12.36 8.64
C ASP A 448 -1.03 -12.61 9.94
N VAL A 449 0.10 -11.91 10.14
CA VAL A 449 0.91 -12.09 11.33
C VAL A 449 0.18 -11.70 12.60
N ALA A 450 -0.84 -10.84 12.49
CA ALA A 450 -1.52 -10.29 13.66
C ALA A 450 -2.12 -11.37 14.55
N GLU A 451 -2.43 -12.54 13.99
CA GLU A 451 -3.01 -13.61 14.80
C GLU A 451 -2.04 -14.03 15.88
N ILE A 452 -0.75 -14.02 15.59
CA ILE A 452 0.25 -14.34 16.59
C ILE A 452 0.63 -13.10 17.40
N LYS A 453 0.25 -11.90 16.93
CA LYS A 453 0.73 -10.65 17.52
C LYS A 453 -0.37 -9.64 17.84
N GLY A 454 -1.63 -9.97 17.64
CA GLY A 454 -2.66 -9.04 18.03
C GLY A 454 -2.69 -7.81 17.16
N HIS A 455 -3.23 -6.73 17.73
CA HIS A 455 -3.35 -5.46 17.04
C HIS A 455 -2.89 -4.32 17.93
N ARG A 456 -2.99 -3.11 17.41
CA ARG A 456 -2.36 -1.95 18.02
C ARG A 456 -3.13 -1.39 19.21
N ARG A 457 -4.36 -1.86 19.45
CA ARG A 457 -5.28 -1.49 20.52
C ARG A 457 -5.90 -0.09 20.31
N THR A 458 -5.38 0.70 19.38
CA THR A 458 -5.93 1.99 19.05
C THR A 458 -6.94 1.92 17.91
N TYR A 459 -6.82 0.92 17.04
CA TYR A 459 -7.80 0.73 16.02
C TYR A 459 -9.11 0.34 16.64
N VAL A 460 -10.22 0.66 15.95
CA VAL A 460 -11.52 0.22 16.43
C VAL A 460 -11.53 -1.30 16.40
N GLY A 461 -12.02 -1.90 17.47
CA GLY A 461 -12.20 -3.33 17.46
C GLY A 461 -10.93 -4.13 17.60
N ALA A 462 -9.81 -3.53 17.98
CA ALA A 462 -8.56 -4.26 18.06
C ALA A 462 -8.71 -5.34 19.11
N MET A 463 -8.09 -6.49 18.89
CA MET A 463 -8.19 -7.62 19.79
C MET A 463 -6.83 -8.28 20.00
N PRO A 464 -6.60 -8.87 21.16
CA PRO A 464 -5.28 -9.43 21.42
C PRO A 464 -5.04 -10.60 20.51
N GLY A 465 -3.77 -10.86 20.23
CA GLY A 465 -3.36 -11.99 19.43
C GLY A 465 -3.95 -13.30 19.92
N LYS A 466 -3.92 -14.32 19.08
CA LYS A 466 -4.63 -15.54 19.42
C LYS A 466 -4.01 -16.24 20.61
N ILE A 467 -2.72 -16.07 20.80
CA ILE A 467 -2.00 -16.79 21.83
C ILE A 467 -2.55 -16.39 23.20
N ILE A 468 -2.89 -15.10 23.34
CA ILE A 468 -3.47 -14.67 24.60
C ILE A 468 -4.83 -15.28 24.80
N GLN A 469 -5.57 -15.51 23.73
CA GLN A 469 -6.83 -16.22 23.88
C GLN A 469 -6.58 -17.62 24.37
N CYS A 470 -5.50 -18.23 23.88
CA CYS A 470 -5.20 -19.57 24.34
C CYS A 470 -4.89 -19.55 25.81
N LEU A 471 -4.21 -18.52 26.27
CA LEU A 471 -3.91 -18.47 27.68
C LEU A 471 -5.17 -18.24 28.48
N LYS A 472 -5.99 -17.29 28.04
CA LYS A 472 -7.18 -16.96 28.80
C LYS A 472 -8.15 -18.12 28.85
N LYS A 473 -8.13 -18.97 27.83
CA LYS A 473 -9.07 -20.08 27.82
C LYS A 473 -8.52 -21.23 28.64
N THR A 474 -7.22 -21.49 28.50
CA THR A 474 -6.59 -22.50 29.30
C THR A 474 -6.58 -22.10 30.76
N LYS A 475 -6.62 -20.80 31.04
CA LYS A 475 -6.75 -20.26 32.39
C LYS A 475 -5.56 -20.70 33.23
N THR A 476 -4.41 -20.91 32.61
CA THR A 476 -3.18 -21.29 33.27
C THR A 476 -2.03 -20.87 32.40
N GLU A 477 -0.90 -20.57 33.03
CA GLU A 477 0.28 -20.09 32.32
C GLU A 477 1.12 -21.24 31.77
N ASN A 478 0.67 -22.50 31.92
CA ASN A 478 1.39 -23.65 31.38
C ASN A 478 0.46 -24.57 30.57
N PRO A 479 -0.06 -24.09 29.43
CA PRO A 479 -0.84 -24.94 28.52
C PRO A 479 0.01 -25.71 27.52
N LEU A 480 -0.64 -26.68 26.87
CA LEU A 480 -0.02 -27.52 25.83
C LEU A 480 -0.42 -27.05 24.43
N ILE A 481 0.04 -25.86 24.06
CA ILE A 481 -0.26 -25.37 22.72
C ILE A 481 0.26 -26.39 21.73
N LEU A 482 -0.52 -26.62 20.68
CA LEU A 482 -0.21 -27.60 19.66
C LEU A 482 -0.35 -26.89 18.33
N ILE A 483 0.75 -26.28 17.89
CA ILE A 483 0.81 -25.74 16.55
C ILE A 483 0.69 -26.91 15.58
N ASP A 484 0.19 -26.63 14.39
CA ASP A 484 -0.13 -27.64 13.41
C ASP A 484 0.30 -27.17 12.03
N GLU A 485 0.84 -28.09 11.23
CA GLU A 485 1.32 -27.79 9.88
C GLU A 485 2.34 -26.66 9.82
N VAL A 486 3.48 -26.87 10.48
CA VAL A 486 4.47 -25.79 10.56
C VAL A 486 4.99 -25.42 9.18
N ASP A 487 5.04 -26.38 8.27
CA ASP A 487 5.74 -26.13 7.02
C ASP A 487 4.88 -25.40 5.98
N LYS A 488 3.59 -25.22 6.24
CA LYS A 488 2.65 -24.66 5.27
C LYS A 488 2.50 -23.15 5.38
N ILE A 489 3.33 -22.48 6.18
CA ILE A 489 3.19 -21.05 6.39
C ILE A 489 3.36 -20.29 5.09
N GLY A 490 2.55 -19.24 4.91
CA GLY A 490 2.56 -18.51 3.66
C GLY A 490 3.71 -17.54 3.51
N ARG A 491 4.18 -16.97 4.63
CA ARG A 491 5.31 -16.04 4.78
C ARG A 491 5.51 -15.04 3.63
N GLY A 492 4.49 -14.24 3.34
CA GLY A 492 4.55 -13.24 2.28
C GLY A 492 4.40 -11.81 2.75
N TYR A 493 3.66 -11.04 1.96
CA TYR A 493 3.66 -9.58 2.09
C TYR A 493 3.17 -9.18 3.46
N GLN A 494 3.79 -8.15 4.05
CA GLN A 494 3.33 -7.47 5.27
C GLN A 494 3.22 -8.34 6.53
N GLY A 495 3.48 -9.64 6.43
CA GLY A 495 3.39 -10.61 7.50
C GLY A 495 4.76 -11.17 7.79
N ASP A 496 5.00 -12.36 7.23
CA ASP A 496 6.10 -13.24 7.57
C ASP A 496 5.80 -13.77 8.96
N PRO A 497 4.68 -14.48 9.19
CA PRO A 497 4.46 -15.08 10.50
C PRO A 497 5.56 -16.03 10.89
N SER A 498 6.20 -16.68 9.92
CA SER A 498 7.30 -17.57 10.26
C SER A 498 8.38 -16.83 11.05
N SER A 499 8.58 -15.54 10.77
CA SER A 499 9.53 -14.75 11.55
C SER A 499 9.08 -14.62 13.01
N ALA A 500 7.80 -14.26 13.20
CA ALA A 500 7.27 -14.15 14.55
C ALA A 500 7.31 -15.49 15.24
N LEU A 501 7.14 -16.55 14.47
CA LEU A 501 7.19 -17.89 15.03
C LEU A 501 8.59 -18.17 15.54
N LEU A 502 9.62 -17.76 14.80
CA LEU A 502 10.96 -17.92 15.33
C LEU A 502 11.13 -17.10 16.59
N GLU A 503 10.50 -15.92 16.63
CA GLU A 503 10.54 -15.15 17.87
C GLU A 503 9.84 -15.91 18.99
N LEU A 504 8.88 -16.75 18.65
CA LEU A 504 8.11 -17.47 19.64
C LEU A 504 8.88 -18.68 20.15
N LEU A 505 9.53 -19.40 19.26
CA LEU A 505 10.17 -20.65 19.65
C LEU A 505 11.55 -20.44 20.23
N ASP A 506 12.04 -19.20 20.27
CA ASP A 506 13.33 -18.93 20.85
C ASP A 506 13.23 -19.28 22.33
N PRO A 507 14.10 -20.14 22.88
CA PRO A 507 13.92 -20.56 24.28
C PRO A 507 13.92 -19.45 25.32
N GLU A 508 14.68 -18.39 25.09
CA GLU A 508 14.79 -17.26 26.00
C GLU A 508 14.00 -16.04 25.57
N GLN A 509 13.91 -15.76 24.26
CA GLN A 509 13.13 -14.61 23.83
C GLN A 509 11.68 -14.75 24.21
N ASN A 510 11.17 -16.00 24.19
CA ASN A 510 9.77 -16.19 24.51
C ASN A 510 9.46 -15.78 25.94
N ALA A 511 10.47 -15.77 26.81
CA ALA A 511 10.26 -15.36 28.20
C ALA A 511 9.76 -13.92 28.24
N ASN A 512 10.08 -13.11 27.24
CA ASN A 512 9.65 -11.74 27.20
C ASN A 512 8.82 -11.49 25.95
N PHE A 513 7.95 -12.44 25.61
CA PHE A 513 7.08 -12.26 24.46
C PHE A 513 6.14 -11.09 24.71
N LEU A 514 5.86 -10.31 23.66
CA LEU A 514 4.91 -9.22 23.77
C LEU A 514 4.18 -9.07 22.45
N ASP A 515 2.90 -8.72 22.55
CA ASP A 515 2.00 -8.61 21.41
C ASP A 515 1.29 -7.28 21.47
N HIS A 516 1.01 -6.75 20.28
CA HIS A 516 0.77 -5.32 20.13
C HIS A 516 -0.40 -4.83 20.95
N TYR A 517 -1.38 -5.67 21.21
CA TYR A 517 -2.49 -5.22 22.04
C TYR A 517 -2.07 -5.15 23.49
N LEU A 518 -1.76 -6.30 24.08
CA LEU A 518 -1.27 -6.33 25.46
C LEU A 518 0.23 -6.15 25.37
N ASP A 519 0.63 -4.89 25.42
CA ASP A 519 2.02 -4.51 25.21
C ASP A 519 2.98 -5.07 26.27
N VAL A 520 2.50 -5.44 27.44
CA VAL A 520 3.41 -5.89 28.50
C VAL A 520 4.04 -7.23 28.11
N PRO A 521 5.35 -7.43 28.33
CA PRO A 521 5.95 -8.73 28.02
C PRO A 521 5.39 -9.82 28.90
N VAL A 522 5.33 -11.04 28.36
CA VAL A 522 4.81 -12.20 29.06
C VAL A 522 5.72 -13.42 28.97
N ASP A 523 5.91 -14.11 30.09
CA ASP A 523 6.68 -15.34 30.10
C ASP A 523 5.91 -16.43 29.37
N LEU A 524 6.63 -17.26 28.61
CA LEU A 524 6.02 -18.43 27.99
C LEU A 524 6.90 -19.68 28.14
N SER A 525 7.99 -19.62 28.90
CA SER A 525 9.00 -20.69 28.85
C SER A 525 8.44 -22.04 29.30
N LYS A 526 7.40 -22.04 30.13
CA LYS A 526 6.99 -23.29 30.73
C LYS A 526 6.13 -24.14 29.83
N VAL A 527 5.58 -23.59 28.75
CA VAL A 527 4.69 -24.38 27.91
C VAL A 527 5.51 -25.44 27.19
N LEU A 528 4.87 -26.55 26.88
CA LEU A 528 5.49 -27.62 26.12
C LEU A 528 4.83 -27.66 24.76
N PHE A 529 5.37 -26.87 23.83
CA PHE A 529 4.79 -26.81 22.50
C PHE A 529 4.85 -28.18 21.83
N ILE A 530 4.22 -28.26 20.66
CA ILE A 530 4.34 -29.40 19.78
C ILE A 530 4.24 -28.79 18.40
N CYS A 531 4.58 -29.56 17.38
CA CYS A 531 4.48 -29.15 16.01
C CYS A 531 4.21 -30.39 15.20
N THR A 532 3.91 -30.19 13.93
CA THR A 532 3.76 -31.32 13.03
C THR A 532 4.16 -30.85 11.64
N ALA A 533 4.66 -31.79 10.84
CA ALA A 533 4.92 -31.52 9.45
C ALA A 533 5.10 -32.86 8.76
N ASN A 534 4.63 -32.96 7.53
CA ASN A 534 4.77 -34.21 6.80
C ASN A 534 6.14 -34.40 6.17
N VAL A 535 6.99 -33.37 6.13
CA VAL A 535 8.35 -33.54 5.65
C VAL A 535 9.23 -32.44 6.23
N THR A 536 10.44 -32.83 6.63
CA THR A 536 11.33 -31.95 7.38
C THR A 536 12.09 -30.97 6.48
N ASP A 537 11.99 -31.11 5.17
CA ASP A 537 12.80 -30.28 4.30
C ASP A 537 12.26 -28.86 4.17
N THR A 538 10.98 -28.74 3.84
CA THR A 538 10.42 -27.42 3.51
C THR A 538 10.28 -26.52 4.73
N ILE A 539 10.27 -27.08 5.93
CA ILE A 539 10.15 -26.24 7.13
C ILE A 539 11.37 -25.32 7.17
N PRO A 540 11.25 -24.05 7.53
CA PRO A 540 12.40 -23.14 7.36
C PRO A 540 13.57 -23.58 8.21
N GLU A 541 14.79 -23.38 7.67
CA GLU A 541 15.98 -23.84 8.37
C GLU A 541 16.11 -23.21 9.76
N PRO A 542 15.98 -21.88 9.96
CA PRO A 542 16.19 -21.33 11.30
C PRO A 542 15.30 -21.98 12.32
N LEU A 543 14.11 -22.36 11.89
CA LEU A 543 13.22 -23.08 12.77
C LEU A 543 13.72 -24.52 12.92
N ARG A 544 14.24 -25.10 11.84
CA ARG A 544 14.68 -26.48 11.85
C ARG A 544 15.85 -26.69 12.80
N ASP A 545 16.66 -25.66 13.03
CA ASP A 545 17.82 -25.86 13.90
C ASP A 545 17.43 -26.11 15.35
N ARG A 546 16.26 -25.62 15.74
CA ARG A 546 15.97 -25.31 17.12
C ARG A 546 15.44 -26.47 17.94
N MET A 547 15.02 -27.56 17.31
CA MET A 547 14.16 -28.53 17.99
C MET A 547 14.38 -29.96 17.55
N GLU A 548 14.52 -30.85 18.52
CA GLU A 548 14.75 -32.23 18.18
C GLU A 548 13.52 -32.78 17.47
N MET A 549 13.72 -33.76 16.59
CA MET A 549 12.71 -34.20 15.63
C MET A 549 12.55 -35.71 15.71
N ILE A 550 11.69 -36.16 16.61
CA ILE A 550 11.40 -37.58 16.64
C ILE A 550 10.72 -37.94 15.33
N ASN A 551 11.13 -39.05 14.73
CA ASN A 551 10.68 -39.44 13.41
C ASN A 551 9.71 -40.62 13.53
N VAL A 552 8.47 -40.30 13.85
CA VAL A 552 7.42 -41.31 13.72
C VAL A 552 7.22 -41.61 12.25
N SER A 553 7.05 -42.88 11.92
CA SER A 553 6.79 -43.28 10.54
C SER A 553 6.57 -44.78 10.52
N GLY A 554 5.86 -45.23 9.50
CA GLY A 554 5.85 -46.63 9.16
C GLY A 554 4.94 -47.42 10.07
N TYR A 555 4.58 -48.61 9.60
CA TYR A 555 3.77 -49.54 10.38
C TYR A 555 3.90 -50.91 9.75
N VAL A 556 4.45 -51.84 10.52
CA VAL A 556 4.53 -53.23 10.11
C VAL A 556 3.14 -53.86 10.16
N ALA A 557 2.93 -54.87 9.31
CA ALA A 557 1.62 -55.49 9.21
C ALA A 557 1.17 -56.09 10.54
N GLN A 558 2.11 -56.56 11.35
CA GLN A 558 1.74 -57.09 12.64
C GLN A 558 1.17 -55.99 13.53
N GLU A 559 1.81 -54.81 13.53
CA GLU A 559 1.32 -53.68 14.31
C GLU A 559 -0.05 -53.27 13.81
N LYS A 560 -0.22 -53.30 12.49
CA LYS A 560 -1.49 -52.92 11.92
C LYS A 560 -2.56 -53.90 12.31
N LEU A 561 -2.18 -55.16 12.44
CA LEU A 561 -3.13 -56.16 12.87
C LEU A 561 -3.56 -55.89 14.30
N ALA A 562 -2.60 -55.56 15.15
CA ALA A 562 -2.95 -55.31 16.54
C ALA A 562 -3.85 -54.08 16.68
N ILE A 563 -3.52 -52.99 15.99
CA ILE A 563 -4.32 -51.77 16.11
C ILE A 563 -5.72 -51.98 15.57
N ALA A 564 -5.82 -52.65 14.42
CA ALA A 564 -7.13 -52.85 13.83
C ALA A 564 -7.96 -53.74 14.73
N GLU A 565 -7.31 -54.61 15.48
CA GLU A 565 -8.09 -55.52 16.27
C GLU A 565 -8.58 -54.86 17.55
N ARG A 566 -7.82 -53.91 18.10
CA ARG A 566 -8.20 -53.33 19.38
C ARG A 566 -8.75 -51.91 19.39
N TYR A 567 -8.62 -51.14 18.30
CA TYR A 567 -9.10 -49.75 18.25
C TYR A 567 -10.10 -49.50 17.14
N LEU A 568 -9.74 -49.79 15.89
CA LEU A 568 -10.57 -49.38 14.77
C LEU A 568 -11.86 -50.16 14.76
N VAL A 569 -11.75 -51.48 14.66
CA VAL A 569 -12.93 -52.32 14.46
C VAL A 569 -14.01 -52.07 15.51
N PRO A 570 -13.73 -52.08 16.81
CA PRO A 570 -14.80 -51.74 17.77
C PRO A 570 -15.38 -50.36 17.58
N GLN A 571 -14.55 -49.39 17.20
CA GLN A 571 -15.05 -48.03 17.12
C GLN A 571 -15.95 -47.88 15.91
N ALA A 572 -15.50 -48.36 14.75
CA ALA A 572 -16.35 -48.31 13.58
C ALA A 572 -17.60 -49.14 13.77
N ARG A 573 -17.50 -50.21 14.55
CA ARG A 573 -18.69 -51.01 14.81
C ARG A 573 -19.68 -50.19 15.59
N ALA A 574 -19.21 -49.45 16.57
CA ALA A 574 -20.08 -48.55 17.29
C ALA A 574 -20.61 -47.45 16.38
N LEU A 575 -19.79 -47.01 15.42
CA LEU A 575 -20.22 -45.95 14.54
C LEU A 575 -21.37 -46.40 13.66
N CYS A 576 -21.38 -47.65 13.24
CA CYS A 576 -22.46 -48.16 12.40
C CYS A 576 -23.50 -48.93 13.19
N GLY A 577 -23.26 -49.21 14.46
CA GLY A 577 -24.31 -49.74 15.30
C GLY A 577 -24.52 -51.21 15.19
N LEU A 578 -23.78 -51.90 14.33
CA LEU A 578 -23.99 -53.32 14.17
C LEU A 578 -23.63 -54.10 15.42
N ASP A 579 -24.50 -55.03 15.77
CA ASP A 579 -24.14 -55.97 16.81
C ASP A 579 -23.03 -56.83 16.24
N GLU A 580 -22.08 -57.20 17.09
CA GLU A 580 -20.94 -57.99 16.64
C GLU A 580 -21.39 -59.31 16.03
N SER A 581 -22.49 -59.87 16.52
CA SER A 581 -22.98 -61.12 15.96
C SER A 581 -23.42 -60.94 14.52
N LYS A 582 -23.90 -59.76 14.17
CA LYS A 582 -24.55 -59.60 12.89
C LYS A 582 -23.52 -59.52 11.78
N ALA A 583 -22.24 -59.35 12.11
CA ALA A 583 -21.18 -59.19 11.12
C ALA A 583 -19.87 -59.64 11.77
N LYS A 584 -19.66 -60.94 11.76
CA LYS A 584 -18.39 -61.45 12.27
C LYS A 584 -17.27 -60.94 11.37
N LEU A 585 -16.11 -60.66 11.97
CA LEU A 585 -14.91 -60.30 11.22
C LEU A 585 -13.72 -61.11 11.70
N SER A 586 -13.39 -62.16 10.96
CA SER A 586 -12.24 -62.99 11.32
C SER A 586 -10.97 -62.17 11.20
N SER A 587 -10.06 -62.40 12.14
CA SER A 587 -8.78 -61.70 12.07
C SER A 587 -8.03 -62.10 10.81
N ASP A 588 -8.26 -63.33 10.32
CA ASP A 588 -7.68 -63.74 9.05
C ASP A 588 -8.18 -62.85 7.92
N VAL A 589 -9.44 -62.45 7.98
CA VAL A 589 -9.94 -61.57 6.94
C VAL A 589 -9.19 -60.26 6.99
N LEU A 590 -8.91 -59.79 8.20
CA LEU A 590 -8.14 -58.58 8.34
C LEU A 590 -6.74 -58.76 7.80
N THR A 591 -6.17 -59.96 7.99
CA THR A 591 -4.85 -60.25 7.47
C THR A 591 -4.86 -60.20 5.96
N LEU A 592 -5.88 -60.79 5.36
CA LEU A 592 -5.99 -60.79 3.92
C LEU A 592 -6.11 -59.38 3.41
N LEU A 593 -6.81 -58.54 4.17
CA LEU A 593 -7.00 -57.17 3.73
C LEU A 593 -5.66 -56.45 3.80
N ILE A 594 -4.88 -56.73 4.84
CA ILE A 594 -3.57 -56.11 4.96
C ILE A 594 -2.67 -56.55 3.82
N LYS A 595 -2.83 -57.79 3.35
CA LYS A 595 -1.89 -58.30 2.37
C LYS A 595 -2.20 -57.84 0.97
N GLN A 596 -3.47 -57.88 0.58
CA GLN A 596 -3.80 -57.59 -0.80
C GLN A 596 -4.11 -56.12 -1.02
N TYR A 597 -5.05 -55.59 -0.26
CA TYR A 597 -5.60 -54.29 -0.57
C TYR A 597 -4.86 -53.18 0.15
N CYS A 598 -4.88 -53.22 1.48
CA CYS A 598 -4.30 -52.16 2.32
C CYS A 598 -2.88 -52.48 2.71
N ARG A 599 -1.91 -51.92 1.98
CA ARG A 599 -0.49 -52.16 2.28
C ARG A 599 0.23 -50.83 2.10
N GLU A 600 0.25 -50.02 3.14
CA GLU A 600 0.92 -48.74 3.06
C GLU A 600 1.14 -48.21 4.47
N SER A 601 2.02 -47.21 4.57
CA SER A 601 2.51 -46.76 5.87
C SER A 601 1.42 -46.20 6.75
N GLY A 602 0.34 -45.71 6.17
CA GLY A 602 -0.71 -45.12 6.97
C GLY A 602 -1.65 -46.13 7.58
N VAL A 603 -2.62 -45.60 8.31
CA VAL A 603 -3.69 -46.40 8.92
C VAL A 603 -5.05 -46.04 8.35
N ARG A 604 -5.18 -44.86 7.73
CA ARG A 604 -6.46 -44.38 7.23
C ARG A 604 -7.05 -45.40 6.27
N ASN A 605 -6.21 -45.92 5.39
CA ASN A 605 -6.71 -46.77 4.32
C ASN A 605 -7.38 -48.02 4.87
N LEU A 606 -6.82 -48.59 5.93
CA LEU A 606 -7.46 -49.74 6.54
C LEU A 606 -8.80 -49.34 7.12
N GLN A 607 -8.87 -48.14 7.67
CA GLN A 607 -10.12 -47.69 8.23
C GLN A 607 -11.17 -47.57 7.15
N LYS A 608 -10.80 -47.02 6.00
CA LYS A 608 -11.78 -46.92 4.92
C LYS A 608 -12.20 -48.29 4.43
N GLN A 609 -11.28 -49.25 4.40
CA GLN A 609 -11.64 -50.58 3.90
C GLN A 609 -12.64 -51.26 4.82
N VAL A 610 -12.31 -51.31 6.11
CA VAL A 610 -13.21 -51.99 7.03
C VAL A 610 -14.52 -51.25 7.07
N GLU A 611 -14.47 -49.94 6.94
CA GLU A 611 -15.69 -49.17 6.90
C GLU A 611 -16.53 -49.55 5.68
N LYS A 612 -15.86 -49.85 4.57
CA LYS A 612 -16.59 -50.21 3.36
C LYS A 612 -17.35 -51.51 3.56
N VAL A 613 -16.66 -52.52 4.07
CA VAL A 613 -17.35 -53.80 4.23
C VAL A 613 -18.49 -53.64 5.22
N LEU A 614 -18.29 -52.82 6.25
CA LEU A 614 -19.34 -52.65 7.23
C LEU A 614 -20.55 -51.98 6.60
N ARG A 615 -20.32 -51.01 5.72
CA ARG A 615 -21.45 -50.37 5.06
C ARG A 615 -22.22 -51.36 4.20
N LYS A 616 -21.50 -52.16 3.41
CA LYS A 616 -22.21 -53.08 2.52
C LYS A 616 -22.99 -54.10 3.31
N SER A 617 -22.41 -54.56 4.42
CA SER A 617 -23.12 -55.50 5.24
C SER A 617 -24.35 -54.84 5.84
N ALA A 618 -24.22 -53.57 6.21
CA ALA A 618 -25.33 -52.87 6.81
C ALA A 618 -26.48 -52.77 5.84
N TYR A 619 -26.17 -52.31 4.62
CA TYR A 619 -27.22 -52.15 3.63
C TYR A 619 -27.83 -53.48 3.26
N LYS A 620 -27.02 -54.52 3.26
CA LYS A 620 -27.54 -55.83 2.94
C LYS A 620 -28.49 -56.30 4.03
N ILE A 621 -28.24 -55.89 5.26
CA ILE A 621 -29.06 -56.41 6.33
C ILE A 621 -30.36 -55.63 6.44
N VAL A 622 -30.28 -54.29 6.37
CA VAL A 622 -31.43 -53.48 6.73
C VAL A 622 -32.59 -53.68 5.78
N SER A 623 -32.30 -53.97 4.52
CA SER A 623 -33.30 -54.12 3.47
C SER A 623 -33.14 -55.40 2.69
N GLY A 624 -31.96 -55.98 2.65
CA GLY A 624 -31.70 -57.12 1.84
C GLY A 624 -32.21 -58.33 2.56
N GLU A 625 -31.32 -59.29 2.84
CA GLU A 625 -31.76 -60.62 3.24
C GLU A 625 -31.07 -61.10 4.53
N ALA A 626 -29.74 -61.14 4.55
CA ALA A 626 -29.04 -61.78 5.65
C ALA A 626 -29.30 -61.09 6.98
N GLU A 627 -29.59 -61.90 8.00
CA GLU A 627 -29.71 -61.39 9.35
C GLU A 627 -28.37 -61.45 10.09
N SER A 628 -27.35 -62.06 9.48
CA SER A 628 -26.00 -62.00 9.99
C SER A 628 -25.11 -62.22 8.78
N VAL A 629 -24.53 -61.15 8.26
CA VAL A 629 -23.49 -61.30 7.27
C VAL A 629 -22.34 -62.03 7.93
N GLU A 630 -21.67 -62.86 7.15
CA GLU A 630 -20.54 -63.64 7.63
C GLU A 630 -19.50 -63.46 6.55
N VAL A 631 -18.66 -62.46 6.76
CA VAL A 631 -17.57 -62.20 5.85
C VAL A 631 -16.67 -63.41 5.88
N THR A 632 -16.28 -63.85 4.70
CA THR A 632 -15.30 -64.91 4.55
C THR A 632 -14.40 -64.46 3.42
N PRO A 633 -13.12 -64.90 3.40
CA PRO A 633 -12.24 -64.46 2.30
C PRO A 633 -12.83 -64.83 0.96
N GLU A 634 -13.53 -65.97 0.93
CA GLU A 634 -14.16 -66.44 -0.29
C GLU A 634 -15.19 -65.44 -0.75
N ASN A 635 -15.90 -64.84 0.21
CA ASN A 635 -16.93 -63.84 -0.06
C ASN A 635 -16.34 -62.44 -0.23
N LEU A 636 -15.07 -62.25 0.14
CA LEU A 636 -14.49 -60.93 0.26
C LEU A 636 -14.50 -60.17 -1.05
N GLN A 637 -14.46 -60.90 -2.17
CA GLN A 637 -14.35 -60.27 -3.48
C GLN A 637 -15.51 -59.36 -3.78
N ASP A 638 -16.70 -59.72 -3.30
CA ASP A 638 -17.86 -58.91 -3.57
C ASP A 638 -18.00 -57.75 -2.61
N PHE A 639 -17.24 -57.74 -1.52
CA PHE A 639 -17.38 -56.64 -0.58
C PHE A 639 -16.38 -55.54 -0.87
N VAL A 640 -15.16 -55.90 -1.27
CA VAL A 640 -14.11 -54.93 -1.49
C VAL A 640 -13.71 -54.89 -2.97
N GLY A 641 -14.42 -55.61 -3.83
CA GLY A 641 -14.08 -55.49 -5.22
C GLY A 641 -12.78 -56.22 -5.56
N LYS A 642 -12.23 -55.81 -6.70
CA LYS A 642 -11.06 -56.48 -7.23
C LYS A 642 -9.81 -56.18 -6.38
N PRO A 643 -9.08 -57.20 -5.91
CA PRO A 643 -7.84 -56.93 -5.18
C PRO A 643 -6.78 -56.28 -6.03
N VAL A 644 -5.98 -55.45 -5.39
CA VAL A 644 -4.95 -54.70 -6.08
C VAL A 644 -3.70 -55.56 -6.17
N PHE A 645 -3.13 -55.89 -5.02
CA PHE A 645 -1.84 -56.56 -4.99
C PHE A 645 -2.01 -58.06 -5.18
N THR A 646 -1.49 -58.55 -6.29
CA THR A 646 -1.51 -59.96 -6.60
C THR A 646 -0.63 -60.75 -5.64
N VAL A 647 -1.10 -61.93 -5.27
CA VAL A 647 -0.31 -62.81 -4.43
C VAL A 647 0.90 -63.28 -5.25
N GLU A 648 2.04 -63.40 -4.57
CA GLU A 648 3.23 -63.92 -5.22
C GLU A 648 3.04 -65.36 -5.62
N ARG A 649 3.60 -65.75 -6.77
CA ARG A 649 3.50 -67.13 -7.18
C ARG A 649 4.29 -67.96 -6.19
N MET A 650 3.80 -69.15 -5.87
CA MET A 650 4.49 -70.05 -4.95
C MET A 650 4.90 -71.30 -5.72
N TYR A 651 6.19 -71.43 -6.02
CA TYR A 651 6.71 -72.72 -6.45
C TYR A 651 7.00 -73.55 -5.23
N ASP A 652 6.85 -74.85 -5.38
CA ASP A 652 7.02 -75.79 -4.28
C ASP A 652 8.38 -76.46 -4.25
N VAL A 653 9.08 -76.53 -5.38
CA VAL A 653 10.31 -77.30 -5.51
C VAL A 653 11.42 -76.55 -6.21
N THR A 654 11.21 -75.28 -6.56
CA THR A 654 12.20 -74.43 -7.21
C THR A 654 12.69 -75.07 -8.51
N PRO A 655 11.89 -75.11 -9.57
CA PRO A 655 12.37 -75.67 -10.84
C PRO A 655 13.51 -74.84 -11.38
N PRO A 656 14.46 -75.45 -12.13
CA PRO A 656 15.68 -74.71 -12.51
C PRO A 656 15.33 -73.45 -13.29
N GLY A 657 16.11 -72.41 -13.01
CA GLY A 657 15.84 -71.07 -13.48
C GLY A 657 15.02 -70.24 -12.50
N VAL A 658 14.79 -70.72 -11.28
CA VAL A 658 14.17 -69.93 -10.22
C VAL A 658 14.85 -70.34 -8.92
N VAL A 659 14.97 -69.38 -8.00
CA VAL A 659 15.59 -69.64 -6.71
C VAL A 659 14.93 -68.72 -5.71
N MET A 660 14.87 -69.16 -4.46
CA MET A 660 14.21 -68.38 -3.42
C MET A 660 15.20 -67.39 -2.85
N GLY A 661 14.69 -66.30 -2.32
CA GLY A 661 15.55 -65.27 -1.82
C GLY A 661 14.86 -64.33 -0.85
N LEU A 662 15.56 -64.02 0.22
CA LEU A 662 15.00 -63.12 1.21
C LEU A 662 15.01 -61.70 0.71
N ALA A 663 14.05 -60.91 1.20
CA ALA A 663 13.99 -59.51 0.83
C ALA A 663 13.40 -58.75 2.01
N TRP A 664 14.02 -57.61 2.30
CA TRP A 664 13.55 -56.71 3.34
C TRP A 664 12.73 -55.70 2.56
N THR A 665 11.46 -56.04 2.41
CA THR A 665 10.53 -55.13 1.77
C THR A 665 10.26 -53.97 2.70
N ALA A 666 9.78 -52.87 2.11
CA ALA A 666 9.65 -51.60 2.80
C ALA A 666 8.81 -51.69 4.06
N MET A 667 7.90 -52.67 4.15
CA MET A 667 7.15 -52.99 5.37
C MET A 667 7.40 -54.46 5.68
N GLY A 668 8.33 -54.73 6.59
CA GLY A 668 8.56 -56.09 7.04
C GLY A 668 9.51 -56.83 6.11
N GLY A 669 9.82 -58.07 6.49
CA GLY A 669 10.55 -58.95 5.62
C GLY A 669 9.60 -59.67 4.69
N SER A 670 10.16 -60.44 3.77
CA SER A 670 9.34 -61.19 2.82
C SER A 670 10.24 -62.19 2.11
N THR A 671 9.60 -63.16 1.46
CA THR A 671 10.28 -64.22 0.71
C THR A 671 9.94 -64.11 -0.78
N LEU A 672 10.88 -63.56 -1.55
CA LEU A 672 10.79 -63.56 -3.01
C LEU A 672 11.20 -64.92 -3.56
N PHE A 673 10.67 -65.27 -4.73
CA PHE A 673 11.22 -66.33 -5.56
C PHE A 673 11.68 -65.68 -6.87
N VAL A 674 12.96 -65.32 -6.94
CA VAL A 674 13.46 -64.69 -8.15
C VAL A 674 13.51 -65.69 -9.30
N GLU A 675 13.09 -65.22 -10.47
CA GLU A 675 12.98 -66.01 -11.68
C GLU A 675 14.15 -65.62 -12.54
N THR A 676 14.80 -66.59 -13.17
CA THR A 676 15.88 -66.32 -14.12
C THR A 676 15.80 -67.35 -15.22
N SER A 677 15.64 -66.92 -16.47
CA SER A 677 15.49 -67.91 -17.51
C SER A 677 15.91 -67.33 -18.83
N LEU A 678 16.21 -68.25 -19.74
CA LEU A 678 16.60 -67.86 -21.07
C LEU A 678 15.40 -67.17 -21.67
N ARG A 679 15.62 -66.08 -22.37
CA ARG A 679 14.54 -65.38 -23.04
C ARG A 679 14.53 -65.61 -24.53
N ARG A 680 15.64 -66.09 -25.10
CA ARG A 680 15.73 -66.24 -26.52
C ARG A 680 16.87 -67.21 -26.73
N PRO A 681 16.77 -68.15 -27.68
CA PRO A 681 17.77 -69.21 -27.76
C PRO A 681 19.17 -68.70 -28.03
N GLN A 682 20.15 -69.38 -27.43
CA GLN A 682 21.53 -68.95 -27.60
C GLN A 682 21.88 -69.04 -29.09
N ASP A 683 21.22 -69.95 -29.81
CA ASP A 683 21.59 -70.37 -31.14
C ASP A 683 21.03 -69.35 -32.12
N LYS A 684 21.60 -68.14 -32.08
CA LYS A 684 21.54 -67.27 -33.24
C LYS A 684 22.27 -67.98 -34.38
N ASP A 685 23.32 -68.70 -33.99
CA ASP A 685 24.14 -69.67 -34.69
C ASP A 685 24.96 -70.30 -33.58
N ALA A 686 25.20 -71.61 -33.70
CA ALA A 686 25.91 -72.35 -32.65
C ALA A 686 27.30 -71.78 -32.39
N LYS A 687 27.90 -71.16 -33.40
CA LYS A 687 29.22 -70.55 -33.37
C LYS A 687 29.24 -69.13 -32.79
N GLY A 688 28.08 -68.52 -32.51
CA GLY A 688 28.01 -67.11 -32.11
C GLY A 688 28.79 -66.77 -30.86
N ASP A 689 29.69 -65.78 -30.95
CA ASP A 689 30.45 -65.27 -29.82
C ASP A 689 29.80 -64.10 -29.10
N LYS A 690 28.66 -63.62 -29.56
CA LYS A 690 28.03 -62.47 -28.93
C LYS A 690 27.65 -62.79 -27.51
N ASP A 691 27.91 -61.86 -26.62
CA ASP A 691 27.72 -62.12 -25.21
C ASP A 691 26.24 -62.18 -24.92
N GLY A 692 25.91 -62.96 -23.90
CA GLY A 692 24.54 -63.06 -23.48
C GLY A 692 24.14 -61.91 -22.61
N SER A 693 23.89 -60.77 -23.25
CA SER A 693 23.50 -59.59 -22.51
C SER A 693 22.22 -59.88 -21.74
N LEU A 694 22.22 -59.47 -20.48
CA LEU A 694 21.07 -59.69 -19.63
C LEU A 694 19.99 -58.68 -19.95
N GLU A 695 18.73 -59.05 -19.68
CA GLU A 695 17.60 -58.14 -19.88
C GLU A 695 16.65 -58.30 -18.72
N VAL A 696 16.89 -57.51 -17.68
CA VAL A 696 16.13 -57.55 -16.44
C VAL A 696 14.72 -57.01 -16.63
N THR A 697 13.82 -57.47 -15.76
CA THR A 697 12.49 -56.90 -15.61
C THR A 697 12.16 -56.97 -14.13
N GLY A 698 11.18 -56.19 -13.72
CA GLY A 698 10.85 -56.08 -12.32
C GLY A 698 11.20 -54.72 -11.76
N GLN A 699 11.02 -53.67 -12.55
CA GLN A 699 11.20 -52.28 -12.11
C GLN A 699 12.59 -52.05 -11.53
N LEU A 700 13.60 -52.32 -12.37
CA LEU A 700 14.96 -52.02 -11.98
C LEU A 700 15.12 -50.53 -11.72
N GLY A 701 15.90 -50.19 -10.69
CA GLY A 701 16.26 -48.81 -10.45
C GLY A 701 17.56 -48.46 -11.16
N GLU A 702 18.54 -48.02 -10.38
CA GLU A 702 19.90 -47.76 -10.85
C GLU A 702 20.89 -48.71 -10.21
N VAL A 703 20.93 -48.74 -8.86
CA VAL A 703 21.90 -49.59 -8.18
C VAL A 703 21.68 -51.04 -8.57
N MET A 704 20.42 -51.42 -8.81
CA MET A 704 20.15 -52.77 -9.26
C MET A 704 20.74 -53.02 -10.63
N LYS A 705 20.73 -52.01 -11.51
CA LYS A 705 21.30 -52.18 -12.85
C LYS A 705 22.80 -52.45 -12.81
N GLU A 706 23.54 -51.56 -12.16
CA GLU A 706 24.97 -51.74 -12.06
C GLU A 706 25.32 -53.00 -11.29
N SER A 707 24.51 -53.32 -10.27
CA SER A 707 24.78 -54.49 -9.45
C SER A 707 24.59 -55.75 -10.26
N ALA A 708 23.51 -55.81 -11.03
CA ALA A 708 23.26 -56.97 -11.86
C ALA A 708 24.37 -57.12 -12.90
N ARG A 709 24.88 -56.01 -13.42
CA ARG A 709 25.92 -56.17 -14.42
C ARG A 709 27.21 -56.70 -13.79
N ILE A 710 27.53 -56.20 -12.61
CA ILE A 710 28.70 -56.70 -11.89
C ILE A 710 28.55 -58.18 -11.59
N ALA A 711 27.39 -58.56 -11.06
CA ALA A 711 27.14 -59.95 -10.72
C ALA A 711 27.22 -60.82 -11.96
N TYR A 712 26.79 -60.29 -13.10
CA TYR A 712 26.79 -61.07 -14.32
C TYR A 712 28.22 -61.41 -14.71
N THR A 713 29.06 -60.40 -14.70
CA THR A 713 30.46 -60.64 -15.04
C THR A 713 31.10 -61.60 -14.05
N PHE A 714 30.70 -61.49 -12.78
CA PHE A 714 31.29 -62.34 -11.77
C PHE A 714 30.87 -63.78 -11.94
N ALA A 715 29.60 -64.00 -12.24
CA ALA A 715 29.13 -65.35 -12.45
C ALA A 715 29.81 -65.96 -13.65
N ARG A 716 30.07 -65.12 -14.66
CA ARG A 716 30.78 -65.62 -15.80
C ARG A 716 32.18 -66.06 -15.39
N ALA A 717 32.84 -65.26 -14.58
CA ALA A 717 34.18 -65.64 -14.14
C ALA A 717 34.14 -66.91 -13.30
N PHE A 718 33.10 -67.08 -12.50
CA PHE A 718 33.07 -68.24 -11.63
C PHE A 718 32.87 -69.50 -12.44
N LEU A 719 31.87 -69.51 -13.31
CA LEU A 719 31.68 -70.70 -14.12
C LEU A 719 32.85 -70.94 -15.04
N MET A 720 33.54 -69.88 -15.46
CA MET A 720 34.77 -70.06 -16.20
C MET A 720 35.73 -70.88 -15.36
N GLN A 721 36.02 -70.41 -14.15
CA GLN A 721 37.05 -71.03 -13.34
C GLN A 721 36.67 -72.44 -12.90
N HIS A 722 35.37 -72.69 -12.71
CA HIS A 722 34.96 -73.93 -12.06
C HIS A 722 34.55 -75.02 -13.02
N ALA A 723 33.85 -74.68 -14.10
CA ALA A 723 33.29 -75.65 -15.03
C ALA A 723 33.72 -75.19 -16.41
N PRO A 724 34.98 -75.42 -16.79
CA PRO A 724 35.47 -74.88 -18.07
C PRO A 724 34.70 -75.33 -19.29
N ALA A 725 34.20 -76.57 -19.27
CA ALA A 725 33.60 -77.14 -20.47
C ALA A 725 32.35 -76.39 -20.91
N ASN A 726 31.56 -75.91 -19.96
CA ASN A 726 30.32 -75.27 -20.33
C ASN A 726 30.64 -73.87 -20.86
N ASP A 727 29.79 -73.40 -21.79
CA ASP A 727 29.87 -72.05 -22.31
C ASP A 727 28.50 -71.40 -22.44
N TYR A 728 27.44 -72.07 -21.99
CA TYR A 728 26.07 -71.64 -22.19
C TYR A 728 25.85 -70.26 -21.57
N LEU A 729 26.61 -69.96 -20.52
CA LEU A 729 26.51 -68.68 -19.84
C LEU A 729 27.23 -67.58 -20.60
N VAL A 730 28.02 -67.93 -21.61
CA VAL A 730 28.85 -66.95 -22.28
C VAL A 730 28.12 -66.29 -23.43
N THR A 731 27.17 -66.99 -24.07
CA THR A 731 26.61 -66.57 -25.36
C THR A 731 25.09 -66.72 -25.43
N SER A 732 24.36 -66.31 -24.39
CA SER A 732 22.90 -66.42 -24.45
C SER A 732 22.24 -65.33 -23.63
N HIS A 733 21.33 -64.61 -24.26
CA HIS A 733 20.58 -63.55 -23.60
C HIS A 733 19.73 -64.16 -22.51
N ILE A 734 19.58 -63.44 -21.40
CA ILE A 734 18.94 -64.00 -20.19
C ILE A 734 18.00 -63.00 -19.54
N HIS A 735 16.71 -63.24 -19.67
CA HIS A 735 15.74 -62.50 -18.89
C HIS A 735 15.74 -62.98 -17.45
N LEU A 736 15.51 -62.05 -16.52
CA LEU A 736 15.26 -62.44 -15.16
C LEU A 736 14.34 -61.41 -14.52
N HIS A 737 13.64 -61.87 -13.50
CA HIS A 737 12.56 -61.15 -12.86
C HIS A 737 12.64 -61.38 -11.36
N VAL A 738 12.94 -60.33 -10.61
CA VAL A 738 12.98 -60.37 -9.15
C VAL A 738 11.77 -59.61 -8.62
N PRO A 739 10.83 -60.24 -7.91
CA PRO A 739 9.62 -59.51 -7.51
C PRO A 739 9.94 -58.31 -6.64
N GLU A 740 9.20 -57.23 -6.88
CA GLU A 740 9.40 -55.97 -6.21
C GLU A 740 8.89 -55.97 -4.77
N GLY A 741 9.38 -54.96 -4.03
CA GLY A 741 8.99 -54.71 -2.66
C GLY A 741 10.17 -54.20 -1.85
N ALA A 742 11.37 -54.65 -2.20
CA ALA A 742 12.57 -54.18 -1.51
C ALA A 742 12.80 -52.70 -1.74
N THR A 743 13.17 -52.02 -0.65
CA THR A 743 13.59 -50.64 -0.74
C THR A 743 14.93 -50.63 -1.49
N PRO A 744 15.23 -49.56 -2.26
CA PRO A 744 16.45 -49.60 -3.10
C PRO A 744 17.73 -49.89 -2.35
N LYS A 745 17.86 -49.41 -1.10
CA LYS A 745 19.06 -49.66 -0.32
C LYS A 745 19.31 -51.15 -0.10
N ASP A 746 18.25 -51.96 -0.11
CA ASP A 746 18.42 -53.40 0.07
C ASP A 746 18.64 -54.12 -1.25
N GLY A 747 18.63 -53.41 -2.38
CA GLY A 747 18.73 -54.05 -3.68
C GLY A 747 20.00 -54.82 -3.94
N PRO A 748 21.17 -54.35 -3.49
CA PRO A 748 22.39 -55.15 -3.69
C PRO A 748 22.34 -56.54 -3.07
N SER A 749 21.63 -56.70 -1.94
CA SER A 749 21.71 -57.93 -1.15
C SER A 749 21.30 -59.14 -1.98
N ALA A 750 20.37 -58.96 -2.91
CA ALA A 750 19.83 -60.06 -3.68
C ALA A 750 20.82 -60.59 -4.71
N GLY A 751 21.92 -59.87 -4.97
CA GLY A 751 22.80 -60.24 -6.07
C GLY A 751 23.38 -61.63 -5.91
N CYS A 752 23.64 -62.03 -4.66
CA CYS A 752 24.10 -63.39 -4.40
C CYS A 752 23.12 -64.40 -4.95
N THR A 753 21.84 -64.24 -4.58
CA THR A 753 20.77 -65.08 -5.11
C THR A 753 20.80 -65.06 -6.62
N ILE A 754 20.90 -63.85 -7.21
CA ILE A 754 20.87 -63.68 -8.65
C ILE A 754 21.92 -64.58 -9.28
N VAL A 755 23.13 -64.54 -8.72
CA VAL A 755 24.25 -65.27 -9.27
C VAL A 755 23.92 -66.75 -9.30
N THR A 756 23.52 -67.29 -8.13
CA THR A 756 23.30 -68.74 -8.06
C THR A 756 22.15 -69.14 -8.96
N ALA A 757 21.14 -68.27 -9.05
CA ALA A 757 20.03 -68.51 -9.97
C ALA A 757 20.55 -68.72 -11.37
N LEU A 758 21.37 -67.79 -11.84
CA LEU A 758 21.92 -67.86 -13.18
C LEU A 758 22.67 -69.17 -13.36
N LEU A 759 23.48 -69.53 -12.36
CA LEU A 759 24.26 -70.76 -12.50
C LEU A 759 23.35 -71.96 -12.59
N SER A 760 22.23 -71.93 -11.85
CA SER A 760 21.30 -73.04 -11.95
C SER A 760 20.77 -73.09 -13.37
N LEU A 761 20.46 -71.92 -13.93
CA LEU A 761 20.01 -71.87 -15.30
C LEU A 761 21.12 -72.32 -16.22
N ALA A 762 22.37 -72.07 -15.84
CA ALA A 762 23.47 -72.47 -16.68
C ALA A 762 23.64 -73.97 -16.74
N MET A 763 23.18 -74.71 -15.73
CA MET A 763 23.43 -76.13 -15.59
C MET A 763 22.16 -76.95 -15.52
N GLY A 764 21.06 -76.38 -15.06
CA GLY A 764 19.78 -77.05 -14.93
C GLY A 764 19.56 -77.77 -13.61
N ARG A 765 20.53 -77.80 -12.73
CA ARG A 765 20.30 -78.39 -11.42
C ARG A 765 19.44 -77.45 -10.59
N PRO A 766 18.30 -77.87 -10.07
CA PRO A 766 17.59 -77.00 -9.14
C PRO A 766 18.45 -76.77 -7.91
N VAL A 767 18.35 -75.57 -7.36
CA VAL A 767 18.96 -75.32 -6.05
C VAL A 767 18.20 -76.14 -5.03
N ARG A 768 18.90 -76.55 -3.95
CA ARG A 768 18.23 -77.37 -2.95
C ARG A 768 17.07 -76.54 -2.40
N GLN A 769 15.97 -77.21 -2.14
CA GLN A 769 14.73 -76.55 -1.78
C GLN A 769 14.88 -75.83 -0.45
N ASN A 770 14.13 -74.72 -0.29
CA ASN A 770 13.97 -73.98 0.98
C ASN A 770 15.32 -73.70 1.67
N LEU A 771 16.05 -72.80 1.02
CA LEU A 771 17.38 -72.37 1.47
C LEU A 771 17.44 -70.86 1.41
N ALA A 772 17.25 -70.24 2.57
CA ALA A 772 17.33 -68.79 2.64
C ALA A 772 18.79 -68.37 2.57
N MET A 773 19.01 -67.17 2.04
CA MET A 773 20.33 -66.60 1.97
C MET A 773 20.20 -65.10 1.82
N THR A 774 21.22 -64.38 2.26
CA THR A 774 21.21 -62.94 2.09
C THR A 774 22.61 -62.39 2.24
N GLY A 775 22.91 -61.35 1.46
CA GLY A 775 24.19 -60.67 1.55
C GLY A 775 24.60 -59.95 0.29
N GLU A 776 25.37 -58.88 0.45
CA GLU A 776 25.97 -58.22 -0.70
C GLU A 776 27.17 -59.03 -1.14
N VAL A 777 27.50 -58.96 -2.44
CA VAL A 777 28.69 -59.59 -3.03
C VAL A 777 29.44 -58.53 -3.81
N SER A 778 30.75 -58.76 -3.96
CA SER A 778 31.68 -57.73 -4.40
C SER A 778 32.65 -58.20 -5.47
N LEU A 779 32.18 -58.82 -6.55
CA LEU A 779 32.99 -59.07 -7.76
C LEU A 779 34.25 -59.94 -7.55
N THR A 780 34.46 -60.45 -6.34
CA THR A 780 35.55 -61.34 -6.01
C THR A 780 35.05 -62.44 -5.09
N GLY A 781 33.74 -62.62 -4.97
CA GLY A 781 33.23 -63.70 -4.19
C GLY A 781 33.48 -63.50 -2.73
N LYS A 782 33.40 -62.27 -2.23
CA LYS A 782 33.41 -61.96 -0.80
C LYS A 782 32.10 -61.27 -0.44
N ILE A 783 31.25 -62.01 0.26
CA ILE A 783 29.94 -61.53 0.66
C ILE A 783 30.12 -60.45 1.71
N LEU A 784 29.16 -59.53 1.83
CA LEU A 784 29.29 -58.35 2.68
C LEU A 784 28.11 -58.27 3.65
N PRO A 785 28.27 -57.61 4.80
CA PRO A 785 27.16 -57.53 5.77
C PRO A 785 25.93 -56.79 5.24
N VAL A 786 24.75 -57.22 5.69
CA VAL A 786 23.50 -56.56 5.36
C VAL A 786 22.64 -56.48 6.61
N GLY A 787 21.87 -55.40 6.71
CA GLY A 787 21.13 -55.07 7.91
C GLY A 787 19.72 -55.62 7.93
N GLY A 788 18.92 -55.10 8.88
CA GLY A 788 17.51 -55.48 8.98
C GLY A 788 17.25 -56.94 9.28
N ILE A 789 18.19 -57.60 9.96
CA ILE A 789 18.13 -59.06 10.07
C ILE A 789 16.94 -59.52 10.89
N LYS A 790 16.48 -58.72 11.85
CA LYS A 790 15.32 -59.10 12.65
C LYS A 790 14.06 -59.24 11.82
N GLU A 791 13.86 -58.33 10.87
CA GLU A 791 12.64 -58.35 10.07
C GLU A 791 12.66 -59.55 9.14
N LYS A 792 13.77 -59.72 8.42
CA LYS A 792 13.89 -60.87 7.54
C LYS A 792 13.85 -62.16 8.33
N THR A 793 14.32 -62.15 9.57
CA THR A 793 14.31 -63.37 10.38
C THR A 793 12.88 -63.78 10.69
N ILE A 794 12.07 -62.84 11.18
CA ILE A 794 10.67 -63.20 11.48
C ILE A 794 9.97 -63.58 10.19
N ALA A 795 10.32 -62.91 9.08
CA ALA A 795 9.73 -63.25 7.80
C ALA A 795 10.15 -64.65 7.38
N ALA A 796 11.40 -65.03 7.68
CA ALA A 796 11.88 -66.36 7.35
C ALA A 796 11.10 -67.39 8.14
N LYS A 797 10.77 -67.05 9.37
CA LYS A 797 9.94 -67.95 10.17
C LYS A 797 8.57 -68.06 9.52
N ARG A 798 8.06 -66.93 9.04
CA ARG A 798 6.77 -66.90 8.39
C ARG A 798 6.75 -67.67 7.08
N ALA A 799 7.87 -67.67 6.36
CA ALA A 799 7.95 -68.39 5.10
C ALA A 799 8.27 -69.86 5.27
N GLY A 800 8.66 -70.30 6.47
CA GLY A 800 8.91 -71.70 6.67
C GLY A 800 10.28 -72.15 6.21
N VAL A 801 11.10 -71.24 5.69
CA VAL A 801 12.44 -71.62 5.23
C VAL A 801 13.27 -72.12 6.39
N THR A 802 14.02 -73.18 6.13
CA THR A 802 14.71 -73.93 7.16
C THR A 802 16.21 -73.74 7.17
N CYS A 803 16.80 -73.01 6.21
CA CYS A 803 18.27 -72.92 6.13
C CYS A 803 18.65 -71.50 5.74
N ILE A 804 18.65 -70.60 6.72
CA ILE A 804 19.14 -69.26 6.47
C ILE A 804 20.65 -69.28 6.32
N VAL A 805 21.16 -68.34 5.55
CA VAL A 805 22.59 -68.20 5.30
C VAL A 805 22.90 -66.72 5.31
N LEU A 806 23.88 -66.30 6.09
CA LEU A 806 24.06 -64.89 6.43
C LEU A 806 25.49 -64.48 6.14
N PRO A 807 25.75 -63.18 5.89
CA PRO A 807 27.14 -62.74 5.86
C PRO A 807 27.70 -62.95 7.25
N ALA A 808 28.99 -63.30 7.33
CA ALA A 808 29.54 -63.60 8.64
C ALA A 808 29.51 -62.36 9.53
N GLU A 809 29.69 -61.18 8.92
CA GLU A 809 29.88 -59.96 9.68
C GLU A 809 28.61 -59.57 10.41
N ASN A 810 27.44 -60.04 9.96
CA ASN A 810 26.18 -59.73 10.61
C ASN A 810 25.90 -60.62 11.80
N LYS A 811 26.79 -61.58 12.10
CA LYS A 811 26.49 -62.69 13.00
C LYS A 811 25.95 -62.20 14.33
N LYS A 812 26.61 -61.20 14.92
CA LYS A 812 26.25 -60.77 16.26
C LYS A 812 24.82 -60.24 16.26
N ASP A 813 24.42 -59.56 15.18
CA ASP A 813 23.07 -59.05 15.11
C ASP A 813 22.09 -60.20 15.08
N PHE A 814 22.44 -61.27 14.35
CA PHE A 814 21.59 -62.45 14.35
C PHE A 814 21.57 -63.08 15.73
N TYR A 815 22.70 -63.00 16.43
CA TYR A 815 22.77 -63.52 17.78
C TYR A 815 21.98 -62.63 18.71
N ASP A 816 21.84 -61.36 18.36
CA ASP A 816 21.15 -60.43 19.24
C ASP A 816 19.64 -60.58 19.17
N LEU A 817 19.12 -61.32 18.19
CA LEU A 817 17.69 -61.56 18.12
C LEU A 817 17.21 -62.49 19.23
N ALA A 818 15.93 -62.31 19.59
CA ALA A 818 15.30 -63.14 20.61
C ALA A 818 15.36 -64.60 20.18
N ALA A 819 15.72 -65.49 21.11
CA ALA A 819 16.08 -66.85 20.74
C ALA A 819 14.95 -67.63 20.09
N PHE A 820 13.69 -67.31 20.41
CA PHE A 820 12.55 -68.13 19.96
C PHE A 820 12.43 -68.14 18.44
N ILE A 821 12.84 -67.06 17.79
CA ILE A 821 12.75 -66.96 16.35
C ILE A 821 13.72 -67.88 15.64
N THR A 822 14.82 -68.28 16.30
CA THR A 822 15.87 -69.01 15.61
C THR A 822 15.60 -70.50 15.43
N GLU A 823 14.61 -71.06 16.12
CA GLU A 823 14.38 -72.49 16.05
C GLU A 823 13.87 -72.88 14.67
N GLY A 824 14.37 -73.99 14.18
CA GLY A 824 13.89 -74.61 12.96
C GLY A 824 14.50 -74.07 11.68
N LEU A 825 15.36 -73.05 11.76
CA LEU A 825 16.10 -72.55 10.61
C LEU A 825 17.58 -72.84 10.88
N GLU A 826 18.28 -73.36 9.88
CA GLU A 826 19.69 -73.73 10.00
C GLU A 826 20.53 -72.55 9.51
N VAL A 827 21.20 -71.88 10.43
CA VAL A 827 22.02 -70.73 10.07
C VAL A 827 23.32 -71.19 9.42
N HIS A 828 23.88 -70.31 8.58
CA HIS A 828 25.18 -70.54 7.96
C HIS A 828 25.84 -69.19 7.77
N PHE A 829 26.93 -68.94 8.49
CA PHE A 829 27.65 -67.71 8.35
C PHE A 829 28.77 -67.95 7.36
N VAL A 830 28.94 -67.05 6.40
CA VAL A 830 29.98 -67.18 5.40
C VAL A 830 30.34 -65.81 4.90
N GLU A 831 31.56 -65.69 4.40
CA GLU A 831 32.03 -64.48 3.75
C GLU A 831 32.33 -64.74 2.29
N HIS A 832 33.14 -65.73 1.98
CA HIS A 832 33.40 -66.05 0.59
C HIS A 832 32.18 -66.66 -0.10
N TYR A 833 31.93 -66.26 -1.35
CA TYR A 833 30.76 -66.79 -2.05
C TYR A 833 30.87 -68.28 -2.30
N ARG A 834 32.10 -68.80 -2.39
CA ARG A 834 32.32 -70.18 -2.79
C ARG A 834 31.57 -71.11 -1.87
N GLU A 835 31.54 -70.79 -0.58
CA GLU A 835 30.85 -71.67 0.34
C GLU A 835 29.36 -71.71 -0.01
N ILE A 836 28.80 -70.58 -0.44
CA ILE A 836 27.39 -70.65 -0.78
C ILE A 836 27.23 -71.52 -2.02
N PHE A 837 28.24 -71.51 -2.90
CA PHE A 837 28.16 -72.43 -4.03
C PHE A 837 28.24 -73.87 -3.57
N ASP A 838 28.90 -74.10 -2.44
CA ASP A 838 28.99 -75.41 -1.84
C ASP A 838 27.71 -75.80 -1.11
N ILE A 839 26.84 -74.83 -0.84
CA ILE A 839 25.65 -75.03 -0.03
C ILE A 839 24.44 -75.23 -0.92
N ALA A 840 24.23 -74.34 -1.89
CA ALA A 840 23.04 -74.44 -2.74
C ALA A 840 23.00 -75.75 -3.51
N PHE A 841 24.16 -76.32 -3.81
CA PHE A 841 24.32 -77.51 -4.64
C PHE A 841 25.18 -78.45 -3.82
N PRO A 842 24.61 -79.04 -2.75
CA PRO A 842 25.42 -79.90 -1.90
C PRO A 842 25.82 -81.20 -2.57
N HIS B 17 -48.53 76.96 57.92
CA HIS B 17 -49.89 77.35 57.54
C HIS B 17 -50.31 76.68 56.22
N LEU B 18 -50.39 75.35 56.23
CA LEU B 18 -50.80 74.55 55.08
C LEU B 18 -51.91 73.60 55.51
N PRO B 19 -52.85 73.25 54.61
CA PRO B 19 -53.91 72.31 55.01
C PRO B 19 -53.30 70.97 55.34
N LEU B 20 -53.94 70.25 56.27
CA LEU B 20 -53.41 68.95 56.66
C LEU B 20 -53.38 67.99 55.48
N ILE B 21 -52.30 67.23 55.41
CA ILE B 21 -52.08 66.25 54.35
C ILE B 21 -52.93 65.01 54.63
N ALA B 22 -53.30 64.32 53.55
CA ALA B 22 -54.00 63.04 53.63
C ALA B 22 -52.86 62.03 53.64
N ILE B 23 -52.45 61.59 54.83
CA ILE B 23 -51.34 60.64 54.94
C ILE B 23 -51.65 59.34 54.21
N THR B 24 -52.88 58.83 54.37
CA THR B 24 -53.38 57.61 53.71
C THR B 24 -52.36 56.46 53.81
N ARG B 25 -52.13 56.01 55.04
CA ARG B 25 -51.27 54.86 55.34
C ARG B 25 -49.88 55.00 54.72
N ASN B 26 -49.15 55.99 55.23
CA ASN B 26 -47.81 56.31 54.76
C ASN B 26 -46.97 56.84 55.93
N PRO B 27 -46.40 55.95 56.75
CA PRO B 27 -45.56 56.42 57.86
C PRO B 27 -44.33 57.17 57.35
N VAL B 28 -43.90 58.17 58.12
CA VAL B 28 -42.70 58.95 57.83
C VAL B 28 -41.90 59.05 59.12
N PHE B 29 -40.98 58.11 59.33
CA PHE B 29 -40.17 58.07 60.53
C PHE B 29 -39.25 59.29 60.58
N PRO B 30 -38.83 59.75 61.76
CA PRO B 30 -37.88 60.88 61.80
C PRO B 30 -36.57 60.50 61.11
N ARG B 31 -35.99 61.45 60.37
CA ARG B 31 -34.71 61.26 59.65
C ARG B 31 -34.70 60.01 58.78
N PHE B 32 -35.75 59.85 57.99
CA PHE B 32 -35.90 58.69 57.11
C PHE B 32 -36.64 59.10 55.86
N ILE B 33 -35.98 58.96 54.71
CA ILE B 33 -36.62 59.30 53.44
C ILE B 33 -37.80 58.37 53.25
N LYS B 34 -38.87 58.90 52.70
CA LYS B 34 -40.08 58.13 52.44
C LYS B 34 -40.76 58.74 51.24
N ILE B 35 -41.56 57.91 50.57
CA ILE B 35 -42.30 58.30 49.38
C ILE B 35 -43.76 58.22 49.74
N ILE B 36 -44.56 59.12 49.14
CA ILE B 36 -46.00 59.14 49.35
C ILE B 36 -46.65 59.18 47.98
N GLU B 37 -47.72 58.37 47.83
CA GLU B 37 -48.47 58.24 46.60
C GLU B 37 -49.97 58.11 46.91
N VAL B 38 -50.57 59.23 47.30
CA VAL B 38 -52.01 59.29 47.48
C VAL B 38 -52.65 59.18 46.09
N LYS B 39 -53.73 58.40 45.99
CA LYS B 39 -54.37 58.29 44.68
C LYS B 39 -55.05 59.59 44.28
N ASN B 40 -55.54 60.36 45.24
CA ASN B 40 -56.17 61.62 44.92
C ASN B 40 -55.15 62.58 44.30
N LYS B 41 -55.60 63.33 43.30
CA LYS B 41 -54.80 64.34 42.62
C LYS B 41 -54.90 65.70 43.31
N LYS B 42 -55.81 65.86 44.28
CA LYS B 42 -56.02 67.17 44.91
C LYS B 42 -54.78 67.65 45.64
N LEU B 43 -53.97 66.73 46.15
CA LEU B 43 -52.70 67.12 46.77
C LEU B 43 -51.71 67.65 45.73
N VAL B 44 -51.85 67.22 44.46
CA VAL B 44 -50.96 67.70 43.41
C VAL B 44 -51.13 69.19 43.21
N GLU B 45 -52.35 69.70 43.39
CA GLU B 45 -52.55 71.15 43.25
C GLU B 45 -51.74 71.90 44.29
N LEU B 46 -51.66 71.37 45.51
CA LEU B 46 -50.82 72.00 46.51
C LEU B 46 -49.35 71.87 46.16
N LEU B 47 -48.94 70.72 45.59
CA LEU B 47 -47.53 70.57 45.20
C LEU B 47 -47.14 71.52 44.08
N ARG B 48 -48.06 71.81 43.15
CA ARG B 48 -47.78 72.75 42.07
C ARG B 48 -47.86 74.19 42.53
N ARG B 49 -48.68 74.48 43.54
CA ARG B 49 -48.76 75.84 44.05
C ARG B 49 -47.55 76.23 44.90
N LYS B 50 -46.79 75.27 45.43
CA LYS B 50 -45.58 75.59 46.18
C LYS B 50 -44.33 75.71 45.31
N VAL B 51 -44.38 75.34 44.04
CA VAL B 51 -43.19 75.51 43.18
C VAL B 51 -42.92 76.99 42.99
N ARG B 52 -43.99 77.79 42.89
CA ARG B 52 -43.83 79.23 42.74
C ARG B 52 -43.42 79.90 44.05
N LEU B 53 -43.61 79.23 45.19
CA LEU B 53 -43.26 79.80 46.48
C LEU B 53 -41.75 79.92 46.62
N ALA B 54 -41.32 80.94 47.37
CA ALA B 54 -39.89 81.20 47.54
C ALA B 54 -39.20 80.03 48.24
N GLN B 55 -39.78 79.56 49.34
CA GLN B 55 -39.23 78.45 50.11
C GLN B 55 -40.13 77.23 49.88
N PRO B 56 -39.70 76.16 49.20
CA PRO B 56 -40.56 74.98 49.10
C PRO B 56 -40.51 74.14 50.36
N TYR B 57 -41.69 73.71 50.82
CA TYR B 57 -41.75 72.90 52.02
C TYR B 57 -43.06 72.12 52.03
N VAL B 58 -43.11 71.14 52.93
CA VAL B 58 -44.29 70.31 53.12
C VAL B 58 -44.29 69.90 54.60
N GLY B 59 -45.49 69.66 55.14
CA GLY B 59 -45.64 69.18 56.50
C GLY B 59 -46.10 67.74 56.49
N VAL B 60 -45.70 67.01 57.53
CA VAL B 60 -46.04 65.59 57.72
C VAL B 60 -46.65 65.44 59.10
N PHE B 61 -47.81 64.81 59.17
CA PHE B 61 -48.51 64.55 60.43
C PHE B 61 -48.81 63.06 60.51
N LEU B 62 -49.41 62.63 61.62
CA LEU B 62 -49.81 61.24 61.80
C LEU B 62 -51.30 61.15 62.12
N LYS B 63 -51.96 60.21 61.45
CA LYS B 63 -53.38 59.90 61.58
C LYS B 63 -53.70 59.06 62.81
N ARG B 64 -54.95 59.17 63.28
CA ARG B 64 -55.42 58.44 64.45
C ARG B 64 -55.92 57.07 64.02
N ASP B 65 -56.60 56.36 64.92
CA ASP B 65 -57.14 55.03 64.61
C ASP B 65 -58.27 55.12 63.60
N ASP B 66 -58.44 54.03 62.84
CA ASP B 66 -59.50 53.90 61.83
C ASP B 66 -59.41 55.01 60.78
N SER B 67 -58.40 54.87 59.90
CA SER B 67 -58.18 55.87 58.86
C SER B 67 -59.36 55.99 57.91
N ASN B 68 -59.65 57.22 57.51
CA ASN B 68 -60.75 57.51 56.58
C ASN B 68 -60.42 58.82 55.90
N GLU B 69 -60.27 58.83 54.57
CA GLU B 69 -59.96 60.08 53.89
C GLU B 69 -61.11 61.08 53.98
N SER B 70 -62.35 60.60 54.02
CA SER B 70 -63.47 61.53 54.13
C SER B 70 -63.45 62.21 55.48
N ASP B 71 -62.98 61.52 56.53
CA ASP B 71 -62.94 62.20 57.82
C ASP B 71 -61.80 63.20 57.83
N VAL B 72 -60.71 62.90 57.10
CA VAL B 72 -59.55 63.80 57.09
C VAL B 72 -59.95 65.14 56.50
N VAL B 73 -60.87 65.11 55.52
CA VAL B 73 -61.38 66.34 54.91
C VAL B 73 -62.61 66.91 55.63
N GLU B 74 -63.28 66.12 56.48
CA GLU B 74 -64.45 66.64 57.21
C GLU B 74 -64.03 67.37 58.47
N SER B 75 -63.20 66.74 59.29
CA SER B 75 -62.69 67.27 60.54
C SER B 75 -61.17 67.30 60.50
N LEU B 76 -60.59 68.17 61.32
CA LEU B 76 -59.13 68.28 61.43
C LEU B 76 -58.59 67.69 62.73
N ASP B 77 -59.45 67.13 63.61
CA ASP B 77 -58.97 66.48 64.82
C ASP B 77 -58.55 65.03 64.58
N GLU B 78 -58.89 64.43 63.43
CA GLU B 78 -58.51 63.05 63.17
C GLU B 78 -56.99 62.92 63.11
N ILE B 79 -56.33 63.91 62.54
CA ILE B 79 -54.88 63.92 62.45
C ILE B 79 -54.34 64.22 63.84
N TYR B 80 -53.22 63.59 64.20
CA TYR B 80 -52.63 63.84 65.51
C TYR B 80 -52.00 65.22 65.54
N HIS B 81 -51.88 65.75 66.75
CA HIS B 81 -51.30 67.07 66.96
C HIS B 81 -49.83 67.11 66.62
N THR B 82 -49.14 65.96 66.69
CA THR B 82 -47.76 65.89 66.27
C THR B 82 -47.65 66.11 64.76
N GLY B 83 -46.59 66.81 64.36
CA GLY B 83 -46.30 67.05 62.96
C GLY B 83 -44.80 67.03 62.77
N THR B 84 -44.37 66.80 61.52
CA THR B 84 -42.96 66.68 61.17
C THR B 84 -42.69 67.46 59.89
N PHE B 85 -42.45 68.77 60.05
CA PHE B 85 -42.13 69.64 58.93
C PHE B 85 -40.76 69.34 58.33
N ALA B 86 -40.64 69.56 57.02
CA ALA B 86 -39.39 69.32 56.31
C ALA B 86 -39.43 70.03 54.97
N GLN B 87 -38.24 70.24 54.40
CA GLN B 87 -38.10 70.84 53.08
C GLN B 87 -38.24 69.82 51.96
N ILE B 88 -38.80 70.27 50.83
CA ILE B 88 -38.89 69.41 49.64
C ILE B 88 -37.53 69.34 48.97
N HIS B 89 -37.27 68.19 48.36
CA HIS B 89 -36.02 67.88 47.67
C HIS B 89 -36.20 68.07 46.16
N GLU B 90 -37.00 67.21 45.53
CA GLU B 90 -37.23 67.26 44.10
C GLU B 90 -38.46 66.40 43.83
N MET B 91 -39.22 66.79 42.80
CA MET B 91 -40.38 66.01 42.36
C MET B 91 -39.98 64.96 41.34
N GLN B 92 -40.75 63.85 41.31
CA GLN B 92 -40.51 62.74 40.39
C GLN B 92 -41.74 62.39 39.55
N ASP B 93 -42.82 61.90 40.19
CA ASP B 93 -44.07 61.53 39.49
C ASP B 93 -43.78 60.52 38.37
N LEU B 94 -43.16 59.40 38.76
CA LEU B 94 -42.81 58.38 37.76
C LEU B 94 -44.04 57.70 37.16
N GLY B 95 -44.94 57.17 38.00
CA GLY B 95 -46.13 56.47 37.53
C GLY B 95 -47.43 57.20 37.78
N ASP B 96 -47.68 57.48 39.05
CA ASP B 96 -48.80 58.31 39.47
C ASP B 96 -48.46 59.77 39.28
N LYS B 97 -49.48 60.61 39.37
CA LYS B 97 -49.32 62.05 39.25
C LYS B 97 -48.93 62.68 40.58
N LEU B 98 -48.72 61.86 41.63
CA LEU B 98 -48.39 62.30 42.98
C LEU B 98 -47.42 61.30 43.59
N ARG B 99 -46.12 61.52 43.38
CA ARG B 99 -45.06 60.71 44.01
C ARG B 99 -44.12 61.69 44.70
N MET B 100 -44.55 62.25 45.84
CA MET B 100 -43.68 63.18 46.57
C MET B 100 -42.79 62.47 47.57
N ILE B 101 -41.59 63.03 47.78
CA ILE B 101 -40.64 62.54 48.77
C ILE B 101 -40.84 63.37 50.04
N VAL B 102 -40.69 62.72 51.18
CA VAL B 102 -40.84 63.31 52.50
C VAL B 102 -39.66 62.86 53.37
N MET B 103 -39.38 63.66 54.39
CA MET B 103 -38.26 63.45 55.30
C MET B 103 -38.70 63.93 56.67
N GLY B 104 -37.98 63.44 57.70
CA GLY B 104 -38.21 63.85 59.06
C GLY B 104 -37.10 64.70 59.63
N HIS B 105 -37.31 66.01 59.57
CA HIS B 105 -36.31 67.00 59.97
C HIS B 105 -36.76 67.75 61.22
N ARG B 106 -37.88 68.46 61.17
CA ARG B 106 -38.38 69.31 62.27
C ARG B 106 -39.64 68.71 62.90
N ARG B 107 -39.48 68.05 64.06
CA ARG B 107 -40.64 67.60 64.83
C ARG B 107 -41.31 68.76 65.57
N VAL B 108 -42.61 68.62 65.76
CA VAL B 108 -43.41 69.62 66.48
C VAL B 108 -44.64 68.93 67.03
N HIS B 109 -45.14 69.43 68.16
CA HIS B 109 -46.40 68.97 68.74
C HIS B 109 -47.17 70.27 69.01
N ILE B 110 -48.13 70.55 68.14
CA ILE B 110 -48.98 71.71 68.34
C ILE B 110 -49.87 71.48 69.56
N SER B 111 -50.07 72.51 70.38
CA SER B 111 -50.93 72.35 71.55
C SER B 111 -52.36 72.07 71.14
N ARG B 112 -52.78 72.61 69.98
CA ARG B 112 -54.14 72.48 69.47
C ARG B 112 -54.01 72.68 67.95
N GLN B 113 -54.01 71.56 67.24
CA GLN B 113 -53.97 71.56 65.78
C GLN B 113 -55.20 72.23 65.16
N LEU B 114 -56.33 72.19 65.86
CA LEU B 114 -57.55 72.80 65.38
C LEU B 114 -57.39 74.30 65.12
N GLU B 115 -56.55 74.96 65.92
CA GLU B 115 -56.37 76.40 65.75
C GLU B 115 -55.31 76.59 64.67
N MET B 166 -51.27 78.30 61.39
CA MET B 166 -51.47 77.77 62.73
C MET B 166 -50.20 78.00 63.54
N VAL B 167 -50.37 78.38 64.81
CA VAL B 167 -49.22 78.67 65.66
C VAL B 167 -48.41 77.39 65.83
N GLU B 168 -47.09 77.54 65.88
CA GLU B 168 -46.20 76.40 66.04
C GLU B 168 -44.89 76.90 66.62
N VAL B 169 -44.15 75.98 67.22
CA VAL B 169 -42.87 76.28 67.86
C VAL B 169 -42.04 75.02 67.78
N GLU B 170 -40.73 75.21 67.62
CA GLU B 170 -39.78 74.10 67.51
C GLU B 170 -39.42 73.60 68.91
N ASN B 171 -40.42 72.99 69.56
CA ASN B 171 -40.27 72.37 70.88
C ASN B 171 -39.65 70.96 70.74
N VAL B 172 -38.47 70.96 70.13
CA VAL B 172 -37.68 69.73 69.89
C VAL B 172 -36.87 69.55 71.16
N VAL B 173 -37.54 69.06 72.22
CA VAL B 173 -36.87 68.86 73.48
C VAL B 173 -35.75 67.84 73.30
N HIS B 174 -34.64 68.09 73.99
CA HIS B 174 -33.46 67.24 73.95
C HIS B 174 -32.68 67.34 75.27
N GLU B 175 -33.37 67.19 76.40
CA GLU B 175 -32.69 67.27 77.68
C GLU B 175 -31.67 66.14 77.75
N ASP B 176 -30.48 66.40 78.29
CA ASP B 176 -29.47 65.37 78.43
C ASP B 176 -28.66 65.60 79.69
N PHE B 177 -28.21 64.51 80.29
CA PHE B 177 -27.38 64.63 81.46
C PHE B 177 -26.00 65.13 81.02
N GLN B 178 -25.37 65.95 81.87
CA GLN B 178 -24.06 66.49 81.52
C GLN B 178 -23.05 65.37 81.33
N VAL B 179 -23.18 64.32 82.12
CA VAL B 179 -22.31 63.16 82.12
C VAL B 179 -22.82 62.25 81.01
N THR B 180 -22.04 62.14 79.93
CA THR B 180 -22.45 61.35 78.78
C THR B 180 -21.44 60.22 78.70
N GLU B 181 -21.43 59.42 79.78
CA GLU B 181 -20.55 58.27 79.95
C GLU B 181 -21.36 56.99 80.08
N GLU B 182 -22.11 56.82 81.17
CA GLU B 182 -22.96 55.65 81.31
C GLU B 182 -24.23 55.74 80.48
N VAL B 183 -24.62 56.93 80.01
CA VAL B 183 -25.85 57.00 79.21
C VAL B 183 -25.63 56.37 77.85
N LYS B 184 -24.37 56.33 77.36
CA LYS B 184 -24.13 55.65 76.09
C LYS B 184 -23.96 54.16 76.29
N ALA B 185 -23.88 53.67 77.55
CA ALA B 185 -23.75 52.23 77.72
C ALA B 185 -24.99 51.55 77.19
N LEU B 186 -26.15 52.20 77.36
CA LEU B 186 -27.38 51.62 76.86
C LEU B 186 -27.33 51.57 75.34
N THR B 187 -26.63 52.52 74.71
CA THR B 187 -26.55 52.57 73.26
C THR B 187 -25.86 51.33 72.73
N ALA B 188 -24.88 50.81 73.47
CA ALA B 188 -24.20 49.60 73.02
C ALA B 188 -25.17 48.43 73.03
N GLU B 189 -26.08 48.40 74.00
CA GLU B 189 -27.10 47.37 74.01
C GLU B 189 -28.15 47.63 72.93
N ILE B 190 -28.40 48.89 72.60
CA ILE B 190 -29.37 49.22 71.55
C ILE B 190 -28.85 48.75 70.20
N VAL B 191 -27.61 49.08 69.86
CA VAL B 191 -27.05 48.61 68.60
C VAL B 191 -26.89 47.08 68.61
N LYS B 192 -26.54 46.48 69.76
CA LYS B 192 -26.45 45.03 69.80
C LYS B 192 -27.82 44.37 69.63
N THR B 193 -28.87 45.00 70.16
CA THR B 193 -30.22 44.56 69.89
C THR B 193 -30.59 44.74 68.44
N ILE B 194 -30.33 45.92 67.87
CA ILE B 194 -30.66 46.18 66.46
C ILE B 194 -29.91 45.22 65.54
N ARG B 195 -28.68 44.87 65.90
CA ARG B 195 -27.95 43.84 65.17
C ARG B 195 -28.63 42.48 65.31
N ASP B 196 -29.21 42.21 66.48
CA ASP B 196 -29.98 40.99 66.63
C ASP B 196 -31.33 41.06 65.92
N ILE B 197 -31.85 42.27 65.69
CA ILE B 197 -33.13 42.39 65.01
C ILE B 197 -32.92 42.20 63.52
N ILE B 198 -31.82 42.74 62.97
CA ILE B 198 -31.59 42.54 61.55
C ILE B 198 -30.99 41.18 61.26
N ALA B 199 -30.42 40.49 62.27
CA ALA B 199 -29.87 39.15 62.03
C ALA B 199 -30.93 38.06 62.14
N LEU B 200 -31.76 38.10 63.19
CA LEU B 200 -32.84 37.12 63.34
C LEU B 200 -34.12 37.51 62.60
N ASN B 201 -34.35 38.81 62.35
CA ASN B 201 -35.52 39.30 61.61
C ASN B 201 -35.04 40.35 60.61
N PRO B 202 -34.30 39.95 59.57
CA PRO B 202 -33.83 40.95 58.60
C PRO B 202 -34.96 41.67 57.88
N LEU B 203 -34.78 42.99 57.74
CA LEU B 203 -35.73 43.83 57.03
C LEU B 203 -35.05 44.69 55.97
N TYR B 204 -34.00 45.42 56.36
CA TYR B 204 -33.26 46.30 55.47
C TYR B 204 -31.78 45.92 55.38
N ARG B 205 -31.07 46.59 54.48
CA ARG B 205 -29.63 46.38 54.32
C ARG B 205 -28.84 46.91 55.52
N GLU B 206 -27.75 46.20 55.82
CA GLU B 206 -26.83 46.53 56.91
C GLU B 206 -25.76 47.57 56.53
N SER B 207 -25.63 47.94 55.26
CA SER B 207 -24.58 48.86 54.82
C SER B 207 -24.67 50.23 55.47
N VAL B 208 -25.88 50.73 55.75
CA VAL B 208 -25.99 52.04 56.38
C VAL B 208 -25.39 52.00 57.78
N LEU B 209 -25.54 50.88 58.48
CA LEU B 209 -24.91 50.74 59.78
C LEU B 209 -23.39 50.71 59.68
N GLN B 210 -22.85 50.12 58.60
CA GLN B 210 -21.39 50.17 58.44
C GLN B 210 -20.91 51.57 58.10
N MET B 211 -21.76 52.37 57.44
CA MET B 211 -21.35 53.73 57.10
C MET B 211 -21.33 54.61 58.34
N MET B 212 -22.33 54.43 59.20
CA MET B 212 -22.55 55.24 60.39
C MET B 212 -22.22 54.38 61.61
N GLN B 213 -20.98 54.46 62.09
CA GLN B 213 -20.53 53.76 63.28
C GLN B 213 -20.39 54.72 64.46
N ALA B 214 -20.63 54.20 65.67
CA ALA B 214 -20.53 55.02 66.90
C ALA B 214 -19.10 55.46 67.23
N GLY B 215 -18.08 54.72 66.78
CA GLY B 215 -16.68 55.03 67.01
C GLY B 215 -16.10 56.09 66.10
N GLN B 216 -16.85 56.51 65.08
CA GLN B 216 -16.43 57.59 64.21
C GLN B 216 -16.65 58.95 64.85
N ARG B 217 -17.37 59.02 65.98
CA ARG B 217 -17.73 60.27 66.67
C ARG B 217 -18.47 61.23 65.73
N VAL B 218 -19.14 60.68 64.70
CA VAL B 218 -19.97 61.41 63.75
C VAL B 218 -21.45 61.38 64.20
N VAL B 219 -21.73 60.82 65.39
CA VAL B 219 -23.10 60.76 65.89
C VAL B 219 -23.40 62.12 66.51
N ASP B 220 -23.52 63.14 65.65
CA ASP B 220 -23.80 64.49 66.11
C ASP B 220 -25.16 64.62 66.77
N ASN B 221 -26.11 63.72 66.46
CA ASN B 221 -27.48 63.78 66.95
C ASN B 221 -27.86 62.41 67.52
N PRO B 222 -27.42 62.09 68.76
CA PRO B 222 -27.75 60.75 69.27
C PRO B 222 -29.24 60.45 69.37
N ILE B 223 -30.09 61.46 69.66
CA ILE B 223 -31.51 61.19 69.71
C ILE B 223 -32.03 60.78 68.34
N TYR B 224 -31.48 61.39 67.29
CA TYR B 224 -31.83 61.00 65.94
C TYR B 224 -31.32 59.61 65.61
N LEU B 225 -30.14 59.22 66.11
CA LEU B 225 -29.67 57.88 65.82
C LEU B 225 -30.57 56.86 66.50
N SER B 226 -31.02 57.15 67.72
CA SER B 226 -31.96 56.23 68.37
C SER B 226 -33.26 56.17 67.59
N ASP B 227 -33.71 57.30 67.04
CA ASP B 227 -34.95 57.30 66.27
C ASP B 227 -34.80 56.51 64.98
N MET B 228 -33.65 56.63 64.32
CA MET B 228 -33.39 55.84 63.11
C MET B 228 -33.30 54.36 63.44
N GLY B 229 -32.81 54.02 64.63
CA GLY B 229 -32.77 52.62 65.01
C GLY B 229 -34.15 52.10 65.37
N ALA B 230 -34.98 52.96 65.96
CA ALA B 230 -36.36 52.58 66.25
C ALA B 230 -37.21 52.54 65.00
N ALA B 231 -36.81 53.24 63.93
CA ALA B 231 -37.55 53.19 62.67
C ALA B 231 -37.51 51.81 62.03
N LEU B 232 -36.43 51.06 62.24
CA LEU B 232 -36.34 49.71 61.68
C LEU B 232 -37.34 48.75 62.29
N THR B 233 -37.86 49.06 63.48
CA THR B 233 -38.83 48.22 64.16
C THR B 233 -40.12 48.13 63.34
N GLY B 234 -40.75 46.97 63.41
CA GLY B 234 -42.00 46.60 62.80
C GLY B 234 -43.21 46.91 63.66
N ALA B 235 -43.01 47.62 64.77
CA ALA B 235 -44.07 47.89 65.74
C ALA B 235 -45.24 48.65 65.13
N GLU B 236 -46.40 48.40 65.71
CA GLU B 236 -47.66 48.96 65.25
C GLU B 236 -47.63 50.48 65.37
N SER B 237 -48.41 51.15 64.49
CA SER B 237 -48.40 52.61 64.48
C SER B 237 -48.81 53.20 65.82
N HIS B 238 -49.71 52.52 66.54
CA HIS B 238 -50.11 53.01 67.85
C HIS B 238 -48.95 52.96 68.82
N GLU B 239 -48.10 51.94 68.71
CA GLU B 239 -46.90 51.88 69.55
C GLU B 239 -45.95 53.02 69.22
N LEU B 240 -45.87 53.41 67.94
CA LEU B 240 -45.01 54.51 67.57
C LEU B 240 -45.58 55.81 68.14
N GLN B 241 -46.90 55.96 68.10
CA GLN B 241 -47.52 57.13 68.72
C GLN B 241 -47.28 57.16 70.21
N ASP B 242 -47.25 55.98 70.85
CA ASP B 242 -46.99 55.94 72.28
C ASP B 242 -45.54 56.30 72.59
N VAL B 243 -44.61 55.89 71.74
CA VAL B 243 -43.21 56.26 71.99
C VAL B 243 -43.01 57.75 71.75
N LEU B 244 -43.71 58.32 70.76
CA LEU B 244 -43.57 59.75 70.52
C LEU B 244 -44.21 60.60 71.63
N GLU B 245 -45.26 60.10 72.29
CA GLU B 245 -45.90 60.87 73.36
C GLU B 245 -44.98 61.08 74.56
N GLU B 246 -44.07 60.13 74.82
CA GLU B 246 -43.14 60.29 75.93
C GLU B 246 -42.24 61.50 75.71
N THR B 247 -41.98 62.25 76.79
CA THR B 247 -41.13 63.43 76.77
C THR B 247 -39.77 63.20 77.41
N ASN B 248 -39.71 62.57 78.58
CA ASN B 248 -38.43 62.32 79.24
C ASN B 248 -37.59 61.33 78.46
N ILE B 249 -36.29 61.61 78.36
CA ILE B 249 -35.37 60.74 77.61
C ILE B 249 -35.26 59.32 78.17
N PRO B 250 -34.98 59.10 79.47
CA PRO B 250 -34.92 57.71 79.96
C PRO B 250 -36.24 56.95 79.81
N LYS B 251 -37.39 57.61 79.95
CA LYS B 251 -38.65 56.89 79.76
C LYS B 251 -38.80 56.39 78.33
N ARG B 252 -38.52 57.26 77.34
CA ARG B 252 -38.62 56.79 75.96
C ARG B 252 -37.56 55.74 75.65
N LEU B 253 -36.37 55.85 76.26
CA LEU B 253 -35.36 54.82 76.04
C LEU B 253 -35.79 53.49 76.63
N TYR B 254 -36.44 53.52 77.80
CA TYR B 254 -36.93 52.27 78.37
C TYR B 254 -38.11 51.74 77.57
N LYS B 255 -39.03 52.62 77.16
CA LYS B 255 -40.16 52.17 76.36
C LYS B 255 -39.71 51.61 75.02
N ALA B 256 -38.71 52.23 74.41
CA ALA B 256 -38.15 51.70 73.17
C ALA B 256 -37.44 50.37 73.41
N LEU B 257 -36.79 50.23 74.56
CA LEU B 257 -36.14 48.96 74.84
C LEU B 257 -37.16 47.87 75.13
N SER B 258 -38.22 48.22 75.85
CA SER B 258 -39.26 47.25 76.15
C SER B 258 -40.01 46.86 74.89
N LEU B 259 -40.27 47.82 74.01
CA LEU B 259 -40.89 47.50 72.73
C LEU B 259 -39.97 46.66 71.85
N LEU B 260 -38.65 46.90 71.91
CA LEU B 260 -37.77 46.02 71.16
C LEU B 260 -37.84 44.61 71.72
N LYS B 261 -38.00 44.50 73.05
CA LYS B 261 -38.16 43.19 73.66
C LYS B 261 -39.46 42.54 73.22
N LYS B 262 -40.55 43.32 73.19
CA LYS B 262 -41.85 42.77 72.81
C LYS B 262 -41.85 42.34 71.35
N GLU B 263 -41.34 43.18 70.46
CA GLU B 263 -41.40 42.85 69.04
C GLU B 263 -40.43 41.73 68.71
N PHE B 264 -39.24 41.71 69.33
CA PHE B 264 -38.37 40.57 69.12
C PHE B 264 -38.89 39.28 69.72
N GLU B 265 -39.59 39.34 70.87
CA GLU B 265 -40.13 38.10 71.44
C GLU B 265 -41.35 37.59 70.66
N LEU B 266 -42.15 38.50 70.10
CA LEU B 266 -43.22 38.06 69.21
C LEU B 266 -42.66 37.47 67.93
N SER B 267 -41.62 38.10 67.36
CA SER B 267 -40.98 37.56 66.15
C SER B 267 -40.29 36.24 66.47
N LYS B 268 -39.82 36.07 67.71
CA LYS B 268 -39.15 34.83 68.10
C LYS B 268 -40.18 33.73 68.25
N LEU B 269 -41.33 34.04 68.85
CA LEU B 269 -42.37 33.05 68.96
C LEU B 269 -42.89 32.66 67.59
N GLN B 270 -42.96 33.63 66.65
CA GLN B 270 -43.37 33.30 65.29
C GLN B 270 -42.33 32.40 64.62
N GLN B 271 -41.05 32.79 64.72
CA GLN B 271 -39.98 32.00 64.12
C GLN B 271 -39.90 30.60 64.70
N ARG B 272 -40.22 30.46 65.99
CA ARG B 272 -40.19 29.15 66.62
C ARG B 272 -41.39 28.30 66.21
N LEU B 273 -42.58 28.89 66.16
CA LEU B 273 -43.72 28.12 65.67
C LEU B 273 -43.51 27.72 64.22
N GLY B 274 -42.87 28.59 63.44
CA GLY B 274 -42.57 28.26 62.06
C GLY B 274 -41.45 27.25 61.94
N ARG B 275 -40.47 27.31 62.84
CA ARG B 275 -39.40 26.31 62.88
C ARG B 275 -39.97 24.95 63.22
N GLU B 276 -41.01 24.93 64.06
CA GLU B 276 -41.65 23.66 64.39
C GLU B 276 -42.43 23.15 63.20
N VAL B 277 -43.18 24.03 62.51
CA VAL B 277 -43.86 23.62 61.28
C VAL B 277 -42.85 23.17 60.24
N GLU B 278 -41.65 23.76 60.24
CA GLU B 278 -40.62 23.36 59.30
C GLU B 278 -40.14 21.95 59.58
N GLU B 279 -39.80 21.66 60.84
CA GLU B 279 -39.35 20.32 61.18
C GLU B 279 -40.45 19.29 60.93
N LYS B 280 -41.71 19.67 61.18
CA LYS B 280 -42.82 18.77 60.88
C LYS B 280 -43.02 18.55 59.39
N ILE B 281 -42.68 19.53 58.55
CA ILE B 281 -42.69 19.27 57.12
C ILE B 281 -41.46 18.46 56.74
N LYS B 282 -40.34 18.61 57.45
CA LYS B 282 -39.20 17.75 57.20
C LYS B 282 -39.45 16.31 57.62
N GLN B 283 -40.48 16.06 58.47
CA GLN B 283 -40.86 14.68 58.78
C GLN B 283 -41.28 13.90 57.55
N THR B 284 -41.71 14.60 56.49
CA THR B 284 -41.96 13.93 55.22
C THR B 284 -40.68 13.24 54.79
N HIS B 285 -40.83 12.00 54.35
CA HIS B 285 -39.67 11.15 54.16
C HIS B 285 -38.86 11.61 52.96
N ARG B 286 -37.56 11.33 53.02
CA ARG B 286 -36.67 11.63 51.90
C ARG B 286 -37.04 10.87 50.64
N LYS B 287 -37.70 9.72 50.80
CA LYS B 287 -38.17 8.96 49.64
C LYS B 287 -39.12 9.81 48.82
N TYR B 288 -39.95 10.63 49.49
CA TYR B 288 -40.87 11.48 48.74
C TYR B 288 -40.08 12.50 47.92
N LEU B 289 -38.93 12.96 48.43
CA LEU B 289 -38.11 13.90 47.68
C LEU B 289 -37.50 13.20 46.46
N LEU B 290 -36.95 12.02 46.66
CA LEU B 290 -36.42 11.29 45.53
C LEU B 290 -37.53 10.93 44.54
N GLN B 291 -38.74 10.69 45.03
CA GLN B 291 -39.90 10.49 44.17
C GLN B 291 -40.23 11.76 43.39
N GLU B 292 -40.05 12.92 43.99
CA GLU B 292 -40.28 14.15 43.26
C GLU B 292 -39.29 14.27 42.11
N GLN B 293 -38.02 13.97 42.39
CA GLN B 293 -37.06 13.92 41.28
C GLN B 293 -37.39 12.82 40.29
N LEU B 294 -38.00 11.73 40.75
CA LEU B 294 -38.44 10.67 39.84
C LEU B 294 -39.50 11.18 38.88
N LYS B 295 -40.49 11.90 39.40
CA LYS B 295 -41.51 12.45 38.52
C LYS B 295 -40.96 13.54 37.63
N ILE B 296 -39.96 14.29 38.09
CA ILE B 296 -39.35 15.29 37.22
C ILE B 296 -38.63 14.62 36.07
N ILE B 297 -37.94 13.50 36.35
CA ILE B 297 -37.37 12.68 35.29
C ILE B 297 -38.45 12.31 34.28
N LYS B 298 -39.56 11.71 34.77
CA LYS B 298 -40.66 11.26 33.90
C LYS B 298 -41.25 12.41 33.08
N LYS B 299 -41.26 13.61 33.63
CA LYS B 299 -41.85 14.76 32.98
C LYS B 299 -40.89 15.27 31.93
N GLU B 300 -39.63 15.43 32.30
CA GLU B 300 -38.58 15.81 31.39
C GLU B 300 -38.25 14.69 30.40
N LEU B 301 -38.77 13.48 30.62
CA LEU B 301 -38.39 12.28 29.88
C LEU B 301 -39.09 12.25 28.54
N GLY B 302 -38.48 12.89 27.55
CA GLY B 302 -38.87 12.80 26.16
C GLY B 302 -38.13 11.70 25.44
N LEU B 303 -37.36 10.90 26.18
CA LEU B 303 -36.40 9.92 25.68
C LEU B 303 -36.92 8.48 25.77
N GLU B 304 -37.35 7.94 24.63
CA GLU B 304 -37.93 6.59 24.53
C GLU B 304 -36.85 5.58 24.15
N LYS B 305 -36.25 4.93 25.15
CA LYS B 305 -35.25 3.88 24.92
C LYS B 305 -35.96 2.55 24.64
N ASP B 306 -36.52 2.47 23.44
CA ASP B 306 -37.07 1.19 23.02
C ASP B 306 -36.32 0.54 21.86
N ASP B 307 -35.40 1.25 21.22
CA ASP B 307 -34.60 0.61 20.18
C ASP B 307 -33.69 -0.49 20.71
N LYS B 308 -32.87 -0.20 21.73
CA LYS B 308 -31.94 -1.21 22.22
C LYS B 308 -32.66 -2.39 22.83
N ASP B 309 -33.69 -2.15 23.63
CA ASP B 309 -34.42 -3.27 24.21
C ASP B 309 -35.09 -4.09 23.11
N ALA B 310 -35.63 -3.42 22.10
CA ALA B 310 -36.33 -4.16 21.06
C ALA B 310 -35.39 -5.05 20.27
N ILE B 311 -34.20 -4.53 19.91
CA ILE B 311 -33.27 -5.36 19.16
C ILE B 311 -32.76 -6.50 20.03
N GLU B 312 -32.43 -6.21 21.29
CA GLU B 312 -31.90 -7.26 22.15
C GLU B 312 -32.93 -8.35 22.34
N GLU B 313 -34.19 -7.94 22.48
CA GLU B 313 -35.25 -8.92 22.51
C GLU B 313 -35.27 -9.70 21.22
N LYS B 314 -35.15 -9.01 20.09
CA LYS B 314 -35.30 -9.71 18.82
C LYS B 314 -34.18 -10.71 18.61
N PHE B 315 -32.96 -10.37 19.04
CA PHE B 315 -31.89 -11.36 19.02
C PHE B 315 -32.20 -12.51 19.93
N ARG B 316 -32.71 -12.23 21.13
CA ARG B 316 -33.05 -13.31 22.05
C ARG B 316 -34.13 -14.19 21.43
N GLU B 317 -35.04 -13.55 20.72
CA GLU B 317 -36.16 -14.24 20.12
C GLU B 317 -35.70 -15.13 18.98
N ARG B 318 -34.80 -14.63 18.13
CA ARG B 318 -34.26 -15.48 17.08
C ARG B 318 -33.48 -16.64 17.68
N LEU B 319 -32.86 -16.43 18.83
CA LEU B 319 -32.08 -17.47 19.46
C LEU B 319 -32.92 -18.43 20.27
N LYS B 320 -34.22 -18.16 20.45
CA LYS B 320 -35.05 -18.96 21.33
C LYS B 320 -35.08 -20.42 20.91
N GLU B 321 -35.49 -20.68 19.68
CA GLU B 321 -35.80 -22.05 19.31
C GLU B 321 -34.55 -22.91 19.16
N LEU B 322 -33.41 -22.32 18.82
CA LEU B 322 -32.22 -23.12 18.65
C LEU B 322 -31.70 -23.64 19.99
N VAL B 323 -31.05 -24.80 19.94
CA VAL B 323 -30.35 -25.34 21.10
C VAL B 323 -28.92 -24.84 20.99
N VAL B 324 -28.69 -23.67 21.53
CA VAL B 324 -27.42 -22.99 21.36
C VAL B 324 -26.42 -23.63 22.33
N PRO B 325 -25.27 -24.13 21.89
CA PRO B 325 -24.33 -24.70 22.85
C PRO B 325 -23.83 -23.63 23.82
N LYS B 326 -23.51 -24.08 25.04
CA LYS B 326 -23.11 -23.16 26.12
C LYS B 326 -21.86 -22.39 25.74
N HIS B 327 -21.02 -22.97 24.87
CA HIS B 327 -19.85 -22.26 24.42
C HIS B 327 -20.22 -20.94 23.76
N VAL B 328 -21.38 -20.89 23.12
CA VAL B 328 -21.82 -19.70 22.43
C VAL B 328 -22.59 -18.79 23.37
N MET B 329 -23.51 -19.39 24.16
CA MET B 329 -24.54 -18.62 24.87
C MET B 329 -23.94 -17.57 25.76
N ASP B 330 -22.83 -17.90 26.39
CA ASP B 330 -22.17 -16.95 27.25
C ASP B 330 -21.62 -15.78 26.46
N VAL B 331 -20.99 -16.06 25.31
CA VAL B 331 -20.40 -15.00 24.52
C VAL B 331 -21.47 -14.08 23.98
N VAL B 332 -22.51 -14.69 23.41
CA VAL B 332 -23.59 -13.88 22.85
C VAL B 332 -24.29 -13.07 23.92
N ASP B 333 -24.43 -13.62 25.12
CA ASP B 333 -25.17 -12.88 26.12
C ASP B 333 -24.36 -11.71 26.65
N GLU B 334 -23.09 -11.96 27.00
CA GLU B 334 -22.29 -10.87 27.51
C GLU B 334 -22.08 -9.79 26.47
N GLU B 335 -21.93 -10.20 25.22
CA GLU B 335 -21.82 -9.22 24.16
C GLU B 335 -23.12 -8.45 24.03
N LEU B 336 -24.24 -9.14 24.26
CA LEU B 336 -25.52 -8.47 24.16
C LEU B 336 -25.62 -7.42 25.23
N SER B 337 -25.02 -7.69 26.38
CA SER B 337 -24.98 -6.72 27.45
C SER B 337 -24.15 -5.51 27.03
N LYS B 338 -22.98 -5.77 26.44
CA LYS B 338 -22.13 -4.66 25.98
C LYS B 338 -22.86 -3.81 24.97
N LEU B 339 -23.67 -4.44 24.13
CA LEU B 339 -24.49 -3.68 23.21
C LEU B 339 -25.52 -2.87 23.97
N GLY B 340 -26.00 -3.38 25.10
CA GLY B 340 -26.99 -2.64 25.83
C GLY B 340 -26.41 -1.44 26.53
N LEU B 341 -25.10 -1.44 26.77
CA LEU B 341 -24.53 -0.28 27.45
C LEU B 341 -24.37 0.87 26.48
N LEU B 342 -23.74 0.61 25.34
CA LEU B 342 -23.18 1.70 24.55
C LEU B 342 -24.26 2.44 23.76
N ASP B 343 -23.95 3.70 23.45
CA ASP B 343 -24.84 4.53 22.67
C ASP B 343 -25.01 4.05 21.24
N ASN B 344 -26.24 4.20 20.77
CA ASN B 344 -26.71 3.61 19.54
C ASN B 344 -25.94 4.14 18.33
N HIS B 345 -25.58 5.42 18.38
CA HIS B 345 -24.93 6.07 17.26
C HIS B 345 -23.43 5.83 17.21
N SER B 346 -22.85 5.25 18.25
CA SER B 346 -21.41 5.13 18.36
C SER B 346 -20.86 4.37 17.17
N SER B 347 -19.78 4.88 16.59
CA SER B 347 -19.30 4.32 15.33
C SER B 347 -18.90 2.86 15.52
N GLU B 348 -18.40 2.53 16.70
CA GLU B 348 -18.07 1.15 17.01
C GLU B 348 -19.30 0.28 17.08
N PHE B 349 -20.43 0.82 17.52
CA PHE B 349 -21.60 0.02 17.89
C PHE B 349 -22.09 -0.81 16.72
N ASN B 350 -21.98 -0.28 15.51
CA ASN B 350 -22.43 -0.99 14.34
C ASN B 350 -21.73 -2.33 14.18
N VAL B 351 -20.40 -2.37 14.39
CA VAL B 351 -19.67 -3.62 14.16
C VAL B 351 -20.22 -4.70 15.07
N THR B 352 -20.56 -4.31 16.30
CA THR B 352 -21.08 -5.30 17.22
C THR B 352 -22.48 -5.71 16.83
N ARG B 353 -23.31 -4.75 16.40
CA ARG B 353 -24.64 -5.13 15.93
C ARG B 353 -24.56 -6.05 14.73
N ASN B 354 -23.48 -5.97 13.97
CA ASN B 354 -23.31 -6.91 12.88
C ASN B 354 -22.91 -8.25 13.41
N TYR B 355 -21.99 -8.23 14.36
CA TYR B 355 -21.43 -9.47 14.86
C TYR B 355 -22.55 -10.33 15.42
N LEU B 356 -23.31 -9.73 16.33
CA LEU B 356 -24.41 -10.45 16.93
C LEU B 356 -25.45 -10.83 15.89
N ASP B 357 -25.68 -9.95 14.90
CA ASP B 357 -26.70 -10.25 13.92
C ASP B 357 -26.34 -11.51 13.12
N TRP B 358 -25.04 -11.77 12.98
CA TRP B 358 -24.62 -13.05 12.40
C TRP B 358 -24.69 -14.17 13.40
N LEU B 359 -24.21 -13.92 14.61
CA LEU B 359 -24.03 -15.01 15.55
C LEU B 359 -25.35 -15.62 15.95
N THR B 360 -26.41 -14.83 16.00
CA THR B 360 -27.72 -15.36 16.31
C THR B 360 -28.46 -15.88 15.11
N SER B 361 -27.97 -15.64 13.90
CA SER B 361 -28.73 -16.05 12.72
C SER B 361 -28.45 -17.49 12.33
N ILE B 362 -27.19 -17.88 12.37
CA ILE B 362 -26.79 -19.19 11.83
C ILE B 362 -27.40 -20.31 12.68
N PRO B 363 -28.01 -21.33 12.07
CA PRO B 363 -28.69 -22.36 12.85
C PRO B 363 -27.75 -23.15 13.75
N TRP B 364 -28.28 -23.54 14.91
CA TRP B 364 -27.54 -24.31 15.90
C TRP B 364 -28.30 -25.59 16.20
N GLY B 365 -28.06 -26.60 15.38
CA GLY B 365 -28.65 -27.90 15.55
C GLY B 365 -29.96 -28.11 14.84
N LYS B 366 -30.55 -27.09 14.26
CA LYS B 366 -31.68 -27.33 13.37
C LYS B 366 -31.24 -28.19 12.21
N TYR B 367 -32.00 -29.23 11.92
CA TYR B 367 -31.58 -30.27 10.98
C TYR B 367 -32.70 -30.45 9.98
N SER B 368 -32.41 -30.22 8.72
CA SER B 368 -33.40 -30.50 7.70
C SER B 368 -33.63 -31.99 7.69
N ASN B 369 -34.76 -32.42 8.24
CA ASN B 369 -35.01 -33.84 8.37
C ASN B 369 -35.03 -34.50 7.02
N GLU B 370 -34.34 -35.63 6.93
CA GLU B 370 -34.16 -36.36 5.71
C GLU B 370 -35.01 -37.61 5.70
N ASN B 371 -35.57 -37.91 4.55
CA ASN B 371 -36.30 -39.15 4.39
C ASN B 371 -35.34 -40.28 4.68
N LEU B 372 -35.88 -41.37 5.19
CA LEU B 372 -35.12 -42.54 5.59
C LEU B 372 -35.38 -43.76 4.72
N ASP B 373 -36.63 -44.09 4.37
CA ASP B 373 -36.87 -45.31 3.61
C ASP B 373 -36.23 -45.19 2.23
N LEU B 374 -35.56 -46.24 1.79
CA LEU B 374 -34.84 -46.13 0.53
C LEU B 374 -35.71 -46.43 -0.66
N ALA B 375 -36.84 -47.12 -0.45
CA ALA B 375 -37.66 -47.53 -1.56
C ALA B 375 -38.12 -46.32 -2.35
N ARG B 376 -38.65 -45.34 -1.64
CA ARG B 376 -39.06 -44.12 -2.32
C ARG B 376 -37.86 -43.38 -2.89
N ALA B 377 -36.73 -43.44 -2.20
CA ALA B 377 -35.56 -42.70 -2.65
C ALA B 377 -35.04 -43.23 -3.97
N GLN B 378 -35.19 -44.54 -4.20
CA GLN B 378 -34.73 -45.15 -5.43
C GLN B 378 -35.27 -44.46 -6.64
N ALA B 379 -36.58 -44.20 -6.63
CA ALA B 379 -37.23 -43.69 -7.81
C ALA B 379 -36.69 -42.32 -8.15
N VAL B 380 -36.60 -41.44 -7.16
CA VAL B 380 -36.11 -40.11 -7.45
C VAL B 380 -34.64 -40.16 -7.82
N LEU B 381 -33.91 -41.17 -7.38
CA LEU B 381 -32.52 -41.23 -7.77
C LEU B 381 -32.38 -41.63 -9.23
N GLU B 382 -33.16 -42.62 -9.66
CA GLU B 382 -33.03 -43.10 -11.03
C GLU B 382 -33.77 -42.27 -12.05
N GLU B 383 -34.63 -41.36 -11.64
CA GLU B 383 -35.55 -40.78 -12.59
C GLU B 383 -34.86 -39.90 -13.61
N ASP B 384 -33.69 -39.31 -13.28
CA ASP B 384 -33.03 -38.38 -14.20
C ASP B 384 -31.51 -38.66 -14.29
N HIS B 385 -31.11 -39.92 -14.31
CA HIS B 385 -29.76 -40.33 -14.65
C HIS B 385 -29.83 -41.78 -15.06
N TYR B 386 -28.71 -42.27 -15.56
CA TYR B 386 -28.67 -43.64 -16.01
C TYR B 386 -27.24 -44.11 -15.82
N GLY B 387 -27.09 -45.39 -15.56
CA GLY B 387 -25.77 -45.92 -15.28
C GLY B 387 -25.24 -45.38 -13.97
N MET B 388 -23.92 -45.33 -13.86
CA MET B 388 -23.24 -44.83 -12.65
C MET B 388 -23.70 -45.63 -11.45
N GLU B 389 -23.85 -46.94 -11.66
CA GLU B 389 -24.51 -47.79 -10.70
C GLU B 389 -23.79 -47.82 -9.37
N ASP B 390 -22.46 -47.73 -9.38
CA ASP B 390 -21.72 -47.83 -8.13
C ASP B 390 -22.01 -46.64 -7.24
N VAL B 391 -22.14 -45.46 -7.83
CA VAL B 391 -22.41 -44.28 -7.03
C VAL B 391 -23.78 -44.38 -6.42
N LYS B 392 -24.77 -44.83 -7.19
CA LYS B 392 -26.09 -44.96 -6.63
C LYS B 392 -26.08 -46.00 -5.53
N LYS B 393 -25.26 -47.03 -5.69
CA LYS B 393 -25.13 -48.02 -4.63
C LYS B 393 -24.51 -47.40 -3.40
N ARG B 394 -23.56 -46.49 -3.58
CA ARG B 394 -22.96 -45.86 -2.42
C ARG B 394 -23.99 -45.03 -1.68
N ILE B 395 -24.79 -44.28 -2.41
CA ILE B 395 -25.76 -43.43 -1.74
C ILE B 395 -26.78 -44.30 -1.04
N LEU B 396 -27.06 -45.47 -1.59
CA LEU B 396 -27.97 -46.35 -0.89
C LEU B 396 -27.34 -46.88 0.39
N GLU B 397 -26.05 -47.22 0.33
CA GLU B 397 -25.35 -47.61 1.54
C GLU B 397 -25.44 -46.52 2.58
N PHE B 398 -25.29 -45.28 2.15
CA PHE B 398 -25.23 -44.19 3.10
C PHE B 398 -26.57 -44.04 3.80
N ILE B 399 -27.64 -44.01 3.03
CA ILE B 399 -28.95 -43.85 3.66
C ILE B 399 -29.24 -45.05 4.55
N ALA B 400 -28.79 -46.24 4.15
CA ALA B 400 -29.04 -47.42 4.96
C ALA B 400 -28.37 -47.30 6.31
N VAL B 401 -27.07 -47.00 6.31
CA VAL B 401 -26.38 -46.92 7.58
C VAL B 401 -26.91 -45.78 8.45
N SER B 402 -27.27 -44.66 7.83
CA SER B 402 -27.81 -43.58 8.65
C SER B 402 -29.14 -43.97 9.25
N GLN B 403 -29.94 -44.74 8.53
CA GLN B 403 -31.20 -45.19 9.08
C GLN B 403 -30.96 -46.20 10.18
N LEU B 404 -29.82 -46.88 10.15
CA LEU B 404 -29.63 -47.97 11.09
C LEU B 404 -29.21 -47.41 12.43
N ARG B 405 -28.34 -46.41 12.42
CA ARG B 405 -27.83 -45.88 13.68
C ARG B 405 -28.72 -44.77 14.21
N GLY B 406 -29.75 -44.36 13.45
CA GLY B 406 -30.66 -43.30 13.85
C GLY B 406 -30.32 -41.93 13.30
N SER B 407 -29.66 -41.10 14.10
CA SER B 407 -29.42 -39.71 13.72
C SER B 407 -28.58 -39.59 12.45
N THR B 408 -28.89 -38.57 11.66
CA THR B 408 -28.17 -38.32 10.43
C THR B 408 -26.73 -37.98 10.69
N GLN B 409 -25.87 -38.37 9.77
CA GLN B 409 -24.45 -38.12 9.92
C GLN B 409 -23.78 -38.13 8.56
N GLY B 410 -22.76 -37.28 8.41
CA GLY B 410 -22.18 -37.02 7.12
C GLY B 410 -20.88 -37.78 6.90
N LYS B 411 -20.17 -37.39 5.85
CA LYS B 411 -19.01 -38.10 5.34
C LYS B 411 -18.25 -37.12 4.45
N ILE B 412 -17.30 -37.61 3.67
CA ILE B 412 -16.69 -36.87 2.58
C ILE B 412 -16.44 -37.86 1.44
N LEU B 413 -16.70 -37.43 0.21
CA LEU B 413 -16.53 -38.25 -0.97
C LEU B 413 -15.89 -37.43 -2.07
N CYS B 414 -15.33 -38.14 -3.05
CA CYS B 414 -14.67 -37.48 -4.18
C CYS B 414 -14.78 -38.36 -5.41
N PHE B 415 -15.70 -38.00 -6.27
CA PHE B 415 -15.78 -38.63 -7.56
C PHE B 415 -14.65 -38.11 -8.41
N TYR B 416 -14.28 -38.87 -9.42
CA TYR B 416 -13.30 -38.36 -10.37
C TYR B 416 -13.39 -39.20 -11.62
N GLY B 417 -13.19 -38.54 -12.76
CA GLY B 417 -13.28 -39.22 -14.03
C GLY B 417 -13.21 -38.31 -15.24
N PRO B 418 -13.34 -38.90 -16.42
CA PRO B 418 -13.22 -38.13 -17.65
C PRO B 418 -14.32 -37.09 -17.76
N PRO B 419 -14.04 -35.95 -18.39
CA PRO B 419 -15.01 -34.85 -18.39
C PRO B 419 -16.30 -35.23 -19.07
N GLY B 420 -17.39 -34.67 -18.57
CA GLY B 420 -18.67 -34.89 -19.18
C GLY B 420 -19.32 -36.19 -18.81
N VAL B 421 -18.80 -36.89 -17.81
CA VAL B 421 -19.43 -38.15 -17.39
C VAL B 421 -20.66 -37.88 -16.56
N GLY B 422 -20.86 -36.66 -16.06
CA GLY B 422 -21.97 -36.32 -15.19
C GLY B 422 -21.62 -36.04 -13.78
N LYS B 423 -20.36 -35.74 -13.49
CA LYS B 423 -19.97 -35.56 -12.10
C LYS B 423 -20.71 -34.42 -11.46
N THR B 424 -21.07 -33.41 -12.23
CA THR B 424 -21.63 -32.20 -11.70
C THR B 424 -23.14 -32.20 -11.75
N SER B 425 -23.74 -33.00 -12.63
CA SER B 425 -25.18 -33.05 -12.71
C SER B 425 -25.86 -33.94 -11.69
N ILE B 426 -25.13 -34.80 -10.99
CA ILE B 426 -25.79 -35.70 -10.04
C ILE B 426 -26.04 -35.08 -8.69
N ALA B 427 -25.21 -34.13 -8.26
CA ALA B 427 -25.32 -33.61 -6.92
C ALA B 427 -26.69 -33.03 -6.64
N ARG B 428 -27.24 -32.28 -7.59
CA ARG B 428 -28.56 -31.71 -7.36
C ARG B 428 -29.60 -32.79 -7.23
N SER B 429 -29.47 -33.83 -8.02
CA SER B 429 -30.45 -34.90 -7.92
C SER B 429 -30.34 -35.60 -6.58
N ILE B 430 -29.12 -35.77 -6.08
CA ILE B 430 -28.96 -36.39 -4.78
C ILE B 430 -29.57 -35.52 -3.71
N ALA B 431 -29.40 -34.20 -3.82
CA ALA B 431 -29.99 -33.31 -2.85
C ALA B 431 -31.49 -33.43 -2.87
N ARG B 432 -32.04 -33.67 -4.05
CA ARG B 432 -33.46 -33.89 -4.14
C ARG B 432 -33.85 -35.23 -3.55
N ALA B 433 -32.94 -36.19 -3.52
CA ALA B 433 -33.30 -37.51 -3.01
C ALA B 433 -33.28 -37.54 -1.49
N LEU B 434 -32.13 -37.26 -0.91
CA LEU B 434 -32.02 -37.22 0.54
C LEU B 434 -32.87 -36.14 1.17
N ASN B 435 -33.18 -35.08 0.43
CA ASN B 435 -34.03 -33.98 0.79
C ASN B 435 -33.27 -32.95 1.61
N ARG B 436 -31.97 -33.08 1.85
CA ARG B 436 -31.26 -31.96 2.45
C ARG B 436 -31.01 -30.90 1.38
N GLU B 437 -30.95 -29.65 1.84
CA GLU B 437 -30.91 -28.49 0.95
C GLU B 437 -29.61 -28.38 0.17
N TYR B 438 -29.71 -27.82 -1.03
CA TYR B 438 -28.63 -27.87 -1.99
C TYR B 438 -27.80 -26.59 -1.88
N PHE B 439 -26.60 -26.65 -2.43
CA PHE B 439 -25.73 -25.51 -2.55
C PHE B 439 -24.75 -25.85 -3.67
N ARG B 440 -23.90 -24.91 -4.02
CA ARG B 440 -22.79 -25.14 -4.90
C ARG B 440 -21.76 -24.06 -4.62
N PHE B 441 -20.51 -24.42 -4.81
CA PHE B 441 -19.38 -23.61 -4.37
C PHE B 441 -18.22 -23.98 -5.28
N SER B 442 -18.12 -23.31 -6.42
CA SER B 442 -16.98 -23.54 -7.27
C SER B 442 -15.71 -22.98 -6.66
N VAL B 443 -14.63 -23.73 -6.78
CA VAL B 443 -13.31 -23.31 -6.33
C VAL B 443 -12.33 -23.45 -7.48
N GLY B 444 -12.79 -23.30 -8.72
CA GLY B 444 -11.88 -23.42 -9.84
C GLY B 444 -10.90 -22.28 -9.82
N GLY B 445 -9.61 -22.59 -9.74
CA GLY B 445 -8.58 -21.60 -9.93
C GLY B 445 -8.43 -20.58 -8.83
N MET B 446 -9.23 -20.66 -7.77
CA MET B 446 -9.16 -19.66 -6.70
C MET B 446 -7.81 -19.69 -6.02
N THR B 447 -7.36 -18.50 -5.55
CA THR B 447 -6.07 -18.34 -4.90
C THR B 447 -6.13 -17.36 -3.72
N ASP B 448 -7.25 -17.32 -2.99
CA ASP B 448 -7.41 -16.35 -1.90
C ASP B 448 -8.08 -17.06 -0.73
N VAL B 449 -7.32 -17.25 0.36
CA VAL B 449 -7.83 -17.95 1.52
C VAL B 449 -8.99 -17.26 2.20
N ALA B 450 -9.14 -15.94 2.01
CA ALA B 450 -10.18 -15.23 2.74
C ALA B 450 -11.57 -15.76 2.46
N GLU B 451 -11.77 -16.25 1.23
CA GLU B 451 -13.08 -16.77 0.86
C GLU B 451 -13.44 -17.98 1.69
N ILE B 452 -12.43 -18.77 2.07
CA ILE B 452 -12.69 -19.93 2.89
C ILE B 452 -12.62 -19.62 4.38
N LYS B 453 -12.14 -18.41 4.77
CA LYS B 453 -11.90 -18.16 6.18
C LYS B 453 -12.33 -16.77 6.66
N GLY B 454 -12.98 -15.97 5.80
CA GLY B 454 -13.53 -14.75 6.29
C GLY B 454 -12.43 -13.79 6.68
N HIS B 455 -12.79 -12.86 7.57
CA HIS B 455 -11.84 -11.87 7.99
C HIS B 455 -12.11 -11.49 9.45
N ARG B 456 -11.13 -10.81 10.00
CA ARG B 456 -10.91 -10.75 11.44
C ARG B 456 -11.82 -9.75 12.14
N ARG B 457 -12.64 -8.99 11.41
CA ARG B 457 -13.68 -8.09 11.92
C ARG B 457 -13.14 -6.76 12.41
N THR B 458 -11.84 -6.59 12.57
CA THR B 458 -11.37 -5.23 12.79
C THR B 458 -11.22 -4.49 11.49
N TYR B 459 -11.08 -5.20 10.39
CA TYR B 459 -11.09 -4.57 9.09
C TYR B 459 -12.51 -4.12 8.77
N VAL B 460 -12.61 -2.96 8.12
CA VAL B 460 -13.92 -2.45 7.78
C VAL B 460 -14.56 -3.39 6.78
N GLY B 461 -15.84 -3.68 7.00
CA GLY B 461 -16.60 -4.47 6.05
C GLY B 461 -16.23 -5.93 5.98
N ALA B 462 -15.57 -6.47 6.99
CA ALA B 462 -15.27 -7.89 6.98
C ALA B 462 -16.57 -8.65 7.12
N MET B 463 -16.67 -9.79 6.44
CA MET B 463 -17.80 -10.68 6.52
C MET B 463 -17.25 -12.08 6.64
N PRO B 464 -17.97 -12.99 7.29
CA PRO B 464 -17.44 -14.33 7.45
C PRO B 464 -17.26 -15.00 6.10
N GLY B 465 -16.30 -15.92 6.04
CA GLY B 465 -15.97 -16.70 4.85
C GLY B 465 -17.20 -17.30 4.21
N LYS B 466 -17.12 -17.70 2.93
CA LYS B 466 -18.33 -18.04 2.21
C LYS B 466 -19.10 -19.21 2.82
N ILE B 467 -18.44 -20.06 3.60
CA ILE B 467 -19.14 -21.19 4.16
C ILE B 467 -20.25 -20.71 5.08
N ILE B 468 -19.98 -19.69 5.90
CA ILE B 468 -21.02 -19.21 6.78
C ILE B 468 -22.12 -18.55 5.99
N GLN B 469 -21.76 -17.89 4.89
CA GLN B 469 -22.76 -17.27 4.06
C GLN B 469 -23.69 -18.32 3.50
N CYS B 470 -23.13 -19.49 3.18
CA CYS B 470 -23.97 -20.59 2.74
C CYS B 470 -24.87 -21.03 3.87
N LEU B 471 -24.26 -21.27 5.02
CA LEU B 471 -24.98 -21.82 6.15
C LEU B 471 -26.05 -20.88 6.67
N LYS B 472 -25.96 -19.60 6.36
CA LYS B 472 -27.04 -18.70 6.70
C LYS B 472 -28.08 -18.73 5.62
N LYS B 473 -27.63 -18.75 4.36
CA LYS B 473 -28.58 -18.70 3.27
C LYS B 473 -29.50 -19.92 3.27
N THR B 474 -28.96 -21.08 3.65
CA THR B 474 -29.74 -22.29 3.86
C THR B 474 -29.94 -22.49 5.36
N LYS B 475 -31.19 -22.46 5.79
CA LYS B 475 -31.47 -22.46 7.22
C LYS B 475 -30.96 -23.71 7.91
N THR B 476 -30.83 -24.82 7.18
CA THR B 476 -30.44 -26.08 7.80
C THR B 476 -29.04 -25.98 8.34
N GLU B 477 -28.66 -27.00 9.11
CA GLU B 477 -27.31 -27.08 9.63
C GLU B 477 -26.46 -28.02 8.81
N ASN B 478 -27.07 -28.90 8.01
CA ASN B 478 -26.34 -29.92 7.28
C ASN B 478 -26.75 -29.90 5.81
N PRO B 479 -26.38 -28.85 5.09
CA PRO B 479 -26.61 -28.82 3.65
C PRO B 479 -25.60 -29.66 2.93
N LEU B 480 -25.94 -29.98 1.69
CA LEU B 480 -25.07 -30.72 0.79
C LEU B 480 -24.18 -29.72 0.07
N ILE B 481 -23.08 -29.35 0.72
CA ILE B 481 -22.07 -28.52 0.07
C ILE B 481 -21.58 -29.27 -1.15
N LEU B 482 -21.21 -28.52 -2.19
CA LEU B 482 -20.66 -29.09 -3.41
C LEU B 482 -19.45 -28.28 -3.83
N ILE B 483 -18.29 -28.63 -3.31
CA ILE B 483 -17.07 -28.08 -3.87
C ILE B 483 -16.97 -28.63 -5.27
N ASP B 484 -16.30 -27.90 -6.17
CA ASP B 484 -16.24 -28.31 -7.56
C ASP B 484 -14.84 -28.06 -8.10
N GLU B 485 -14.40 -28.95 -8.98
CA GLU B 485 -13.10 -28.86 -9.62
C GLU B 485 -11.94 -28.74 -8.64
N VAL B 486 -11.91 -29.64 -7.65
CA VAL B 486 -10.92 -29.52 -6.58
C VAL B 486 -9.52 -29.62 -7.15
N ASP B 487 -9.32 -30.37 -8.22
CA ASP B 487 -7.98 -30.65 -8.69
C ASP B 487 -7.40 -29.48 -9.48
N LYS B 488 -8.23 -28.52 -9.87
CA LYS B 488 -7.78 -27.32 -10.57
C LYS B 488 -7.53 -26.15 -9.62
N ILE B 489 -7.61 -26.38 -8.31
CA ILE B 489 -7.28 -25.32 -7.37
C ILE B 489 -5.86 -24.85 -7.60
N GLY B 490 -5.66 -23.54 -7.63
CA GLY B 490 -4.39 -22.99 -8.01
C GLY B 490 -3.41 -22.90 -6.86
N ARG B 491 -2.15 -22.65 -7.21
CA ARG B 491 -1.10 -22.34 -6.24
C ARG B 491 -0.97 -20.83 -6.26
N GLY B 492 -1.38 -20.19 -5.17
CA GLY B 492 -1.55 -18.75 -5.18
C GLY B 492 -0.37 -17.94 -4.73
N TYR B 493 0.84 -18.52 -4.60
CA TYR B 493 2.13 -17.89 -4.29
C TYR B 493 2.13 -17.07 -2.98
N GLN B 494 1.08 -17.14 -2.17
CA GLN B 494 1.01 -16.58 -0.83
C GLN B 494 -0.26 -17.13 -0.21
N GLY B 495 -0.11 -17.99 0.80
CA GLY B 495 -1.23 -18.67 1.43
C GLY B 495 -2.18 -19.32 0.42
N ASP B 496 -1.70 -20.32 -0.30
CA ASP B 496 -2.55 -21.01 -1.26
C ASP B 496 -3.70 -21.68 -0.51
N PRO B 497 -4.95 -21.58 -1.01
CA PRO B 497 -6.08 -22.07 -0.22
C PRO B 497 -6.02 -23.54 0.14
N SER B 498 -5.34 -24.36 -0.67
CA SER B 498 -5.35 -25.82 -0.47
C SER B 498 -4.86 -26.22 0.91
N SER B 499 -4.03 -25.40 1.54
CA SER B 499 -3.62 -25.70 2.90
C SER B 499 -4.80 -25.56 3.84
N ALA B 500 -5.54 -24.46 3.71
CA ALA B 500 -6.63 -24.18 4.64
C ALA B 500 -7.68 -25.27 4.56
N LEU B 501 -7.87 -25.84 3.36
CA LEU B 501 -8.87 -26.86 3.17
C LEU B 501 -8.58 -28.07 4.04
N LEU B 502 -7.30 -28.30 4.37
CA LEU B 502 -6.96 -29.44 5.18
C LEU B 502 -7.63 -29.34 6.54
N GLU B 503 -7.79 -28.14 7.06
CA GLU B 503 -8.52 -28.04 8.32
C GLU B 503 -9.98 -28.35 8.12
N LEU B 504 -10.51 -28.11 6.93
CA LEU B 504 -11.94 -28.23 6.74
C LEU B 504 -12.38 -29.65 6.44
N LEU B 505 -11.51 -30.45 5.82
CA LEU B 505 -11.87 -31.77 5.29
C LEU B 505 -11.35 -32.91 6.15
N ASP B 506 -10.75 -32.62 7.29
CA ASP B 506 -10.30 -33.67 8.17
C ASP B 506 -11.53 -34.46 8.60
N PRO B 507 -11.56 -35.80 8.48
CA PRO B 507 -12.79 -36.53 8.83
C PRO B 507 -13.24 -36.31 10.25
N GLU B 508 -12.28 -36.10 11.16
CA GLU B 508 -12.54 -35.94 12.58
C GLU B 508 -12.34 -34.52 13.09
N GLN B 509 -11.28 -33.83 12.69
CA GLN B 509 -11.07 -32.48 13.19
C GLN B 509 -12.11 -31.50 12.68
N ASN B 510 -12.82 -31.84 11.59
CA ASN B 510 -13.81 -30.92 11.01
C ASN B 510 -14.84 -30.50 12.05
N ALA B 511 -15.08 -31.33 13.06
CA ALA B 511 -16.12 -31.04 14.03
C ALA B 511 -15.83 -29.80 14.88
N ASN B 512 -14.65 -29.15 14.75
CA ASN B 512 -14.27 -27.97 15.52
C ASN B 512 -13.69 -26.93 14.60
N PHE B 513 -14.36 -26.67 13.48
CA PHE B 513 -13.92 -25.58 12.61
C PHE B 513 -13.98 -24.25 13.33
N LEU B 514 -13.04 -23.37 12.96
CA LEU B 514 -12.69 -22.15 13.69
C LEU B 514 -12.49 -20.93 12.78
N ASP B 515 -13.49 -20.64 11.96
CA ASP B 515 -13.44 -19.50 11.05
C ASP B 515 -13.23 -18.17 11.80
N HIS B 516 -12.49 -17.26 11.16
CA HIS B 516 -11.96 -16.11 11.90
C HIS B 516 -13.06 -15.19 12.39
N TYR B 517 -13.99 -14.81 11.50
CA TYR B 517 -14.88 -13.67 11.73
C TYR B 517 -15.65 -13.92 13.00
N LEU B 518 -16.56 -14.89 12.98
CA LEU B 518 -17.16 -15.31 14.23
C LEU B 518 -16.19 -16.31 14.81
N ASP B 519 -15.61 -15.97 15.94
CA ASP B 519 -14.41 -16.67 16.36
C ASP B 519 -14.76 -17.94 17.14
N VAL B 520 -16.02 -18.14 17.52
CA VAL B 520 -16.35 -19.36 18.26
C VAL B 520 -16.24 -20.55 17.32
N PRO B 521 -15.59 -21.66 17.69
CA PRO B 521 -15.55 -22.78 16.76
C PRO B 521 -16.96 -23.27 16.53
N VAL B 522 -17.25 -23.70 15.32
CA VAL B 522 -18.58 -24.19 14.96
C VAL B 522 -18.42 -25.63 14.55
N ASP B 523 -19.36 -26.48 14.98
CA ASP B 523 -19.33 -27.85 14.52
C ASP B 523 -19.85 -27.98 13.10
N LEU B 524 -19.32 -28.98 12.41
CA LEU B 524 -19.69 -29.17 11.03
C LEU B 524 -19.79 -30.63 10.63
N SER B 525 -19.64 -31.56 11.57
CA SER B 525 -19.49 -32.97 11.24
C SER B 525 -20.67 -33.51 10.45
N LYS B 526 -21.84 -32.94 10.65
CA LYS B 526 -23.01 -33.46 9.99
C LYS B 526 -22.99 -33.23 8.48
N VAL B 527 -22.29 -32.20 8.01
CA VAL B 527 -22.34 -31.82 6.60
C VAL B 527 -21.83 -32.96 5.74
N LEU B 528 -22.34 -33.06 4.51
CA LEU B 528 -21.99 -34.10 3.57
C LEU B 528 -21.28 -33.49 2.38
N PHE B 529 -19.97 -33.32 2.49
CA PHE B 529 -19.21 -32.75 1.41
C PHE B 529 -19.16 -33.69 0.21
N ILE B 530 -18.94 -33.12 -0.96
CA ILE B 530 -18.66 -33.87 -2.16
C ILE B 530 -17.69 -33.03 -2.96
N CYS B 531 -16.87 -33.68 -3.78
CA CYS B 531 -15.92 -32.99 -4.64
C CYS B 531 -16.04 -33.54 -6.03
N THR B 532 -15.20 -33.04 -6.92
CA THR B 532 -15.05 -33.56 -8.28
C THR B 532 -13.68 -33.19 -8.75
N ALA B 533 -13.14 -34.03 -9.62
CA ALA B 533 -11.78 -33.85 -10.09
C ALA B 533 -11.64 -34.63 -11.38
N ASN B 534 -11.31 -33.94 -12.47
CA ASN B 534 -11.18 -34.67 -13.72
C ASN B 534 -10.03 -35.67 -13.66
N VAL B 535 -9.01 -35.39 -12.87
CA VAL B 535 -7.87 -36.28 -12.71
C VAL B 535 -7.27 -36.05 -11.34
N THR B 536 -6.79 -37.12 -10.72
CA THR B 536 -6.43 -37.13 -9.30
C THR B 536 -4.94 -37.07 -9.05
N ASP B 537 -4.21 -36.25 -9.82
CA ASP B 537 -2.78 -36.07 -9.61
C ASP B 537 -2.45 -34.71 -9.03
N THR B 538 -3.15 -33.66 -9.45
CA THR B 538 -2.84 -32.33 -8.97
C THR B 538 -3.07 -32.17 -7.47
N ILE B 539 -3.94 -32.98 -6.90
CA ILE B 539 -4.42 -32.78 -5.54
C ILE B 539 -3.25 -32.96 -4.58
N PRO B 540 -3.02 -32.07 -3.60
CA PRO B 540 -1.94 -32.34 -2.63
C PRO B 540 -2.24 -33.61 -1.87
N GLU B 541 -1.18 -34.36 -1.55
CA GLU B 541 -1.36 -35.72 -1.06
C GLU B 541 -2.23 -35.84 0.18
N PRO B 542 -1.98 -35.11 1.29
CA PRO B 542 -2.82 -35.33 2.48
C PRO B 542 -4.28 -35.08 2.17
N LEU B 543 -4.54 -34.10 1.33
CA LEU B 543 -5.90 -33.80 0.94
C LEU B 543 -6.46 -34.90 0.07
N ARG B 544 -5.60 -35.54 -0.72
CA ARG B 544 -6.01 -36.74 -1.44
C ARG B 544 -6.35 -37.86 -0.49
N ASP B 545 -5.73 -37.90 0.68
CA ASP B 545 -5.92 -39.03 1.56
C ASP B 545 -7.19 -38.91 2.39
N ARG B 546 -7.66 -37.69 2.65
CA ARG B 546 -8.79 -37.52 3.57
C ARG B 546 -10.06 -38.18 3.06
N MET B 547 -10.21 -38.26 1.74
CA MET B 547 -11.50 -38.45 1.10
C MET B 547 -11.54 -39.77 0.34
N GLU B 548 -12.70 -40.41 0.34
CA GLU B 548 -12.89 -41.59 -0.49
C GLU B 548 -12.86 -41.19 -1.94
N MET B 549 -12.47 -42.14 -2.79
CA MET B 549 -12.30 -41.86 -4.21
C MET B 549 -13.15 -42.84 -5.00
N ILE B 550 -14.45 -42.57 -5.12
CA ILE B 550 -15.21 -43.31 -6.12
C ILE B 550 -14.67 -42.88 -7.47
N ASN B 551 -14.78 -43.75 -8.47
CA ASN B 551 -14.24 -43.50 -9.79
C ASN B 551 -15.37 -43.77 -10.78
N VAL B 552 -16.04 -42.71 -11.22
CA VAL B 552 -16.89 -42.85 -12.38
C VAL B 552 -16.00 -43.01 -13.60
N SER B 553 -16.52 -43.66 -14.64
CA SER B 553 -15.75 -43.97 -15.84
C SER B 553 -16.64 -43.81 -17.07
N GLY B 554 -16.09 -44.13 -18.24
CA GLY B 554 -16.80 -43.91 -19.47
C GLY B 554 -17.88 -44.94 -19.68
N TYR B 555 -18.70 -44.69 -20.69
CA TYR B 555 -19.90 -45.47 -20.94
C TYR B 555 -19.73 -46.40 -22.12
N VAL B 556 -20.34 -47.56 -22.01
CA VAL B 556 -20.44 -48.46 -23.15
C VAL B 556 -21.54 -47.96 -24.07
N ALA B 557 -21.43 -48.33 -25.35
CA ALA B 557 -22.28 -47.74 -26.38
C ALA B 557 -23.75 -47.98 -26.12
N GLN B 558 -24.10 -49.14 -25.58
CA GLN B 558 -25.48 -49.36 -25.19
C GLN B 558 -25.91 -48.41 -24.09
N GLU B 559 -25.02 -48.09 -23.17
CA GLU B 559 -25.38 -47.16 -22.11
C GLU B 559 -25.66 -45.77 -22.67
N LYS B 560 -24.77 -45.30 -23.54
CA LYS B 560 -24.98 -44.01 -24.18
C LYS B 560 -26.24 -44.02 -25.01
N LEU B 561 -26.54 -45.17 -25.61
CA LEU B 561 -27.72 -45.29 -26.42
C LEU B 561 -28.93 -45.07 -25.55
N ALA B 562 -28.97 -45.75 -24.40
CA ALA B 562 -30.13 -45.67 -23.53
C ALA B 562 -30.32 -44.26 -23.02
N ILE B 563 -29.22 -43.55 -22.77
CA ILE B 563 -29.38 -42.15 -22.39
C ILE B 563 -29.91 -41.36 -23.57
N ALA B 564 -29.63 -41.81 -24.79
CA ALA B 564 -30.13 -41.08 -25.95
C ALA B 564 -31.63 -41.22 -26.07
N GLU B 565 -32.17 -42.44 -25.92
CA GLU B 565 -33.62 -42.54 -25.99
C GLU B 565 -34.24 -41.79 -24.83
N ARG B 566 -33.74 -42.04 -23.62
CA ARG B 566 -34.49 -41.60 -22.46
C ARG B 566 -34.46 -40.10 -22.34
N TYR B 567 -33.27 -39.52 -22.42
CA TYR B 567 -33.05 -38.18 -21.92
C TYR B 567 -32.65 -37.19 -22.99
N LEU B 568 -31.64 -37.50 -23.79
CA LEU B 568 -31.07 -36.47 -24.64
C LEU B 568 -32.01 -36.02 -25.73
N VAL B 569 -32.53 -36.97 -26.52
CA VAL B 569 -33.42 -36.58 -27.61
C VAL B 569 -34.64 -35.83 -27.11
N PRO B 570 -35.42 -36.33 -26.14
CA PRO B 570 -36.56 -35.54 -25.65
C PRO B 570 -36.14 -34.20 -25.10
N GLN B 571 -34.97 -34.16 -24.46
CA GLN B 571 -34.53 -32.93 -23.84
C GLN B 571 -34.26 -31.88 -24.90
N ALA B 572 -33.45 -32.22 -25.88
CA ALA B 572 -33.14 -31.28 -26.93
C ALA B 572 -34.37 -30.95 -27.75
N ARG B 573 -35.28 -31.89 -27.94
CA ARG B 573 -36.47 -31.58 -28.72
C ARG B 573 -37.33 -30.59 -28.00
N ALA B 574 -37.42 -30.69 -26.68
CA ALA B 574 -38.08 -29.64 -25.93
C ALA B 574 -37.28 -28.35 -26.00
N LEU B 575 -35.96 -28.45 -26.05
CA LEU B 575 -35.13 -27.26 -26.09
C LEU B 575 -35.30 -26.49 -27.38
N CYS B 576 -35.54 -27.17 -28.49
CA CYS B 576 -35.71 -26.53 -29.78
C CYS B 576 -37.16 -26.23 -30.11
N GLY B 577 -38.10 -26.81 -29.40
CA GLY B 577 -39.49 -26.60 -29.69
C GLY B 577 -40.04 -27.43 -30.83
N LEU B 578 -39.22 -28.30 -31.43
CA LEU B 578 -39.72 -29.21 -32.45
C LEU B 578 -40.66 -30.21 -31.80
N ASP B 579 -41.20 -31.13 -32.60
CA ASP B 579 -42.18 -32.08 -32.09
C ASP B 579 -41.88 -33.50 -32.52
N GLU B 580 -42.34 -34.42 -31.70
CA GLU B 580 -42.37 -35.82 -32.09
C GLU B 580 -43.26 -35.95 -33.30
N SER B 581 -42.89 -36.85 -34.20
CA SER B 581 -43.56 -37.18 -35.44
C SER B 581 -43.20 -36.20 -36.52
N LYS B 582 -42.50 -35.10 -36.23
CA LYS B 582 -41.99 -34.23 -37.27
C LYS B 582 -40.54 -34.45 -37.58
N ALA B 583 -39.71 -34.86 -36.62
CA ALA B 583 -38.28 -35.07 -36.83
C ALA B 583 -37.81 -36.33 -36.13
N LYS B 584 -38.55 -37.41 -36.29
CA LYS B 584 -38.19 -38.66 -35.62
C LYS B 584 -36.83 -39.17 -36.09
N LEU B 585 -36.12 -39.83 -35.18
CA LEU B 585 -34.85 -40.49 -35.47
C LEU B 585 -34.90 -41.95 -35.09
N SER B 586 -34.76 -42.80 -36.10
CA SER B 586 -34.61 -44.23 -35.88
C SER B 586 -33.34 -44.51 -35.10
N SER B 587 -33.41 -45.48 -34.21
CA SER B 587 -32.30 -45.82 -33.34
C SER B 587 -31.07 -46.24 -34.13
N ASP B 588 -31.25 -46.84 -35.31
CA ASP B 588 -30.10 -47.12 -36.15
C ASP B 588 -29.39 -45.86 -36.57
N VAL B 589 -30.13 -44.76 -36.71
CA VAL B 589 -29.48 -43.49 -36.97
C VAL B 589 -28.54 -43.21 -35.83
N LEU B 590 -29.01 -43.45 -34.61
CA LEU B 590 -28.17 -43.16 -33.46
C LEU B 590 -27.00 -44.11 -33.41
N THR B 591 -27.25 -45.38 -33.69
CA THR B 591 -26.18 -46.38 -33.66
C THR B 591 -25.11 -46.04 -34.68
N LEU B 592 -25.53 -45.54 -35.83
CA LEU B 592 -24.58 -45.14 -36.85
C LEU B 592 -23.80 -43.94 -36.39
N LEU B 593 -24.50 -42.97 -35.81
CA LEU B 593 -23.87 -41.74 -35.39
C LEU B 593 -22.82 -41.98 -34.32
N ILE B 594 -23.05 -42.98 -33.48
CA ILE B 594 -22.10 -43.28 -32.41
C ILE B 594 -21.00 -44.19 -32.92
N LYS B 595 -21.35 -45.12 -33.80
CA LYS B 595 -20.33 -46.01 -34.34
C LYS B 595 -19.33 -45.23 -35.17
N GLN B 596 -19.78 -44.17 -35.83
CA GLN B 596 -18.94 -43.43 -36.75
C GLN B 596 -18.42 -42.12 -36.15
N TYR B 597 -19.33 -41.26 -35.69
CA TYR B 597 -18.95 -39.88 -35.60
C TYR B 597 -18.51 -39.47 -34.21
N CYS B 598 -18.81 -40.27 -33.17
CA CYS B 598 -18.47 -39.95 -31.79
C CYS B 598 -18.10 -41.21 -31.07
N ARG B 599 -16.90 -41.24 -30.53
CA ARG B 599 -16.36 -42.46 -29.96
C ARG B 599 -15.52 -42.19 -28.72
N GLU B 600 -16.03 -41.34 -27.80
CA GLU B 600 -15.26 -40.85 -26.66
C GLU B 600 -16.07 -41.05 -25.39
N SER B 601 -15.37 -40.98 -24.25
CA SER B 601 -15.97 -41.38 -22.98
C SER B 601 -17.14 -40.52 -22.55
N GLY B 602 -17.15 -39.24 -22.92
CA GLY B 602 -18.17 -38.35 -22.44
C GLY B 602 -19.48 -38.47 -23.20
N VAL B 603 -20.46 -37.74 -22.71
CA VAL B 603 -21.79 -37.66 -23.34
C VAL B 603 -22.04 -36.21 -23.67
N ARG B 604 -20.98 -35.47 -24.02
CA ARG B 604 -21.08 -34.11 -24.49
C ARG B 604 -21.06 -34.10 -26.00
N ASN B 605 -20.02 -34.72 -26.56
CA ASN B 605 -19.81 -34.76 -28.00
C ASN B 605 -21.04 -35.25 -28.74
N LEU B 606 -21.60 -36.35 -28.27
CA LEU B 606 -22.83 -36.86 -28.83
C LEU B 606 -23.97 -35.88 -28.65
N GLN B 607 -23.94 -35.14 -27.56
CA GLN B 607 -24.98 -34.15 -27.33
C GLN B 607 -24.98 -33.12 -28.45
N LYS B 608 -23.79 -32.70 -28.86
CA LYS B 608 -23.75 -31.69 -29.90
C LYS B 608 -24.17 -32.27 -31.23
N GLN B 609 -23.79 -33.51 -31.52
CA GLN B 609 -24.26 -34.08 -32.80
C GLN B 609 -25.77 -34.18 -32.85
N VAL B 610 -26.38 -34.62 -31.75
CA VAL B 610 -27.82 -34.81 -31.79
C VAL B 610 -28.55 -33.50 -31.70
N GLU B 611 -27.87 -32.43 -31.31
CA GLU B 611 -28.49 -31.13 -31.42
C GLU B 611 -28.39 -30.59 -32.83
N LYS B 612 -27.26 -30.85 -33.49
CA LYS B 612 -27.09 -30.36 -34.84
C LYS B 612 -28.09 -31.00 -35.78
N VAL B 613 -28.31 -32.31 -35.62
CA VAL B 613 -29.22 -33.01 -36.50
C VAL B 613 -30.61 -32.44 -36.40
N LEU B 614 -30.97 -31.90 -35.26
CA LEU B 614 -32.27 -31.28 -35.14
C LEU B 614 -32.26 -29.90 -35.76
N ARG B 615 -31.25 -29.12 -35.42
CA ARG B 615 -31.28 -27.72 -35.82
C ARG B 615 -31.24 -27.56 -37.32
N LYS B 616 -30.52 -28.43 -38.04
CA LYS B 616 -30.55 -28.31 -39.49
C LYS B 616 -31.95 -28.56 -40.00
N SER B 617 -32.62 -29.55 -39.42
CA SER B 617 -33.98 -29.81 -39.81
C SER B 617 -34.86 -28.64 -39.45
N ALA B 618 -34.57 -27.97 -38.34
CA ALA B 618 -35.43 -26.88 -37.93
C ALA B 618 -35.35 -25.76 -38.95
N TYR B 619 -34.14 -25.43 -39.37
CA TYR B 619 -34.03 -24.40 -40.39
C TYR B 619 -34.61 -24.89 -41.70
N LYS B 620 -34.50 -26.18 -41.98
CA LYS B 620 -35.06 -26.72 -43.21
C LYS B 620 -36.57 -26.62 -43.23
N ILE B 621 -37.19 -26.63 -42.05
CA ILE B 621 -38.63 -26.64 -42.00
C ILE B 621 -39.19 -25.24 -41.93
N VAL B 622 -38.70 -24.46 -40.96
CA VAL B 622 -39.33 -23.18 -40.66
C VAL B 622 -39.28 -22.24 -41.83
N SER B 623 -38.27 -22.39 -42.69
CA SER B 623 -38.14 -21.50 -43.83
C SER B 623 -37.43 -22.17 -45.00
N GLY B 624 -37.37 -23.49 -45.02
CA GLY B 624 -36.98 -24.22 -46.20
C GLY B 624 -38.23 -24.68 -46.92
N GLU B 625 -38.21 -25.91 -47.37
CA GLU B 625 -39.25 -26.48 -48.21
C GLU B 625 -40.01 -27.60 -47.51
N ALA B 626 -39.32 -28.62 -47.01
CA ALA B 626 -39.98 -29.83 -46.53
C ALA B 626 -40.90 -29.55 -45.36
N GLU B 627 -42.10 -30.11 -45.42
CA GLU B 627 -43.03 -29.94 -44.32
C GLU B 627 -42.53 -30.64 -43.07
N SER B 628 -41.81 -31.74 -43.23
CA SER B 628 -41.29 -32.50 -42.09
C SER B 628 -40.13 -33.38 -42.52
N VAL B 629 -38.94 -33.04 -42.07
CA VAL B 629 -37.81 -33.87 -42.40
C VAL B 629 -38.01 -35.18 -41.66
N GLU B 630 -37.47 -36.26 -42.19
CA GLU B 630 -37.48 -37.52 -41.44
C GLU B 630 -36.19 -38.19 -41.86
N VAL B 631 -35.16 -37.98 -41.03
CA VAL B 631 -33.84 -38.47 -41.37
C VAL B 631 -33.85 -39.97 -41.43
N THR B 632 -33.05 -40.49 -42.35
CA THR B 632 -32.70 -41.88 -42.54
C THR B 632 -31.20 -41.83 -42.75
N PRO B 633 -30.48 -42.94 -42.55
CA PRO B 633 -28.99 -42.87 -42.56
C PRO B 633 -28.39 -42.29 -43.84
N GLU B 634 -29.06 -42.44 -44.98
CA GLU B 634 -28.52 -41.98 -46.26
C GLU B 634 -28.29 -40.48 -46.28
N ASN B 635 -29.07 -39.72 -45.52
CA ASN B 635 -28.88 -38.27 -45.48
C ASN B 635 -27.65 -37.84 -44.70
N LEU B 636 -27.20 -38.67 -43.75
CA LEU B 636 -26.34 -38.20 -42.66
C LEU B 636 -25.07 -37.53 -43.13
N GLN B 637 -24.41 -38.11 -44.14
CA GLN B 637 -23.08 -37.64 -44.55
C GLN B 637 -23.15 -36.19 -44.97
N ASP B 638 -24.26 -35.76 -45.60
CA ASP B 638 -24.40 -34.35 -45.90
C ASP B 638 -25.04 -33.61 -44.75
N PHE B 639 -25.95 -34.28 -44.03
CA PHE B 639 -26.77 -33.56 -43.10
C PHE B 639 -26.07 -33.39 -41.76
N VAL B 640 -24.95 -34.10 -41.54
CA VAL B 640 -24.14 -33.99 -40.34
C VAL B 640 -22.70 -33.67 -40.68
N GLY B 641 -22.25 -34.11 -41.85
CA GLY B 641 -20.89 -33.97 -42.31
C GLY B 641 -20.24 -35.31 -42.60
N LYS B 642 -18.98 -35.22 -43.02
CA LYS B 642 -18.22 -36.41 -43.36
C LYS B 642 -17.87 -37.22 -42.11
N PRO B 643 -17.83 -38.57 -42.20
CA PRO B 643 -17.41 -39.33 -41.02
C PRO B 643 -15.99 -39.01 -40.63
N VAL B 644 -15.76 -39.08 -39.32
CA VAL B 644 -14.43 -38.91 -38.80
C VAL B 644 -13.66 -40.20 -38.93
N PHE B 645 -14.11 -41.23 -38.23
CA PHE B 645 -13.54 -42.54 -38.46
C PHE B 645 -14.14 -43.14 -39.70
N THR B 646 -13.38 -44.03 -40.32
CA THR B 646 -13.86 -44.90 -41.39
C THR B 646 -14.08 -46.28 -40.80
N VAL B 647 -14.81 -47.12 -41.52
CA VAL B 647 -14.85 -48.55 -41.19
C VAL B 647 -13.60 -49.18 -41.79
N GLU B 648 -12.57 -49.38 -40.96
CA GLU B 648 -11.25 -49.71 -41.49
C GLU B 648 -11.24 -51.19 -41.83
N ARG B 649 -11.87 -51.53 -42.94
CA ARG B 649 -11.91 -52.90 -43.45
C ARG B 649 -11.03 -52.90 -44.69
N MET B 650 -9.78 -53.36 -44.55
CA MET B 650 -8.85 -53.40 -45.68
C MET B 650 -8.76 -54.76 -46.34
N TYR B 651 -9.21 -55.83 -45.67
CA TYR B 651 -9.26 -57.17 -46.22
C TYR B 651 -10.32 -57.94 -45.46
N ASP B 652 -10.96 -58.87 -46.16
CA ASP B 652 -11.78 -59.91 -45.57
C ASP B 652 -11.29 -61.32 -45.89
N VAL B 653 -10.30 -61.45 -46.78
CA VAL B 653 -9.72 -62.75 -47.10
C VAL B 653 -8.40 -62.98 -46.35
N THR B 654 -7.74 -61.92 -45.86
CA THR B 654 -6.42 -62.00 -45.26
C THR B 654 -5.47 -62.71 -46.22
N PRO B 655 -5.02 -62.05 -47.29
CA PRO B 655 -4.09 -62.69 -48.24
C PRO B 655 -2.79 -63.04 -47.53
N PRO B 656 -2.04 -64.03 -48.04
CA PRO B 656 -1.01 -64.68 -47.20
C PRO B 656 0.02 -63.69 -46.68
N GLY B 657 0.36 -63.91 -45.43
CA GLY B 657 1.26 -63.08 -44.70
C GLY B 657 0.55 -61.92 -44.03
N VAL B 658 -0.64 -61.54 -44.53
CA VAL B 658 -1.45 -60.57 -43.83
C VAL B 658 -2.07 -61.28 -42.64
N VAL B 659 -2.23 -60.58 -41.53
CA VAL B 659 -2.88 -61.18 -40.37
C VAL B 659 -3.56 -60.09 -39.57
N MET B 660 -4.74 -60.41 -39.07
CA MET B 660 -5.50 -59.51 -38.20
C MET B 660 -4.79 -59.41 -36.85
N GLY B 661 -5.02 -58.31 -36.16
CA GLY B 661 -4.58 -58.29 -34.78
C GLY B 661 -5.15 -57.14 -33.98
N LEU B 662 -5.71 -57.46 -32.83
CA LEU B 662 -6.17 -56.43 -31.91
C LEU B 662 -4.99 -55.82 -31.19
N ALA B 663 -5.16 -54.57 -30.78
CA ALA B 663 -4.12 -53.85 -30.05
C ALA B 663 -4.83 -52.81 -29.22
N TRP B 664 -4.24 -52.44 -28.09
CA TRP B 664 -4.89 -51.54 -27.14
C TRP B 664 -4.49 -50.12 -27.50
N THR B 665 -5.38 -49.37 -28.16
CA THR B 665 -5.18 -47.93 -28.30
C THR B 665 -5.48 -47.29 -26.96
N ALA B 666 -4.88 -46.13 -26.69
CA ALA B 666 -5.08 -45.49 -25.39
C ALA B 666 -6.56 -45.20 -25.14
N MET B 667 -7.32 -44.96 -26.20
CA MET B 667 -8.78 -44.80 -26.18
C MET B 667 -9.33 -45.88 -27.11
N GLY B 668 -9.71 -47.04 -26.55
CA GLY B 668 -10.25 -48.11 -27.37
C GLY B 668 -9.16 -48.98 -27.99
N GLY B 669 -9.60 -50.02 -28.70
CA GLY B 669 -8.70 -50.88 -29.43
C GLY B 669 -8.43 -50.40 -30.85
N SER B 670 -7.64 -51.21 -31.56
CA SER B 670 -7.35 -50.97 -32.97
C SER B 670 -6.95 -52.27 -33.63
N THR B 671 -7.39 -52.41 -34.88
CA THR B 671 -7.25 -53.62 -35.64
C THR B 671 -6.07 -53.52 -36.60
N LEU B 672 -4.88 -53.73 -36.08
CA LEU B 672 -3.70 -53.61 -36.91
C LEU B 672 -3.64 -54.83 -37.81
N PHE B 673 -3.02 -54.68 -38.99
CA PHE B 673 -2.73 -55.81 -39.87
C PHE B 673 -1.22 -55.95 -39.93
N VAL B 674 -0.69 -57.04 -39.36
CA VAL B 674 0.72 -57.34 -39.57
C VAL B 674 0.91 -57.98 -40.93
N GLU B 675 2.08 -57.74 -41.53
CA GLU B 675 2.37 -58.14 -42.89
C GLU B 675 3.85 -58.44 -43.03
N THR B 676 4.18 -59.25 -44.04
CA THR B 676 5.58 -59.54 -44.31
C THR B 676 5.72 -60.21 -45.67
N SER B 677 6.91 -60.07 -46.25
CA SER B 677 7.26 -60.67 -47.54
C SER B 677 8.76 -60.67 -47.70
N LEU B 678 9.23 -61.52 -48.61
CA LEU B 678 10.66 -61.63 -48.92
C LEU B 678 11.16 -60.36 -49.60
N ARG B 679 12.42 -60.01 -49.35
CA ARG B 679 12.94 -58.71 -49.74
C ARG B 679 13.61 -58.70 -51.12
N ARG B 680 14.69 -59.45 -51.30
CA ARG B 680 15.38 -59.59 -52.57
C ARG B 680 15.17 -61.05 -53.00
N PRO B 681 15.63 -61.51 -54.17
CA PRO B 681 15.22 -62.84 -54.63
C PRO B 681 15.69 -63.93 -53.69
N GLN B 682 14.87 -64.97 -53.55
CA GLN B 682 15.29 -66.14 -52.78
C GLN B 682 16.21 -67.04 -53.61
N ASP B 683 16.34 -66.77 -54.91
CA ASP B 683 17.35 -67.42 -55.73
C ASP B 683 18.72 -66.75 -55.63
N LYS B 684 18.91 -65.85 -54.64
CA LYS B 684 20.20 -65.18 -54.46
C LYS B 684 21.34 -66.19 -54.39
N ASP B 685 21.08 -67.32 -53.74
CA ASP B 685 21.96 -68.48 -53.72
C ASP B 685 21.12 -69.64 -53.19
N ALA B 686 20.50 -70.41 -54.08
CA ALA B 686 19.65 -71.51 -53.63
C ALA B 686 20.48 -72.57 -52.91
N LYS B 687 21.71 -72.77 -53.34
CA LYS B 687 22.66 -73.65 -52.68
C LYS B 687 23.22 -73.03 -51.40
N GLY B 688 23.34 -71.71 -51.36
CA GLY B 688 23.88 -71.02 -50.21
C GLY B 688 23.06 -71.26 -48.97
N ASP B 689 23.74 -71.57 -47.87
CA ASP B 689 23.09 -71.87 -46.60
C ASP B 689 22.85 -70.63 -45.75
N LYS B 690 22.65 -69.48 -46.38
CA LYS B 690 22.50 -68.24 -45.65
C LYS B 690 21.27 -68.34 -44.74
N ASP B 691 21.41 -67.81 -43.52
CA ASP B 691 20.25 -67.73 -42.65
C ASP B 691 19.22 -66.84 -43.31
N GLY B 692 17.96 -67.21 -43.16
CA GLY B 692 16.95 -66.28 -43.58
C GLY B 692 16.99 -65.09 -42.64
N SER B 693 17.54 -63.99 -43.10
CA SER B 693 17.61 -62.83 -42.24
C SER B 693 16.20 -62.28 -42.10
N LEU B 694 15.89 -61.83 -40.90
CA LEU B 694 14.64 -61.15 -40.67
C LEU B 694 15.00 -59.70 -40.52
N GLU B 695 14.21 -58.86 -41.16
CA GLU B 695 14.40 -57.42 -41.15
C GLU B 695 13.00 -56.92 -40.90
N VAL B 696 12.73 -56.82 -39.61
CA VAL B 696 11.43 -56.37 -39.12
C VAL B 696 11.33 -54.88 -39.38
N THR B 697 10.10 -54.40 -39.50
CA THR B 697 9.84 -53.00 -39.74
C THR B 697 8.55 -52.67 -39.02
N GLY B 698 8.31 -51.37 -38.83
CA GLY B 698 7.09 -50.92 -38.21
C GLY B 698 7.20 -50.47 -36.78
N GLN B 699 8.24 -49.70 -36.45
CA GLN B 699 8.41 -49.10 -35.14
C GLN B 699 8.36 -50.15 -34.03
N LEU B 700 9.16 -51.18 -34.23
CA LEU B 700 9.24 -52.27 -33.28
C LEU B 700 9.66 -51.78 -31.90
N GLY B 701 8.99 -52.31 -30.87
CA GLY B 701 9.49 -52.16 -29.52
C GLY B 701 10.71 -53.04 -29.25
N GLU B 702 11.52 -52.60 -28.30
CA GLU B 702 12.71 -53.37 -27.98
C GLU B 702 12.36 -54.77 -27.49
N VAL B 703 11.28 -54.88 -26.72
CA VAL B 703 10.74 -56.19 -26.34
C VAL B 703 10.09 -56.87 -27.53
N MET B 704 9.57 -56.09 -28.46
CA MET B 704 8.89 -56.68 -29.61
C MET B 704 9.87 -57.45 -30.46
N LYS B 705 11.10 -56.94 -30.61
CA LYS B 705 12.06 -57.68 -31.40
C LYS B 705 12.44 -58.99 -30.72
N GLU B 706 12.51 -58.98 -29.40
CA GLU B 706 12.80 -60.24 -28.71
C GLU B 706 11.67 -61.22 -28.88
N SER B 707 10.42 -60.77 -28.72
CA SER B 707 9.29 -61.64 -28.97
C SER B 707 9.30 -62.12 -30.42
N ALA B 708 9.74 -61.25 -31.33
CA ALA B 708 9.72 -61.57 -32.75
C ALA B 708 10.79 -62.58 -33.10
N ARG B 709 12.00 -62.40 -32.56
CA ARG B 709 13.04 -63.39 -32.81
C ARG B 709 12.67 -64.72 -32.14
N ILE B 710 12.00 -64.68 -30.98
CA ILE B 710 11.48 -65.93 -30.40
C ILE B 710 10.48 -66.53 -31.37
N ALA B 711 9.70 -65.67 -32.02
CA ALA B 711 8.73 -66.17 -32.98
C ALA B 711 9.40 -66.77 -34.18
N TYR B 712 10.44 -66.12 -34.70
CA TYR B 712 11.16 -66.67 -35.84
C TYR B 712 11.82 -67.99 -35.50
N THR B 713 12.41 -68.07 -34.30
CA THR B 713 13.11 -69.29 -33.91
C THR B 713 12.12 -70.41 -33.74
N PHE B 714 11.04 -70.14 -33.00
CA PHE B 714 10.04 -71.15 -32.79
C PHE B 714 9.31 -71.45 -34.08
N ALA B 715 9.21 -70.49 -35.00
CA ALA B 715 8.57 -70.77 -36.27
C ALA B 715 9.39 -71.76 -37.04
N ARG B 716 10.70 -71.59 -37.05
CA ARG B 716 11.55 -72.55 -37.71
C ARG B 716 11.47 -73.91 -37.01
N ALA B 717 11.49 -73.91 -35.67
CA ALA B 717 11.43 -75.17 -34.92
C ALA B 717 10.07 -75.83 -35.07
N PHE B 718 8.99 -75.06 -34.98
CA PHE B 718 7.64 -75.57 -35.11
C PHE B 718 7.37 -76.03 -36.53
N LEU B 719 7.93 -75.31 -37.50
CA LEU B 719 7.82 -75.71 -38.90
C LEU B 719 8.57 -77.00 -39.15
N MET B 720 9.71 -77.18 -38.49
CA MET B 720 10.41 -78.45 -38.58
C MET B 720 9.64 -79.55 -37.88
N GLN B 721 8.99 -79.23 -36.77
CA GLN B 721 8.20 -80.18 -35.99
C GLN B 721 6.90 -80.58 -36.68
N HIS B 722 6.29 -79.69 -37.46
CA HIS B 722 4.94 -79.88 -38.00
C HIS B 722 4.90 -80.10 -39.51
N ALA B 723 5.68 -79.32 -40.28
CA ALA B 723 5.75 -79.43 -41.74
C ALA B 723 7.22 -79.46 -42.12
N PRO B 724 7.90 -80.60 -41.93
CA PRO B 724 9.35 -80.66 -42.23
C PRO B 724 9.70 -80.31 -43.66
N ALA B 725 8.85 -80.63 -44.63
CA ALA B 725 9.18 -80.35 -46.02
C ALA B 725 9.29 -78.84 -46.26
N ASN B 726 8.54 -78.04 -45.52
CA ASN B 726 8.55 -76.59 -45.72
C ASN B 726 9.94 -76.05 -45.38
N ASP B 727 10.42 -75.08 -46.16
CA ASP B 727 11.78 -74.57 -46.03
C ASP B 727 11.90 -73.06 -46.11
N TYR B 728 10.81 -72.30 -46.00
CA TYR B 728 10.94 -70.85 -46.12
C TYR B 728 11.68 -70.28 -44.92
N LEU B 729 11.08 -70.39 -43.72
CA LEU B 729 11.60 -69.69 -42.55
C LEU B 729 12.99 -70.15 -42.20
N VAL B 730 13.30 -71.42 -42.45
CA VAL B 730 14.63 -71.91 -42.12
C VAL B 730 15.69 -71.29 -43.03
N THR B 731 15.37 -71.07 -44.32
CA THR B 731 16.38 -70.63 -45.31
C THR B 731 15.83 -69.57 -46.25
N SER B 732 15.12 -68.57 -45.75
CA SER B 732 14.62 -67.48 -46.60
C SER B 732 14.61 -66.20 -45.80
N HIS B 733 15.38 -65.22 -46.26
CA HIS B 733 15.27 -63.89 -45.74
C HIS B 733 13.86 -63.37 -45.93
N ILE B 734 13.38 -62.59 -44.95
CA ILE B 734 12.00 -62.13 -44.95
C ILE B 734 11.87 -60.75 -44.32
N HIS B 735 11.53 -59.77 -45.14
CA HIS B 735 11.14 -58.47 -44.65
C HIS B 735 9.79 -58.59 -43.98
N LEU B 736 9.59 -57.84 -42.89
CA LEU B 736 8.32 -57.83 -42.19
C LEU B 736 8.01 -56.42 -41.73
N HIS B 737 6.72 -56.18 -41.49
CA HIS B 737 6.21 -54.92 -40.99
C HIS B 737 5.05 -55.19 -40.04
N VAL B 738 5.13 -54.58 -38.87
CA VAL B 738 4.10 -54.60 -37.83
C VAL B 738 3.54 -53.18 -37.71
N PRO B 739 2.25 -52.94 -37.96
CA PRO B 739 1.74 -51.58 -37.76
C PRO B 739 1.90 -51.12 -36.32
N GLU B 740 2.20 -49.85 -36.17
CA GLU B 740 2.48 -49.23 -34.90
C GLU B 740 1.20 -48.72 -34.26
N GLY B 741 1.30 -48.38 -32.97
CA GLY B 741 0.20 -47.76 -32.22
C GLY B 741 0.07 -48.27 -30.81
N ALA B 742 0.31 -49.55 -30.61
CA ALA B 742 0.18 -50.16 -29.31
C ALA B 742 1.30 -49.73 -28.36
N THR B 743 0.98 -49.68 -27.08
CA THR B 743 1.99 -49.35 -26.08
C THR B 743 2.99 -50.49 -25.95
N PRO B 744 4.29 -50.21 -25.76
CA PRO B 744 5.29 -51.30 -25.77
C PRO B 744 5.05 -52.37 -24.71
N LYS B 745 4.50 -51.97 -23.56
CA LYS B 745 4.26 -52.93 -22.49
C LYS B 745 3.27 -54.02 -22.88
N ASP B 746 2.30 -53.69 -23.71
CA ASP B 746 1.38 -54.70 -24.26
C ASP B 746 1.88 -55.27 -25.57
N GLY B 747 3.02 -54.79 -26.07
CA GLY B 747 3.45 -55.09 -27.41
C GLY B 747 3.70 -56.56 -27.73
N PRO B 748 4.18 -57.37 -26.79
CA PRO B 748 4.30 -58.83 -27.07
C PRO B 748 2.97 -59.55 -27.28
N SER B 749 1.82 -58.88 -27.07
CA SER B 749 0.51 -59.48 -27.29
C SER B 749 0.36 -60.00 -28.71
N ALA B 750 1.05 -59.38 -29.66
CA ALA B 750 0.94 -59.79 -31.05
C ALA B 750 1.85 -60.96 -31.38
N GLY B 751 2.67 -61.45 -30.44
CA GLY B 751 3.66 -62.45 -30.78
C GLY B 751 3.05 -63.76 -31.27
N CYS B 752 1.94 -64.17 -30.66
CA CYS B 752 1.25 -65.36 -31.13
C CYS B 752 0.72 -65.15 -32.54
N THR B 753 0.35 -63.91 -32.85
CA THR B 753 -0.06 -63.57 -34.19
C THR B 753 1.10 -63.74 -35.17
N ILE B 754 2.33 -63.47 -34.72
CA ILE B 754 3.49 -63.44 -35.62
C ILE B 754 3.66 -64.79 -36.28
N VAL B 755 3.65 -65.86 -35.48
CA VAL B 755 3.82 -67.21 -36.02
C VAL B 755 2.69 -67.50 -36.99
N THR B 756 1.47 -67.05 -36.67
CA THR B 756 0.34 -67.29 -37.55
C THR B 756 0.57 -66.63 -38.90
N ALA B 757 1.24 -65.48 -38.90
CA ALA B 757 1.58 -64.87 -40.18
C ALA B 757 2.58 -65.73 -40.91
N LEU B 758 3.67 -66.08 -40.21
CA LEU B 758 4.77 -66.77 -40.86
C LEU B 758 4.30 -68.09 -41.43
N LEU B 759 3.63 -68.91 -40.60
CA LEU B 759 3.14 -70.18 -41.10
C LEU B 759 2.14 -69.97 -42.22
N SER B 760 1.36 -68.90 -42.14
CA SER B 760 0.42 -68.64 -43.23
C SER B 760 1.18 -68.40 -44.51
N LEU B 761 2.20 -67.55 -44.45
CA LEU B 761 3.05 -67.39 -45.61
C LEU B 761 3.86 -68.65 -45.88
N ALA B 762 4.18 -69.42 -44.83
CA ALA B 762 5.02 -70.60 -45.02
C ALA B 762 4.31 -71.59 -45.93
N MET B 763 3.19 -72.14 -45.45
CA MET B 763 2.40 -73.02 -46.29
C MET B 763 1.76 -72.29 -47.46
N GLY B 764 1.56 -70.98 -47.32
CA GLY B 764 0.75 -70.26 -48.29
C GLY B 764 -0.72 -70.32 -47.98
N ARG B 765 -1.12 -70.97 -46.89
CA ARG B 765 -2.52 -71.03 -46.50
C ARG B 765 -2.92 -69.70 -45.86
N PRO B 766 -3.93 -68.99 -46.36
CA PRO B 766 -4.44 -67.82 -45.64
C PRO B 766 -5.04 -68.20 -44.31
N VAL B 767 -4.92 -67.29 -43.33
CA VAL B 767 -5.59 -67.54 -42.07
C VAL B 767 -7.07 -67.54 -42.41
N ARG B 768 -7.84 -68.35 -41.68
CA ARG B 768 -9.27 -68.45 -41.99
C ARG B 768 -9.89 -67.08 -41.82
N GLN B 769 -10.82 -66.77 -42.71
CA GLN B 769 -11.29 -65.41 -42.85
C GLN B 769 -11.97 -64.90 -41.58
N ASN B 770 -11.75 -63.61 -41.31
CA ASN B 770 -12.39 -62.87 -40.23
C ASN B 770 -12.16 -63.56 -38.90
N LEU B 771 -10.90 -63.55 -38.49
CA LEU B 771 -10.51 -64.00 -37.15
C LEU B 771 -9.26 -63.27 -36.71
N ALA B 772 -8.98 -63.32 -35.42
CA ALA B 772 -7.84 -62.65 -34.84
C ALA B 772 -7.41 -63.41 -33.60
N MET B 773 -6.21 -63.08 -33.11
CA MET B 773 -5.67 -63.67 -31.90
C MET B 773 -4.65 -62.73 -31.29
N THR B 774 -4.60 -62.69 -29.97
CA THR B 774 -3.72 -61.77 -29.24
C THR B 774 -3.03 -62.49 -28.08
N GLY B 775 -1.71 -62.61 -28.17
CA GLY B 775 -0.92 -63.24 -27.11
C GLY B 775 0.57 -63.35 -27.41
N GLU B 776 1.39 -63.36 -26.36
CA GLU B 776 2.82 -63.65 -26.48
C GLU B 776 3.07 -65.15 -26.58
N VAL B 777 4.19 -65.51 -27.20
CA VAL B 777 4.66 -66.90 -27.23
C VAL B 777 6.11 -66.92 -26.75
N SER B 778 6.48 -68.02 -26.10
CA SER B 778 7.76 -68.18 -25.42
C SER B 778 8.37 -69.42 -26.04
N LEU B 779 8.43 -69.42 -27.36
CA LEU B 779 9.01 -70.44 -28.23
C LEU B 779 8.57 -71.88 -27.90
N THR B 780 7.42 -72.06 -27.27
CA THR B 780 6.82 -73.38 -27.11
C THR B 780 5.31 -73.39 -27.29
N GLY B 781 4.72 -72.25 -27.62
CA GLY B 781 3.30 -72.11 -27.83
C GLY B 781 2.40 -71.88 -26.64
N LYS B 782 2.93 -71.86 -25.42
CA LYS B 782 2.05 -71.44 -24.33
C LYS B 782 1.76 -69.96 -24.52
N ILE B 783 0.54 -69.62 -24.34
CA ILE B 783 0.06 -68.26 -24.34
C ILE B 783 0.18 -67.74 -22.91
N LEU B 784 0.37 -66.42 -22.76
CA LEU B 784 0.56 -65.75 -21.48
C LEU B 784 -0.42 -64.58 -21.38
N PRO B 785 -0.83 -64.20 -20.16
CA PRO B 785 -1.84 -63.14 -20.04
C PRO B 785 -1.38 -61.79 -20.54
N VAL B 786 -2.34 -61.01 -21.05
CA VAL B 786 -2.12 -59.64 -21.49
C VAL B 786 -3.36 -58.84 -21.09
N GLY B 787 -3.13 -57.56 -20.76
CA GLY B 787 -4.19 -56.69 -20.27
C GLY B 787 -4.98 -55.97 -21.35
N GLY B 788 -5.87 -55.09 -20.88
CA GLY B 788 -6.68 -54.25 -21.74
C GLY B 788 -7.86 -54.91 -22.41
N ILE B 789 -8.32 -56.06 -21.89
CA ILE B 789 -9.33 -56.87 -22.56
C ILE B 789 -10.64 -56.12 -22.73
N LYS B 790 -10.99 -55.24 -21.79
CA LYS B 790 -12.29 -54.59 -21.82
C LYS B 790 -12.45 -53.74 -23.07
N GLU B 791 -11.37 -53.12 -23.53
CA GLU B 791 -11.40 -52.33 -24.75
C GLU B 791 -11.19 -53.19 -25.99
N LYS B 792 -10.30 -54.19 -25.88
CA LYS B 792 -10.02 -55.05 -27.02
C LYS B 792 -11.26 -55.80 -27.47
N THR B 793 -12.14 -56.13 -26.53
CA THR B 793 -13.34 -56.88 -26.86
C THR B 793 -14.25 -56.06 -27.75
N ILE B 794 -14.57 -54.83 -27.32
CA ILE B 794 -15.46 -54.00 -28.12
C ILE B 794 -14.82 -53.64 -29.44
N ALA B 795 -13.50 -53.46 -29.47
CA ALA B 795 -12.87 -53.13 -30.74
C ALA B 795 -12.96 -54.28 -31.72
N ALA B 796 -12.82 -55.52 -31.20
CA ALA B 796 -13.00 -56.68 -32.04
C ALA B 796 -14.44 -56.78 -32.50
N LYS B 797 -15.38 -56.43 -31.63
CA LYS B 797 -16.78 -56.51 -32.02
C LYS B 797 -17.04 -55.53 -33.14
N ARG B 798 -16.39 -54.38 -33.07
CA ARG B 798 -16.59 -53.37 -34.09
C ARG B 798 -16.02 -53.83 -35.41
N ALA B 799 -14.95 -54.61 -35.38
CA ALA B 799 -14.27 -54.96 -36.61
C ALA B 799 -14.95 -56.08 -37.39
N GLY B 800 -15.97 -56.71 -36.81
CA GLY B 800 -16.67 -57.79 -37.46
C GLY B 800 -16.05 -59.15 -37.30
N VAL B 801 -14.90 -59.29 -36.63
CA VAL B 801 -14.40 -60.63 -36.38
C VAL B 801 -15.37 -61.36 -35.48
N THR B 802 -15.56 -62.65 -35.74
CA THR B 802 -16.46 -63.49 -34.95
C THR B 802 -15.77 -64.72 -34.40
N CYS B 803 -14.50 -64.96 -34.74
CA CYS B 803 -13.72 -66.10 -34.29
C CYS B 803 -12.57 -65.59 -33.45
N ILE B 804 -12.86 -64.60 -32.60
CA ILE B 804 -11.86 -64.03 -31.71
C ILE B 804 -11.37 -65.10 -30.76
N VAL B 805 -10.08 -65.03 -30.43
CA VAL B 805 -9.43 -65.97 -29.54
C VAL B 805 -8.59 -65.16 -28.57
N LEU B 806 -8.62 -65.55 -27.31
CA LEU B 806 -7.89 -64.92 -26.21
C LEU B 806 -7.24 -66.02 -25.40
N PRO B 807 -6.22 -65.69 -24.62
CA PRO B 807 -5.65 -66.70 -23.72
C PRO B 807 -6.67 -67.20 -22.73
N ALA B 808 -6.64 -68.50 -22.45
CA ALA B 808 -7.50 -69.02 -21.41
C ALA B 808 -7.04 -68.49 -20.06
N GLU B 809 -5.76 -68.10 -19.93
CA GLU B 809 -5.16 -67.74 -18.67
C GLU B 809 -5.78 -66.51 -18.05
N ASN B 810 -6.36 -65.63 -18.86
CA ASN B 810 -7.07 -64.44 -18.39
C ASN B 810 -8.56 -64.50 -18.74
N LYS B 811 -9.08 -65.71 -18.95
CA LYS B 811 -10.50 -65.85 -19.26
C LYS B 811 -11.37 -65.38 -18.11
N LYS B 812 -10.85 -65.45 -16.88
CA LYS B 812 -11.62 -65.06 -15.71
C LYS B 812 -11.98 -63.58 -15.78
N ASP B 813 -11.11 -62.78 -16.40
CA ASP B 813 -11.37 -61.35 -16.54
C ASP B 813 -12.26 -61.03 -17.72
N PHE B 814 -12.63 -62.02 -18.53
CA PHE B 814 -13.54 -61.81 -19.65
C PHE B 814 -14.98 -62.05 -19.22
N TYR B 815 -15.25 -63.24 -18.69
CA TYR B 815 -16.63 -63.64 -18.39
C TYR B 815 -17.29 -62.74 -17.37
N ASP B 816 -16.50 -62.08 -16.51
CA ASP B 816 -17.09 -61.15 -15.54
C ASP B 816 -17.76 -59.96 -16.24
N LEU B 817 -17.36 -59.67 -17.48
CA LEU B 817 -17.91 -58.55 -18.25
C LEU B 817 -19.38 -58.79 -18.56
N ALA B 818 -20.11 -57.69 -18.73
CA ALA B 818 -21.54 -57.75 -19.03
C ALA B 818 -21.80 -58.54 -20.30
N ALA B 819 -22.91 -59.28 -20.30
CA ALA B 819 -23.16 -60.26 -21.36
C ALA B 819 -23.25 -59.64 -22.74
N PHE B 820 -23.79 -58.43 -22.83
CA PHE B 820 -24.04 -57.81 -24.14
C PHE B 820 -22.76 -57.61 -24.93
N ILE B 821 -21.61 -57.51 -24.23
CA ILE B 821 -20.34 -57.38 -24.91
C ILE B 821 -20.01 -58.70 -25.60
N THR B 822 -20.17 -59.82 -24.89
CA THR B 822 -19.60 -61.04 -25.40
C THR B 822 -20.47 -61.68 -26.47
N GLU B 823 -21.71 -61.23 -26.64
CA GLU B 823 -22.57 -61.87 -27.62
C GLU B 823 -22.04 -61.54 -28.99
N GLY B 824 -22.30 -62.43 -29.93
CA GLY B 824 -21.97 -62.20 -31.31
C GLY B 824 -20.52 -62.47 -31.64
N LEU B 825 -19.77 -63.08 -30.74
CA LEU B 825 -18.40 -63.50 -31.00
C LEU B 825 -18.13 -64.81 -30.28
N GLU B 826 -17.47 -65.72 -30.97
CA GLU B 826 -17.16 -67.05 -30.42
C GLU B 826 -15.78 -67.01 -29.79
N VAL B 827 -15.69 -66.70 -28.50
CA VAL B 827 -14.38 -66.81 -27.87
C VAL B 827 -13.97 -68.26 -27.90
N HIS B 828 -12.73 -68.54 -28.30
CA HIS B 828 -12.17 -69.89 -28.32
C HIS B 828 -10.87 -69.83 -27.53
N PHE B 829 -10.97 -69.98 -26.21
CA PHE B 829 -9.83 -69.90 -25.32
C PHE B 829 -8.85 -71.02 -25.55
N VAL B 830 -7.56 -70.68 -25.40
CA VAL B 830 -6.45 -71.55 -25.75
C VAL B 830 -5.33 -71.42 -24.73
N GLU B 831 -4.50 -72.46 -24.67
CA GLU B 831 -3.36 -72.55 -23.78
C GLU B 831 -2.10 -73.01 -24.46
N HIS B 832 -2.17 -73.42 -25.73
CA HIS B 832 -0.99 -73.87 -26.46
C HIS B 832 -1.20 -73.55 -27.93
N TYR B 833 -0.11 -73.21 -28.62
CA TYR B 833 -0.21 -72.68 -29.96
C TYR B 833 -0.75 -73.70 -30.95
N ARG B 834 -0.59 -75.01 -30.71
CA ARG B 834 -1.08 -75.98 -31.69
C ARG B 834 -2.58 -75.84 -31.90
N GLU B 835 -3.32 -75.60 -30.82
CA GLU B 835 -4.76 -75.38 -30.99
C GLU B 835 -5.02 -74.10 -31.76
N ILE B 836 -4.13 -73.10 -31.61
CA ILE B 836 -4.29 -71.88 -32.38
C ILE B 836 -4.03 -72.18 -33.85
N PHE B 837 -3.05 -73.02 -34.11
CA PHE B 837 -2.77 -73.43 -35.47
C PHE B 837 -3.93 -74.23 -36.04
N ASP B 838 -4.63 -75.01 -35.22
CA ASP B 838 -5.74 -75.79 -35.73
C ASP B 838 -6.92 -74.89 -36.08
N ILE B 839 -7.27 -73.99 -35.17
CA ILE B 839 -8.42 -73.12 -35.40
C ILE B 839 -8.13 -72.14 -36.54
N ALA B 840 -6.91 -71.61 -36.59
CA ALA B 840 -6.58 -70.63 -37.61
C ALA B 840 -6.49 -71.26 -39.00
N PHE B 841 -6.13 -72.54 -39.09
CA PHE B 841 -5.78 -73.17 -40.36
C PHE B 841 -6.60 -74.44 -40.45
N PRO B 842 -7.89 -74.35 -40.79
CA PRO B 842 -8.65 -75.58 -41.06
C PRO B 842 -8.34 -76.16 -42.42
N HIS C 17 18.43 42.28 71.20
CA HIS C 17 19.22 41.05 71.26
C HIS C 17 18.35 39.82 71.32
N LEU C 18 17.49 39.66 70.31
CA LEU C 18 16.62 38.52 70.16
C LEU C 18 16.97 37.82 68.85
N PRO C 19 16.80 36.51 68.74
CA PRO C 19 17.13 35.86 67.48
C PRO C 19 16.20 36.33 66.36
N LEU C 20 16.76 36.37 65.16
CA LEU C 20 16.00 36.82 64.00
C LEU C 20 14.85 35.89 63.70
N ILE C 21 13.74 36.50 63.29
CA ILE C 21 12.55 35.74 62.93
C ILE C 21 12.85 35.05 61.61
N ALA C 22 12.24 33.88 61.44
CA ALA C 22 12.33 33.10 60.21
C ALA C 22 11.22 33.64 59.34
N ILE C 23 11.55 34.58 58.46
CA ILE C 23 10.54 35.24 57.64
C ILE C 23 9.79 34.23 56.77
N THR C 24 10.50 33.29 56.14
CA THR C 24 9.91 32.22 55.33
C THR C 24 8.87 32.76 54.34
N ARG C 25 9.37 33.59 53.42
CA ARG C 25 8.59 34.11 52.31
C ARG C 25 7.34 34.88 52.78
N ASN C 26 7.61 35.91 53.59
CA ASN C 26 6.57 36.77 54.17
C ASN C 26 7.08 38.20 54.13
N PRO C 27 6.92 38.91 53.00
CA PRO C 27 7.32 40.33 53.00
C PRO C 27 6.44 41.12 53.95
N VAL C 28 7.02 42.15 54.57
CA VAL C 28 6.28 43.05 55.45
C VAL C 28 6.63 44.48 55.04
N PHE C 29 5.85 44.99 54.10
CA PHE C 29 6.04 46.33 53.58
C PHE C 29 5.79 47.36 54.68
N PRO C 30 6.45 48.52 54.66
CA PRO C 30 6.16 49.53 55.70
C PRO C 30 4.68 49.93 55.69
N ARG C 31 4.11 50.08 56.89
CA ARG C 31 2.73 50.53 57.11
C ARG C 31 1.66 49.72 56.37
N PHE C 32 1.84 48.40 56.32
CA PHE C 32 0.88 47.51 55.68
C PHE C 32 0.69 46.29 56.56
N ILE C 33 -0.57 45.95 56.82
CA ILE C 33 -0.90 44.86 57.73
C ILE C 33 -0.45 43.54 57.12
N LYS C 34 0.12 42.68 57.95
CA LYS C 34 0.62 41.40 57.48
C LYS C 34 0.55 40.40 58.62
N ILE C 35 0.47 39.12 58.25
CA ILE C 35 0.42 38.00 59.19
C ILE C 35 1.66 37.17 58.94
N ILE C 36 2.15 36.49 59.97
CA ILE C 36 3.27 35.57 59.88
C ILE C 36 2.88 34.28 60.58
N GLU C 37 3.23 33.16 59.95
CA GLU C 37 2.92 31.81 60.38
C GLU C 37 4.15 30.96 60.08
N VAL C 38 5.17 31.07 60.93
CA VAL C 38 6.34 30.21 60.79
C VAL C 38 5.94 28.80 61.17
N LYS C 39 6.45 27.81 60.42
CA LYS C 39 6.10 26.43 60.74
C LYS C 39 6.82 25.92 61.98
N ASN C 40 8.01 26.43 62.27
CA ASN C 40 8.69 26.04 63.49
C ASN C 40 7.91 26.55 64.71
N LYS C 41 7.85 25.71 65.74
CA LYS C 41 7.21 26.08 67.00
C LYS C 41 8.20 26.69 67.99
N LYS C 42 9.50 26.64 67.69
CA LYS C 42 10.50 27.18 68.60
C LYS C 42 10.35 28.69 68.74
N LEU C 43 9.90 29.35 67.66
CA LEU C 43 9.64 30.78 67.75
C LEU C 43 8.45 31.06 68.65
N VAL C 44 7.51 30.11 68.77
CA VAL C 44 6.37 30.32 69.66
C VAL C 44 6.85 30.42 71.09
N GLU C 45 7.93 29.72 71.42
CA GLU C 45 8.51 29.84 72.75
C GLU C 45 9.01 31.26 73.00
N LEU C 46 9.67 31.86 72.01
CA LEU C 46 10.13 33.24 72.18
C LEU C 46 8.98 34.23 72.21
N LEU C 47 7.93 33.98 71.43
CA LEU C 47 6.79 34.87 71.49
C LEU C 47 6.09 34.80 72.83
N ARG C 48 6.02 33.60 73.42
CA ARG C 48 5.42 33.50 74.74
C ARG C 48 6.36 34.07 75.79
N ARG C 49 7.68 34.02 75.54
CA ARG C 49 8.58 34.61 76.50
C ARG C 49 8.50 36.12 76.46
N LYS C 50 8.04 36.71 75.34
CA LYS C 50 7.84 38.17 75.30
C LYS C 50 6.41 38.58 75.69
N VAL C 51 5.48 37.63 75.90
CA VAL C 51 4.13 38.03 76.34
C VAL C 51 4.20 38.62 77.75
N ARG C 52 5.15 38.15 78.57
CA ARG C 52 5.30 38.65 79.92
C ARG C 52 5.77 40.11 79.92
N LEU C 53 6.43 40.55 78.85
CA LEU C 53 6.89 41.93 78.78
C LEU C 53 5.69 42.86 78.71
N ALA C 54 5.82 44.00 79.38
CA ALA C 54 4.78 45.03 79.32
C ALA C 54 4.69 45.63 77.93
N GLN C 55 5.78 45.59 77.15
CA GLN C 55 5.87 46.22 75.84
C GLN C 55 6.34 45.09 74.93
N PRO C 56 5.44 44.16 74.55
CA PRO C 56 5.88 43.12 73.64
C PRO C 56 6.23 43.78 72.33
N TYR C 57 7.22 43.20 71.66
CA TYR C 57 7.64 43.75 70.39
C TYR C 57 8.18 42.61 69.56
N VAL C 58 8.36 42.90 68.30
CA VAL C 58 8.95 41.96 67.37
C VAL C 58 9.72 42.84 66.42
N GLY C 59 10.79 42.32 65.88
CA GLY C 59 11.48 43.02 64.83
C GLY C 59 11.01 42.32 63.59
N VAL C 60 11.10 43.04 62.49
CA VAL C 60 10.79 42.48 61.20
C VAL C 60 11.95 42.87 60.34
N PHE C 61 12.49 41.91 59.63
CA PHE C 61 13.60 42.11 58.75
C PHE C 61 13.22 41.46 57.44
N LEU C 62 14.07 41.64 56.42
CA LEU C 62 13.83 41.02 55.13
C LEU C 62 14.96 40.04 54.87
N LYS C 63 14.60 38.90 54.31
CA LYS C 63 15.51 37.82 53.93
C LYS C 63 16.23 38.11 52.61
N ARG C 64 17.43 37.55 52.46
CA ARG C 64 18.19 37.73 51.23
C ARG C 64 17.82 36.67 50.22
N ASP C 65 18.51 36.68 49.08
CA ASP C 65 18.21 35.76 48.01
C ASP C 65 18.53 34.35 48.47
N ASP C 66 17.83 33.38 47.88
CA ASP C 66 17.96 31.97 48.23
C ASP C 66 17.63 31.81 49.71
N SER C 67 16.33 31.88 50.01
CA SER C 67 15.85 31.76 51.37
C SER C 67 16.18 30.39 51.93
N ASN C 68 16.53 30.34 53.22
CA ASN C 68 16.84 29.05 53.84
C ASN C 68 16.63 29.18 55.35
N GLU C 69 15.64 28.45 55.88
CA GLU C 69 15.37 28.46 57.32
C GLU C 69 16.52 27.86 58.10
N SER C 70 17.20 26.86 57.53
CA SER C 70 18.29 26.21 58.24
C SER C 70 19.47 27.17 58.40
N ASP C 71 19.60 28.14 57.50
CA ASP C 71 20.64 29.14 57.66
C ASP C 71 20.20 30.22 58.65
N VAL C 72 18.88 30.43 58.81
CA VAL C 72 18.39 31.45 59.72
C VAL C 72 18.74 31.11 61.16
N VAL C 73 18.73 29.82 61.51
CA VAL C 73 19.12 29.42 62.86
C VAL C 73 20.63 29.19 62.99
N GLU C 74 21.37 29.09 61.88
CA GLU C 74 22.80 28.83 61.94
C GLU C 74 23.59 30.14 61.92
N SER C 75 23.28 31.01 60.95
CA SER C 75 23.88 32.33 60.79
C SER C 75 22.79 33.38 60.81
N LEU C 76 23.16 34.59 61.24
CA LEU C 76 22.22 35.69 61.34
C LEU C 76 22.39 36.72 60.22
N ASP C 77 23.39 36.53 59.32
CA ASP C 77 23.64 37.45 58.22
C ASP C 77 22.75 37.23 56.99
N GLU C 78 22.04 36.11 56.89
CA GLU C 78 21.20 35.87 55.71
C GLU C 78 20.09 36.90 55.64
N ILE C 79 19.59 37.30 56.79
CA ILE C 79 18.58 38.34 56.86
C ILE C 79 19.23 39.69 56.60
N TYR C 80 18.50 40.59 55.93
CA TYR C 80 19.09 41.87 55.55
C TYR C 80 19.21 42.76 56.78
N HIS C 81 20.21 43.66 56.74
CA HIS C 81 20.40 44.59 57.84
C HIS C 81 19.20 45.48 58.05
N THR C 82 18.47 45.84 56.99
CA THR C 82 17.28 46.65 57.18
C THR C 82 16.25 45.85 57.96
N GLY C 83 15.55 46.55 58.85
CA GLY C 83 14.51 45.96 59.64
C GLY C 83 13.39 46.95 59.84
N THR C 84 12.23 46.46 60.31
CA THR C 84 11.06 47.29 60.54
C THR C 84 10.48 46.85 61.89
N PHE C 85 11.04 47.41 62.95
CA PHE C 85 10.57 47.11 64.30
C PHE C 85 9.16 47.62 64.52
N ALA C 86 8.37 46.86 65.27
CA ALA C 86 6.99 47.22 65.51
C ALA C 86 6.53 46.50 66.76
N GLN C 87 5.44 47.01 67.33
CA GLN C 87 4.82 46.42 68.50
C GLN C 87 3.83 45.35 68.08
N ILE C 88 3.76 44.28 68.86
CA ILE C 88 2.78 43.23 68.60
C ILE C 88 1.41 43.71 69.05
N HIS C 89 0.38 43.14 68.42
CA HIS C 89 -1.02 43.47 68.65
C HIS C 89 -1.71 42.33 69.38
N GLU C 90 -1.90 41.18 68.73
CA GLU C 90 -2.57 40.07 69.39
C GLU C 90 -2.35 38.78 68.61
N MET C 91 -2.22 37.68 69.36
CA MET C 91 -2.14 36.31 68.85
C MET C 91 -3.54 35.80 68.54
N GLN C 92 -3.63 34.82 67.64
CA GLN C 92 -4.91 34.23 67.26
C GLN C 92 -4.83 32.72 67.40
N ASP C 93 -4.07 32.06 66.54
CA ASP C 93 -3.87 30.61 66.56
C ASP C 93 -5.19 29.83 66.42
N LEU C 94 -5.89 30.07 65.30
CA LEU C 94 -7.13 29.35 65.05
C LEU C 94 -6.89 27.87 64.71
N GLY C 95 -5.98 27.60 63.76
CA GLY C 95 -5.62 26.25 63.39
C GLY C 95 -4.22 25.88 63.82
N ASP C 96 -3.25 26.64 63.32
CA ASP C 96 -1.86 26.50 63.73
C ASP C 96 -1.67 27.20 65.07
N LYS C 97 -0.56 26.87 65.71
CA LYS C 97 -0.22 27.47 67.00
C LYS C 97 0.47 28.83 66.86
N LEU C 98 0.73 29.29 65.62
CA LEU C 98 1.49 30.52 65.36
C LEU C 98 0.88 31.34 64.23
N ARG C 99 -0.05 32.24 64.59
CA ARG C 99 -0.70 33.15 63.64
C ARG C 99 -0.52 34.54 64.27
N MET C 100 0.68 35.09 64.11
CA MET C 100 1.01 36.39 64.67
C MET C 100 0.79 37.49 63.62
N ILE C 101 0.52 38.71 64.10
CA ILE C 101 0.32 39.87 63.24
C ILE C 101 1.57 40.73 63.30
N VAL C 102 1.93 41.32 62.16
CA VAL C 102 3.16 42.08 61.96
C VAL C 102 2.85 43.30 61.10
N MET C 103 3.23 44.47 61.61
CA MET C 103 3.03 45.77 60.98
C MET C 103 4.39 46.25 60.50
N GLY C 104 4.33 47.31 59.69
CA GLY C 104 5.50 48.04 59.29
C GLY C 104 5.35 49.37 59.98
N HIS C 105 6.04 49.55 61.11
CA HIS C 105 5.85 50.72 61.96
C HIS C 105 7.11 51.58 62.04
N ARG C 106 8.18 51.10 62.64
CA ARG C 106 9.43 51.83 62.82
C ARG C 106 10.43 51.19 61.88
N ARG C 107 10.72 51.83 60.76
CA ARG C 107 11.78 51.32 59.91
C ARG C 107 13.12 51.62 60.57
N VAL C 108 14.09 50.76 60.29
CA VAL C 108 15.43 50.88 60.85
C VAL C 108 16.41 50.20 59.91
N HIS C 109 17.68 50.59 59.99
CA HIS C 109 18.77 49.97 59.22
C HIS C 109 19.90 49.76 60.21
N ILE C 110 19.98 48.54 60.74
CA ILE C 110 20.99 48.21 61.74
C ILE C 110 22.36 48.26 61.09
N SER C 111 23.36 48.76 61.83
CA SER C 111 24.70 48.77 61.26
C SER C 111 25.23 47.36 61.07
N ARG C 112 24.89 46.45 61.98
CA ARG C 112 25.32 45.05 61.90
C ARG C 112 24.40 44.27 62.83
N GLN C 113 23.50 43.48 62.27
CA GLN C 113 22.66 42.62 63.10
C GLN C 113 23.47 41.52 63.79
N LEU C 114 24.61 41.13 63.23
CA LEU C 114 25.41 40.05 63.82
C LEU C 114 25.91 40.41 65.21
N GLU C 115 26.23 41.66 65.45
CA GLU C 115 26.73 42.09 66.75
C GLU C 115 25.58 42.32 67.73
N MET C 166 21.05 43.47 70.46
CA MET C 166 21.62 43.90 69.20
C MET C 166 21.47 45.40 69.07
N VAL C 167 22.58 46.05 68.69
CA VAL C 167 22.60 47.50 68.60
C VAL C 167 21.62 47.94 67.51
N GLU C 168 20.95 49.05 67.74
CA GLU C 168 20.02 49.56 66.74
C GLU C 168 19.86 51.06 66.96
N VAL C 169 19.55 51.76 65.87
CA VAL C 169 19.34 53.21 65.90
C VAL C 169 18.26 53.55 64.88
N GLU C 170 17.43 54.53 65.19
CA GLU C 170 16.36 54.96 64.28
C GLU C 170 16.91 55.95 63.26
N ASN C 171 17.76 55.45 62.37
CA ASN C 171 18.32 56.24 61.27
C ASN C 171 17.34 56.29 60.09
N VAL C 172 16.15 56.82 60.39
CA VAL C 172 15.08 56.97 59.39
C VAL C 172 15.34 58.32 58.72
N VAL C 173 16.36 58.35 57.85
CA VAL C 173 16.70 59.59 57.16
C VAL C 173 15.53 60.04 56.28
N HIS C 174 15.29 61.35 56.24
CA HIS C 174 14.23 61.90 55.41
C HIS C 174 14.43 63.37 55.03
N GLU C 175 15.56 63.68 54.42
CA GLU C 175 15.82 65.05 54.00
C GLU C 175 14.87 65.42 52.86
N ASP C 176 14.59 66.71 52.72
CA ASP C 176 13.66 67.26 51.72
C ASP C 176 14.03 68.71 51.46
N PHE C 177 13.72 69.17 50.25
CA PHE C 177 14.14 70.48 49.78
C PHE C 177 13.34 71.61 50.44
N GLN C 178 14.04 72.74 50.68
CA GLN C 178 13.45 73.85 51.44
C GLN C 178 12.18 74.40 50.84
N VAL C 179 12.07 74.42 49.53
CA VAL C 179 10.85 74.90 48.89
C VAL C 179 9.98 73.66 48.89
N THR C 180 8.85 73.71 49.59
CA THR C 180 7.93 72.58 49.68
C THR C 180 6.54 73.03 49.21
N GLU C 181 6.47 73.27 47.90
CA GLU C 181 5.26 73.74 47.24
C GLU C 181 5.25 73.23 45.79
N GLU C 182 6.45 73.15 45.15
CA GLU C 182 6.70 72.37 43.93
C GLU C 182 7.23 70.94 44.11
N VAL C 183 7.59 70.50 45.33
CA VAL C 183 8.11 69.13 45.53
C VAL C 183 7.06 68.03 45.66
N LYS C 184 5.82 68.35 46.04
CA LYS C 184 4.76 67.37 46.24
C LYS C 184 4.08 66.88 44.97
N ALA C 185 4.44 67.43 43.80
CA ALA C 185 3.79 67.06 42.54
C ALA C 185 4.01 65.59 42.19
N LEU C 186 5.10 64.98 42.65
CA LEU C 186 5.33 63.58 42.32
C LEU C 186 4.30 62.67 42.98
N THR C 187 3.66 63.12 44.06
CA THR C 187 2.65 62.29 44.71
C THR C 187 1.48 62.08 43.75
N ALA C 188 1.21 63.08 42.92
CA ALA C 188 0.12 63.00 41.95
C ALA C 188 0.44 61.96 40.89
N GLU C 189 1.71 61.86 40.50
CA GLU C 189 2.09 60.82 39.55
C GLU C 189 2.07 59.43 40.17
N ILE C 190 2.47 59.32 41.45
CA ILE C 190 2.44 58.02 42.12
C ILE C 190 1.02 57.48 42.22
N VAL C 191 0.08 58.31 42.68
CA VAL C 191 -1.31 57.86 42.73
C VAL C 191 -1.87 57.67 41.33
N LYS C 192 -1.42 58.48 40.37
CA LYS C 192 -1.89 58.26 39.00
C LYS C 192 -1.34 56.97 38.43
N THR C 193 -0.10 56.65 38.77
CA THR C 193 0.44 55.36 38.34
C THR C 193 -0.26 54.25 39.09
N ILE C 194 -0.46 54.43 40.38
CA ILE C 194 -1.15 53.43 41.20
C ILE C 194 -2.55 53.22 40.67
N ARG C 195 -3.21 54.29 40.20
CA ARG C 195 -4.54 54.15 39.63
C ARG C 195 -4.48 53.28 38.37
N ASP C 196 -3.41 53.39 37.60
CA ASP C 196 -3.29 52.56 36.44
C ASP C 196 -2.99 51.11 36.83
N ILE C 197 -2.39 50.87 38.01
CA ILE C 197 -2.07 49.49 38.37
C ILE C 197 -3.29 48.75 38.88
N ILE C 198 -4.03 49.35 39.82
CA ILE C 198 -5.26 48.70 40.27
C ILE C 198 -6.35 48.69 39.21
N ALA C 199 -6.33 49.61 38.24
CA ALA C 199 -7.37 49.55 37.23
C ALA C 199 -7.15 48.44 36.20
N LEU C 200 -5.98 48.41 35.56
CA LEU C 200 -5.74 47.35 34.59
C LEU C 200 -5.36 46.03 35.22
N ASN C 201 -4.81 46.05 36.43
CA ASN C 201 -4.48 44.84 37.18
C ASN C 201 -4.93 45.03 38.62
N PRO C 202 -6.25 44.99 38.89
CA PRO C 202 -6.68 45.09 40.29
C PRO C 202 -6.11 43.94 41.11
N LEU C 203 -5.58 44.29 42.28
CA LEU C 203 -5.03 43.32 43.22
C LEU C 203 -5.65 43.47 44.59
N TYR C 204 -5.60 44.70 45.13
CA TYR C 204 -6.14 45.00 46.44
C TYR C 204 -7.19 46.09 46.26
N ARG C 205 -8.04 46.22 47.27
CA ARG C 205 -9.13 47.19 47.27
C ARG C 205 -8.61 48.61 47.10
N GLU C 206 -9.40 49.43 46.40
CA GLU C 206 -9.03 50.82 46.18
C GLU C 206 -9.37 51.68 47.39
N SER C 207 -10.12 51.16 48.36
CA SER C 207 -10.57 51.96 49.48
C SER C 207 -9.42 52.53 50.30
N VAL C 208 -8.28 51.84 50.40
CA VAL C 208 -7.16 52.47 51.08
C VAL C 208 -6.67 53.65 50.28
N LEU C 209 -6.73 53.56 48.95
CA LEU C 209 -6.35 54.71 48.13
C LEU C 209 -7.31 55.88 48.29
N GLN C 210 -8.61 55.58 48.49
CA GLN C 210 -9.60 56.62 48.78
C GLN C 210 -9.45 57.17 50.20
N MET C 211 -8.90 56.39 51.12
CA MET C 211 -8.79 56.85 52.50
C MET C 211 -7.72 57.92 52.62
N MET C 212 -6.55 57.68 52.02
CA MET C 212 -5.43 58.62 52.06
C MET C 212 -5.36 59.25 50.65
N GLN C 213 -5.96 60.43 50.52
CA GLN C 213 -5.94 61.23 49.30
C GLN C 213 -5.10 62.47 49.60
N ALA C 214 -4.50 63.05 48.56
CA ALA C 214 -3.69 64.24 48.79
C ALA C 214 -4.52 65.51 49.09
N GLY C 215 -5.81 65.54 48.70
CA GLY C 215 -6.68 66.69 48.96
C GLY C 215 -7.32 66.78 50.34
N GLN C 216 -7.28 65.72 51.15
CA GLN C 216 -7.93 65.68 52.46
C GLN C 216 -7.13 66.37 53.55
N ARG C 217 -5.86 66.71 53.30
CA ARG C 217 -4.94 67.40 54.20
C ARG C 217 -4.57 66.55 55.41
N VAL C 218 -4.96 65.26 55.43
CA VAL C 218 -4.59 64.33 56.50
C VAL C 218 -3.25 63.66 56.24
N VAL C 219 -2.70 63.79 55.02
CA VAL C 219 -1.50 63.04 54.64
C VAL C 219 -0.30 63.72 55.26
N ASP C 220 -0.12 63.51 56.55
CA ASP C 220 0.94 64.10 57.33
C ASP C 220 2.31 63.42 57.16
N ASN C 221 2.36 62.24 56.51
CA ASN C 221 3.60 61.51 56.23
C ASN C 221 3.66 61.04 54.78
N PRO C 222 4.00 61.93 53.82
CA PRO C 222 3.98 61.52 52.40
C PRO C 222 4.88 60.35 52.03
N ILE C 223 6.05 60.21 52.64
CA ILE C 223 6.92 59.09 52.30
C ILE C 223 6.28 57.77 52.63
N TYR C 224 5.53 57.71 53.73
CA TYR C 224 4.83 56.47 54.06
C TYR C 224 3.71 56.20 53.08
N LEU C 225 3.03 57.24 52.58
CA LEU C 225 2.04 56.97 51.55
C LEU C 225 2.69 56.45 50.28
N SER C 226 3.83 57.04 49.87
CA SER C 226 4.49 56.56 48.66
C SER C 226 5.08 55.16 48.84
N ASP C 227 5.47 54.80 50.07
CA ASP C 227 5.90 53.43 50.34
C ASP C 227 4.72 52.48 50.34
N MET C 228 3.57 52.95 50.82
CA MET C 228 2.36 52.13 50.82
C MET C 228 1.91 51.90 49.38
N GLY C 229 2.22 52.86 48.50
CA GLY C 229 1.92 52.72 47.09
C GLY C 229 2.94 51.87 46.36
N ALA C 230 4.20 51.88 46.83
CA ALA C 230 5.24 51.02 46.26
C ALA C 230 5.08 49.57 46.72
N ALA C 231 4.37 49.33 47.82
CA ALA C 231 4.10 47.98 48.28
C ALA C 231 3.22 47.19 47.31
N LEU C 232 2.30 47.86 46.62
CA LEU C 232 1.45 47.19 45.64
C LEU C 232 2.26 46.59 44.49
N THR C 233 3.48 47.07 44.26
CA THR C 233 4.33 46.55 43.21
C THR C 233 4.60 45.06 43.42
N GLY C 234 4.60 44.31 42.34
CA GLY C 234 4.92 42.90 42.41
C GLY C 234 6.39 42.58 42.39
N ALA C 235 7.25 43.60 42.37
CA ALA C 235 8.69 43.38 42.27
C ALA C 235 9.19 42.58 43.45
N GLU C 236 10.23 41.78 43.21
CA GLU C 236 10.76 40.87 44.22
C GLU C 236 11.31 41.63 45.43
N SER C 237 11.30 40.95 46.57
CA SER C 237 11.74 41.55 47.83
C SER C 237 13.16 42.09 47.75
N HIS C 238 14.01 41.46 46.93
CA HIS C 238 15.35 42.00 46.73
C HIS C 238 15.29 43.37 46.06
N GLU C 239 14.37 43.57 45.10
CA GLU C 239 14.20 44.89 44.49
C GLU C 239 13.74 45.91 45.52
N LEU C 240 12.90 45.48 46.47
CA LEU C 240 12.48 46.40 47.51
C LEU C 240 13.64 46.73 48.41
N GLN C 241 14.48 45.75 48.71
CA GLN C 241 15.66 46.03 49.51
C GLN C 241 16.60 46.95 48.77
N ASP C 242 16.68 46.85 47.44
CA ASP C 242 17.51 47.74 46.65
C ASP C 242 16.96 49.15 46.69
N VAL C 243 15.64 49.30 46.69
CA VAL C 243 15.08 50.64 46.85
C VAL C 243 15.40 51.13 48.26
N LEU C 244 15.42 50.23 49.25
CA LEU C 244 15.78 50.63 50.60
C LEU C 244 17.26 51.02 50.68
N GLU C 245 18.10 50.45 49.81
CA GLU C 245 19.51 50.86 49.78
C GLU C 245 19.63 52.31 49.35
N GLU C 246 18.71 52.78 48.51
CA GLU C 246 18.73 54.17 48.09
C GLU C 246 18.49 55.00 49.35
N THR C 247 19.28 56.05 49.53
CA THR C 247 19.12 56.97 50.63
C THR C 247 18.38 58.24 50.24
N ASN C 248 18.72 58.81 49.09
CA ASN C 248 18.07 60.02 48.66
C ASN C 248 16.60 59.75 48.40
N ILE C 249 15.75 60.68 48.85
CA ILE C 249 14.31 60.53 48.64
C ILE C 249 13.96 60.47 47.16
N PRO C 250 14.41 61.41 46.30
CA PRO C 250 14.03 61.30 44.87
C PRO C 250 14.49 60.00 44.26
N LYS C 251 15.64 59.46 44.69
CA LYS C 251 16.15 58.23 44.08
C LYS C 251 15.32 57.02 44.46
N ARG C 252 14.90 56.89 45.71
CA ARG C 252 14.05 55.75 46.05
C ARG C 252 12.64 55.90 45.49
N LEU C 253 12.04 57.09 45.62
CA LEU C 253 10.73 57.33 45.00
C LEU C 253 10.74 57.08 43.51
N TYR C 254 11.78 57.57 42.83
CA TYR C 254 11.91 57.44 41.40
C TYR C 254 12.12 55.98 41.02
N LYS C 255 12.94 55.25 41.82
CA LYS C 255 13.11 53.83 41.58
C LYS C 255 11.81 53.08 41.78
N ALA C 256 11.01 53.51 42.77
CA ALA C 256 9.74 52.85 42.99
C ALA C 256 8.83 53.06 41.80
N LEU C 257 8.92 54.23 41.17
CA LEU C 257 8.14 54.46 39.95
C LEU C 257 8.65 53.57 38.82
N SER C 258 9.98 53.38 38.75
CA SER C 258 10.50 52.52 37.70
C SER C 258 10.11 51.07 37.92
N LEU C 259 10.04 50.63 39.17
CA LEU C 259 9.54 49.30 39.46
C LEU C 259 8.06 49.17 39.12
N LEU C 260 7.28 50.24 39.36
CA LEU C 260 5.86 50.17 39.08
C LEU C 260 5.59 50.03 37.60
N LYS C 261 6.26 50.85 36.78
CA LYS C 261 6.08 50.70 35.34
C LYS C 261 6.67 49.38 34.86
N LYS C 262 7.75 48.90 35.50
CA LYS C 262 8.38 47.66 35.06
C LYS C 262 7.42 46.49 35.18
N GLU C 263 6.74 46.39 36.32
CA GLU C 263 5.70 45.38 36.43
C GLU C 263 4.57 45.67 35.45
N PHE C 264 4.25 46.96 35.26
CA PHE C 264 3.07 47.35 34.48
C PHE C 264 3.20 46.92 33.01
N GLU C 265 4.43 46.90 32.49
CA GLU C 265 4.64 46.45 31.12
C GLU C 265 4.37 44.96 31.00
N LEU C 266 4.88 44.19 31.96
CA LEU C 266 4.67 42.75 31.96
C LEU C 266 3.19 42.43 32.08
N SER C 267 2.48 43.21 32.91
CA SER C 267 1.04 43.01 33.07
C SER C 267 0.35 43.23 31.74
N LYS C 268 0.59 44.40 31.13
CA LYS C 268 -0.08 44.76 29.89
C LYS C 268 0.23 43.74 28.81
N LEU C 269 1.43 43.14 28.84
CA LEU C 269 1.74 42.09 27.89
C LEU C 269 0.84 40.89 28.13
N GLN C 270 0.59 40.55 29.41
CA GLN C 270 -0.26 39.40 29.70
C GLN C 270 -1.68 39.67 29.25
N GLN C 271 -2.14 40.91 29.48
CA GLN C 271 -3.51 41.26 29.12
C GLN C 271 -3.69 41.25 27.61
N ARG C 272 -2.73 41.82 26.85
CA ARG C 272 -2.85 41.81 25.41
C ARG C 272 -2.84 40.39 24.87
N LEU C 273 -2.01 39.52 25.45
CA LEU C 273 -2.00 38.13 24.99
C LEU C 273 -3.33 37.47 25.26
N GLY C 274 -3.93 37.75 26.41
CA GLY C 274 -5.19 37.12 26.75
C GLY C 274 -6.30 37.56 25.82
N ARG C 275 -6.51 38.88 25.70
CA ARG C 275 -7.57 39.39 24.83
C ARG C 275 -7.37 38.92 23.40
N GLU C 276 -6.11 38.83 22.96
CA GLU C 276 -5.81 38.35 21.63
C GLU C 276 -6.31 36.92 21.45
N VAL C 277 -5.94 36.06 22.39
CA VAL C 277 -6.35 34.66 22.31
C VAL C 277 -7.87 34.53 22.35
N GLU C 278 -8.52 35.33 23.19
CA GLU C 278 -9.97 35.21 23.30
C GLU C 278 -10.62 35.64 22.01
N GLU C 279 -10.21 36.79 21.48
CA GLU C 279 -10.74 37.24 20.20
C GLU C 279 -10.53 36.18 19.13
N LYS C 280 -9.34 35.55 19.10
CA LYS C 280 -9.06 34.51 18.11
C LYS C 280 -10.07 33.38 18.20
N ILE C 281 -10.50 33.10 19.43
CA ILE C 281 -11.58 32.12 19.62
C ILE C 281 -12.84 32.66 19.00
N LYS C 282 -13.12 33.94 19.22
CA LYS C 282 -14.35 34.51 18.67
C LYS C 282 -14.32 34.46 17.15
N GLN C 283 -13.17 34.77 16.53
CA GLN C 283 -13.09 34.61 15.08
C GLN C 283 -13.34 33.17 14.68
N THR C 284 -12.91 32.23 15.51
CA THR C 284 -13.13 30.81 15.26
C THR C 284 -14.63 30.58 15.20
N HIS C 285 -15.31 30.79 16.33
CA HIS C 285 -16.70 30.38 16.43
C HIS C 285 -17.50 31.20 15.45
N ARG C 286 -17.16 32.48 15.30
CA ARG C 286 -18.02 33.37 14.53
C ARG C 286 -18.01 32.90 13.09
N LYS C 287 -16.80 32.59 12.57
CA LYS C 287 -16.72 32.07 11.22
C LYS C 287 -17.50 30.78 11.10
N TYR C 288 -17.55 29.98 12.16
CA TYR C 288 -18.46 28.85 12.09
C TYR C 288 -19.91 29.29 11.98
N LEU C 289 -20.28 30.38 12.66
CA LEU C 289 -21.65 30.86 12.50
C LEU C 289 -21.94 31.26 11.06
N LEU C 290 -20.94 31.85 10.42
CA LEU C 290 -21.08 32.20 9.00
C LEU C 290 -21.19 30.97 8.12
N GLN C 291 -20.32 29.98 8.35
CA GLN C 291 -20.38 28.78 7.54
C GLN C 291 -21.69 28.08 7.71
N GLU C 292 -22.20 28.07 8.95
CA GLU C 292 -23.50 27.50 9.24
C GLU C 292 -24.60 28.22 8.50
N GLN C 293 -24.54 29.56 8.44
CA GLN C 293 -25.56 30.28 7.69
C GLN C 293 -25.56 29.88 6.24
N LEU C 294 -24.35 29.69 5.68
CA LEU C 294 -24.27 29.25 4.30
C LEU C 294 -24.93 27.87 4.16
N LYS C 295 -24.62 26.98 5.10
CA LYS C 295 -25.15 25.61 5.08
C LYS C 295 -26.67 25.63 5.08
N ILE C 296 -27.26 26.39 6.01
CA ILE C 296 -28.71 26.40 6.15
C ILE C 296 -29.35 26.97 4.90
N ILE C 297 -28.82 28.10 4.41
CA ILE C 297 -29.40 28.72 3.22
C ILE C 297 -29.31 27.73 2.06
N LYS C 298 -28.25 26.90 2.04
CA LYS C 298 -28.13 25.91 0.99
C LYS C 298 -29.23 24.86 1.13
N LYS C 299 -29.49 24.39 2.36
CA LYS C 299 -30.56 23.41 2.53
C LYS C 299 -31.89 23.98 2.12
N GLU C 300 -32.17 25.23 2.48
CA GLU C 300 -33.45 25.82 2.10
C GLU C 300 -33.61 25.91 0.59
N LEU C 301 -32.52 25.96 -0.17
CA LEU C 301 -32.65 25.93 -1.62
C LEU C 301 -31.39 25.36 -2.28
N GLY C 302 -31.56 24.31 -3.08
CA GLY C 302 -30.46 23.68 -3.79
C GLY C 302 -30.58 22.16 -3.95
N LEU C 303 -29.46 21.47 -3.71
CA LEU C 303 -29.35 19.99 -3.77
C LEU C 303 -28.90 19.41 -2.44
N GLU C 304 -29.77 19.50 -1.45
CA GLU C 304 -29.54 19.07 -0.09
C GLU C 304 -30.18 17.71 0.25
N LYS C 305 -30.55 16.92 -0.73
CA LYS C 305 -31.18 15.62 -0.50
C LYS C 305 -30.17 14.48 -0.36
N ASP C 306 -29.11 14.66 0.43
CA ASP C 306 -28.07 13.66 0.56
C ASP C 306 -28.29 12.68 1.70
N ASP C 307 -29.46 12.69 2.34
CA ASP C 307 -29.81 11.74 3.39
C ASP C 307 -30.58 10.56 2.79
N LYS C 308 -31.21 9.77 3.68
CA LYS C 308 -31.98 8.59 3.33
C LYS C 308 -33.25 8.92 2.56
N ASP C 309 -33.64 10.19 2.51
CA ASP C 309 -34.86 10.57 1.80
C ASP C 309 -34.75 10.31 0.31
N ALA C 310 -33.61 10.64 -0.30
CA ALA C 310 -33.47 10.46 -1.74
C ALA C 310 -32.46 9.40 -2.15
N ILE C 311 -31.51 9.04 -1.29
CA ILE C 311 -30.53 8.03 -1.70
C ILE C 311 -31.17 6.66 -1.70
N GLU C 312 -32.17 6.44 -0.87
CA GLU C 312 -32.86 5.16 -0.84
C GLU C 312 -34.11 5.20 -1.68
N GLU C 313 -34.56 6.39 -2.00
CA GLU C 313 -35.75 6.54 -2.81
C GLU C 313 -35.38 6.25 -4.24
N LYS C 314 -34.31 6.90 -4.72
CA LYS C 314 -33.90 6.73 -6.10
C LYS C 314 -33.59 5.28 -6.42
N PHE C 315 -33.01 4.55 -5.46
CA PHE C 315 -32.80 3.14 -5.69
C PHE C 315 -34.12 2.40 -5.75
N ARG C 316 -34.97 2.56 -4.73
CA ARG C 316 -36.20 1.76 -4.70
C ARG C 316 -37.10 2.07 -5.89
N GLU C 317 -37.09 3.30 -6.36
CA GLU C 317 -37.90 3.60 -7.54
C GLU C 317 -37.23 3.11 -8.80
N ARG C 318 -35.90 3.13 -8.85
CA ARG C 318 -35.20 2.63 -10.02
C ARG C 318 -35.47 1.14 -10.22
N LEU C 319 -35.75 0.42 -9.13
CA LEU C 319 -36.01 -0.99 -9.27
C LEU C 319 -37.27 -1.30 -10.04
N LYS C 320 -38.21 -0.35 -10.10
CA LYS C 320 -39.61 -0.66 -10.37
C LYS C 320 -39.80 -1.37 -11.71
N GLU C 321 -39.33 -0.74 -12.76
CA GLU C 321 -39.62 -1.21 -14.11
C GLU C 321 -38.98 -2.55 -14.41
N LEU C 322 -37.87 -2.86 -13.76
CA LEU C 322 -37.24 -4.15 -13.98
C LEU C 322 -38.12 -5.23 -13.37
N VAL C 323 -38.00 -6.44 -13.92
CA VAL C 323 -38.68 -7.60 -13.32
C VAL C 323 -37.57 -8.43 -12.72
N VAL C 324 -37.26 -8.09 -11.49
CA VAL C 324 -36.15 -8.63 -10.73
C VAL C 324 -36.49 -10.02 -10.24
N PRO C 325 -35.56 -10.98 -10.22
CA PRO C 325 -35.86 -12.22 -9.53
C PRO C 325 -36.09 -11.91 -8.05
N LYS C 326 -37.03 -12.63 -7.44
CA LYS C 326 -37.42 -12.34 -6.07
C LYS C 326 -36.26 -12.50 -5.10
N HIS C 327 -35.25 -13.28 -5.49
CA HIS C 327 -34.10 -13.61 -4.67
C HIS C 327 -33.45 -12.35 -4.14
N VAL C 328 -32.97 -11.50 -5.03
CA VAL C 328 -32.08 -10.44 -4.58
C VAL C 328 -32.83 -9.31 -3.88
N MET C 329 -34.16 -9.28 -4.00
CA MET C 329 -34.93 -8.24 -3.35
C MET C 329 -34.80 -8.27 -1.86
N ASP C 330 -34.71 -9.46 -1.27
CA ASP C 330 -34.47 -9.52 0.16
C ASP C 330 -33.18 -8.80 0.50
N VAL C 331 -32.06 -9.19 -0.15
CA VAL C 331 -30.75 -8.63 0.18
C VAL C 331 -30.80 -7.13 0.06
N VAL C 332 -31.42 -6.65 -1.02
CA VAL C 332 -31.51 -5.23 -1.23
C VAL C 332 -32.31 -4.56 -0.13
N ASP C 333 -33.31 -5.27 0.40
CA ASP C 333 -34.10 -4.68 1.46
C ASP C 333 -33.30 -4.55 2.75
N GLU C 334 -32.53 -5.59 3.12
CA GLU C 334 -31.74 -5.43 4.34
C GLU C 334 -30.74 -4.31 4.19
N GLU C 335 -30.16 -4.20 3.00
CA GLU C 335 -29.21 -3.11 2.82
C GLU C 335 -29.90 -1.76 2.93
N LEU C 336 -31.14 -1.65 2.45
CA LEU C 336 -31.82 -0.37 2.55
C LEU C 336 -32.07 -0.02 4.01
N SER C 337 -32.63 -0.97 4.77
CA SER C 337 -32.93 -0.68 6.16
C SER C 337 -31.67 -0.44 6.98
N LYS C 338 -30.62 -1.23 6.72
CA LYS C 338 -29.36 -1.03 7.41
C LYS C 338 -28.75 0.31 7.07
N LEU C 339 -28.91 0.74 5.82
CA LEU C 339 -28.45 2.06 5.47
C LEU C 339 -29.27 3.10 6.20
N GLY C 340 -30.55 2.79 6.46
CA GLY C 340 -31.38 3.74 7.17
C GLY C 340 -30.91 3.91 8.60
N LEU C 341 -30.43 2.82 9.22
CA LEU C 341 -29.92 2.95 10.58
C LEU C 341 -28.50 3.49 10.63
N LEU C 342 -27.79 3.48 9.50
CA LEU C 342 -26.41 3.92 9.45
C LEU C 342 -26.34 5.44 9.39
N ASP C 343 -25.20 5.99 9.82
CA ASP C 343 -25.00 7.43 9.76
C ASP C 343 -24.71 7.85 8.32
N ASN C 344 -25.04 9.09 7.99
CA ASN C 344 -24.86 9.52 6.61
C ASN C 344 -23.39 9.66 6.23
N HIS C 345 -22.52 9.92 7.20
CA HIS C 345 -21.08 10.03 6.97
C HIS C 345 -20.28 9.01 7.76
N SER C 346 -19.78 8.00 7.05
CA SER C 346 -18.77 7.10 7.54
C SER C 346 -18.32 6.25 6.37
N SER C 347 -17.10 5.73 6.46
CA SER C 347 -16.58 4.91 5.37
C SER C 347 -17.41 3.66 5.16
N GLU C 348 -18.06 3.18 6.23
CA GLU C 348 -18.94 2.05 6.08
C GLU C 348 -20.13 2.45 5.24
N PHE C 349 -20.60 3.69 5.42
CA PHE C 349 -21.83 4.12 4.76
C PHE C 349 -21.57 4.19 3.27
N ASN C 350 -20.47 4.85 2.90
CA ASN C 350 -20.19 5.00 1.50
C ASN C 350 -19.91 3.66 0.84
N VAL C 351 -19.30 2.71 1.57
CA VAL C 351 -19.05 1.41 0.97
C VAL C 351 -20.36 0.70 0.72
N THR C 352 -21.24 0.67 1.71
CA THR C 352 -22.51 0.00 1.53
C THR C 352 -23.33 0.67 0.45
N ARG C 353 -23.26 1.99 0.38
CA ARG C 353 -24.02 2.70 -0.63
C ARG C 353 -23.48 2.42 -2.02
N ASN C 354 -22.15 2.37 -2.15
CA ASN C 354 -21.54 2.06 -3.43
C ASN C 354 -21.94 0.67 -3.88
N TYR C 355 -21.90 -0.29 -2.96
CA TYR C 355 -22.25 -1.65 -3.36
C TYR C 355 -23.70 -1.73 -3.74
N LEU C 356 -24.55 -1.01 -3.03
CA LEU C 356 -25.95 -1.03 -3.37
C LEU C 356 -26.17 -0.42 -4.74
N ASP C 357 -25.39 0.60 -5.08
CA ASP C 357 -25.53 1.17 -6.40
C ASP C 357 -25.13 0.17 -7.46
N TRP C 358 -24.07 -0.61 -7.19
CA TRP C 358 -23.68 -1.61 -8.17
C TRP C 358 -24.76 -2.65 -8.34
N LEU C 359 -25.50 -2.95 -7.28
CA LEU C 359 -26.63 -3.86 -7.43
C LEU C 359 -27.71 -3.24 -8.28
N THR C 360 -28.11 -2.02 -7.95
CA THR C 360 -29.28 -1.46 -8.61
C THR C 360 -29.01 -1.15 -10.07
N SER C 361 -27.75 -0.98 -10.44
CA SER C 361 -27.47 -0.68 -11.84
C SER C 361 -27.77 -1.84 -12.77
N ILE C 362 -27.61 -3.06 -12.30
CA ILE C 362 -27.69 -4.24 -13.16
C ILE C 362 -29.10 -4.41 -13.71
N PRO C 363 -29.32 -4.53 -15.01
CA PRO C 363 -30.65 -4.85 -15.51
C PRO C 363 -31.07 -6.23 -15.03
N TRP C 364 -32.35 -6.40 -14.76
CA TRP C 364 -32.88 -7.70 -14.34
C TRP C 364 -34.07 -7.99 -15.23
N GLY C 365 -33.83 -8.78 -16.26
CA GLY C 365 -34.88 -9.16 -17.16
C GLY C 365 -35.14 -8.18 -18.27
N LYS C 366 -34.41 -7.07 -18.34
CA LYS C 366 -34.46 -6.29 -19.55
C LYS C 366 -33.80 -7.10 -20.65
N TYR C 367 -34.42 -7.09 -21.83
CA TYR C 367 -33.98 -7.94 -22.94
C TYR C 367 -34.01 -7.11 -24.20
N SER C 368 -32.87 -6.98 -24.86
CA SER C 368 -32.85 -6.28 -26.14
C SER C 368 -33.74 -7.00 -27.13
N ASN C 369 -34.59 -6.25 -27.82
CA ASN C 369 -35.45 -6.83 -28.83
C ASN C 369 -34.54 -7.40 -29.90
N GLU C 370 -34.85 -8.61 -30.34
CA GLU C 370 -34.08 -9.32 -31.33
C GLU C 370 -34.82 -9.33 -32.65
N ASN C 371 -34.07 -9.24 -33.75
CA ASN C 371 -34.67 -9.37 -35.06
C ASN C 371 -35.00 -10.84 -35.29
N LEU C 372 -36.01 -11.07 -36.12
CA LEU C 372 -36.47 -12.42 -36.46
C LEU C 372 -36.59 -12.66 -37.94
N ASP C 373 -36.65 -11.63 -38.78
CA ASP C 373 -36.70 -11.81 -40.22
C ASP C 373 -35.41 -12.47 -40.67
N LEU C 374 -35.53 -13.42 -41.60
CA LEU C 374 -34.33 -14.11 -42.08
C LEU C 374 -33.64 -13.28 -43.14
N ALA C 375 -34.30 -13.11 -44.30
CA ALA C 375 -33.62 -12.58 -45.47
C ALA C 375 -33.07 -11.20 -45.21
N ARG C 376 -33.78 -10.40 -44.43
CA ARG C 376 -33.20 -9.13 -44.04
C ARG C 376 -31.97 -9.32 -43.19
N ALA C 377 -31.92 -10.40 -42.42
CA ALA C 377 -30.71 -10.64 -41.66
C ALA C 377 -29.64 -11.21 -42.57
N GLN C 378 -30.02 -12.16 -43.43
CA GLN C 378 -29.05 -12.82 -44.27
C GLN C 378 -28.37 -11.84 -45.21
N ALA C 379 -29.11 -10.85 -45.67
CA ALA C 379 -28.54 -9.86 -46.57
C ALA C 379 -27.38 -9.13 -45.91
N VAL C 380 -27.65 -8.54 -44.75
CA VAL C 380 -26.60 -7.77 -44.11
C VAL C 380 -25.49 -8.67 -43.61
N LEU C 381 -25.81 -9.90 -43.23
CA LEU C 381 -24.73 -10.82 -42.90
C LEU C 381 -23.85 -11.13 -44.09
N GLU C 382 -24.41 -11.07 -45.28
CA GLU C 382 -23.66 -11.50 -46.44
C GLU C 382 -22.90 -10.35 -47.06
N GLU C 383 -23.44 -9.14 -46.97
CA GLU C 383 -23.04 -8.11 -47.90
C GLU C 383 -21.60 -7.65 -47.72
N ASP C 384 -21.01 -7.82 -46.53
CA ASP C 384 -19.68 -7.29 -46.26
C ASP C 384 -18.60 -8.35 -46.11
N HIS C 385 -18.85 -9.58 -46.51
CA HIS C 385 -17.80 -10.60 -46.55
C HIS C 385 -18.19 -11.54 -47.65
N TYR C 386 -17.21 -12.22 -48.20
CA TYR C 386 -17.43 -13.20 -49.23
C TYR C 386 -17.26 -14.56 -48.58
N GLY C 387 -18.07 -15.51 -49.02
CA GLY C 387 -17.90 -16.89 -48.63
C GLY C 387 -18.02 -17.03 -47.14
N MET C 388 -16.99 -17.65 -46.56
CA MET C 388 -16.98 -18.15 -45.18
C MET C 388 -18.35 -18.72 -44.88
N GLU C 389 -18.70 -19.70 -45.70
CA GLU C 389 -20.06 -20.20 -45.77
C GLU C 389 -20.53 -20.79 -44.46
N ASP C 390 -19.62 -21.38 -43.68
CA ASP C 390 -20.03 -22.14 -42.52
C ASP C 390 -20.72 -21.25 -41.53
N VAL C 391 -20.10 -20.12 -41.20
CA VAL C 391 -20.66 -19.30 -40.16
C VAL C 391 -21.95 -18.67 -40.64
N LYS C 392 -21.99 -18.23 -41.89
CA LYS C 392 -23.22 -17.64 -42.39
C LYS C 392 -24.34 -18.64 -42.46
N LYS C 393 -24.02 -19.92 -42.55
CA LYS C 393 -25.07 -20.92 -42.48
C LYS C 393 -25.47 -21.18 -41.03
N ARG C 394 -24.49 -21.26 -40.16
CA ARG C 394 -24.75 -21.62 -38.78
C ARG C 394 -25.58 -20.56 -38.08
N ILE C 395 -25.19 -19.31 -38.22
CA ILE C 395 -25.93 -18.25 -37.54
C ILE C 395 -27.33 -18.19 -38.06
N LEU C 396 -27.51 -18.51 -39.33
CA LEU C 396 -28.84 -18.49 -39.87
C LEU C 396 -29.70 -19.57 -39.22
N GLU C 397 -29.12 -20.76 -39.04
CA GLU C 397 -29.88 -21.79 -38.34
C GLU C 397 -30.18 -21.37 -36.92
N PHE C 398 -29.27 -20.63 -36.30
CA PHE C 398 -29.52 -20.24 -34.93
C PHE C 398 -30.73 -19.33 -34.88
N ILE C 399 -30.79 -18.33 -35.76
CA ILE C 399 -31.93 -17.42 -35.73
C ILE C 399 -33.20 -18.19 -36.06
N ALA C 400 -33.07 -19.25 -36.85
CA ALA C 400 -34.26 -20.03 -37.16
C ALA C 400 -34.80 -20.67 -35.90
N VAL C 401 -33.92 -21.33 -35.15
CA VAL C 401 -34.40 -22.00 -33.94
C VAL C 401 -34.96 -20.99 -32.97
N SER C 402 -34.34 -19.82 -32.88
CA SER C 402 -34.84 -18.82 -31.94
C SER C 402 -36.22 -18.33 -32.36
N GLN C 403 -36.43 -18.19 -33.66
CA GLN C 403 -37.71 -17.74 -34.16
C GLN C 403 -38.77 -18.79 -33.91
N LEU C 404 -38.40 -20.06 -33.90
CA LEU C 404 -39.40 -21.09 -33.78
C LEU C 404 -39.92 -21.17 -32.36
N ARG C 405 -39.04 -21.27 -31.38
CA ARG C 405 -39.46 -21.46 -29.99
C ARG C 405 -39.51 -20.15 -29.24
N GLY C 406 -40.20 -19.15 -29.79
CA GLY C 406 -40.52 -17.99 -28.99
C GLY C 406 -39.31 -17.29 -28.40
N SER C 407 -39.12 -17.50 -27.10
CA SER C 407 -38.21 -16.70 -26.30
C SER C 407 -36.75 -16.85 -26.74
N THR C 408 -35.99 -15.80 -26.45
CA THR C 408 -34.59 -15.71 -26.84
C THR C 408 -33.75 -16.77 -26.14
N GLN C 409 -32.66 -17.15 -26.78
CA GLN C 409 -31.78 -18.21 -26.32
C GLN C 409 -30.34 -17.88 -26.64
N GLY C 410 -29.43 -18.55 -25.93
CA GLY C 410 -28.02 -18.34 -26.11
C GLY C 410 -27.28 -19.65 -26.19
N LYS C 411 -26.17 -19.64 -26.94
CA LYS C 411 -25.27 -20.77 -27.05
C LYS C 411 -23.86 -20.25 -27.13
N ILE C 412 -22.93 -21.17 -26.97
CA ILE C 412 -21.51 -20.88 -26.88
C ILE C 412 -20.80 -21.65 -27.98
N LEU C 413 -19.92 -20.99 -28.71
CA LEU C 413 -19.30 -21.62 -29.87
C LEU C 413 -18.00 -20.91 -30.19
N CYS C 414 -17.23 -21.50 -31.11
CA CYS C 414 -15.87 -21.07 -31.36
C CYS C 414 -15.52 -21.26 -32.83
N PHE C 415 -14.43 -20.63 -33.23
CA PHE C 415 -13.91 -20.69 -34.60
C PHE C 415 -12.43 -20.97 -34.60
N TYR C 416 -11.93 -21.45 -35.74
CA TYR C 416 -10.50 -21.65 -35.79
C TYR C 416 -10.03 -21.85 -37.22
N GLY C 417 -8.96 -21.18 -37.57
CA GLY C 417 -8.37 -21.27 -38.88
C GLY C 417 -7.11 -20.44 -38.91
N PRO C 418 -6.45 -20.39 -40.07
CA PRO C 418 -5.19 -19.66 -40.16
C PRO C 418 -5.41 -18.20 -39.85
N PRO C 419 -4.45 -17.53 -39.21
CA PRO C 419 -4.69 -16.16 -38.76
C PRO C 419 -4.96 -15.22 -39.91
N GLY C 420 -5.82 -14.23 -39.66
CA GLY C 420 -6.09 -13.26 -40.69
C GLY C 420 -7.10 -13.66 -41.74
N VAL C 421 -7.89 -14.71 -41.50
CA VAL C 421 -8.92 -15.09 -42.46
C VAL C 421 -10.18 -14.24 -42.34
N GLY C 422 -10.27 -13.36 -41.34
CA GLY C 422 -11.46 -12.58 -41.08
C GLY C 422 -12.27 -13.12 -39.93
N LYS C 423 -11.67 -13.91 -39.04
CA LYS C 423 -12.44 -14.51 -37.97
C LYS C 423 -13.04 -13.46 -37.05
N THR C 424 -12.39 -12.31 -36.91
CA THR C 424 -12.85 -11.31 -35.97
C THR C 424 -13.67 -10.22 -36.63
N SER C 425 -13.49 -9.96 -37.91
CA SER C 425 -14.28 -8.92 -38.53
C SER C 425 -15.75 -9.28 -38.55
N ILE C 426 -16.06 -10.58 -38.73
CA ILE C 426 -17.43 -10.97 -38.92
C ILE C 426 -18.29 -10.75 -37.72
N ALA C 427 -17.67 -10.73 -36.54
CA ALA C 427 -18.43 -10.68 -35.30
C ALA C 427 -19.30 -9.45 -35.23
N ARG C 428 -18.71 -8.30 -35.50
CA ARG C 428 -19.47 -7.07 -35.40
C ARG C 428 -20.60 -7.04 -36.42
N SER C 429 -20.37 -7.61 -37.59
CA SER C 429 -21.44 -7.64 -38.57
C SER C 429 -22.60 -8.49 -38.08
N ILE C 430 -22.27 -9.57 -37.37
CA ILE C 430 -23.30 -10.42 -36.82
C ILE C 430 -24.06 -9.64 -35.77
N ALA C 431 -23.34 -8.87 -34.96
CA ALA C 431 -24.01 -8.15 -33.90
C ALA C 431 -24.96 -7.13 -34.47
N ARG C 432 -24.66 -6.62 -35.66
CA ARG C 432 -25.61 -5.73 -36.31
C ARG C 432 -26.71 -6.47 -37.02
N ALA C 433 -26.58 -7.78 -37.21
CA ALA C 433 -27.65 -8.51 -37.85
C ALA C 433 -28.67 -8.95 -36.81
N LEU C 434 -28.22 -9.73 -35.83
CA LEU C 434 -29.14 -10.17 -34.81
C LEU C 434 -29.68 -9.04 -33.96
N ASN C 435 -29.02 -7.89 -33.94
CA ASN C 435 -29.37 -6.70 -33.17
C ASN C 435 -28.90 -6.78 -31.73
N ARG C 436 -28.26 -7.86 -31.30
CA ARG C 436 -27.63 -7.81 -29.98
C ARG C 436 -26.57 -6.73 -29.95
N GLU C 437 -26.41 -6.13 -28.79
CA GLU C 437 -25.33 -5.17 -28.60
C GLU C 437 -23.98 -5.84 -28.60
N TYR C 438 -23.00 -5.19 -29.21
CA TYR C 438 -21.66 -5.73 -29.33
C TYR C 438 -20.86 -5.40 -28.10
N PHE C 439 -19.89 -6.25 -27.82
CA PHE C 439 -18.85 -5.96 -26.86
C PHE C 439 -17.78 -6.98 -27.09
N ARG C 440 -16.54 -6.55 -26.86
CA ARG C 440 -15.38 -7.37 -27.08
C ARG C 440 -14.47 -7.12 -25.89
N PHE C 441 -13.65 -8.11 -25.54
CA PHE C 441 -12.57 -7.82 -24.62
C PHE C 441 -11.46 -8.84 -24.85
N SER C 442 -10.34 -8.39 -25.37
CA SER C 442 -9.26 -9.34 -25.60
C SER C 442 -8.80 -9.88 -24.25
N VAL C 443 -8.61 -11.20 -24.19
CA VAL C 443 -8.09 -11.85 -23.00
C VAL C 443 -6.64 -12.24 -23.15
N GLY C 444 -6.14 -12.34 -24.39
CA GLY C 444 -4.82 -12.89 -24.67
C GLY C 444 -3.71 -12.23 -23.90
N GLY C 445 -2.94 -13.04 -23.22
CA GLY C 445 -1.87 -12.56 -22.39
C GLY C 445 -2.31 -12.14 -21.02
N MET C 446 -3.61 -12.20 -20.71
CA MET C 446 -4.02 -11.92 -19.36
C MET C 446 -3.61 -13.11 -18.48
N THR C 447 -3.43 -12.82 -17.20
CA THR C 447 -3.14 -13.83 -16.21
C THR C 447 -3.89 -13.63 -14.91
N ASP C 448 -4.51 -12.47 -14.68
CA ASP C 448 -5.13 -12.20 -13.39
C ASP C 448 -6.56 -12.72 -13.44
N VAL C 449 -6.82 -13.79 -12.69
CA VAL C 449 -8.16 -14.32 -12.60
C VAL C 449 -9.12 -13.29 -12.02
N ALA C 450 -8.64 -12.44 -11.11
CA ALA C 450 -9.50 -11.44 -10.48
C ALA C 450 -10.14 -10.51 -11.48
N GLU C 451 -9.52 -10.33 -12.65
CA GLU C 451 -10.06 -9.41 -13.63
C GLU C 451 -11.44 -9.87 -14.07
N ILE C 452 -11.65 -11.19 -14.10
CA ILE C 452 -12.89 -11.80 -14.55
C ILE C 452 -13.71 -12.33 -13.40
N LYS C 453 -13.33 -12.03 -12.15
CA LYS C 453 -14.09 -12.45 -11.00
C LYS C 453 -14.18 -11.42 -9.89
N GLY C 454 -13.60 -10.25 -10.06
CA GLY C 454 -13.78 -9.24 -9.08
C GLY C 454 -13.02 -9.61 -7.82
N HIS C 455 -13.23 -8.80 -6.81
CA HIS C 455 -12.68 -9.00 -5.50
C HIS C 455 -13.78 -9.06 -4.45
N ARG C 456 -13.36 -9.16 -3.20
CA ARG C 456 -14.18 -9.57 -2.07
C ARG C 456 -15.10 -8.48 -1.55
N ARG C 457 -14.92 -7.22 -1.97
CA ARG C 457 -15.69 -6.04 -1.63
C ARG C 457 -15.34 -5.53 -0.24
N THR C 458 -14.62 -6.30 0.59
CA THR C 458 -14.07 -5.80 1.84
C THR C 458 -12.65 -5.27 1.66
N TYR C 459 -12.08 -5.37 0.46
CA TYR C 459 -10.76 -4.80 0.21
C TYR C 459 -10.99 -3.32 -0.05
N VAL C 460 -9.97 -2.62 -0.58
CA VAL C 460 -10.14 -1.19 -0.82
C VAL C 460 -10.83 -0.93 -2.15
N GLY C 461 -10.22 -1.33 -3.26
CA GLY C 461 -10.70 -0.88 -4.55
C GLY C 461 -11.53 -1.89 -5.30
N ALA C 462 -12.06 -2.89 -4.59
CA ALA C 462 -12.68 -4.03 -5.25
C ALA C 462 -13.81 -3.56 -6.12
N MET C 463 -13.85 -4.08 -7.33
CA MET C 463 -14.92 -3.88 -8.28
C MET C 463 -15.18 -5.22 -8.91
N PRO C 464 -16.39 -5.49 -9.34
CA PRO C 464 -16.69 -6.80 -9.90
C PRO C 464 -15.89 -7.02 -11.16
N GLY C 465 -15.61 -8.29 -11.45
CA GLY C 465 -14.84 -8.69 -12.62
C GLY C 465 -15.34 -8.04 -13.91
N LYS C 466 -14.60 -8.18 -15.00
CA LYS C 466 -14.88 -7.43 -16.23
C LYS C 466 -16.29 -7.67 -16.75
N ILE C 467 -16.81 -8.88 -16.57
CA ILE C 467 -18.05 -9.23 -17.23
C ILE C 467 -19.19 -8.37 -16.71
N ILE C 468 -19.19 -8.06 -15.42
CA ILE C 468 -20.26 -7.23 -14.91
C ILE C 468 -20.15 -5.83 -15.46
N GLN C 469 -18.94 -5.36 -15.71
CA GLN C 469 -18.80 -4.07 -16.34
C GLN C 469 -19.40 -4.11 -17.73
N CYS C 470 -19.19 -5.22 -18.43
CA CYS C 470 -19.80 -5.35 -19.73
C CYS C 470 -21.30 -5.36 -19.63
N LEU C 471 -21.81 -6.00 -18.61
CA LEU C 471 -23.24 -6.19 -18.55
C LEU C 471 -23.96 -4.97 -18.08
N LYS C 472 -23.24 -4.02 -17.47
CA LYS C 472 -23.84 -2.75 -17.18
C LYS C 472 -23.69 -1.80 -18.35
N LYS C 473 -22.54 -1.87 -19.03
CA LYS C 473 -22.28 -0.93 -20.10
C LYS C 473 -23.27 -1.08 -21.23
N THR C 474 -23.82 -2.27 -21.44
CA THR C 474 -24.82 -2.53 -22.46
C THR C 474 -26.06 -2.92 -21.68
N LYS C 475 -27.05 -2.03 -21.67
CA LYS C 475 -28.13 -2.12 -20.70
C LYS C 475 -28.90 -3.42 -20.83
N THR C 476 -28.90 -4.02 -22.01
CA THR C 476 -29.62 -5.25 -22.19
C THR C 476 -28.94 -6.34 -21.39
N GLU C 477 -29.72 -7.35 -21.02
CA GLU C 477 -29.18 -8.51 -20.33
C GLU C 477 -28.58 -9.53 -21.29
N ASN C 478 -28.72 -9.34 -22.61
CA ASN C 478 -28.26 -10.31 -23.60
C ASN C 478 -27.35 -9.65 -24.63
N PRO C 479 -26.18 -9.22 -24.20
CA PRO C 479 -25.13 -8.81 -25.13
C PRO C 479 -24.46 -9.97 -25.83
N LEU C 480 -23.86 -9.66 -26.97
CA LEU C 480 -23.04 -10.60 -27.73
C LEU C 480 -21.58 -10.47 -27.30
N ILE C 481 -21.29 -10.95 -26.10
CA ILE C 481 -19.92 -10.93 -25.61
C ILE C 481 -19.04 -11.70 -26.57
N LEU C 482 -17.82 -11.21 -26.79
CA LEU C 482 -16.89 -11.81 -27.73
C LEU C 482 -15.53 -11.98 -27.07
N ILE C 483 -15.36 -13.04 -26.28
CA ILE C 483 -14.01 -13.37 -25.83
C ILE C 483 -13.13 -13.57 -27.05
N ASP C 484 -11.87 -13.17 -26.95
CA ASP C 484 -10.97 -13.13 -28.09
C ASP C 484 -9.64 -13.76 -27.78
N GLU C 485 -9.09 -14.48 -28.76
CA GLU C 485 -7.76 -15.08 -28.74
C GLU C 485 -7.51 -15.94 -27.49
N VAL C 486 -8.41 -16.90 -27.28
CA VAL C 486 -8.28 -17.78 -26.12
C VAL C 486 -6.98 -18.57 -26.14
N ASP C 487 -6.41 -18.79 -27.33
CA ASP C 487 -5.26 -19.68 -27.47
C ASP C 487 -4.07 -19.17 -26.68
N LYS C 488 -3.96 -17.86 -26.51
CA LYS C 488 -2.77 -17.20 -26.01
C LYS C 488 -3.01 -16.59 -24.64
N ILE C 489 -3.84 -17.25 -23.84
CA ILE C 489 -3.96 -16.91 -22.45
C ILE C 489 -2.72 -17.28 -21.67
N GLY C 490 -2.44 -16.51 -20.63
CA GLY C 490 -1.27 -16.78 -19.83
C GLY C 490 -1.48 -18.03 -19.00
N ARG C 491 -0.39 -18.60 -18.51
CA ARG C 491 -0.50 -19.82 -17.72
C ARG C 491 0.82 -20.02 -16.99
N GLY C 492 0.76 -20.74 -15.87
CA GLY C 492 1.96 -21.34 -15.32
C GLY C 492 2.85 -20.42 -14.51
N TYR C 493 2.40 -19.22 -14.16
CA TYR C 493 3.12 -18.32 -13.24
C TYR C 493 2.26 -17.84 -12.08
N GLN C 494 0.94 -17.79 -12.29
CA GLN C 494 -0.01 -17.67 -11.20
C GLN C 494 -1.12 -18.66 -11.53
N GLY C 495 -2.20 -18.60 -10.76
CA GLY C 495 -3.35 -19.43 -11.03
C GLY C 495 -3.90 -19.12 -12.39
N ASP C 496 -4.19 -20.15 -13.15
CA ASP C 496 -4.65 -19.97 -14.51
C ASP C 496 -6.02 -19.29 -14.49
N PRO C 497 -6.21 -18.17 -15.21
CA PRO C 497 -7.58 -17.69 -15.37
C PRO C 497 -8.48 -18.71 -16.03
N SER C 498 -7.90 -19.57 -16.88
CA SER C 498 -8.70 -20.58 -17.56
C SER C 498 -9.46 -21.44 -16.59
N SER C 499 -8.86 -21.74 -15.44
CA SER C 499 -9.53 -22.57 -14.46
C SER C 499 -10.78 -21.91 -13.92
N ALA C 500 -10.85 -20.57 -13.99
CA ALA C 500 -12.07 -19.87 -13.63
C ALA C 500 -13.06 -19.87 -14.77
N LEU C 501 -12.56 -19.83 -16.01
CA LEU C 501 -13.41 -19.64 -17.17
C LEU C 501 -14.46 -20.72 -17.28
N LEU C 502 -14.16 -21.93 -16.81
CA LEU C 502 -15.07 -23.05 -16.94
C LEU C 502 -16.40 -22.71 -16.29
N GLU C 503 -16.34 -21.99 -15.16
CA GLU C 503 -17.54 -21.66 -14.43
C GLU C 503 -18.48 -20.82 -15.29
N LEU C 504 -17.91 -20.02 -16.18
CA LEU C 504 -18.76 -19.27 -17.10
C LEU C 504 -19.34 -20.20 -18.13
N LEU C 505 -18.51 -21.01 -18.74
CA LEU C 505 -18.84 -21.55 -20.03
C LEU C 505 -19.69 -22.81 -19.99
N ASP C 506 -19.98 -23.33 -18.81
CA ASP C 506 -20.83 -24.51 -18.73
C ASP C 506 -22.18 -24.09 -19.29
N PRO C 507 -22.72 -24.79 -20.30
CA PRO C 507 -23.93 -24.30 -20.98
C PRO C 507 -25.11 -24.12 -20.09
N GLU C 508 -25.24 -24.93 -19.06
CA GLU C 508 -26.35 -24.88 -18.12
C GLU C 508 -25.98 -24.24 -16.79
N GLN C 509 -24.82 -24.57 -16.24
CA GLN C 509 -24.51 -24.16 -14.88
C GLN C 509 -24.34 -22.66 -14.75
N ASN C 510 -23.98 -21.99 -15.85
CA ASN C 510 -23.74 -20.56 -15.81
C ASN C 510 -24.95 -19.79 -15.35
N ALA C 511 -26.14 -20.36 -15.52
CA ALA C 511 -27.37 -19.71 -15.10
C ALA C 511 -27.41 -19.35 -13.62
N ASN C 512 -26.44 -19.78 -12.79
CA ASN C 512 -26.27 -19.32 -11.43
C ASN C 512 -24.83 -18.92 -11.21
N PHE C 513 -24.30 -18.10 -12.10
CA PHE C 513 -22.97 -17.56 -11.90
C PHE C 513 -22.93 -16.69 -10.67
N LEU C 514 -21.82 -16.76 -9.93
CA LEU C 514 -21.69 -16.14 -8.60
C LEU C 514 -20.36 -15.41 -8.53
N ASP C 515 -20.37 -14.15 -8.96
CA ASP C 515 -19.18 -13.33 -8.89
C ASP C 515 -18.85 -12.92 -7.47
N HIS C 516 -17.55 -12.86 -7.16
CA HIS C 516 -17.14 -12.65 -5.77
C HIS C 516 -17.62 -11.32 -5.22
N TYR C 517 -17.65 -10.28 -6.05
CA TYR C 517 -18.05 -8.97 -5.55
C TYR C 517 -19.49 -8.96 -5.07
N LEU C 518 -20.39 -9.10 -6.01
CA LEU C 518 -21.82 -9.15 -5.73
C LEU C 518 -22.20 -10.61 -5.66
N ASP C 519 -22.29 -11.11 -4.44
CA ASP C 519 -22.38 -12.56 -4.23
C ASP C 519 -23.67 -13.14 -4.78
N VAL C 520 -24.71 -12.35 -4.98
CA VAL C 520 -25.99 -12.93 -5.42
C VAL C 520 -25.81 -13.60 -6.77
N PRO C 521 -26.31 -14.81 -7.00
CA PRO C 521 -26.04 -15.46 -8.29
C PRO C 521 -26.63 -14.63 -9.40
N VAL C 522 -25.92 -14.55 -10.52
CA VAL C 522 -26.35 -13.78 -11.67
C VAL C 522 -26.61 -14.77 -12.77
N ASP C 523 -27.87 -15.03 -13.06
CA ASP C 523 -28.18 -15.82 -14.24
C ASP C 523 -27.75 -14.99 -15.43
N LEU C 524 -27.08 -15.63 -16.38
CA LEU C 524 -26.77 -14.97 -17.62
C LEU C 524 -26.84 -15.94 -18.77
N SER C 525 -27.73 -16.92 -18.70
CA SER C 525 -27.75 -17.97 -19.71
C SER C 525 -28.06 -17.49 -21.12
N LYS C 526 -28.76 -16.37 -21.26
CA LYS C 526 -29.15 -15.95 -22.59
C LYS C 526 -28.02 -15.37 -23.43
N VAL C 527 -26.89 -15.02 -22.83
CA VAL C 527 -25.80 -14.42 -23.58
C VAL C 527 -25.35 -15.36 -24.68
N LEU C 528 -24.71 -14.81 -25.71
CA LEU C 528 -24.20 -15.56 -26.84
C LEU C 528 -22.70 -15.35 -26.93
N PHE C 529 -21.96 -16.20 -26.27
CA PHE C 529 -20.52 -16.10 -26.28
C PHE C 529 -19.98 -16.47 -27.64
N ILE C 530 -18.77 -16.03 -27.93
CA ILE C 530 -18.01 -16.48 -29.09
C ILE C 530 -16.56 -16.56 -28.63
N CYS C 531 -15.78 -17.38 -29.33
CA CYS C 531 -14.36 -17.55 -29.03
C CYS C 531 -13.61 -17.79 -30.32
N THR C 532 -12.34 -17.40 -30.32
CA THR C 532 -11.56 -17.31 -31.55
C THR C 532 -10.11 -17.70 -31.27
N ALA C 533 -9.76 -18.94 -31.56
CA ALA C 533 -8.37 -19.39 -31.49
C ALA C 533 -7.97 -19.94 -32.85
N ASN C 534 -6.73 -19.69 -33.27
CA ASN C 534 -6.35 -20.02 -34.63
C ASN C 534 -5.81 -21.43 -34.78
N VAL C 535 -5.61 -22.14 -33.67
CA VAL C 535 -5.21 -23.54 -33.70
C VAL C 535 -5.83 -24.18 -32.47
N THR C 536 -6.57 -25.26 -32.69
CA THR C 536 -7.41 -25.84 -31.63
C THR C 536 -6.73 -27.00 -30.94
N ASP C 537 -5.51 -26.74 -30.46
CA ASP C 537 -4.73 -27.68 -29.68
C ASP C 537 -4.28 -27.17 -28.32
N THR C 538 -3.89 -25.90 -28.22
CA THR C 538 -3.33 -25.41 -26.98
C THR C 538 -4.36 -25.32 -25.86
N ILE C 539 -5.63 -25.24 -26.22
CA ILE C 539 -6.68 -25.04 -25.22
C ILE C 539 -6.72 -26.29 -24.33
N PRO C 540 -6.76 -26.17 -23.00
CA PRO C 540 -6.78 -27.39 -22.21
C PRO C 540 -8.04 -28.18 -22.48
N GLU C 541 -7.89 -29.50 -22.44
CA GLU C 541 -8.98 -30.40 -22.84
C GLU C 541 -10.28 -30.18 -22.11
N PRO C 542 -10.33 -30.09 -20.76
CA PRO C 542 -11.64 -29.97 -20.10
C PRO C 542 -12.39 -28.76 -20.55
N LEU C 543 -11.67 -27.69 -20.81
CA LEU C 543 -12.31 -26.49 -21.33
C LEU C 543 -12.62 -26.61 -22.80
N ARG C 544 -11.71 -27.24 -23.54
CA ARG C 544 -11.89 -27.36 -24.98
C ARG C 544 -13.12 -28.17 -25.33
N ASP C 545 -13.52 -29.08 -24.46
CA ASP C 545 -14.67 -29.91 -24.78
C ASP C 545 -15.97 -29.11 -24.79
N ARG C 546 -16.12 -28.08 -23.93
CA ARG C 546 -17.43 -27.47 -23.71
C ARG C 546 -18.02 -26.82 -24.94
N MET C 547 -17.20 -26.28 -25.82
CA MET C 547 -17.62 -25.27 -26.78
C MET C 547 -17.43 -25.81 -28.19
N GLU C 548 -18.52 -25.87 -28.94
CA GLU C 548 -18.42 -26.45 -30.27
C GLU C 548 -17.50 -25.62 -31.15
N MET C 549 -16.75 -26.32 -31.97
CA MET C 549 -15.82 -25.75 -32.93
C MET C 549 -16.49 -25.56 -34.28
N ILE C 550 -15.96 -24.63 -35.06
CA ILE C 550 -16.39 -24.42 -36.44
C ILE C 550 -15.18 -23.98 -37.23
N ASN C 551 -14.84 -24.74 -38.26
CA ASN C 551 -13.55 -24.56 -38.94
C ASN C 551 -13.78 -23.63 -40.10
N VAL C 552 -13.26 -22.41 -40.01
CA VAL C 552 -13.09 -21.59 -41.20
C VAL C 552 -11.90 -22.11 -42.00
N SER C 553 -11.96 -21.93 -43.32
CA SER C 553 -10.99 -22.51 -44.23
C SER C 553 -10.39 -21.45 -45.14
N GLY C 554 -9.14 -21.67 -45.53
CA GLY C 554 -8.42 -20.71 -46.34
C GLY C 554 -9.01 -20.58 -47.74
N TYR C 555 -8.90 -19.40 -48.30
CA TYR C 555 -9.54 -19.08 -49.57
C TYR C 555 -8.77 -19.60 -50.75
N VAL C 556 -9.50 -19.85 -51.84
CA VAL C 556 -8.91 -20.22 -53.11
C VAL C 556 -8.82 -18.97 -53.96
N ALA C 557 -7.85 -18.96 -54.88
CA ALA C 557 -7.47 -17.72 -55.56
C ALA C 557 -8.59 -17.16 -56.41
N GLN C 558 -9.36 -18.04 -57.07
CA GLN C 558 -10.32 -17.59 -58.07
C GLN C 558 -11.37 -16.68 -57.50
N GLU C 559 -11.69 -16.88 -56.22
CA GLU C 559 -12.62 -16.05 -55.50
C GLU C 559 -11.93 -15.17 -54.48
N LYS C 560 -10.66 -15.40 -54.18
CA LYS C 560 -9.93 -14.35 -53.51
C LYS C 560 -9.90 -13.11 -54.38
N LEU C 561 -9.85 -13.34 -55.69
CA LEU C 561 -10.00 -12.28 -56.65
C LEU C 561 -11.33 -11.55 -56.48
N ALA C 562 -12.41 -12.32 -56.42
CA ALA C 562 -13.72 -11.69 -56.46
C ALA C 562 -14.10 -11.05 -55.16
N ILE C 563 -13.44 -11.40 -54.06
CA ILE C 563 -13.61 -10.60 -52.85
C ILE C 563 -12.80 -9.34 -52.97
N ALA C 564 -11.53 -9.49 -53.38
CA ALA C 564 -10.68 -8.32 -53.41
C ALA C 564 -11.17 -7.33 -54.45
N GLU C 565 -11.87 -7.81 -55.46
CA GLU C 565 -12.35 -6.95 -56.52
C GLU C 565 -13.65 -6.26 -56.13
N ARG C 566 -14.28 -6.64 -55.01
CA ARG C 566 -15.52 -6.04 -54.56
C ARG C 566 -15.37 -5.21 -53.32
N TYR C 567 -14.58 -5.65 -52.35
CA TYR C 567 -14.41 -4.94 -51.08
C TYR C 567 -13.03 -4.31 -50.95
N LEU C 568 -11.96 -5.11 -51.05
CA LEU C 568 -10.61 -4.62 -50.75
C LEU C 568 -10.24 -3.46 -51.64
N VAL C 569 -10.41 -3.63 -52.95
CA VAL C 569 -10.04 -2.55 -53.85
C VAL C 569 -10.82 -1.30 -53.50
N PRO C 570 -12.16 -1.33 -53.38
CA PRO C 570 -12.85 -0.12 -52.92
C PRO C 570 -12.39 0.35 -51.57
N GLN C 571 -12.03 -0.57 -50.66
CA GLN C 571 -11.56 -0.14 -49.36
C GLN C 571 -10.29 0.68 -49.49
N ALA C 572 -9.30 0.13 -50.17
CA ALA C 572 -8.02 0.82 -50.31
C ALA C 572 -8.18 2.11 -51.09
N ARG C 573 -9.05 2.11 -52.10
CA ARG C 573 -9.18 3.33 -52.87
C ARG C 573 -9.83 4.41 -52.04
N ALA C 574 -10.83 4.04 -51.26
CA ALA C 574 -11.43 5.00 -50.35
C ALA C 574 -10.45 5.40 -49.26
N LEU C 575 -9.53 4.52 -48.90
CA LEU C 575 -8.57 4.87 -47.89
C LEU C 575 -7.61 5.92 -48.40
N CYS C 576 -7.13 5.76 -49.62
CA CYS C 576 -6.16 6.70 -50.14
C CYS C 576 -6.82 7.89 -50.80
N GLY C 577 -8.13 7.92 -50.91
CA GLY C 577 -8.81 9.09 -51.40
C GLY C 577 -8.76 9.27 -52.90
N LEU C 578 -8.30 8.28 -53.67
CA LEU C 578 -8.19 8.44 -55.11
C LEU C 578 -9.55 8.21 -55.75
N ASP C 579 -9.55 8.15 -57.08
CA ASP C 579 -10.73 8.01 -57.89
C ASP C 579 -10.43 6.92 -58.90
N GLU C 580 -11.51 6.32 -59.41
CA GLU C 580 -11.39 5.32 -60.47
C GLU C 580 -10.75 5.91 -61.71
N SER C 581 -10.87 7.23 -61.92
CA SER C 581 -10.22 7.81 -63.08
C SER C 581 -8.75 7.93 -62.79
N LYS C 582 -8.43 8.45 -61.62
CA LYS C 582 -7.05 8.71 -61.30
C LYS C 582 -6.29 7.40 -61.10
N ALA C 583 -6.98 6.34 -60.69
CA ALA C 583 -6.35 5.14 -60.18
C ALA C 583 -6.98 3.86 -60.74
N LYS C 584 -7.14 3.80 -62.05
CA LYS C 584 -7.72 2.62 -62.67
C LYS C 584 -6.79 1.42 -62.52
N LEU C 585 -7.37 0.23 -62.30
CA LEU C 585 -6.63 -1.02 -62.31
C LEU C 585 -7.43 -2.17 -62.92
N SER C 586 -6.81 -2.86 -63.88
CA SER C 586 -7.49 -3.94 -64.57
C SER C 586 -7.61 -5.17 -63.69
N SER C 587 -8.58 -6.01 -64.01
CA SER C 587 -8.68 -7.29 -63.34
C SER C 587 -7.47 -8.16 -63.64
N ASP C 588 -6.92 -8.03 -64.84
CA ASP C 588 -5.83 -8.91 -65.24
C ASP C 588 -4.61 -8.70 -64.38
N VAL C 589 -4.33 -7.44 -64.01
CA VAL C 589 -3.18 -7.25 -63.14
C VAL C 589 -3.44 -7.88 -61.80
N LEU C 590 -4.69 -7.89 -61.36
CA LEU C 590 -4.99 -8.58 -60.11
C LEU C 590 -4.77 -10.06 -60.25
N THR C 591 -5.08 -10.63 -61.42
CA THR C 591 -4.83 -12.06 -61.59
C THR C 591 -3.36 -12.34 -61.54
N LEU C 592 -2.58 -11.54 -62.25
CA LEU C 592 -1.15 -11.68 -62.21
C LEU C 592 -0.64 -11.57 -60.80
N LEU C 593 -1.08 -10.54 -60.08
CA LEU C 593 -0.53 -10.28 -58.76
C LEU C 593 -0.85 -11.45 -57.85
N ILE C 594 -2.05 -11.99 -57.99
CA ILE C 594 -2.46 -13.07 -57.12
C ILE C 594 -1.61 -14.30 -57.42
N LYS C 595 -1.49 -14.63 -58.70
CA LYS C 595 -0.81 -15.87 -59.01
C LYS C 595 0.70 -15.72 -59.00
N GLN C 596 1.24 -14.52 -58.87
CA GLN C 596 2.67 -14.32 -58.80
C GLN C 596 3.14 -13.98 -57.39
N TYR C 597 2.76 -12.82 -56.89
CA TYR C 597 3.46 -12.27 -55.75
C TYR C 597 2.84 -12.64 -54.41
N CYS C 598 1.69 -13.34 -54.39
CA CYS C 598 1.04 -13.66 -53.12
C CYS C 598 0.24 -14.96 -53.27
N ARG C 599 0.77 -16.06 -52.73
CA ARG C 599 0.06 -17.31 -52.57
C ARG C 599 -0.07 -17.63 -51.08
N GLU C 600 -1.26 -17.47 -50.50
CA GLU C 600 -1.49 -17.92 -49.13
C GLU C 600 -2.95 -17.78 -48.71
N SER C 601 -3.29 -18.57 -47.68
CA SER C 601 -4.66 -18.67 -47.18
C SER C 601 -5.18 -17.37 -46.60
N GLY C 602 -4.30 -16.52 -46.10
CA GLY C 602 -4.72 -15.29 -45.47
C GLY C 602 -5.12 -14.29 -46.50
N VAL C 603 -5.46 -13.10 -46.04
CA VAL C 603 -5.88 -12.04 -46.95
C VAL C 603 -5.13 -10.75 -46.64
N ARG C 604 -4.38 -10.72 -45.54
CA ARG C 604 -3.62 -9.53 -45.19
C ARG C 604 -2.60 -9.19 -46.26
N ASN C 605 -2.04 -10.23 -46.86
CA ASN C 605 -0.94 -10.06 -47.80
C ASN C 605 -1.39 -9.38 -49.07
N LEU C 606 -2.50 -9.84 -49.63
CA LEU C 606 -3.02 -9.20 -50.81
C LEU C 606 -3.41 -7.75 -50.53
N GLN C 607 -3.91 -7.49 -49.33
CA GLN C 607 -4.24 -6.13 -48.99
C GLN C 607 -3.01 -5.26 -49.02
N LYS C 608 -1.92 -5.76 -48.46
CA LYS C 608 -0.70 -4.97 -48.42
C LYS C 608 -0.19 -4.69 -49.82
N GLN C 609 -0.26 -5.68 -50.70
CA GLN C 609 0.24 -5.43 -52.04
C GLN C 609 -0.61 -4.42 -52.77
N VAL C 610 -1.93 -4.54 -52.62
CA VAL C 610 -2.81 -3.64 -53.35
C VAL C 610 -2.58 -2.20 -52.90
N GLU C 611 -2.56 -2.00 -51.59
CA GLU C 611 -2.37 -0.64 -51.11
C GLU C 611 -1.01 -0.10 -51.50
N LYS C 612 -0.01 -0.96 -51.58
CA LYS C 612 1.29 -0.47 -51.98
C LYS C 612 1.23 0.03 -53.40
N VAL C 613 0.59 -0.73 -54.28
CA VAL C 613 0.54 -0.32 -55.67
C VAL C 613 -0.17 1.01 -55.79
N LEU C 614 -1.28 1.14 -55.07
CA LEU C 614 -2.06 2.35 -55.17
C LEU C 614 -1.28 3.54 -54.66
N ARG C 615 -0.63 3.37 -53.52
CA ARG C 615 0.06 4.49 -52.92
C ARG C 615 1.24 4.94 -53.76
N LYS C 616 1.88 4.02 -54.47
CA LYS C 616 2.93 4.47 -55.38
C LYS C 616 2.33 5.27 -56.51
N SER C 617 1.16 4.86 -56.98
CA SER C 617 0.50 5.68 -57.97
C SER C 617 0.11 7.05 -57.42
N ALA C 618 -0.30 7.09 -56.15
CA ALA C 618 -0.75 8.35 -55.57
C ALA C 618 0.37 9.36 -55.46
N TYR C 619 1.53 8.90 -55.03
CA TYR C 619 2.66 9.80 -54.98
C TYR C 619 3.08 10.20 -56.38
N LYS C 620 2.94 9.29 -57.34
CA LYS C 620 3.27 9.64 -58.71
C LYS C 620 2.31 10.70 -59.23
N ILE C 621 1.10 10.77 -58.67
CA ILE C 621 0.13 11.75 -59.14
C ILE C 621 0.39 13.09 -58.48
N VAL C 622 0.25 13.14 -57.15
CA VAL C 622 0.18 14.43 -56.46
C VAL C 622 1.46 15.22 -56.64
N SER C 623 2.58 14.54 -56.75
CA SER C 623 3.87 15.18 -56.88
C SER C 623 4.54 14.84 -58.18
N GLY C 624 4.29 13.66 -58.71
CA GLY C 624 4.99 13.24 -59.89
C GLY C 624 4.49 13.97 -61.11
N GLU C 625 4.39 13.23 -62.20
CA GLU C 625 4.19 13.79 -63.52
C GLU C 625 2.86 13.35 -64.11
N ALA C 626 2.54 12.07 -64.05
CA ALA C 626 1.31 11.60 -64.67
C ALA C 626 0.12 12.20 -63.95
N GLU C 627 -0.88 12.58 -64.72
CA GLU C 627 -2.16 12.99 -64.14
C GLU C 627 -3.11 11.82 -63.93
N SER C 628 -2.79 10.65 -64.48
CA SER C 628 -3.62 9.46 -64.35
C SER C 628 -2.69 8.27 -64.46
N VAL C 629 -2.34 7.64 -63.34
CA VAL C 629 -1.54 6.43 -63.45
C VAL C 629 -2.43 5.38 -64.08
N GLU C 630 -1.83 4.49 -64.84
CA GLU C 630 -2.56 3.45 -65.55
C GLU C 630 -1.77 2.17 -65.44
N VAL C 631 -2.04 1.42 -64.36
CA VAL C 631 -1.37 0.16 -64.16
C VAL C 631 -1.71 -0.78 -65.30
N THR C 632 -0.69 -1.44 -65.81
CA THR C 632 -0.73 -2.48 -66.81
C THR C 632 0.31 -3.47 -66.31
N PRO C 633 0.26 -4.73 -66.74
CA PRO C 633 1.25 -5.71 -66.26
C PRO C 633 2.69 -5.26 -66.48
N GLU C 634 2.93 -4.55 -67.58
CA GLU C 634 4.26 -4.05 -67.87
C GLU C 634 4.71 -3.09 -66.79
N ASN C 635 3.79 -2.31 -66.25
CA ASN C 635 4.14 -1.38 -65.20
C ASN C 635 4.43 -2.09 -63.89
N LEU C 636 3.99 -3.35 -63.75
CA LEU C 636 3.85 -3.94 -62.43
C LEU C 636 5.20 -4.04 -61.72
N GLN C 637 6.24 -4.36 -62.47
CA GLN C 637 7.57 -4.49 -61.90
C GLN C 637 8.02 -3.16 -61.35
N ASP C 638 7.66 -2.09 -62.05
CA ASP C 638 8.07 -0.77 -61.60
C ASP C 638 7.42 -0.49 -60.27
N PHE C 639 6.19 -0.96 -60.11
CA PHE C 639 5.40 -0.58 -58.96
C PHE C 639 5.71 -1.49 -57.78
N VAL C 640 5.51 -2.79 -57.94
CA VAL C 640 5.63 -3.63 -56.76
C VAL C 640 7.06 -3.95 -56.46
N GLY C 641 7.91 -4.02 -57.47
CA GLY C 641 9.29 -4.42 -57.28
C GLY C 641 9.60 -5.54 -58.22
N LYS C 642 9.90 -6.71 -57.64
CA LYS C 642 10.38 -7.85 -58.39
C LYS C 642 9.54 -9.08 -58.09
N PRO C 643 9.42 -10.02 -59.04
CA PRO C 643 8.74 -11.27 -58.72
C PRO C 643 9.44 -12.02 -57.61
N VAL C 644 8.63 -12.67 -56.79
CA VAL C 644 9.13 -13.47 -55.68
C VAL C 644 8.96 -14.94 -56.03
N PHE C 645 7.72 -15.37 -56.24
CA PHE C 645 7.47 -16.67 -56.80
C PHE C 645 7.61 -16.58 -58.30
N THR C 646 8.00 -17.69 -58.91
CA THR C 646 8.15 -17.76 -60.35
C THR C 646 7.44 -19.02 -60.81
N VAL C 647 7.54 -19.34 -62.09
CA VAL C 647 7.00 -20.60 -62.58
C VAL C 647 8.03 -21.69 -62.32
N GLU C 648 8.10 -22.16 -61.07
CA GLU C 648 9.10 -23.17 -60.74
C GLU C 648 8.70 -24.47 -61.41
N ARG C 649 9.57 -25.01 -62.25
CA ARG C 649 9.38 -26.34 -62.85
C ARG C 649 10.80 -26.79 -63.13
N MET C 650 11.35 -27.65 -62.26
CA MET C 650 12.74 -28.02 -62.39
C MET C 650 13.01 -28.68 -63.73
N TYR C 651 12.05 -29.47 -64.22
CA TYR C 651 12.19 -30.16 -65.50
C TYR C 651 10.84 -30.23 -66.16
N ASP C 652 10.71 -29.56 -67.28
CA ASP C 652 9.47 -29.57 -68.03
C ASP C 652 9.35 -30.82 -68.90
N VAL C 653 10.42 -31.62 -68.99
CA VAL C 653 10.45 -32.78 -69.87
C VAL C 653 10.89 -34.06 -69.16
N THR C 654 11.24 -34.01 -67.87
CA THR C 654 11.51 -35.17 -67.02
C THR C 654 12.53 -36.14 -67.62
N PRO C 655 13.83 -35.83 -67.59
CA PRO C 655 14.81 -36.81 -68.03
C PRO C 655 14.76 -38.03 -67.14
N PRO C 656 15.06 -39.22 -67.67
CA PRO C 656 14.61 -40.47 -67.04
C PRO C 656 15.12 -40.66 -65.62
N GLY C 657 14.27 -41.23 -64.78
CA GLY C 657 14.58 -41.36 -63.37
C GLY C 657 14.13 -40.21 -62.50
N VAL C 658 13.23 -39.36 -62.97
CA VAL C 658 12.65 -38.29 -62.16
C VAL C 658 11.17 -38.22 -62.49
N VAL C 659 10.33 -38.06 -61.47
CA VAL C 659 8.91 -37.95 -61.70
C VAL C 659 8.32 -37.02 -60.65
N MET C 660 7.76 -35.91 -61.11
CA MET C 660 7.31 -34.87 -60.19
C MET C 660 6.18 -35.40 -59.34
N GLY C 661 6.11 -34.93 -58.10
CA GLY C 661 5.14 -35.41 -57.14
C GLY C 661 4.56 -34.33 -56.27
N LEU C 662 3.27 -34.47 -55.98
CA LEU C 662 2.57 -33.51 -55.15
C LEU C 662 2.96 -33.70 -53.70
N ALA C 663 2.85 -32.61 -52.94
CA ALA C 663 3.04 -32.68 -51.51
C ALA C 663 2.37 -31.47 -50.89
N TRP C 664 1.85 -31.67 -49.68
CA TRP C 664 1.05 -30.65 -49.02
C TRP C 664 1.96 -29.90 -48.06
N THR C 665 2.68 -28.92 -48.60
CA THR C 665 3.43 -28.00 -47.77
C THR C 665 2.47 -27.11 -47.01
N ALA C 666 2.95 -26.54 -45.90
CA ALA C 666 2.06 -25.76 -45.04
C ALA C 666 1.39 -24.60 -45.81
N MET C 667 2.08 -24.03 -46.79
CA MET C 667 1.55 -22.95 -47.62
C MET C 667 0.98 -23.54 -48.91
N GLY C 668 -0.10 -24.28 -48.76
CA GLY C 668 -0.77 -24.86 -49.91
C GLY C 668 -0.01 -26.08 -50.41
N GLY C 669 -0.39 -26.54 -51.58
CA GLY C 669 0.32 -27.65 -52.16
C GLY C 669 1.59 -27.20 -52.85
N SER C 670 2.39 -28.17 -53.28
CA SER C 670 3.55 -27.89 -54.10
C SER C 670 3.94 -29.19 -54.79
N THR C 671 4.65 -29.05 -55.91
CA THR C 671 5.09 -30.18 -56.72
C THR C 671 6.61 -30.32 -56.65
N LEU C 672 7.07 -31.14 -55.72
CA LEU C 672 8.49 -31.39 -55.56
C LEU C 672 8.82 -32.63 -56.35
N PHE C 673 10.02 -32.65 -56.91
CA PHE C 673 10.49 -33.76 -57.72
C PHE C 673 11.18 -34.78 -56.83
N VAL C 674 11.45 -35.96 -57.37
CA VAL C 674 12.20 -36.98 -56.64
C VAL C 674 13.19 -37.58 -57.62
N GLU C 675 14.43 -37.78 -57.17
CA GLU C 675 15.50 -38.17 -58.06
C GLU C 675 16.24 -39.38 -57.54
N THR C 676 16.87 -40.09 -58.46
CA THR C 676 17.68 -41.26 -58.15
C THR C 676 18.77 -41.41 -59.19
N SER C 677 19.86 -42.05 -58.80
CA SER C 677 20.96 -42.23 -59.73
C SER C 677 21.93 -43.23 -59.17
N LEU C 678 22.75 -43.78 -60.05
CA LEU C 678 23.74 -44.75 -59.62
C LEU C 678 24.74 -44.11 -58.68
N ARG C 679 25.16 -44.89 -57.68
CA ARG C 679 26.08 -44.44 -56.65
C ARG C 679 27.47 -45.03 -56.82
N ARG C 680 27.65 -45.99 -57.71
CA ARG C 680 28.90 -46.66 -57.90
C ARG C 680 28.76 -47.53 -59.12
N PRO C 681 29.74 -47.62 -60.02
CA PRO C 681 29.49 -48.34 -61.29
C PRO C 681 29.14 -49.79 -60.97
N GLN C 682 28.23 -50.33 -61.76
CA GLN C 682 27.59 -51.59 -61.44
C GLN C 682 28.25 -52.84 -61.99
N ASP C 683 29.24 -52.70 -62.86
CA ASP C 683 29.90 -53.87 -63.43
C ASP C 683 31.03 -54.36 -62.51
N LYS C 684 31.27 -53.69 -61.38
CA LYS C 684 32.37 -54.02 -60.48
C LYS C 684 32.30 -55.46 -59.96
N ASP C 685 31.08 -55.98 -59.76
CA ASP C 685 30.85 -57.40 -59.44
C ASP C 685 29.50 -57.76 -60.08
N ALA C 686 29.56 -58.31 -61.29
CA ALA C 686 28.33 -58.65 -62.00
C ALA C 686 27.52 -59.70 -61.25
N LYS C 687 28.20 -60.65 -60.58
CA LYS C 687 27.55 -61.70 -59.80
C LYS C 687 27.56 -61.46 -58.30
N GLY C 688 28.29 -60.45 -57.80
CA GLY C 688 28.34 -60.22 -56.37
C GLY C 688 26.97 -59.99 -55.80
N ASP C 689 26.47 -60.99 -55.08
CA ASP C 689 25.08 -60.98 -54.64
C ASP C 689 24.95 -60.13 -53.39
N LYS C 690 24.68 -58.85 -53.59
CA LYS C 690 24.47 -57.86 -52.54
C LYS C 690 23.45 -56.86 -53.06
N ASP C 691 22.62 -56.36 -52.14
CA ASP C 691 21.51 -55.49 -52.53
C ASP C 691 22.06 -54.22 -53.15
N GLY C 692 21.34 -53.70 -54.12
CA GLY C 692 21.67 -52.38 -54.60
C GLY C 692 21.04 -51.43 -53.61
N SER C 693 21.70 -51.29 -52.46
CA SER C 693 21.15 -50.54 -51.34
C SER C 693 20.90 -49.11 -51.78
N LEU C 694 19.83 -48.55 -51.23
CA LEU C 694 19.42 -47.20 -51.57
C LEU C 694 19.54 -46.31 -50.36
N GLU C 695 19.95 -45.07 -50.62
CA GLU C 695 20.20 -44.12 -49.56
C GLU C 695 19.26 -42.94 -49.78
N VAL C 696 18.13 -42.96 -49.07
CA VAL C 696 17.22 -41.83 -49.11
C VAL C 696 17.84 -40.65 -48.37
N THR C 697 17.57 -39.45 -48.86
CA THR C 697 18.01 -38.21 -48.25
C THR C 697 16.87 -37.23 -48.13
N GLY C 698 17.18 -36.02 -47.71
CA GLY C 698 16.15 -35.01 -47.61
C GLY C 698 15.32 -35.09 -46.36
N GLN C 699 15.97 -34.83 -45.21
CA GLN C 699 15.35 -34.74 -43.87
C GLN C 699 14.23 -35.76 -43.62
N LEU C 700 14.54 -37.00 -43.97
CA LEU C 700 13.64 -38.10 -43.67
C LEU C 700 13.38 -38.16 -42.17
N GLY C 701 12.11 -38.37 -41.81
CA GLY C 701 11.73 -38.76 -40.48
C GLY C 701 11.79 -40.26 -40.34
N GLU C 702 11.00 -40.80 -39.42
CA GLU C 702 10.97 -42.24 -39.20
C GLU C 702 9.97 -42.98 -40.09
N VAL C 703 8.74 -42.47 -40.20
CA VAL C 703 7.69 -43.23 -40.85
C VAL C 703 7.95 -43.35 -42.35
N MET C 704 8.25 -42.23 -42.99
CA MET C 704 8.50 -42.23 -44.41
C MET C 704 9.76 -42.99 -44.79
N LYS C 705 10.77 -43.04 -43.93
CA LYS C 705 11.93 -43.86 -44.29
C LYS C 705 11.55 -45.33 -44.30
N GLU C 706 10.69 -45.75 -43.37
CA GLU C 706 10.11 -47.08 -43.49
C GLU C 706 9.34 -47.21 -44.78
N SER C 707 8.59 -46.17 -45.15
CA SER C 707 7.80 -46.23 -46.37
C SER C 707 8.71 -46.41 -47.56
N ALA C 708 9.89 -45.80 -47.49
CA ALA C 708 10.85 -45.90 -48.57
C ALA C 708 11.37 -47.31 -48.66
N ARG C 709 11.77 -47.88 -47.53
CA ARG C 709 12.27 -49.25 -47.57
C ARG C 709 11.19 -50.22 -48.01
N ILE C 710 9.95 -49.95 -47.64
CA ILE C 710 8.85 -50.81 -48.02
C ILE C 710 8.63 -50.71 -49.52
N ALA C 711 8.66 -49.48 -50.02
CA ALA C 711 8.53 -49.27 -51.45
C ALA C 711 9.66 -49.93 -52.19
N TYR C 712 10.85 -49.93 -51.59
CA TYR C 712 11.98 -50.58 -52.23
C TYR C 712 11.73 -52.06 -52.32
N THR C 713 11.23 -52.64 -51.26
CA THR C 713 10.96 -54.06 -51.24
C THR C 713 9.89 -54.45 -52.24
N PHE C 714 8.76 -53.74 -52.20
CA PHE C 714 7.66 -54.08 -53.09
C PHE C 714 8.08 -53.85 -54.52
N ALA C 715 8.90 -52.84 -54.77
CA ALA C 715 9.36 -52.60 -56.14
C ALA C 715 10.25 -53.73 -56.60
N ARG C 716 11.11 -54.22 -55.72
CA ARG C 716 11.98 -55.33 -56.10
C ARG C 716 11.16 -56.56 -56.43
N ALA C 717 10.07 -56.74 -55.69
CA ALA C 717 9.21 -57.89 -55.94
C ALA C 717 8.46 -57.68 -57.23
N PHE C 718 7.97 -56.48 -57.42
CA PHE C 718 7.10 -56.19 -58.54
C PHE C 718 7.90 -56.29 -59.82
N LEU C 719 9.09 -55.72 -59.83
CA LEU C 719 9.91 -55.75 -61.03
C LEU C 719 10.32 -57.17 -61.35
N MET C 720 10.53 -58.01 -60.33
CA MET C 720 10.68 -59.42 -60.62
C MET C 720 9.44 -59.95 -61.31
N GLN C 721 8.27 -59.74 -60.70
CA GLN C 721 7.05 -60.41 -61.17
C GLN C 721 6.66 -59.95 -62.57
N HIS C 722 7.01 -58.73 -62.95
CA HIS C 722 6.66 -58.22 -64.26
C HIS C 722 7.66 -58.69 -65.31
N ALA C 723 8.93 -58.33 -65.13
CA ALA C 723 10.00 -58.67 -66.06
C ALA C 723 11.16 -59.26 -65.28
N PRO C 724 11.08 -60.55 -64.90
CA PRO C 724 12.11 -61.12 -64.01
C PRO C 724 13.51 -61.03 -64.60
N ALA C 725 13.63 -61.09 -65.93
CA ALA C 725 14.92 -61.18 -66.60
C ALA C 725 15.84 -60.02 -66.26
N ASN C 726 15.29 -58.85 -65.99
CA ASN C 726 16.11 -57.73 -65.55
C ASN C 726 16.55 -57.97 -64.11
N ASP C 727 17.69 -57.38 -63.75
CA ASP C 727 18.20 -57.43 -62.39
C ASP C 727 18.90 -56.15 -61.97
N TYR C 728 18.90 -55.11 -62.82
CA TYR C 728 19.59 -53.84 -62.60
C TYR C 728 19.36 -53.36 -61.18
N LEU C 729 18.10 -53.09 -60.85
CA LEU C 729 17.76 -52.66 -59.50
C LEU C 729 18.08 -53.75 -58.50
N VAL C 730 18.03 -55.02 -58.92
CA VAL C 730 18.24 -56.08 -57.97
C VAL C 730 19.67 -56.04 -57.47
N THR C 731 20.61 -55.55 -58.27
CA THR C 731 21.99 -55.42 -57.82
C THR C 731 22.62 -54.20 -58.51
N SER C 732 22.48 -53.04 -57.87
CA SER C 732 23.26 -51.86 -58.20
C SER C 732 22.95 -50.79 -57.17
N HIS C 733 23.95 -50.24 -56.51
CA HIS C 733 23.65 -49.23 -55.51
C HIS C 733 23.10 -48.00 -56.20
N ILE C 734 22.17 -47.33 -55.52
CA ILE C 734 21.44 -46.21 -56.12
C ILE C 734 21.19 -45.19 -55.03
N HIS C 735 21.75 -44.02 -55.20
CA HIS C 735 21.42 -42.92 -54.33
C HIS C 735 20.07 -42.39 -54.75
N LEU C 736 19.33 -41.89 -53.77
CA LEU C 736 17.99 -41.39 -53.96
C LEU C 736 17.78 -40.18 -53.07
N HIS C 737 16.94 -39.25 -53.53
CA HIS C 737 16.71 -38.02 -52.79
C HIS C 737 15.31 -37.54 -53.03
N VAL C 738 14.60 -37.23 -51.96
CA VAL C 738 13.28 -36.64 -52.01
C VAL C 738 13.35 -35.33 -51.22
N PRO C 739 13.17 -34.15 -51.84
CA PRO C 739 13.32 -32.92 -51.06
C PRO C 739 12.29 -32.81 -49.96
N GLU C 740 12.71 -32.25 -48.85
CA GLU C 740 11.84 -31.98 -47.72
C GLU C 740 10.92 -30.80 -48.03
N GLY C 741 9.82 -30.74 -47.29
CA GLY C 741 8.81 -29.71 -47.42
C GLY C 741 7.44 -30.25 -47.10
N ALA C 742 7.23 -31.55 -47.27
CA ALA C 742 5.95 -32.13 -46.88
C ALA C 742 5.89 -32.05 -45.37
N THR C 743 4.70 -31.79 -44.85
CA THR C 743 4.53 -31.90 -43.41
C THR C 743 4.62 -33.37 -43.02
N PRO C 744 5.09 -33.68 -41.80
CA PRO C 744 5.48 -35.08 -41.48
C PRO C 744 4.36 -36.07 -41.68
N LYS C 745 3.12 -35.67 -41.42
CA LYS C 745 2.00 -36.59 -41.57
C LYS C 745 1.86 -37.02 -43.02
N ASP C 746 2.27 -36.15 -43.95
CA ASP C 746 2.20 -36.45 -45.36
C ASP C 746 3.34 -37.33 -45.82
N GLY C 747 4.38 -37.52 -44.98
CA GLY C 747 5.55 -38.31 -45.28
C GLY C 747 5.27 -39.58 -46.05
N PRO C 748 4.44 -40.47 -45.47
CA PRO C 748 4.09 -41.68 -46.21
C PRO C 748 3.41 -41.40 -47.53
N SER C 749 2.62 -40.32 -47.61
CA SER C 749 1.76 -40.10 -48.77
C SER C 749 2.55 -39.96 -50.06
N ALA C 750 3.81 -39.54 -49.99
CA ALA C 750 4.61 -39.45 -51.20
C ALA C 750 5.00 -40.81 -51.76
N GLY C 751 4.90 -41.87 -50.95
CA GLY C 751 5.65 -43.08 -51.22
C GLY C 751 5.34 -43.72 -52.55
N CYS C 752 4.10 -43.57 -53.02
CA CYS C 752 3.69 -44.29 -54.21
C CYS C 752 4.43 -43.81 -55.43
N THR C 753 4.86 -42.55 -55.43
CA THR C 753 5.60 -42.09 -56.60
C THR C 753 6.99 -42.70 -56.65
N ILE C 754 7.56 -43.05 -55.49
CA ILE C 754 8.94 -43.50 -55.44
C ILE C 754 9.13 -44.75 -56.25
N VAL C 755 8.16 -45.65 -56.18
CA VAL C 755 8.32 -46.90 -56.90
C VAL C 755 8.31 -46.65 -58.39
N THR C 756 7.45 -45.74 -58.83
CA THR C 756 7.44 -45.42 -60.25
C THR C 756 8.73 -44.78 -60.67
N ALA C 757 9.33 -43.99 -59.77
CA ALA C 757 10.60 -43.36 -60.06
C ALA C 757 11.64 -44.44 -60.28
N LEU C 758 11.68 -45.39 -59.35
CA LEU C 758 12.63 -46.48 -59.43
C LEU C 758 12.44 -47.24 -60.72
N LEU C 759 11.18 -47.53 -61.04
CA LEU C 759 10.91 -48.32 -62.23
C LEU C 759 11.37 -47.55 -63.46
N SER C 760 11.20 -46.22 -63.46
CA SER C 760 11.65 -45.46 -64.62
C SER C 760 13.15 -45.55 -64.75
N LEU C 761 13.86 -45.57 -63.62
CA LEU C 761 15.28 -45.79 -63.68
C LEU C 761 15.60 -47.16 -64.22
N ALA C 762 14.77 -48.17 -63.87
CA ALA C 762 15.08 -49.52 -64.30
C ALA C 762 15.02 -49.58 -65.81
N MET C 763 13.83 -49.38 -66.38
CA MET C 763 13.70 -49.46 -67.84
C MET C 763 14.49 -48.36 -68.52
N GLY C 764 14.67 -47.22 -67.86
CA GLY C 764 15.24 -46.10 -68.56
C GLY C 764 14.25 -45.30 -69.36
N ARG C 765 13.00 -45.72 -69.39
CA ARG C 765 11.98 -44.94 -70.07
C ARG C 765 11.66 -43.71 -69.23
N PRO C 766 11.64 -42.50 -69.82
CA PRO C 766 11.12 -41.37 -69.04
C PRO C 766 9.67 -41.62 -68.70
N VAL C 767 9.27 -41.18 -67.51
CA VAL C 767 7.87 -41.23 -67.14
C VAL C 767 7.09 -40.35 -68.09
N ARG C 768 5.82 -40.72 -68.32
CA ARG C 768 4.97 -40.00 -69.25
C ARG C 768 4.93 -38.54 -68.84
N GLN C 769 4.99 -37.66 -69.83
CA GLN C 769 5.12 -36.24 -69.52
C GLN C 769 3.88 -35.74 -68.82
N ASN C 770 4.10 -34.87 -67.83
CA ASN C 770 3.03 -34.19 -67.14
C ASN C 770 2.05 -35.19 -66.52
N LEU C 771 2.57 -35.91 -65.54
CA LEU C 771 1.76 -36.93 -64.86
C LEU C 771 2.22 -36.98 -63.40
N ALA C 772 1.58 -36.18 -62.57
CA ALA C 772 1.84 -36.19 -61.16
C ALA C 772 1.15 -37.41 -60.57
N MET C 773 1.48 -37.74 -59.32
CA MET C 773 0.75 -38.77 -58.60
C MET C 773 1.18 -38.75 -57.15
N THR C 774 0.34 -39.33 -56.30
CA THR C 774 0.53 -39.31 -54.85
C THR C 774 -0.20 -40.51 -54.26
N GLY C 775 -0.36 -40.52 -52.94
CA GLY C 775 -0.97 -41.63 -52.26
C GLY C 775 0.06 -42.55 -51.63
N GLU C 776 -0.39 -43.34 -50.66
CA GLU C 776 0.44 -44.28 -49.92
C GLU C 776 0.22 -45.69 -50.44
N VAL C 777 1.22 -46.54 -50.23
CA VAL C 777 1.20 -47.93 -50.68
C VAL C 777 1.68 -48.83 -49.55
N SER C 778 1.03 -49.99 -49.40
CA SER C 778 1.20 -50.86 -48.25
C SER C 778 1.62 -52.25 -48.67
N LEU C 779 2.77 -52.32 -49.36
CA LEU C 779 3.62 -53.49 -49.49
C LEU C 779 3.06 -54.54 -50.45
N THR C 780 1.87 -54.33 -51.01
CA THR C 780 1.30 -55.26 -51.98
C THR C 780 0.52 -54.55 -53.07
N GLY C 781 0.82 -53.28 -53.29
CA GLY C 781 0.17 -52.53 -54.33
C GLY C 781 -1.15 -51.94 -53.96
N LYS C 782 -1.65 -52.19 -52.75
CA LYS C 782 -2.87 -51.51 -52.35
C LYS C 782 -2.57 -50.04 -52.17
N ILE C 783 -3.49 -49.21 -52.62
CA ILE C 783 -3.37 -47.78 -52.47
C ILE C 783 -4.18 -47.46 -51.23
N LEU C 784 -3.87 -46.34 -50.58
CA LEU C 784 -4.52 -45.94 -49.32
C LEU C 784 -4.97 -44.49 -49.38
N PRO C 785 -5.98 -44.12 -48.58
CA PRO C 785 -6.43 -42.73 -48.57
C PRO C 785 -5.45 -41.75 -47.96
N VAL C 786 -5.55 -40.49 -48.40
CA VAL C 786 -4.76 -39.41 -47.84
C VAL C 786 -5.60 -38.14 -47.76
N GLY C 787 -5.31 -37.32 -46.74
CA GLY C 787 -6.03 -36.09 -46.48
C GLY C 787 -5.46 -34.87 -47.20
N GLY C 788 -6.13 -33.73 -46.98
CA GLY C 788 -5.64 -32.48 -47.54
C GLY C 788 -5.86 -32.25 -49.01
N ILE C 789 -6.85 -32.91 -49.61
CA ILE C 789 -6.95 -33.01 -51.06
C ILE C 789 -7.02 -31.66 -51.76
N LYS C 790 -7.58 -30.65 -51.10
CA LYS C 790 -7.73 -29.37 -51.76
C LYS C 790 -6.39 -28.75 -52.13
N GLU C 791 -5.39 -28.90 -51.26
CA GLU C 791 -4.12 -28.25 -51.49
C GLU C 791 -3.40 -28.88 -52.66
N LYS C 792 -3.38 -30.21 -52.66
CA LYS C 792 -2.76 -30.93 -53.76
C LYS C 792 -3.50 -30.66 -55.05
N THR C 793 -4.82 -30.51 -54.98
CA THR C 793 -5.58 -30.27 -56.19
C THR C 793 -5.20 -28.93 -56.79
N ILE C 794 -5.24 -27.88 -55.97
CA ILE C 794 -4.92 -26.56 -56.49
C ILE C 794 -3.48 -26.49 -56.95
N ALA C 795 -2.58 -27.17 -56.24
CA ALA C 795 -1.18 -27.10 -56.63
C ALA C 795 -0.94 -27.80 -57.95
N ALA C 796 -1.51 -28.98 -58.13
CA ALA C 796 -1.34 -29.69 -59.39
C ALA C 796 -1.94 -28.88 -60.51
N LYS C 797 -3.06 -28.22 -60.23
CA LYS C 797 -3.66 -27.38 -61.25
C LYS C 797 -2.74 -26.22 -61.57
N ARG C 798 -2.07 -25.67 -60.55
CA ARG C 798 -1.19 -24.54 -60.78
C ARG C 798 0.03 -24.93 -61.59
N ALA C 799 0.48 -26.16 -61.44
CA ALA C 799 1.68 -26.56 -62.16
C ALA C 799 1.39 -26.98 -63.58
N GLY C 800 0.12 -27.12 -63.97
CA GLY C 800 -0.21 -27.48 -65.33
C GLY C 800 -0.19 -28.97 -65.59
N VAL C 801 0.12 -29.78 -64.58
CA VAL C 801 0.07 -31.21 -64.75
C VAL C 801 -1.39 -31.63 -64.92
N THR C 802 -1.62 -32.71 -65.69
CA THR C 802 -2.97 -33.02 -66.18
C THR C 802 -3.33 -34.50 -66.21
N CYS C 803 -2.71 -35.36 -65.41
CA CYS C 803 -3.18 -36.75 -65.31
C CYS C 803 -3.07 -37.29 -63.91
N ILE C 804 -3.48 -36.48 -62.92
CA ILE C 804 -3.35 -36.88 -61.52
C ILE C 804 -4.10 -38.19 -61.29
N VAL C 805 -3.52 -39.07 -60.49
CA VAL C 805 -4.12 -40.34 -60.14
C VAL C 805 -4.11 -40.42 -58.64
N LEU C 806 -5.21 -40.88 -58.06
CA LEU C 806 -5.44 -40.80 -56.63
C LEU C 806 -6.02 -42.11 -56.11
N PRO C 807 -5.93 -42.36 -54.80
CA PRO C 807 -6.59 -43.54 -54.25
C PRO C 807 -8.08 -43.49 -54.48
N ALA C 808 -8.66 -44.67 -54.76
CA ALA C 808 -10.09 -44.73 -54.99
C ALA C 808 -10.87 -44.31 -53.74
N GLU C 809 -10.30 -44.54 -52.56
CA GLU C 809 -11.06 -44.33 -51.32
C GLU C 809 -11.42 -42.87 -51.12
N ASN C 810 -10.63 -41.96 -51.69
CA ASN C 810 -10.89 -40.53 -51.58
C ASN C 810 -11.83 -40.02 -52.67
N LYS C 811 -12.42 -40.93 -53.47
CA LYS C 811 -13.28 -40.57 -54.59
C LYS C 811 -14.31 -39.53 -54.19
N LYS C 812 -15.00 -39.82 -53.09
CA LYS C 812 -16.02 -38.94 -52.54
C LYS C 812 -15.43 -37.56 -52.37
N ASP C 813 -14.31 -37.51 -51.67
CA ASP C 813 -13.71 -36.24 -51.30
C ASP C 813 -13.24 -35.49 -52.54
N PHE C 814 -12.88 -36.21 -53.61
CA PHE C 814 -12.47 -35.48 -54.79
C PHE C 814 -13.64 -34.78 -55.44
N TYR C 815 -14.83 -35.34 -55.29
CA TYR C 815 -16.00 -34.80 -55.95
C TYR C 815 -16.67 -33.72 -55.13
N ASP C 816 -16.25 -33.53 -53.87
CA ASP C 816 -16.81 -32.47 -53.05
C ASP C 816 -16.24 -31.11 -53.40
N LEU C 817 -15.16 -31.04 -54.18
CA LEU C 817 -14.54 -29.79 -54.58
C LEU C 817 -15.35 -29.09 -55.67
N ALA C 818 -15.22 -27.76 -55.70
CA ALA C 818 -15.90 -26.92 -56.68
C ALA C 818 -15.53 -27.31 -58.10
N ALA C 819 -16.53 -27.27 -59.00
CA ALA C 819 -16.35 -27.81 -60.33
C ALA C 819 -15.26 -27.08 -61.11
N PHE C 820 -15.13 -25.79 -60.87
CA PHE C 820 -14.12 -25.02 -61.58
C PHE C 820 -12.72 -25.43 -61.16
N ILE C 821 -12.56 -25.83 -59.91
CA ILE C 821 -11.26 -26.29 -59.44
C ILE C 821 -10.88 -27.57 -60.14
N THR C 822 -11.86 -28.44 -60.37
CA THR C 822 -11.61 -29.76 -60.94
C THR C 822 -11.63 -29.74 -62.46
N GLU C 823 -11.76 -28.56 -63.07
CA GLU C 823 -11.84 -28.53 -64.50
C GLU C 823 -10.49 -28.94 -65.10
N GLY C 824 -10.56 -29.75 -66.15
CA GLY C 824 -9.44 -29.96 -67.05
C GLY C 824 -8.42 -31.02 -66.68
N LEU C 825 -8.59 -31.76 -65.58
CA LEU C 825 -7.64 -32.80 -65.18
C LEU C 825 -8.33 -34.15 -64.95
N GLU C 826 -7.81 -35.17 -65.63
CA GLU C 826 -8.42 -36.49 -65.73
C GLU C 826 -8.02 -37.35 -64.55
N VAL C 827 -8.80 -37.41 -63.48
CA VAL C 827 -8.46 -38.34 -62.42
C VAL C 827 -8.59 -39.77 -62.92
N HIS C 828 -7.72 -40.65 -62.43
CA HIS C 828 -7.80 -42.09 -62.68
C HIS C 828 -7.65 -42.75 -61.32
N PHE C 829 -8.76 -43.04 -60.69
CA PHE C 829 -8.71 -43.72 -59.40
C PHE C 829 -8.23 -45.14 -59.61
N VAL C 830 -7.54 -45.66 -58.60
CA VAL C 830 -6.95 -46.99 -58.67
C VAL C 830 -6.84 -47.48 -57.24
N GLU C 831 -6.84 -48.81 -57.09
CA GLU C 831 -6.81 -49.49 -55.81
C GLU C 831 -5.59 -50.40 -55.66
N HIS C 832 -5.22 -51.13 -56.72
CA HIS C 832 -4.02 -51.94 -56.75
C HIS C 832 -2.98 -51.24 -57.61
N TYR C 833 -1.73 -51.20 -57.13
CA TYR C 833 -0.72 -50.33 -57.72
C TYR C 833 -0.48 -50.65 -59.19
N ARG C 834 -0.71 -51.91 -59.58
CA ARG C 834 -0.34 -52.35 -60.92
C ARG C 834 -0.98 -51.54 -62.00
N GLU C 835 -2.19 -51.05 -61.76
CA GLU C 835 -2.87 -50.30 -62.79
C GLU C 835 -2.08 -49.03 -63.09
N ILE C 836 -1.51 -48.42 -62.04
CA ILE C 836 -0.70 -47.23 -62.23
C ILE C 836 0.54 -47.59 -63.01
N PHE C 837 1.06 -48.80 -62.78
CA PHE C 837 2.21 -49.22 -63.55
C PHE C 837 1.87 -49.36 -65.01
N ASP C 838 0.63 -49.73 -65.30
CA ASP C 838 0.18 -49.77 -66.68
C ASP C 838 0.10 -48.35 -67.21
N ILE C 839 -0.30 -47.42 -66.35
CA ILE C 839 -0.63 -46.09 -66.85
C ILE C 839 0.66 -45.34 -67.07
N ALA C 840 1.62 -45.46 -66.14
CA ALA C 840 2.84 -44.69 -66.31
C ALA C 840 3.57 -45.14 -67.57
N PHE C 841 3.40 -46.41 -67.95
CA PHE C 841 4.10 -47.07 -69.05
C PHE C 841 3.03 -47.61 -69.97
N PRO C 842 2.41 -46.75 -70.79
CA PRO C 842 1.50 -47.30 -71.77
C PRO C 842 2.25 -48.07 -72.84
N HIS D 17 -41.18 91.94 31.33
CA HIS D 17 -40.21 92.67 30.52
C HIS D 17 -39.16 91.79 29.85
N LEU D 18 -39.56 91.07 28.81
CA LEU D 18 -38.66 90.22 28.06
C LEU D 18 -38.99 90.45 26.58
N PRO D 19 -38.01 90.30 25.67
CA PRO D 19 -38.36 90.44 24.25
C PRO D 19 -39.27 89.33 23.74
N LEU D 20 -40.09 89.67 22.75
CA LEU D 20 -41.04 88.70 22.20
C LEU D 20 -40.24 87.59 21.55
N ILE D 21 -40.66 86.34 21.73
CA ILE D 21 -39.83 85.24 21.23
C ILE D 21 -39.88 85.07 19.72
N ALA D 22 -38.71 84.76 19.18
CA ALA D 22 -38.40 84.45 17.79
C ALA D 22 -38.65 82.94 17.69
N ILE D 23 -39.81 82.55 17.20
CA ILE D 23 -40.16 81.13 17.19
C ILE D 23 -39.22 80.31 16.33
N THR D 24 -38.75 80.85 15.20
CA THR D 24 -37.79 80.24 14.25
C THR D 24 -38.09 78.74 14.07
N ARG D 25 -39.31 78.45 13.67
CA ARG D 25 -39.78 77.09 13.35
C ARG D 25 -39.58 76.13 14.52
N ASN D 26 -40.29 76.43 15.62
CA ASN D 26 -40.31 75.58 16.82
C ASN D 26 -41.70 75.74 17.41
N PRO D 27 -42.69 74.96 16.94
CA PRO D 27 -44.01 75.04 17.55
C PRO D 27 -44.03 74.59 18.99
N VAL D 28 -44.88 75.23 19.78
CA VAL D 28 -45.07 74.90 21.19
C VAL D 28 -46.56 74.89 21.42
N PHE D 29 -47.18 73.74 21.25
CA PHE D 29 -48.61 73.68 21.46
C PHE D 29 -48.91 73.92 22.94
N PRO D 30 -50.07 74.49 23.30
CA PRO D 30 -50.37 74.71 24.73
C PRO D 30 -50.37 73.37 25.46
N ARG D 31 -49.84 73.35 26.69
CA ARG D 31 -49.79 72.13 27.50
C ARG D 31 -49.18 70.96 26.74
N PHE D 32 -48.06 71.26 26.07
CA PHE D 32 -47.32 70.31 25.26
C PHE D 32 -45.88 70.67 25.55
N ILE D 33 -45.14 69.74 26.19
CA ILE D 33 -43.74 69.99 26.49
C ILE D 33 -42.99 70.16 25.19
N LYS D 34 -42.04 71.09 25.16
CA LYS D 34 -41.28 71.28 23.93
C LYS D 34 -39.91 71.84 24.27
N ILE D 35 -39.03 71.71 23.29
CA ILE D 35 -37.65 72.14 23.36
C ILE D 35 -37.49 73.14 22.24
N ILE D 36 -36.68 74.17 22.46
CA ILE D 36 -36.40 75.20 21.48
C ILE D 36 -34.90 75.22 21.33
N GLU D 37 -34.45 75.32 20.05
CA GLU D 37 -33.05 75.36 19.74
C GLU D 37 -32.77 76.40 18.64
N VAL D 38 -32.89 77.67 19.02
CA VAL D 38 -32.49 78.75 18.13
C VAL D 38 -30.98 78.68 17.98
N LYS D 39 -30.48 78.82 16.75
CA LYS D 39 -29.04 78.77 16.55
C LYS D 39 -28.31 79.94 17.19
N ASN D 40 -28.91 81.13 17.24
CA ASN D 40 -28.25 82.27 17.85
C ASN D 40 -28.02 82.02 19.33
N LYS D 41 -26.92 82.59 19.86
CA LYS D 41 -26.59 82.49 21.27
C LYS D 41 -27.00 83.73 22.07
N LYS D 42 -27.37 84.83 21.40
CA LYS D 42 -27.72 86.06 22.13
C LYS D 42 -28.91 85.86 23.06
N LEU D 43 -29.82 84.93 22.72
CA LEU D 43 -30.85 84.62 23.68
C LEU D 43 -30.24 83.94 24.89
N VAL D 44 -29.09 83.25 24.76
CA VAL D 44 -28.50 82.62 25.95
C VAL D 44 -28.10 83.72 26.92
N GLU D 45 -27.63 84.86 26.38
CA GLU D 45 -27.31 86.00 27.23
C GLU D 45 -28.56 86.48 27.95
N LEU D 46 -29.68 86.52 27.21
CA LEU D 46 -30.94 86.91 27.83
C LEU D 46 -31.37 85.89 28.90
N LEU D 47 -31.13 84.60 28.64
CA LEU D 47 -31.40 83.56 29.63
C LEU D 47 -30.52 83.68 30.85
N ARG D 48 -29.27 84.10 30.66
CA ARG D 48 -28.38 84.31 31.79
C ARG D 48 -28.74 85.58 32.55
N ARG D 49 -29.38 86.54 31.86
CA ARG D 49 -29.80 87.75 32.56
C ARG D 49 -31.07 87.52 33.36
N LYS D 50 -31.87 86.48 33.03
CA LYS D 50 -33.07 86.21 33.84
C LYS D 50 -32.80 85.30 35.03
N VAL D 51 -31.63 84.65 35.12
CA VAL D 51 -31.37 83.81 36.30
C VAL D 51 -31.28 84.69 37.54
N ARG D 52 -30.73 85.90 37.39
CA ARG D 52 -30.63 86.83 38.51
C ARG D 52 -31.98 87.47 38.83
N LEU D 53 -32.92 87.42 37.89
CA LEU D 53 -34.23 88.01 38.12
C LEU D 53 -34.94 87.15 39.15
N ALA D 54 -35.85 87.77 39.90
CA ALA D 54 -36.58 87.02 40.93
C ALA D 54 -37.38 85.88 40.33
N GLN D 55 -38.22 86.16 39.34
CA GLN D 55 -39.05 85.12 38.72
C GLN D 55 -38.49 84.73 37.35
N PRO D 56 -38.00 83.50 37.12
CA PRO D 56 -37.59 83.13 35.76
C PRO D 56 -38.82 82.64 35.00
N TYR D 57 -39.04 83.18 33.81
CA TYR D 57 -40.21 82.78 33.05
C TYR D 57 -39.96 83.08 31.57
N VAL D 58 -40.81 82.51 30.73
CA VAL D 58 -40.71 82.70 29.30
C VAL D 58 -42.11 82.62 28.70
N GLY D 59 -42.33 83.44 27.68
CA GLY D 59 -43.58 83.51 26.97
C GLY D 59 -43.39 82.93 25.57
N VAL D 60 -44.39 82.20 25.09
CA VAL D 60 -44.31 81.54 23.79
C VAL D 60 -45.35 82.19 22.92
N PHE D 61 -44.98 82.52 21.71
CA PHE D 61 -45.84 83.18 20.73
C PHE D 61 -45.74 82.39 19.43
N LEU D 62 -46.39 82.89 18.37
CA LEU D 62 -46.32 82.27 17.04
C LEU D 62 -45.88 83.29 15.99
N LYS D 63 -45.14 82.81 15.00
CA LYS D 63 -44.68 83.63 13.88
C LYS D 63 -45.72 83.72 12.76
N ARG D 64 -45.68 84.82 12.01
CA ARG D 64 -46.64 85.05 10.93
C ARG D 64 -46.15 84.43 9.63
N ASP D 65 -46.90 84.70 8.57
CA ASP D 65 -46.63 84.13 7.27
C ASP D 65 -45.35 84.71 6.69
N ASP D 66 -44.69 83.91 5.83
CA ASP D 66 -43.38 84.24 5.27
C ASP D 66 -42.39 84.48 6.41
N SER D 67 -41.91 83.42 7.04
CA SER D 67 -40.96 83.58 8.12
C SER D 67 -39.68 84.23 7.62
N ASN D 68 -39.11 85.11 8.45
CA ASN D 68 -37.88 85.81 8.12
C ASN D 68 -37.25 86.24 9.44
N GLU D 69 -36.10 85.67 9.81
CA GLU D 69 -35.47 86.08 11.07
C GLU D 69 -35.05 87.54 11.02
N SER D 70 -34.61 88.01 9.84
CA SER D 70 -34.21 89.41 9.75
C SER D 70 -35.41 90.33 9.97
N ASP D 71 -36.60 89.95 9.46
CA ASP D 71 -37.74 90.80 9.73
C ASP D 71 -38.12 90.72 11.21
N VAL D 72 -37.90 89.56 11.83
CA VAL D 72 -38.25 89.37 13.23
C VAL D 72 -37.43 90.32 14.09
N VAL D 73 -36.14 90.44 13.79
CA VAL D 73 -35.29 91.32 14.57
C VAL D 73 -35.50 92.77 14.17
N GLU D 74 -36.00 93.04 12.96
CA GLU D 74 -36.18 94.43 12.56
C GLU D 74 -37.44 94.99 13.19
N SER D 75 -38.58 94.42 12.82
CA SER D 75 -39.89 94.80 13.30
C SER D 75 -40.32 93.71 14.26
N LEU D 76 -41.25 94.04 15.17
CA LEU D 76 -41.82 93.07 16.10
C LEU D 76 -43.26 92.69 15.73
N ASP D 77 -43.80 93.20 14.61
CA ASP D 77 -45.16 92.82 14.22
C ASP D 77 -45.19 91.42 13.65
N GLU D 78 -44.02 90.87 13.29
CA GLU D 78 -44.00 89.56 12.64
C GLU D 78 -44.51 88.50 13.61
N ILE D 79 -44.11 88.59 14.88
CA ILE D 79 -44.58 87.61 15.85
C ILE D 79 -46.05 87.89 16.10
N TYR D 80 -46.85 86.84 16.27
CA TYR D 80 -48.28 87.03 16.51
C TYR D 80 -48.57 87.59 17.89
N HIS D 81 -49.72 88.24 17.97
CA HIS D 81 -50.19 88.83 19.21
C HIS D 81 -50.42 87.78 20.28
N THR D 82 -50.78 86.56 19.89
CA THR D 82 -51.00 85.50 20.88
C THR D 82 -49.71 85.14 21.61
N GLY D 83 -49.85 84.89 22.92
CA GLY D 83 -48.73 84.46 23.74
C GLY D 83 -49.19 83.43 24.76
N THR D 84 -48.20 82.79 25.39
CA THR D 84 -48.44 81.76 26.41
C THR D 84 -47.31 81.90 27.44
N PHE D 85 -47.52 82.71 28.48
CA PHE D 85 -46.50 82.79 29.53
C PHE D 85 -46.49 81.54 30.42
N ALA D 86 -45.28 81.19 30.87
CA ALA D 86 -45.06 80.03 31.72
C ALA D 86 -43.70 80.19 32.41
N GLN D 87 -43.48 79.41 33.47
CA GLN D 87 -42.22 79.39 34.20
C GLN D 87 -41.20 78.43 33.59
N ILE D 88 -39.92 78.79 33.70
CA ILE D 88 -38.85 77.95 33.18
C ILE D 88 -38.69 76.75 34.09
N HIS D 89 -38.28 75.61 33.50
CA HIS D 89 -38.10 74.35 34.21
C HIS D 89 -36.62 74.10 34.51
N GLU D 90 -35.86 73.64 33.51
CA GLU D 90 -34.43 73.43 33.71
C GLU D 90 -33.73 73.44 32.36
N MET D 91 -32.58 74.10 32.33
CA MET D 91 -31.71 74.14 31.17
C MET D 91 -30.83 72.90 31.11
N GLN D 92 -30.41 72.54 29.89
CA GLN D 92 -29.58 71.36 29.65
C GLN D 92 -28.41 71.74 28.76
N ASP D 93 -28.70 72.27 27.56
CA ASP D 93 -27.70 72.73 26.59
C ASP D 93 -26.66 71.64 26.30
N LEU D 94 -27.15 70.50 25.80
CA LEU D 94 -26.26 69.39 25.48
C LEU D 94 -25.40 69.66 24.23
N GLY D 95 -26.02 70.07 23.13
CA GLY D 95 -25.28 70.35 21.90
C GLY D 95 -25.22 71.83 21.57
N ASP D 96 -26.38 72.45 21.31
CA ASP D 96 -26.37 73.89 21.15
C ASP D 96 -26.29 74.53 22.53
N LYS D 97 -25.87 75.78 22.56
CA LYS D 97 -25.77 76.51 23.81
C LYS D 97 -27.11 77.10 24.23
N LEU D 98 -28.20 76.87 23.44
CA LEU D 98 -29.53 77.42 23.69
C LEU D 98 -30.55 76.33 23.43
N ARG D 99 -30.68 75.41 24.37
CA ARG D 99 -31.62 74.29 24.29
C ARG D 99 -32.59 74.49 25.44
N MET D 100 -33.44 75.51 25.32
CA MET D 100 -34.33 75.83 26.44
C MET D 100 -35.66 75.07 26.33
N ILE D 101 -36.24 74.75 27.51
CA ILE D 101 -37.48 73.99 27.61
C ILE D 101 -38.65 74.93 27.84
N VAL D 102 -39.75 74.65 27.13
CA VAL D 102 -40.97 75.42 27.15
C VAL D 102 -42.16 74.55 27.56
N MET D 103 -43.18 75.24 28.04
CA MET D 103 -44.46 74.69 28.46
C MET D 103 -45.49 75.80 28.27
N GLY D 104 -46.72 75.37 27.98
CA GLY D 104 -47.87 76.25 27.86
C GLY D 104 -48.70 76.24 29.12
N HIS D 105 -48.65 77.29 29.95
CA HIS D 105 -49.36 77.33 31.22
C HIS D 105 -50.46 78.40 31.24
N ARG D 106 -50.12 79.66 31.05
CA ARG D 106 -51.07 80.78 31.08
C ARG D 106 -51.14 81.35 29.67
N ARG D 107 -52.22 81.04 28.95
CA ARG D 107 -52.42 81.64 27.65
C ARG D 107 -52.83 83.10 27.79
N VAL D 108 -52.48 83.88 26.76
CA VAL D 108 -52.76 85.29 26.69
C VAL D 108 -52.77 85.72 25.23
N HIS D 109 -53.50 86.78 24.93
CA HIS D 109 -53.54 87.39 23.61
C HIS D 109 -53.31 88.85 23.95
N ILE D 110 -52.05 89.29 23.89
CA ILE D 110 -51.73 90.68 24.15
C ILE D 110 -52.50 91.54 23.15
N SER D 111 -53.08 92.64 23.67
CA SER D 111 -53.83 93.57 22.82
C SER D 111 -52.97 94.16 21.71
N ARG D 112 -51.67 94.26 21.92
CA ARG D 112 -50.79 95.13 21.15
C ARG D 112 -49.38 94.77 21.61
N GLN D 113 -48.57 94.26 20.70
CA GLN D 113 -47.33 93.55 21.02
C GLN D 113 -46.08 94.40 20.89
N LEU D 114 -46.06 95.40 19.99
CA LEU D 114 -44.89 96.28 19.91
C LEU D 114 -44.69 97.03 21.23
N GLU D 115 -45.77 97.31 21.95
CA GLU D 115 -45.71 98.02 23.21
C GLU D 115 -45.12 97.10 24.27
N MET D 166 -43.98 94.55 29.37
CA MET D 166 -45.22 94.69 28.61
C MET D 166 -46.46 94.22 29.38
N VAL D 167 -47.52 95.01 29.22
CA VAL D 167 -48.80 94.75 29.88
C VAL D 167 -49.40 93.45 29.34
N GLU D 168 -50.07 92.71 30.22
CA GLU D 168 -50.71 91.46 29.89
C GLU D 168 -51.85 91.22 30.88
N VAL D 169 -52.80 90.39 30.45
CA VAL D 169 -53.97 90.07 31.26
C VAL D 169 -54.37 88.64 30.88
N GLU D 170 -54.88 87.92 31.87
CA GLU D 170 -55.28 86.52 31.68
C GLU D 170 -56.66 86.36 31.06
N ASN D 171 -56.76 86.72 29.77
CA ASN D 171 -58.01 86.55 29.01
C ASN D 171 -58.15 85.09 28.53
N VAL D 172 -58.08 84.18 29.50
CA VAL D 172 -58.21 82.73 29.28
C VAL D 172 -59.69 82.43 29.28
N VAL D 173 -60.38 82.76 28.18
CA VAL D 173 -61.81 82.47 28.13
C VAL D 173 -62.01 80.95 28.23
N HIS D 174 -63.05 80.56 28.96
CA HIS D 174 -63.43 79.16 29.15
C HIS D 174 -64.92 79.06 29.44
N GLU D 175 -65.77 79.65 28.60
CA GLU D 175 -67.21 79.56 28.84
C GLU D 175 -67.69 78.12 28.63
N ASP D 176 -68.64 77.71 29.47
CA ASP D 176 -69.27 76.38 29.40
C ASP D 176 -70.73 76.49 29.78
N PHE D 177 -71.53 75.57 29.26
CA PHE D 177 -72.93 75.49 29.66
C PHE D 177 -73.02 74.82 31.03
N GLN D 178 -74.00 75.26 31.84
CA GLN D 178 -74.11 74.73 33.20
C GLN D 178 -74.45 73.25 33.23
N VAL D 179 -75.24 72.77 32.29
CA VAL D 179 -75.67 71.36 32.24
C VAL D 179 -74.53 70.60 31.59
N THR D 180 -73.67 69.98 32.40
CA THR D 180 -72.54 69.19 31.89
C THR D 180 -72.83 67.69 32.00
N GLU D 181 -73.69 67.21 31.10
CA GLU D 181 -73.99 65.79 30.92
C GLU D 181 -73.75 65.41 29.46
N GLU D 182 -74.70 65.73 28.57
CA GLU D 182 -74.54 65.36 27.17
C GLU D 182 -73.37 66.06 26.51
N VAL D 183 -72.94 67.21 27.03
CA VAL D 183 -71.92 68.01 26.36
C VAL D 183 -70.56 67.32 26.27
N LYS D 184 -70.31 66.32 27.11
CA LYS D 184 -69.07 65.56 26.98
C LYS D 184 -69.18 64.46 25.92
N ALA D 185 -70.38 64.22 25.38
CA ALA D 185 -70.55 63.19 24.37
C ALA D 185 -69.67 63.46 23.17
N LEU D 186 -69.70 64.71 22.66
CA LEU D 186 -68.98 65.01 21.43
C LEU D 186 -67.51 64.68 21.61
N THR D 187 -66.99 64.95 22.82
CA THR D 187 -65.56 64.79 23.08
C THR D 187 -65.14 63.34 22.88
N ALA D 188 -66.06 62.40 23.14
CA ALA D 188 -65.78 60.99 22.92
C ALA D 188 -65.51 60.72 21.46
N GLU D 189 -66.18 61.44 20.58
CA GLU D 189 -65.95 61.22 19.16
C GLU D 189 -64.64 61.87 18.73
N ILE D 190 -64.28 63.02 19.33
CA ILE D 190 -63.04 63.72 18.96
C ILE D 190 -61.84 62.86 19.30
N VAL D 191 -61.81 62.36 20.54
CA VAL D 191 -60.75 61.45 20.95
C VAL D 191 -60.83 60.15 20.16
N LYS D 192 -62.04 59.70 19.82
CA LYS D 192 -62.16 58.49 19.00
C LYS D 192 -61.61 58.72 17.61
N THR D 193 -61.74 59.95 17.09
CA THR D 193 -61.03 60.29 15.86
C THR D 193 -59.55 60.30 16.12
N ILE D 194 -59.14 60.97 17.19
CA ILE D 194 -57.73 61.05 17.53
C ILE D 194 -57.16 59.63 17.75
N ARG D 195 -57.97 58.74 18.36
CA ARG D 195 -57.54 57.35 18.49
C ARG D 195 -57.43 56.70 17.13
N ASP D 196 -58.28 57.11 16.20
CA ASP D 196 -58.17 56.65 14.82
C ASP D 196 -57.01 57.35 14.10
N ILE D 197 -56.53 58.51 14.59
CA ILE D 197 -55.40 59.13 13.90
C ILE D 197 -54.13 58.42 14.28
N ILE D 198 -53.97 58.07 15.56
CA ILE D 198 -52.76 57.36 15.99
C ILE D 198 -52.78 55.88 15.66
N ALA D 199 -53.96 55.28 15.43
CA ALA D 199 -54.00 53.87 15.08
C ALA D 199 -53.74 53.63 13.60
N LEU D 200 -54.45 54.36 12.73
CA LEU D 200 -54.24 54.23 11.30
C LEU D 200 -53.03 55.02 10.78
N ASN D 201 -52.64 56.09 11.47
CA ASN D 201 -51.46 56.87 11.12
C ASN D 201 -50.70 57.17 12.41
N PRO D 202 -50.09 56.17 13.03
CA PRO D 202 -49.33 56.46 14.27
C PRO D 202 -48.18 57.42 14.05
N LEU D 203 -48.02 58.31 15.01
CA LEU D 203 -46.91 59.25 15.03
C LEU D 203 -46.29 59.22 16.42
N TYR D 204 -47.12 59.47 17.44
CA TYR D 204 -46.67 59.47 18.83
C TYR D 204 -47.25 58.29 19.59
N ARG D 205 -46.69 58.09 20.77
CA ARG D 205 -47.14 57.05 21.69
C ARG D 205 -48.55 57.30 22.22
N GLU D 206 -49.28 56.20 22.40
CA GLU D 206 -50.65 56.18 22.91
C GLU D 206 -50.71 56.22 24.44
N SER D 207 -49.55 56.11 25.11
CA SER D 207 -49.49 56.05 26.57
C SER D 207 -50.04 57.32 27.21
N VAL D 208 -49.88 58.47 26.57
CA VAL D 208 -50.43 59.70 27.14
C VAL D 208 -51.95 59.58 27.18
N LEU D 209 -52.54 58.92 26.17
CA LEU D 209 -53.98 58.68 26.20
C LEU D 209 -54.33 57.71 27.33
N GLN D 210 -53.46 56.74 27.62
CA GLN D 210 -53.66 55.86 28.76
C GLN D 210 -53.54 56.62 30.07
N MET D 211 -52.74 57.68 30.09
CA MET D 211 -52.48 58.45 31.30
C MET D 211 -53.68 59.30 31.68
N MET D 212 -54.34 59.93 30.70
CA MET D 212 -55.45 60.85 30.91
C MET D 212 -56.72 60.17 30.38
N GLN D 213 -57.37 59.37 31.22
CA GLN D 213 -58.60 58.68 30.85
C GLN D 213 -59.79 59.44 31.41
N ALA D 214 -60.94 59.30 30.74
CA ALA D 214 -62.17 59.97 31.17
C ALA D 214 -62.87 59.38 32.41
N GLY D 215 -62.66 58.11 32.76
CA GLY D 215 -63.39 57.55 33.91
C GLY D 215 -62.85 57.85 35.30
N GLN D 216 -61.64 58.39 35.41
CA GLN D 216 -61.03 58.76 36.69
C GLN D 216 -61.45 60.12 37.22
N ARG D 217 -62.13 60.96 36.43
CA ARG D 217 -62.55 62.31 36.82
C ARG D 217 -61.34 63.19 37.20
N VAL D 218 -60.15 62.86 36.68
CA VAL D 218 -58.94 63.65 36.85
C VAL D 218 -58.77 64.70 35.75
N VAL D 219 -59.70 64.79 34.80
CA VAL D 219 -59.63 65.75 33.70
C VAL D 219 -60.14 67.10 34.21
N ASP D 220 -59.26 67.83 34.92
CA ASP D 220 -59.58 69.16 35.44
C ASP D 220 -59.69 70.28 34.40
N ASN D 221 -59.05 70.15 33.22
CA ASN D 221 -58.97 71.24 32.23
C ASN D 221 -59.37 70.79 30.83
N PRO D 222 -60.68 70.68 30.53
CA PRO D 222 -61.04 70.14 29.21
C PRO D 222 -60.54 70.95 28.02
N ILE D 223 -60.48 72.29 28.11
CA ILE D 223 -60.02 73.05 26.94
C ILE D 223 -58.55 72.73 26.67
N TYR D 224 -57.80 72.48 27.74
CA TYR D 224 -56.41 72.09 27.59
C TYR D 224 -56.28 70.69 27.02
N LEU D 225 -57.14 69.76 27.42
CA LEU D 225 -57.07 68.41 26.84
C LEU D 225 -57.37 68.47 25.36
N SER D 226 -58.37 69.25 24.96
CA SER D 226 -58.69 69.37 23.54
C SER D 226 -57.55 70.03 22.79
N ASP D 227 -56.85 70.97 23.43
CA ASP D 227 -55.66 71.54 22.81
C ASP D 227 -54.57 70.50 22.69
N MET D 228 -54.41 69.64 23.72
CA MET D 228 -53.41 68.57 23.63
C MET D 228 -53.73 67.64 22.49
N GLY D 229 -55.02 67.40 22.23
CA GLY D 229 -55.39 66.53 21.14
C GLY D 229 -55.27 67.20 19.79
N ALA D 230 -55.52 68.51 19.74
CA ALA D 230 -55.29 69.24 18.50
C ALA D 230 -53.81 69.42 18.24
N ALA D 231 -52.98 69.36 19.28
CA ALA D 231 -51.54 69.47 19.10
C ALA D 231 -50.96 68.32 18.33
N LEU D 232 -51.55 67.13 18.47
CA LEU D 232 -51.09 65.96 17.76
C LEU D 232 -51.33 66.08 16.26
N THR D 233 -52.25 66.94 15.81
CA THR D 233 -52.51 67.11 14.39
C THR D 233 -51.24 67.63 13.71
N GLY D 234 -51.00 67.16 12.49
CA GLY D 234 -49.83 67.56 11.72
C GLY D 234 -49.96 68.82 10.90
N ALA D 235 -51.10 69.52 10.98
CA ALA D 235 -51.33 70.69 10.14
C ALA D 235 -50.33 71.78 10.47
N GLU D 236 -50.06 72.62 9.47
CA GLU D 236 -49.11 73.72 9.61
C GLU D 236 -49.50 74.65 10.74
N SER D 237 -48.50 75.41 11.20
CA SER D 237 -48.72 76.43 12.20
C SER D 237 -49.72 77.49 11.73
N HIS D 238 -49.78 77.74 10.42
CA HIS D 238 -50.71 78.72 9.88
C HIS D 238 -52.15 78.28 10.18
N GLU D 239 -52.41 76.97 10.07
CA GLU D 239 -53.69 76.41 10.47
C GLU D 239 -53.92 76.55 11.98
N LEU D 240 -52.85 76.47 12.77
CA LEU D 240 -53.02 76.66 14.21
C LEU D 240 -53.41 78.08 14.51
N GLN D 241 -52.89 79.05 13.76
CA GLN D 241 -53.34 80.41 13.97
C GLN D 241 -54.80 80.56 13.55
N ASP D 242 -55.23 79.82 12.54
CA ASP D 242 -56.64 79.93 12.17
C ASP D 242 -57.53 79.36 13.28
N VAL D 243 -57.17 78.21 13.84
CA VAL D 243 -57.96 77.66 14.93
C VAL D 243 -57.89 78.55 16.18
N LEU D 244 -56.75 79.20 16.43
CA LEU D 244 -56.63 80.10 17.57
C LEU D 244 -57.47 81.36 17.40
N GLU D 245 -57.73 81.82 16.18
CA GLU D 245 -58.57 83.01 16.04
C GLU D 245 -59.99 82.78 16.54
N GLU D 246 -60.50 81.56 16.42
CA GLU D 246 -61.85 81.25 16.86
C GLU D 246 -61.93 81.42 18.38
N THR D 247 -63.04 81.99 18.85
CA THR D 247 -63.28 82.23 20.27
C THR D 247 -64.26 81.23 20.89
N ASN D 248 -65.41 81.02 20.25
CA ASN D 248 -66.45 80.14 20.80
C ASN D 248 -65.97 78.69 20.86
N ILE D 249 -66.32 78.02 21.98
CA ILE D 249 -65.91 76.63 22.17
C ILE D 249 -66.44 75.69 21.08
N PRO D 250 -67.75 75.64 20.78
CA PRO D 250 -68.19 74.74 19.69
C PRO D 250 -67.57 75.06 18.35
N LYS D 251 -67.30 76.33 18.06
CA LYS D 251 -66.67 76.70 16.79
C LYS D 251 -65.25 76.15 16.69
N ARG D 252 -64.42 76.34 17.73
CA ARG D 252 -63.06 75.81 17.64
C ARG D 252 -63.06 74.29 17.62
N LEU D 253 -63.99 73.65 18.33
CA LEU D 253 -64.05 72.19 18.28
C LEU D 253 -64.53 71.70 16.92
N TYR D 254 -65.41 72.45 16.25
CA TYR D 254 -65.83 72.04 14.91
C TYR D 254 -64.72 72.32 13.91
N LYS D 255 -64.03 73.45 14.02
CA LYS D 255 -62.93 73.73 13.11
C LYS D 255 -61.84 72.68 13.29
N ALA D 256 -61.64 72.24 14.53
CA ALA D 256 -60.67 71.17 14.80
C ALA D 256 -61.16 69.87 14.18
N LEU D 257 -62.48 69.64 14.21
CA LEU D 257 -62.98 68.43 13.55
C LEU D 257 -62.78 68.50 12.05
N SER D 258 -63.06 69.64 11.43
CA SER D 258 -62.87 69.76 9.99
C SER D 258 -61.40 69.64 9.62
N LEU D 259 -60.51 70.17 10.48
CA LEU D 259 -59.09 69.97 10.25
C LEU D 259 -58.69 68.53 10.47
N LEU D 260 -59.31 67.82 11.41
CA LEU D 260 -59.05 66.39 11.55
C LEU D 260 -59.56 65.64 10.33
N LYS D 261 -60.66 66.10 9.72
CA LYS D 261 -61.16 65.48 8.51
C LYS D 261 -60.15 65.67 7.39
N LYS D 262 -59.71 66.90 7.17
CA LYS D 262 -58.79 67.17 6.07
C LYS D 262 -57.45 66.46 6.28
N GLU D 263 -56.92 66.51 7.51
CA GLU D 263 -55.66 65.85 7.79
C GLU D 263 -55.79 64.33 7.75
N PHE D 264 -56.87 63.76 8.29
CA PHE D 264 -57.02 62.31 8.21
C PHE D 264 -57.25 61.84 6.79
N GLU D 265 -58.08 62.55 6.02
CA GLU D 265 -58.28 62.18 4.63
C GLU D 265 -56.98 62.33 3.86
N LEU D 266 -56.15 63.29 4.26
CA LEU D 266 -54.86 63.45 3.64
C LEU D 266 -53.96 62.28 4.00
N SER D 267 -53.95 61.86 5.26
CA SER D 267 -53.15 60.70 5.64
C SER D 267 -53.64 59.46 4.90
N LYS D 268 -54.94 59.40 4.61
CA LYS D 268 -55.49 58.28 3.86
C LYS D 268 -55.04 58.35 2.42
N LEU D 269 -55.10 59.52 1.78
CA LEU D 269 -54.62 59.58 0.41
C LEU D 269 -53.12 59.30 0.33
N GLN D 270 -52.35 59.70 1.34
CA GLN D 270 -50.93 59.40 1.32
C GLN D 270 -50.67 57.93 1.57
N GLN D 271 -51.37 57.33 2.54
CA GLN D 271 -51.26 55.91 2.83
C GLN D 271 -51.79 55.06 1.70
N ARG D 272 -52.88 55.48 1.06
CA ARG D 272 -53.45 54.73 -0.05
C ARG D 272 -52.57 54.84 -1.27
N LEU D 273 -52.10 56.05 -1.60
CA LEU D 273 -51.18 56.17 -2.73
C LEU D 273 -49.93 55.36 -2.45
N GLY D 274 -49.47 55.34 -1.20
CA GLY D 274 -48.31 54.55 -0.86
C GLY D 274 -48.61 53.06 -0.89
N ARG D 275 -49.82 52.67 -0.52
CA ARG D 275 -50.21 51.26 -0.55
C ARG D 275 -50.33 50.76 -1.98
N GLU D 276 -51.02 51.51 -2.83
CA GLU D 276 -51.06 51.21 -4.27
C GLU D 276 -49.65 51.13 -4.82
N VAL D 277 -48.81 52.10 -4.47
CA VAL D 277 -47.45 52.16 -4.96
C VAL D 277 -46.62 50.98 -4.42
N GLU D 278 -46.96 50.49 -3.23
CA GLU D 278 -46.29 49.28 -2.73
C GLU D 278 -46.77 48.07 -3.51
N GLU D 279 -48.05 48.03 -3.85
CA GLU D 279 -48.55 46.93 -4.65
C GLU D 279 -47.92 46.95 -6.04
N LYS D 280 -47.68 48.15 -6.57
CA LYS D 280 -47.03 48.24 -7.88
C LYS D 280 -45.56 47.87 -7.81
N ILE D 281 -44.95 47.94 -6.63
CA ILE D 281 -43.64 47.29 -6.49
C ILE D 281 -43.84 45.79 -6.38
N LYS D 282 -44.90 45.37 -5.67
CA LYS D 282 -45.19 43.97 -5.52
C LYS D 282 -45.54 43.31 -6.86
N GLN D 283 -45.93 44.10 -7.87
CA GLN D 283 -46.14 43.56 -9.21
C GLN D 283 -44.89 42.94 -9.80
N THR D 284 -43.70 43.35 -9.35
CA THR D 284 -42.51 42.62 -9.74
C THR D 284 -42.65 41.19 -9.25
N HIS D 285 -42.33 40.23 -10.11
CA HIS D 285 -42.74 38.85 -9.85
C HIS D 285 -41.93 38.21 -8.72
N ARG D 286 -42.56 37.23 -8.06
CA ARG D 286 -41.86 36.48 -7.01
C ARG D 286 -40.71 35.67 -7.58
N LYS D 287 -40.79 35.27 -8.85
CA LYS D 287 -39.65 34.61 -9.49
C LYS D 287 -38.42 35.48 -9.39
N TYR D 288 -38.59 36.80 -9.52
CA TYR D 288 -37.45 37.69 -9.43
C TYR D 288 -36.90 37.69 -8.00
N LEU D 289 -37.78 37.58 -7.00
CA LEU D 289 -37.30 37.49 -5.62
C LEU D 289 -36.53 36.20 -5.38
N LEU D 290 -37.09 35.07 -5.79
CA LEU D 290 -36.36 33.82 -5.60
C LEU D 290 -35.08 33.83 -6.41
N GLN D 291 -35.10 34.46 -7.59
CA GLN D 291 -33.88 34.62 -8.37
C GLN D 291 -32.88 35.51 -7.63
N GLU D 292 -33.38 36.51 -6.92
CA GLU D 292 -32.50 37.30 -6.06
C GLU D 292 -31.88 36.40 -5.02
N GLN D 293 -32.67 35.54 -4.38
CA GLN D 293 -32.10 34.64 -3.40
C GLN D 293 -31.09 33.70 -4.03
N LEU D 294 -31.33 33.31 -5.28
CA LEU D 294 -30.33 32.51 -5.97
C LEU D 294 -29.06 33.33 -6.15
N LYS D 295 -29.22 34.62 -6.44
CA LYS D 295 -28.07 35.51 -6.58
C LYS D 295 -27.36 35.70 -5.25
N ILE D 296 -28.12 35.70 -4.14
CA ILE D 296 -27.56 35.84 -2.80
C ILE D 296 -26.88 34.57 -2.39
N ILE D 297 -27.32 33.44 -2.94
CA ILE D 297 -26.71 32.17 -2.67
C ILE D 297 -25.38 32.17 -3.39
N LYS D 298 -25.32 32.86 -4.54
CA LYS D 298 -24.07 32.95 -5.26
C LYS D 298 -23.22 34.07 -4.63
N LYS D 299 -23.87 35.06 -4.03
CA LYS D 299 -23.18 36.16 -3.34
C LYS D 299 -22.44 35.63 -2.14
N GLU D 300 -22.95 34.56 -1.56
CA GLU D 300 -22.35 33.92 -0.42
C GLU D 300 -21.38 32.83 -0.86
N LEU D 301 -21.06 32.77 -2.16
CA LEU D 301 -20.10 31.83 -2.69
C LEU D 301 -18.69 32.34 -2.58
N GLY D 302 -18.44 33.43 -1.87
CA GLY D 302 -17.04 33.76 -1.75
C GLY D 302 -16.50 32.92 -0.64
N LEU D 303 -16.14 31.69 -1.02
CA LEU D 303 -15.67 30.68 -0.11
C LEU D 303 -14.21 30.42 -0.43
N GLU D 304 -13.36 30.59 0.57
CA GLU D 304 -11.95 30.39 0.51
C GLU D 304 -11.62 29.12 1.29
N LYS D 305 -10.40 29.02 1.81
CA LYS D 305 -9.93 27.88 2.59
C LYS D 305 -9.93 26.55 1.83
N ASP D 306 -9.57 26.59 0.54
CA ASP D 306 -9.46 25.38 -0.29
C ASP D 306 -10.68 24.48 -0.25
N ASP D 307 -11.74 24.82 -0.99
CA ASP D 307 -12.91 23.97 -1.00
C ASP D 307 -12.61 22.74 -1.84
N LYS D 308 -13.29 21.64 -1.51
CA LYS D 308 -13.17 20.42 -2.31
C LYS D 308 -13.66 20.64 -3.73
N ASP D 309 -14.62 21.55 -3.90
CA ASP D 309 -15.07 21.92 -5.22
C ASP D 309 -13.96 22.58 -6.02
N ALA D 310 -12.90 23.10 -5.37
CA ALA D 310 -11.73 23.55 -6.14
C ALA D 310 -11.07 22.39 -6.84
N ILE D 311 -10.88 21.26 -6.14
CA ILE D 311 -10.28 20.11 -6.79
C ILE D 311 -11.18 19.63 -7.92
N GLU D 312 -12.49 19.57 -7.65
CA GLU D 312 -13.47 19.27 -8.70
C GLU D 312 -13.23 20.17 -9.90
N GLU D 313 -13.19 21.46 -9.64
CA GLU D 313 -13.21 22.40 -10.73
C GLU D 313 -11.91 22.38 -11.49
N LYS D 314 -10.78 22.12 -10.82
CA LYS D 314 -9.54 22.05 -11.58
C LYS D 314 -9.56 20.87 -12.53
N PHE D 315 -10.29 19.82 -12.15
CA PHE D 315 -10.49 18.76 -13.13
C PHE D 315 -11.40 19.27 -14.24
N ARG D 316 -12.51 19.90 -13.86
CA ARG D 316 -13.52 20.30 -14.81
C ARG D 316 -12.92 21.24 -15.85
N GLU D 317 -12.20 22.25 -15.39
CA GLU D 317 -11.61 23.23 -16.29
C GLU D 317 -10.60 22.54 -17.17
N ARG D 318 -9.89 21.54 -16.62
CA ARG D 318 -8.93 20.86 -17.46
C ARG D 318 -9.63 20.15 -18.59
N LEU D 319 -10.85 19.65 -18.33
CA LEU D 319 -11.65 19.00 -19.36
C LEU D 319 -12.40 19.92 -20.32
N LYS D 320 -12.59 21.19 -19.99
CA LYS D 320 -13.56 22.00 -20.73
C LYS D 320 -13.15 22.30 -22.17
N GLU D 321 -11.87 22.27 -22.49
CA GLU D 321 -11.34 22.75 -23.76
C GLU D 321 -11.17 21.61 -24.76
N LEU D 322 -10.35 20.64 -24.41
CA LEU D 322 -10.11 19.50 -25.26
C LEU D 322 -11.42 18.73 -25.43
N VAL D 323 -11.63 18.21 -26.63
CA VAL D 323 -12.90 17.57 -26.96
C VAL D 323 -12.77 16.08 -26.65
N VAL D 324 -13.39 15.69 -25.55
CA VAL D 324 -13.44 14.30 -25.12
C VAL D 324 -14.54 13.58 -25.90
N PRO D 325 -14.44 12.28 -26.15
CA PRO D 325 -15.60 11.58 -26.67
C PRO D 325 -16.70 11.59 -25.63
N LYS D 326 -17.94 11.62 -26.13
CA LYS D 326 -19.12 11.67 -25.24
C LYS D 326 -19.14 10.46 -24.31
N HIS D 327 -18.60 9.34 -24.76
CA HIS D 327 -18.66 8.10 -24.00
C HIS D 327 -18.02 8.30 -22.65
N VAL D 328 -16.81 8.83 -22.61
CA VAL D 328 -16.15 9.04 -21.33
C VAL D 328 -16.59 10.34 -20.68
N MET D 329 -17.37 11.17 -21.39
CA MET D 329 -17.84 12.42 -20.84
C MET D 329 -18.72 12.22 -19.62
N ASP D 330 -19.37 11.08 -19.53
CA ASP D 330 -20.23 10.82 -18.40
C ASP D 330 -19.43 10.35 -17.20
N VAL D 331 -18.57 9.33 -17.39
CA VAL D 331 -17.88 8.60 -16.32
C VAL D 331 -17.20 9.54 -15.36
N VAL D 332 -16.54 10.56 -15.89
CA VAL D 332 -15.93 11.58 -15.06
C VAL D 332 -16.98 12.29 -14.22
N ASP D 333 -18.18 12.48 -14.76
CA ASP D 333 -19.19 13.18 -13.99
C ASP D 333 -19.58 12.40 -12.76
N GLU D 334 -19.90 11.11 -12.92
CA GLU D 334 -20.31 10.33 -11.76
C GLU D 334 -19.17 10.19 -10.79
N GLU D 335 -17.94 10.05 -11.30
CA GLU D 335 -16.81 9.97 -10.40
C GLU D 335 -16.65 11.23 -9.62
N LEU D 336 -16.89 12.39 -10.23
CA LEU D 336 -16.76 13.63 -9.48
C LEU D 336 -17.82 13.71 -8.40
N SER D 337 -19.07 13.40 -8.79
CA SER D 337 -20.17 13.50 -7.85
C SER D 337 -19.96 12.54 -6.70
N LYS D 338 -19.40 11.37 -6.99
CA LYS D 338 -19.05 10.47 -5.90
C LYS D 338 -17.89 11.05 -5.10
N LEU D 339 -16.93 11.67 -5.78
CA LEU D 339 -15.67 12.01 -5.13
C LEU D 339 -15.90 13.04 -4.06
N GLY D 340 -16.88 13.92 -4.26
CA GLY D 340 -17.08 14.97 -3.28
C GLY D 340 -17.61 14.39 -1.98
N LEU D 341 -18.48 13.39 -2.10
CA LEU D 341 -19.17 12.85 -0.95
C LEU D 341 -18.24 12.07 -0.04
N LEU D 342 -17.11 11.59 -0.57
CA LEU D 342 -16.17 10.83 0.23
C LEU D 342 -15.57 11.66 1.35
N ASP D 343 -15.33 10.99 2.47
CA ASP D 343 -14.40 11.54 3.45
C ASP D 343 -12.98 11.55 2.91
N ASN D 344 -12.30 12.67 3.13
CA ASN D 344 -11.06 12.93 2.42
C ASN D 344 -9.91 12.06 2.88
N HIS D 345 -9.95 11.59 4.12
CA HIS D 345 -8.86 10.80 4.64
C HIS D 345 -8.90 9.37 4.18
N SER D 346 -10.02 8.93 3.64
CA SER D 346 -10.13 7.57 3.16
C SER D 346 -9.20 7.34 1.99
N SER D 347 -8.56 6.17 1.97
CA SER D 347 -7.67 5.83 0.87
C SER D 347 -8.46 5.76 -0.43
N GLU D 348 -9.75 5.47 -0.32
CA GLU D 348 -10.64 5.44 -1.46
C GLU D 348 -10.68 6.81 -2.11
N PHE D 349 -10.66 7.85 -1.29
CA PHE D 349 -10.63 9.20 -1.83
C PHE D 349 -9.32 9.49 -2.53
N ASN D 350 -8.21 9.01 -1.97
CA ASN D 350 -6.93 9.21 -2.61
C ASN D 350 -6.90 8.55 -3.98
N VAL D 351 -7.33 7.29 -4.03
CA VAL D 351 -7.25 6.53 -5.27
C VAL D 351 -8.16 7.16 -6.31
N THR D 352 -9.39 7.49 -5.93
CA THR D 352 -10.32 8.01 -6.92
C THR D 352 -9.86 9.36 -7.44
N ARG D 353 -9.30 10.20 -6.58
CA ARG D 353 -8.84 11.48 -7.07
C ARG D 353 -7.65 11.30 -7.99
N ASN D 354 -6.72 10.41 -7.63
CA ASN D 354 -5.57 10.18 -8.48
C ASN D 354 -6.03 9.62 -9.82
N TYR D 355 -7.07 8.81 -9.79
CA TYR D 355 -7.60 8.22 -11.00
C TYR D 355 -8.23 9.27 -11.88
N LEU D 356 -9.05 10.14 -11.27
CA LEU D 356 -9.69 11.18 -12.05
C LEU D 356 -8.69 12.12 -12.64
N ASP D 357 -7.59 12.37 -11.92
CA ASP D 357 -6.54 13.19 -12.47
C ASP D 357 -5.94 12.48 -13.67
N TRP D 358 -5.70 11.18 -13.53
CA TRP D 358 -5.11 10.44 -14.64
C TRP D 358 -6.02 10.45 -15.85
N LEU D 359 -7.32 10.58 -15.63
CA LEU D 359 -8.26 10.47 -16.72
C LEU D 359 -8.40 11.80 -17.44
N THR D 360 -8.39 12.88 -16.68
CA THR D 360 -8.50 14.18 -17.31
C THR D 360 -7.24 14.54 -18.07
N SER D 361 -6.11 13.96 -17.69
CA SER D 361 -4.84 14.33 -18.26
C SER D 361 -4.71 13.98 -19.74
N ILE D 362 -5.39 12.94 -20.17
CA ILE D 362 -5.19 12.43 -21.53
C ILE D 362 -5.67 13.47 -22.56
N PRO D 363 -4.87 13.86 -23.55
CA PRO D 363 -5.42 14.71 -24.60
C PRO D 363 -6.48 13.95 -25.36
N TRP D 364 -7.49 14.67 -25.82
CA TRP D 364 -8.60 14.10 -26.56
C TRP D 364 -8.80 14.93 -27.80
N GLY D 365 -8.17 14.55 -28.88
CA GLY D 365 -8.30 15.30 -30.10
C GLY D 365 -7.29 16.39 -30.28
N LYS D 366 -6.40 16.62 -29.32
CA LYS D 366 -5.30 17.52 -29.61
C LYS D 366 -4.53 16.92 -30.76
N TYR D 367 -4.26 17.74 -31.77
CA TYR D 367 -3.62 17.27 -32.99
C TYR D 367 -2.48 18.21 -33.31
N SER D 368 -1.26 17.71 -33.14
CA SER D 368 -0.12 18.48 -33.61
C SER D 368 -0.25 18.63 -35.11
N ASN D 369 -0.03 19.83 -35.60
CA ASN D 369 -0.21 20.07 -37.01
C ASN D 369 0.98 19.48 -37.72
N GLU D 370 0.78 19.12 -38.98
CA GLU D 370 1.78 18.43 -39.77
C GLU D 370 2.22 19.33 -40.90
N ASN D 371 3.53 19.34 -41.13
CA ASN D 371 4.12 19.88 -42.33
C ASN D 371 3.90 18.93 -43.49
N LEU D 372 3.78 19.48 -44.70
CA LEU D 372 3.49 18.66 -45.86
C LEU D 372 4.28 19.01 -47.11
N ASP D 373 4.95 20.14 -47.18
CA ASP D 373 5.70 20.47 -48.38
C ASP D 373 6.80 19.44 -48.63
N LEU D 374 6.83 18.92 -49.84
CA LEU D 374 7.73 17.81 -50.16
C LEU D 374 9.17 18.25 -50.19
N ALA D 375 9.43 19.47 -50.63
CA ALA D 375 10.80 19.95 -50.71
C ALA D 375 11.41 20.02 -49.33
N ARG D 376 10.61 20.41 -48.35
CA ARG D 376 11.08 20.41 -46.98
C ARG D 376 11.39 19.01 -46.52
N ALA D 377 10.63 18.02 -46.99
CA ALA D 377 10.89 16.66 -46.56
C ALA D 377 12.23 16.21 -47.11
N GLN D 378 12.48 16.47 -48.39
CA GLN D 378 13.77 16.13 -48.97
C GLN D 378 14.87 16.82 -48.20
N ALA D 379 14.65 18.09 -47.86
CA ALA D 379 15.72 18.85 -47.23
C ALA D 379 16.07 18.26 -45.88
N VAL D 380 15.06 18.02 -45.05
CA VAL D 380 15.37 17.55 -43.71
C VAL D 380 15.78 16.10 -43.69
N LEU D 381 15.48 15.33 -44.75
CA LEU D 381 15.97 13.96 -44.77
C LEU D 381 17.40 13.88 -45.23
N GLU D 382 17.72 14.56 -46.32
CA GLU D 382 19.08 14.49 -46.82
C GLU D 382 20.03 15.28 -45.95
N GLU D 383 19.52 16.08 -45.02
CA GLU D 383 20.43 16.79 -44.15
C GLU D 383 21.21 15.86 -43.26
N ASP D 384 20.63 14.69 -42.90
CA ASP D 384 21.23 13.92 -41.83
C ASP D 384 21.22 12.41 -42.08
N HIS D 385 21.09 11.94 -43.31
CA HIS D 385 21.24 10.51 -43.57
C HIS D 385 21.47 10.28 -45.04
N TYR D 386 22.59 9.69 -45.36
CA TYR D 386 22.91 9.41 -46.75
C TYR D 386 22.16 8.16 -47.18
N GLY D 387 21.84 8.11 -48.47
CA GLY D 387 21.40 6.89 -49.12
C GLY D 387 20.17 6.29 -48.48
N MET D 388 20.18 4.96 -48.35
CA MET D 388 19.05 4.17 -47.87
C MET D 388 17.74 4.74 -48.40
N GLU D 389 17.68 4.79 -49.72
CA GLU D 389 16.62 5.51 -50.39
C GLU D 389 15.26 4.89 -50.18
N ASP D 390 15.22 3.61 -49.82
CA ASP D 390 13.92 2.93 -49.71
C ASP D 390 13.07 3.60 -48.67
N VAL D 391 13.62 3.80 -47.48
CA VAL D 391 12.84 4.39 -46.43
C VAL D 391 12.45 5.80 -46.79
N LYS D 392 13.35 6.51 -47.49
CA LYS D 392 13.06 7.87 -47.88
C LYS D 392 11.87 7.94 -48.82
N LYS D 393 11.86 7.08 -49.82
CA LYS D 393 10.77 7.08 -50.75
C LYS D 393 9.49 6.67 -50.07
N ARG D 394 9.58 5.75 -49.13
CA ARG D 394 8.35 5.29 -48.50
C ARG D 394 7.72 6.41 -47.70
N ILE D 395 8.52 7.10 -46.88
CA ILE D 395 7.94 8.17 -46.09
C ILE D 395 7.46 9.31 -46.97
N LEU D 396 8.10 9.52 -48.11
CA LEU D 396 7.60 10.55 -49.00
C LEU D 396 6.23 10.17 -49.54
N GLU D 397 6.05 8.89 -49.90
CA GLU D 397 4.75 8.44 -50.34
C GLU D 397 3.74 8.60 -49.23
N PHE D 398 4.19 8.48 -47.98
CA PHE D 398 3.28 8.69 -46.88
C PHE D 398 2.77 10.12 -46.90
N ILE D 399 3.68 11.09 -47.01
CA ILE D 399 3.17 12.47 -47.00
C ILE D 399 2.26 12.72 -48.17
N ALA D 400 2.52 12.05 -49.29
CA ALA D 400 1.65 12.24 -50.45
C ALA D 400 0.23 11.78 -50.13
N VAL D 401 0.11 10.52 -49.70
CA VAL D 401 -1.22 9.99 -49.50
C VAL D 401 -1.90 10.72 -48.37
N SER D 402 -1.16 11.15 -47.36
CA SER D 402 -1.81 11.87 -46.29
C SER D 402 -2.32 13.19 -46.79
N GLN D 403 -1.67 13.77 -47.78
CA GLN D 403 -2.12 15.06 -48.23
C GLN D 403 -3.30 14.94 -49.16
N LEU D 404 -3.54 13.74 -49.71
CA LEU D 404 -4.68 13.62 -50.60
C LEU D 404 -6.00 13.46 -49.87
N ARG D 405 -5.99 13.27 -48.57
CA ARG D 405 -7.21 12.91 -47.86
C ARG D 405 -7.26 13.66 -46.55
N GLY D 406 -6.92 14.94 -46.58
CA GLY D 406 -7.19 15.80 -45.43
C GLY D 406 -6.54 15.34 -44.15
N SER D 407 -7.38 14.74 -43.31
CA SER D 407 -7.09 14.47 -41.91
C SER D 407 -5.86 13.60 -41.73
N THR D 408 -5.21 13.80 -40.59
CA THR D 408 -4.05 13.03 -40.22
C THR D 408 -4.40 11.56 -40.10
N GLN D 409 -3.42 10.71 -40.40
CA GLN D 409 -3.59 9.26 -40.35
C GLN D 409 -2.40 8.57 -39.72
N GLY D 410 -2.68 7.39 -39.17
CA GLY D 410 -1.68 6.53 -38.58
C GLY D 410 -1.29 5.38 -39.52
N LYS D 411 -0.31 4.58 -39.10
CA LYS D 411 0.17 3.45 -39.89
C LYS D 411 1.16 2.65 -39.06
N ILE D 412 1.43 1.41 -39.48
CA ILE D 412 2.45 0.58 -38.86
C ILE D 412 3.54 0.32 -39.88
N LEU D 413 4.79 0.23 -39.40
CA LEU D 413 5.92 -0.08 -40.25
C LEU D 413 6.91 -0.92 -39.46
N CYS D 414 7.82 -1.56 -40.18
CA CYS D 414 8.88 -2.34 -39.55
C CYS D 414 10.18 -2.18 -40.31
N PHE D 415 11.26 -2.00 -39.57
CA PHE D 415 12.60 -1.92 -40.13
C PHE D 415 13.44 -3.10 -39.66
N TYR D 416 14.31 -3.55 -40.55
CA TYR D 416 15.23 -4.61 -40.20
C TYR D 416 16.41 -4.59 -41.16
N GLY D 417 17.55 -4.92 -40.59
CA GLY D 417 18.80 -4.91 -41.29
C GLY D 417 19.93 -5.14 -40.30
N PRO D 418 21.18 -5.04 -40.75
CA PRO D 418 22.29 -5.22 -39.84
C PRO D 418 22.30 -4.16 -38.76
N PRO D 419 22.73 -4.49 -37.54
CA PRO D 419 22.75 -3.51 -36.46
C PRO D 419 23.71 -2.36 -36.70
N GLY D 420 23.33 -1.18 -36.20
CA GLY D 420 24.20 -0.02 -36.26
C GLY D 420 24.18 0.77 -37.54
N VAL D 421 23.20 0.54 -38.42
CA VAL D 421 23.10 1.33 -39.64
C VAL D 421 22.43 2.67 -39.41
N GLY D 422 22.05 3.00 -38.18
CA GLY D 422 21.39 4.25 -37.90
C GLY D 422 19.89 4.18 -37.86
N LYS D 423 19.33 2.97 -37.73
CA LYS D 423 17.88 2.82 -37.76
C LYS D 423 17.22 3.65 -36.67
N THR D 424 17.91 3.90 -35.58
CA THR D 424 17.27 4.66 -34.53
C THR D 424 17.29 6.13 -34.88
N SER D 425 18.42 6.63 -35.38
CA SER D 425 18.58 8.07 -35.59
C SER D 425 17.63 8.61 -36.64
N ILE D 426 17.33 7.79 -37.64
CA ILE D 426 16.49 8.27 -38.71
C ILE D 426 15.09 8.50 -38.20
N ALA D 427 14.70 7.81 -37.12
CA ALA D 427 13.38 8.03 -36.56
C ALA D 427 13.26 9.45 -36.08
N ARG D 428 14.27 9.92 -35.34
CA ARG D 428 14.22 11.28 -34.85
C ARG D 428 14.24 12.26 -35.99
N SER D 429 14.98 11.93 -37.04
CA SER D 429 15.01 12.85 -38.18
C SER D 429 13.64 12.92 -38.83
N ILE D 430 12.97 11.77 -38.91
CA ILE D 430 11.63 11.75 -39.47
C ILE D 430 10.67 12.52 -38.59
N ALA D 431 10.83 12.43 -37.27
CA ALA D 431 9.93 13.14 -36.40
C ALA D 431 10.06 14.63 -36.59
N ARG D 432 11.28 15.08 -36.83
CA ARG D 432 11.45 16.49 -37.12
C ARG D 432 10.99 16.82 -38.52
N ALA D 433 10.88 15.83 -39.40
CA ALA D 433 10.42 16.13 -40.74
C ALA D 433 8.91 16.30 -40.76
N LEU D 434 8.19 15.27 -40.36
CA LEU D 434 6.74 15.38 -40.32
C LEU D 434 6.23 16.37 -39.29
N ASN D 435 7.02 16.68 -38.26
CA ASN D 435 6.68 17.54 -37.13
C ASN D 435 5.88 16.83 -36.06
N ARG D 436 5.74 15.51 -36.12
CA ARG D 436 5.22 14.77 -34.98
C ARG D 436 6.23 14.70 -33.85
N GLU D 437 5.73 14.49 -32.65
CA GLU D 437 6.57 14.26 -31.49
C GLU D 437 7.19 12.88 -31.55
N TYR D 438 8.30 12.72 -30.85
CA TYR D 438 9.05 11.48 -30.81
C TYR D 438 9.05 10.95 -29.38
N PHE D 439 9.14 9.64 -29.23
CA PHE D 439 9.22 9.05 -27.90
C PHE D 439 9.62 7.58 -27.98
N ARG D 440 10.81 7.27 -27.50
CA ARG D 440 11.30 5.91 -27.59
C ARG D 440 10.73 5.03 -26.49
N PHE D 441 10.68 3.73 -26.77
CA PHE D 441 10.23 2.75 -25.79
C PHE D 441 10.78 1.36 -26.13
N SER D 442 11.80 0.93 -25.41
CA SER D 442 12.35 -0.41 -25.57
C SER D 442 11.49 -1.50 -24.94
N VAL D 443 11.50 -2.67 -25.58
CA VAL D 443 10.90 -3.89 -25.05
C VAL D 443 11.82 -5.09 -25.26
N GLY D 444 13.12 -4.85 -25.37
CA GLY D 444 14.04 -5.97 -25.53
C GLY D 444 14.05 -6.84 -24.30
N GLY D 445 13.55 -8.06 -24.44
CA GLY D 445 13.60 -9.01 -23.36
C GLY D 445 12.50 -8.85 -22.33
N MET D 446 11.59 -7.90 -22.52
CA MET D 446 10.51 -7.69 -21.54
C MET D 446 9.61 -8.91 -21.45
N THR D 447 9.17 -9.19 -20.23
CA THR D 447 8.27 -10.30 -19.95
C THR D 447 7.14 -9.96 -18.98
N ASP D 448 7.09 -8.74 -18.43
CA ASP D 448 5.96 -8.34 -17.59
C ASP D 448 4.92 -7.67 -18.47
N VAL D 449 3.97 -8.47 -18.93
CA VAL D 449 2.96 -7.97 -19.86
C VAL D 449 2.11 -6.87 -19.25
N ALA D 450 1.96 -6.89 -17.92
CA ALA D 450 1.12 -5.90 -17.24
C ALA D 450 1.59 -4.47 -17.49
N GLU D 451 2.88 -4.29 -17.79
CA GLU D 451 3.42 -2.99 -18.05
C GLU D 451 2.73 -2.32 -19.22
N ILE D 452 2.29 -3.11 -20.21
CA ILE D 452 1.62 -2.55 -21.36
C ILE D 452 0.15 -2.29 -21.10
N LYS D 453 -0.40 -2.82 -20.00
CA LYS D 453 -1.84 -2.72 -19.75
C LYS D 453 -2.17 -2.41 -18.30
N GLY D 454 -1.20 -1.98 -17.50
CA GLY D 454 -1.52 -1.49 -16.19
C GLY D 454 -2.02 -2.61 -15.30
N HIS D 455 -2.92 -2.26 -14.39
CA HIS D 455 -3.46 -3.21 -13.43
C HIS D 455 -4.88 -2.80 -13.07
N ARG D 456 -5.47 -3.57 -12.15
CA ARG D 456 -6.89 -3.53 -11.91
C ARG D 456 -7.36 -2.23 -11.29
N ARG D 457 -6.45 -1.41 -10.77
CA ARG D 457 -6.63 -0.13 -10.08
C ARG D 457 -7.04 -0.37 -8.61
N THR D 458 -7.33 -1.60 -8.20
CA THR D 458 -7.46 -1.93 -6.79
C THR D 458 -6.20 -2.47 -6.18
N TYR D 459 -5.26 -2.97 -6.98
CA TYR D 459 -3.99 -3.30 -6.39
C TYR D 459 -3.30 -2.03 -5.95
N VAL D 460 -2.57 -2.14 -4.84
CA VAL D 460 -1.62 -1.12 -4.48
C VAL D 460 -0.46 -1.25 -5.45
N GLY D 461 0.12 -0.12 -5.86
CA GLY D 461 1.21 -0.15 -6.81
C GLY D 461 0.77 -0.16 -8.25
N ALA D 462 -0.53 -0.15 -8.51
CA ALA D 462 -1.00 -0.09 -9.88
C ALA D 462 -0.78 1.28 -10.46
N MET D 463 -0.42 1.30 -11.73
CA MET D 463 -0.30 2.52 -12.51
C MET D 463 -0.77 2.17 -13.90
N PRO D 464 -1.33 3.13 -14.65
CA PRO D 464 -1.80 2.81 -15.99
C PRO D 464 -0.61 2.39 -16.81
N GLY D 465 -0.82 1.48 -17.77
CA GLY D 465 0.27 0.97 -18.59
C GLY D 465 1.09 2.07 -19.23
N LYS D 466 2.22 1.74 -19.86
CA LYS D 466 3.13 2.79 -20.32
C LYS D 466 2.48 3.74 -21.30
N ILE D 467 1.74 3.19 -22.26
CA ILE D 467 1.34 3.98 -23.41
C ILE D 467 0.48 5.16 -22.99
N ILE D 468 -0.31 4.99 -21.94
CA ILE D 468 -1.04 6.15 -21.44
C ILE D 468 -0.09 7.16 -20.84
N GLN D 469 1.01 6.72 -20.24
CA GLN D 469 1.96 7.67 -19.71
C GLN D 469 2.59 8.49 -20.82
N CYS D 470 2.84 7.84 -21.96
CA CYS D 470 3.50 8.59 -23.03
C CYS D 470 2.54 9.53 -23.70
N LEU D 471 1.27 9.12 -23.85
CA LEU D 471 0.31 10.09 -24.37
C LEU D 471 0.16 11.25 -23.41
N LYS D 472 0.24 10.99 -22.12
CA LYS D 472 0.20 12.12 -21.21
C LYS D 472 1.44 12.97 -21.38
N LYS D 473 2.58 12.37 -21.71
CA LYS D 473 3.79 13.17 -21.79
C LYS D 473 3.82 14.01 -23.07
N THR D 474 3.53 13.40 -24.20
CA THR D 474 3.58 14.14 -25.46
C THR D 474 2.37 15.01 -25.69
N LYS D 475 1.32 14.87 -24.88
CA LYS D 475 0.13 15.73 -24.91
C LYS D 475 -0.41 15.95 -26.32
N THR D 476 -0.49 14.88 -27.09
CA THR D 476 -0.84 14.99 -28.49
C THR D 476 -1.47 13.69 -28.92
N GLU D 477 -2.54 13.77 -29.71
CA GLU D 477 -3.27 12.55 -30.05
C GLU D 477 -2.45 11.60 -30.90
N ASN D 478 -1.52 12.11 -31.72
CA ASN D 478 -0.84 11.32 -32.74
C ASN D 478 0.67 11.50 -32.64
N PRO D 479 1.27 10.94 -31.62
CA PRO D 479 2.72 10.91 -31.52
C PRO D 479 3.32 9.97 -32.54
N LEU D 480 4.60 9.66 -32.37
CA LEU D 480 5.31 8.69 -33.20
C LEU D 480 6.09 7.82 -32.22
N ILE D 481 5.44 6.75 -31.78
CA ILE D 481 6.08 5.83 -30.87
C ILE D 481 7.24 5.19 -31.60
N LEU D 482 8.24 4.75 -30.85
CA LEU D 482 9.32 3.94 -31.40
C LEU D 482 9.51 2.74 -30.50
N ILE D 483 8.64 1.75 -30.68
CA ILE D 483 8.90 0.47 -30.06
C ILE D 483 10.19 -0.06 -30.63
N ASP D 484 11.07 -0.57 -29.77
CA ASP D 484 12.43 -0.89 -30.16
C ASP D 484 12.72 -2.35 -29.83
N GLU D 485 13.55 -2.95 -30.67
CA GLU D 485 14.12 -4.27 -30.44
C GLU D 485 13.08 -5.34 -30.17
N VAL D 486 12.04 -5.36 -31.01
CA VAL D 486 11.02 -6.39 -30.87
C VAL D 486 11.60 -7.77 -31.08
N ASP D 487 12.71 -7.89 -31.82
CA ASP D 487 13.31 -9.18 -32.12
C ASP D 487 13.72 -9.92 -30.86
N LYS D 488 14.14 -9.18 -29.84
CA LYS D 488 14.64 -9.76 -28.61
C LYS D 488 13.59 -9.81 -27.52
N ILE D 489 12.31 -9.58 -27.86
CA ILE D 489 11.29 -9.45 -26.83
C ILE D 489 11.20 -10.71 -26.01
N GLY D 490 11.01 -10.56 -24.70
CA GLY D 490 10.99 -11.72 -23.83
C GLY D 490 9.85 -12.64 -24.21
N ARG D 491 10.14 -13.95 -24.21
CA ARG D 491 9.14 -14.97 -24.57
C ARG D 491 9.34 -16.19 -23.68
N GLY D 492 8.64 -16.19 -22.55
CA GLY D 492 8.76 -17.22 -21.54
C GLY D 492 7.41 -17.55 -20.92
N TYR D 493 7.45 -18.32 -19.83
CA TYR D 493 6.23 -18.76 -19.17
C TYR D 493 5.61 -17.65 -18.33
N GLN D 494 6.32 -16.54 -18.11
CA GLN D 494 5.94 -15.53 -17.15
C GLN D 494 4.86 -14.59 -17.66
N GLY D 495 4.46 -14.72 -18.92
CA GLY D 495 3.49 -13.87 -19.55
C GLY D 495 4.13 -13.24 -20.76
N ASP D 496 3.75 -13.73 -21.92
CA ASP D 496 4.45 -13.35 -23.12
C ASP D 496 3.83 -12.02 -23.56
N PRO D 497 4.59 -10.93 -23.63
CA PRO D 497 4.01 -9.69 -24.18
C PRO D 497 3.49 -9.83 -25.58
N SER D 498 4.11 -10.69 -26.40
CA SER D 498 3.77 -10.78 -27.81
C SER D 498 2.30 -11.09 -28.05
N SER D 499 1.64 -11.76 -27.11
CA SER D 499 0.20 -11.93 -27.25
C SER D 499 -0.62 -10.74 -26.82
N ALA D 500 -0.04 -9.75 -26.15
CA ALA D 500 -0.75 -8.54 -25.80
C ALA D 500 -0.50 -7.40 -26.76
N LEU D 501 0.64 -7.45 -27.46
CA LEU D 501 0.91 -6.43 -28.44
C LEU D 501 -0.02 -6.53 -29.61
N LEU D 502 -0.55 -7.72 -29.88
CA LEU D 502 -1.40 -7.87 -31.05
C LEU D 502 -2.63 -6.99 -30.93
N GLU D 503 -3.10 -6.77 -29.70
CA GLU D 503 -4.26 -5.89 -29.56
C GLU D 503 -3.92 -4.45 -29.84
N LEU D 504 -2.65 -4.10 -29.86
CA LEU D 504 -2.26 -2.78 -30.30
C LEU D 504 -2.06 -2.85 -31.80
N LEU D 505 -1.21 -3.76 -32.25
CA LEU D 505 -0.75 -3.65 -33.60
C LEU D 505 -1.79 -3.94 -34.67
N ASP D 506 -2.86 -4.66 -34.36
CA ASP D 506 -3.79 -4.99 -35.44
C ASP D 506 -4.40 -3.67 -35.89
N PRO D 507 -4.26 -3.27 -37.17
CA PRO D 507 -4.74 -1.94 -37.57
C PRO D 507 -6.20 -1.69 -37.34
N GLU D 508 -7.01 -2.72 -37.47
CA GLU D 508 -8.44 -2.48 -37.49
C GLU D 508 -9.03 -2.36 -36.10
N GLN D 509 -8.66 -3.26 -35.21
CA GLN D 509 -9.28 -3.32 -33.91
C GLN D 509 -8.59 -2.48 -32.86
N ASN D 510 -7.45 -1.88 -33.16
CA ASN D 510 -6.80 -1.09 -32.14
C ASN D 510 -7.58 0.15 -31.76
N ALA D 511 -8.51 0.60 -32.60
CA ALA D 511 -9.16 1.88 -32.42
C ALA D 511 -9.89 2.03 -31.09
N ASN D 512 -10.22 0.94 -30.40
CA ASN D 512 -10.79 1.01 -29.05
C ASN D 512 -9.93 0.20 -28.10
N PHE D 513 -8.63 0.35 -28.18
CA PHE D 513 -7.76 -0.28 -27.20
C PHE D 513 -8.06 0.24 -25.80
N LEU D 514 -8.02 -0.66 -24.81
CA LEU D 514 -8.25 -0.31 -23.41
C LEU D 514 -7.34 -1.12 -22.51
N ASP D 515 -6.77 -0.46 -21.50
CA ASP D 515 -5.94 -1.06 -20.48
C ASP D 515 -6.63 -0.95 -19.13
N HIS D 516 -6.39 -1.96 -18.29
CA HIS D 516 -7.27 -2.21 -17.16
C HIS D 516 -7.33 -1.08 -16.15
N TYR D 517 -6.29 -0.25 -16.04
CA TYR D 517 -6.32 0.82 -15.05
C TYR D 517 -7.54 1.70 -15.28
N LEU D 518 -7.53 2.44 -16.36
CA LEU D 518 -8.65 3.27 -16.73
C LEU D 518 -9.34 2.52 -17.84
N ASP D 519 -10.50 1.97 -17.53
CA ASP D 519 -11.11 0.97 -18.40
C ASP D 519 -11.49 1.53 -19.76
N VAL D 520 -11.76 2.82 -19.85
CA VAL D 520 -12.39 3.38 -21.05
C VAL D 520 -11.48 3.23 -22.26
N PRO D 521 -11.97 2.81 -23.43
CA PRO D 521 -11.06 2.60 -24.57
C PRO D 521 -10.39 3.88 -24.99
N VAL D 522 -9.15 3.77 -25.41
CA VAL D 522 -8.43 4.82 -26.06
C VAL D 522 -8.44 4.50 -27.55
N ASP D 523 -8.13 5.50 -28.37
CA ASP D 523 -8.11 5.37 -29.83
C ASP D 523 -6.76 5.74 -30.37
N LEU D 524 -6.04 4.76 -30.88
CA LEU D 524 -4.68 4.92 -31.31
C LEU D 524 -4.56 5.10 -32.82
N SER D 525 -5.68 5.27 -33.52
CA SER D 525 -5.68 5.10 -34.97
C SER D 525 -4.75 6.06 -35.71
N LYS D 526 -4.46 7.22 -35.14
CA LYS D 526 -3.61 8.16 -35.83
C LYS D 526 -2.14 7.96 -35.55
N VAL D 527 -1.76 7.09 -34.62
CA VAL D 527 -0.36 6.90 -34.29
C VAL D 527 0.35 6.27 -35.48
N LEU D 528 1.65 6.50 -35.57
CA LEU D 528 2.49 5.94 -36.62
C LEU D 528 3.57 5.10 -35.97
N PHE D 529 3.25 3.85 -35.69
CA PHE D 529 4.23 2.99 -35.05
C PHE D 529 5.42 2.75 -35.95
N ILE D 530 6.54 2.46 -35.32
CA ILE D 530 7.73 1.99 -36.02
C ILE D 530 8.32 0.91 -35.15
N CYS D 531 8.96 -0.06 -35.79
CA CYS D 531 9.54 -1.20 -35.10
C CYS D 531 10.82 -1.58 -35.80
N THR D 532 11.73 -2.13 -35.01
CA THR D 532 13.08 -2.45 -35.44
C THR D 532 13.40 -3.88 -35.06
N ALA D 533 14.24 -4.52 -35.87
CA ALA D 533 14.62 -5.89 -35.57
C ALA D 533 15.89 -6.23 -36.31
N ASN D 534 16.78 -6.96 -35.66
CA ASN D 534 18.02 -7.32 -36.32
C ASN D 534 17.78 -8.35 -37.41
N VAL D 535 16.75 -9.17 -37.27
CA VAL D 535 16.44 -10.19 -38.26
C VAL D 535 15.01 -10.62 -38.04
N THR D 536 14.31 -10.89 -39.15
CA THR D 536 12.89 -11.19 -39.05
C THR D 536 12.56 -12.49 -38.34
N ASP D 537 13.44 -13.49 -38.44
CA ASP D 537 13.01 -14.86 -38.22
C ASP D 537 12.49 -15.15 -36.82
N THR D 538 13.04 -14.49 -35.81
CA THR D 538 12.63 -14.83 -34.45
C THR D 538 11.38 -14.09 -34.03
N ILE D 539 10.91 -13.13 -34.82
CA ILE D 539 9.68 -12.42 -34.46
C ILE D 539 8.54 -13.41 -34.49
N PRO D 540 7.68 -13.50 -33.46
CA PRO D 540 6.61 -14.49 -33.52
C PRO D 540 5.71 -14.22 -34.71
N GLU D 541 5.28 -15.29 -35.37
CA GLU D 541 4.72 -15.17 -36.71
C GLU D 541 3.48 -14.29 -36.77
N PRO D 542 2.44 -14.47 -35.94
CA PRO D 542 1.23 -13.64 -36.10
C PRO D 542 1.55 -12.18 -35.97
N LEU D 543 2.49 -11.86 -35.07
CA LEU D 543 2.82 -10.47 -34.89
C LEU D 543 3.58 -9.96 -36.10
N ARG D 544 4.37 -10.82 -36.73
CA ARG D 544 5.08 -10.40 -37.92
C ARG D 544 4.10 -10.11 -39.02
N ASP D 545 2.98 -10.81 -39.06
CA ASP D 545 2.13 -10.72 -40.22
C ASP D 545 1.47 -9.35 -40.34
N ARG D 546 1.20 -8.69 -39.22
CA ARG D 546 0.48 -7.43 -39.28
C ARG D 546 1.25 -6.33 -39.98
N MET D 547 2.57 -6.34 -39.94
CA MET D 547 3.33 -5.13 -40.15
C MET D 547 4.14 -5.21 -41.44
N GLU D 548 4.14 -4.10 -42.16
CA GLU D 548 4.92 -4.00 -43.39
C GLU D 548 6.38 -4.06 -43.03
N MET D 549 7.20 -4.55 -43.97
CA MET D 549 8.60 -4.86 -43.68
C MET D 549 9.56 -4.18 -44.67
N ILE D 550 10.03 -3.00 -44.33
CA ILE D 550 11.10 -2.39 -45.09
C ILE D 550 12.40 -3.08 -44.71
N ASN D 551 13.40 -3.02 -45.60
CA ASN D 551 14.68 -3.69 -45.40
C ASN D 551 15.77 -2.68 -45.72
N VAL D 552 16.34 -2.06 -44.70
CA VAL D 552 17.56 -1.29 -44.92
C VAL D 552 18.71 -2.27 -45.10
N SER D 553 19.75 -1.84 -45.80
CA SER D 553 20.81 -2.72 -46.30
C SER D 553 22.17 -2.32 -45.77
N GLY D 554 23.17 -3.08 -46.21
CA GLY D 554 24.56 -2.76 -45.95
C GLY D 554 25.11 -1.81 -47.00
N TYR D 555 26.37 -1.44 -46.81
CA TYR D 555 27.08 -0.47 -47.62
C TYR D 555 28.29 -1.08 -48.32
N VAL D 556 28.54 -0.67 -49.55
CA VAL D 556 29.79 -1.05 -50.19
C VAL D 556 30.89 -0.26 -49.50
N ALA D 557 32.11 -0.80 -49.51
CA ALA D 557 33.21 -0.18 -48.78
C ALA D 557 33.47 1.24 -49.27
N GLN D 558 33.31 1.44 -50.57
CA GLN D 558 33.46 2.78 -51.13
C GLN D 558 32.41 3.71 -50.59
N GLU D 559 31.23 3.20 -50.29
CA GLU D 559 30.12 4.07 -49.96
C GLU D 559 30.41 4.84 -48.68
N LYS D 560 31.09 4.19 -47.74
CA LYS D 560 31.45 4.86 -46.51
C LYS D 560 32.39 6.02 -46.75
N LEU D 561 33.19 5.97 -47.83
CA LEU D 561 34.10 7.08 -48.08
C LEU D 561 33.34 8.38 -48.29
N ALA D 562 32.12 8.27 -48.80
CA ALA D 562 31.29 9.44 -48.96
C ALA D 562 30.41 9.65 -47.75
N ILE D 563 30.26 8.65 -46.89
CA ILE D 563 29.56 8.89 -45.64
C ILE D 563 30.42 9.72 -44.72
N ALA D 564 31.65 9.29 -44.55
CA ALA D 564 32.50 9.87 -43.53
C ALA D 564 32.83 11.31 -43.80
N GLU D 565 32.95 11.69 -45.06
CA GLU D 565 33.43 13.04 -45.33
C GLU D 565 32.47 14.11 -44.89
N ARG D 566 31.19 13.78 -44.76
CA ARG D 566 30.16 14.79 -44.56
C ARG D 566 29.39 14.53 -43.28
N TYR D 567 28.77 13.37 -43.12
CA TYR D 567 27.93 13.18 -41.95
C TYR D 567 28.66 12.65 -40.73
N LEU D 568 29.96 12.34 -40.79
CA LEU D 568 30.65 11.70 -39.68
C LEU D 568 31.80 12.53 -39.12
N VAL D 569 32.81 12.84 -39.95
CA VAL D 569 33.95 13.63 -39.48
C VAL D 569 33.51 14.96 -38.89
N PRO D 570 32.71 15.78 -39.56
CA PRO D 570 32.33 17.06 -38.95
C PRO D 570 31.65 16.90 -37.61
N GLN D 571 30.86 15.85 -37.44
CA GLN D 571 30.18 15.66 -36.18
C GLN D 571 31.16 15.39 -35.07
N ALA D 572 32.07 14.45 -35.29
CA ALA D 572 33.06 14.15 -34.26
C ALA D 572 33.95 15.35 -34.01
N ARG D 573 34.23 16.11 -35.05
CA ARG D 573 35.15 17.22 -34.86
C ARG D 573 34.49 18.27 -34.02
N ALA D 574 33.21 18.50 -34.28
CA ALA D 574 32.44 19.36 -33.40
C ALA D 574 32.31 18.76 -32.01
N LEU D 575 32.31 17.42 -31.93
CA LEU D 575 32.22 16.77 -30.63
C LEU D 575 33.47 17.03 -29.80
N CYS D 576 34.62 17.22 -30.44
CA CYS D 576 35.90 17.32 -29.74
C CYS D 576 36.52 18.70 -29.81
N GLY D 577 35.85 19.68 -30.41
CA GLY D 577 36.24 21.07 -30.30
C GLY D 577 37.28 21.52 -31.30
N LEU D 578 37.99 20.61 -31.93
CA LEU D 578 38.97 20.98 -32.93
C LEU D 578 38.29 21.38 -34.23
N ASP D 579 38.99 22.20 -35.01
CA ASP D 579 38.49 22.67 -36.29
C ASP D 579 39.55 22.36 -37.35
N GLU D 580 39.12 22.39 -38.62
CA GLU D 580 39.88 21.83 -39.74
C GLU D 580 41.27 22.41 -39.88
N SER D 581 41.47 23.66 -39.45
CA SER D 581 42.80 24.24 -39.54
C SER D 581 43.79 23.50 -38.66
N LYS D 582 43.32 22.82 -37.63
CA LYS D 582 44.19 22.23 -36.64
C LYS D 582 44.47 20.77 -36.95
N ALA D 583 43.51 20.07 -37.56
CA ALA D 583 43.58 18.62 -37.78
C ALA D 583 42.95 18.27 -39.13
N LYS D 584 43.73 18.30 -40.19
CA LYS D 584 43.23 17.85 -41.47
C LYS D 584 43.24 16.33 -41.50
N LEU D 585 42.38 15.76 -42.32
CA LEU D 585 42.38 14.33 -42.59
C LEU D 585 42.14 14.16 -44.07
N SER D 586 43.22 14.11 -44.84
CA SER D 586 43.07 13.96 -46.28
C SER D 586 42.36 12.66 -46.57
N SER D 587 41.51 12.68 -47.59
CA SER D 587 40.55 11.61 -47.82
C SER D 587 41.24 10.28 -48.06
N ASP D 588 42.45 10.33 -48.60
CA ASP D 588 43.15 9.10 -48.93
C ASP D 588 43.38 8.28 -47.67
N VAL D 589 43.66 8.95 -46.57
CA VAL D 589 43.79 8.23 -45.31
C VAL D 589 42.48 7.58 -44.92
N LEU D 590 41.36 8.22 -45.27
CA LEU D 590 40.09 7.64 -44.89
C LEU D 590 39.83 6.37 -45.67
N THR D 591 40.12 6.40 -46.98
CA THR D 591 39.92 5.18 -47.75
C THR D 591 40.81 4.08 -47.22
N LEU D 592 42.02 4.44 -46.77
CA LEU D 592 42.89 3.40 -46.23
C LEU D 592 42.31 2.78 -44.97
N LEU D 593 41.76 3.60 -44.07
CA LEU D 593 41.17 3.03 -42.87
C LEU D 593 40.05 2.08 -43.20
N ILE D 594 39.10 2.56 -44.00
CA ILE D 594 37.91 1.76 -44.26
C ILE D 594 38.28 0.50 -44.99
N LYS D 595 39.35 0.53 -45.78
CA LYS D 595 39.66 -0.60 -46.60
C LYS D 595 40.52 -1.59 -45.87
N GLN D 596 41.30 -1.16 -44.87
CA GLN D 596 42.22 -2.05 -44.18
C GLN D 596 41.94 -2.18 -42.70
N TYR D 597 41.79 -1.10 -41.97
CA TYR D 597 41.86 -1.26 -40.53
C TYR D 597 40.54 -1.68 -39.91
N CYS D 598 39.45 -1.74 -40.66
CA CYS D 598 38.21 -2.26 -40.10
C CYS D 598 37.23 -2.53 -41.22
N ARG D 599 36.65 -3.71 -41.21
CA ARG D 599 35.74 -4.16 -42.25
C ARG D 599 34.52 -4.74 -41.57
N GLU D 600 33.34 -4.27 -41.96
CA GLU D 600 32.07 -4.70 -41.39
C GLU D 600 30.98 -3.91 -42.11
N SER D 601 29.77 -4.46 -42.14
CA SER D 601 28.66 -3.78 -42.80
C SER D 601 28.25 -2.51 -42.08
N GLY D 602 28.36 -2.49 -40.76
CA GLY D 602 28.02 -1.34 -39.98
C GLY D 602 29.10 -0.30 -40.00
N VAL D 603 28.67 0.94 -39.76
CA VAL D 603 29.59 2.07 -39.71
C VAL D 603 30.14 2.33 -38.31
N ARG D 604 29.63 1.64 -37.28
CA ARG D 604 29.97 1.99 -35.91
C ARG D 604 31.48 1.89 -35.67
N ASN D 605 32.07 0.75 -36.07
CA ASN D 605 33.47 0.51 -35.75
C ASN D 605 34.38 1.54 -36.41
N LEU D 606 34.04 1.92 -37.63
CA LEU D 606 34.79 2.98 -38.27
C LEU D 606 34.61 4.29 -37.55
N GLN D 607 33.42 4.52 -36.99
CA GLN D 607 33.22 5.73 -36.24
C GLN D 607 34.10 5.74 -35.00
N LYS D 608 34.25 4.57 -34.39
CA LYS D 608 35.13 4.46 -33.23
C LYS D 608 36.55 4.85 -33.60
N GLN D 609 37.02 4.35 -34.75
CA GLN D 609 38.41 4.61 -35.12
C GLN D 609 38.64 6.10 -35.35
N VAL D 610 37.77 6.74 -36.13
CA VAL D 610 38.01 8.14 -36.43
C VAL D 610 37.95 8.95 -35.16
N GLU D 611 37.08 8.56 -34.23
CA GLU D 611 37.01 9.28 -32.98
C GLU D 611 38.33 9.17 -32.24
N LYS D 612 38.96 8.00 -32.30
CA LYS D 612 40.23 7.86 -31.62
C LYS D 612 41.26 8.77 -32.24
N VAL D 613 41.25 8.87 -33.56
CA VAL D 613 42.28 9.68 -34.21
C VAL D 613 42.12 11.13 -33.81
N LEU D 614 40.88 11.59 -33.77
CA LEU D 614 40.64 12.98 -33.40
C LEU D 614 41.14 13.25 -32.00
N ARG D 615 40.74 12.41 -31.05
CA ARG D 615 41.06 12.72 -29.67
C ARG D 615 42.55 12.66 -29.42
N LYS D 616 43.24 11.76 -30.12
CA LYS D 616 44.70 11.74 -29.99
C LYS D 616 45.28 13.01 -30.55
N SER D 617 44.68 13.53 -31.60
CA SER D 617 45.12 14.82 -32.07
C SER D 617 44.89 15.90 -31.02
N ALA D 618 43.82 15.78 -30.23
CA ALA D 618 43.55 16.82 -29.23
C ALA D 618 44.63 16.84 -28.17
N TYR D 619 45.00 15.66 -27.70
CA TYR D 619 46.12 15.58 -26.78
C TYR D 619 47.37 16.13 -27.43
N LYS D 620 47.52 15.92 -28.73
CA LYS D 620 48.71 16.40 -29.38
C LYS D 620 48.73 17.92 -29.44
N ILE D 621 47.57 18.56 -29.45
CA ILE D 621 47.54 20.02 -29.41
C ILE D 621 47.91 20.52 -28.04
N VAL D 622 47.13 20.13 -27.01
CA VAL D 622 47.05 20.95 -25.79
C VAL D 622 48.40 21.17 -25.16
N SER D 623 49.28 20.19 -25.28
CA SER D 623 50.61 20.24 -24.74
C SER D 623 51.65 19.87 -25.75
N GLY D 624 51.30 19.13 -26.81
CA GLY D 624 52.32 18.63 -27.68
C GLY D 624 53.00 19.69 -28.51
N GLU D 625 53.69 19.23 -29.54
CA GLU D 625 54.57 20.07 -30.30
C GLU D 625 53.88 20.79 -31.46
N ALA D 626 53.04 20.10 -32.21
CA ALA D 626 52.36 20.75 -33.31
C ALA D 626 51.31 21.72 -32.82
N GLU D 627 51.19 22.84 -33.53
CA GLU D 627 50.07 23.74 -33.37
C GLU D 627 48.89 23.31 -34.23
N SER D 628 49.10 22.40 -35.18
CA SER D 628 48.05 21.91 -36.06
C SER D 628 48.53 20.55 -36.53
N VAL D 629 47.84 19.50 -36.11
CA VAL D 629 48.21 18.18 -36.56
C VAL D 629 47.80 18.05 -38.02
N GLU D 630 48.48 17.19 -38.75
CA GLU D 630 48.24 17.07 -40.19
C GLU D 630 48.51 15.60 -40.55
N VAL D 631 47.48 14.77 -40.43
CA VAL D 631 47.63 13.35 -40.68
C VAL D 631 48.02 13.10 -42.11
N THR D 632 48.93 12.16 -42.31
CA THR D 632 49.28 11.64 -43.62
C THR D 632 49.38 10.14 -43.49
N PRO D 633 49.09 9.38 -44.56
CA PRO D 633 48.93 7.91 -44.42
C PRO D 633 50.15 7.25 -43.82
N GLU D 634 51.32 7.73 -44.21
CA GLU D 634 52.56 7.22 -43.64
C GLU D 634 52.63 7.48 -42.15
N ASN D 635 52.04 8.58 -41.70
CA ASN D 635 52.06 8.89 -40.30
C ASN D 635 50.99 8.13 -39.53
N LEU D 636 49.98 7.62 -40.24
CA LEU D 636 48.75 7.18 -39.59
C LEU D 636 49.00 6.09 -38.59
N GLN D 637 49.96 5.21 -38.87
CA GLN D 637 50.14 4.03 -38.05
C GLN D 637 50.48 4.40 -36.61
N ASP D 638 51.12 5.56 -36.42
CA ASP D 638 51.39 5.98 -35.05
C ASP D 638 50.07 6.26 -34.35
N PHE D 639 49.22 7.04 -34.99
CA PHE D 639 48.04 7.55 -34.34
C PHE D 639 47.06 6.45 -33.97
N VAL D 640 46.95 5.40 -34.78
CA VAL D 640 45.95 4.35 -34.57
C VAL D 640 46.60 2.97 -34.64
N GLY D 641 47.90 2.91 -34.35
CA GLY D 641 48.59 1.66 -34.22
C GLY D 641 48.88 1.01 -35.56
N LYS D 642 49.25 -0.24 -35.49
CA LYS D 642 49.60 -1.00 -36.68
C LYS D 642 48.37 -1.45 -37.44
N PRO D 643 48.50 -1.77 -38.73
CA PRO D 643 47.33 -2.23 -39.50
C PRO D 643 46.77 -3.50 -38.91
N VAL D 644 45.45 -3.63 -38.93
CA VAL D 644 44.85 -4.83 -38.36
C VAL D 644 44.78 -5.92 -39.40
N PHE D 645 43.97 -5.72 -40.42
CA PHE D 645 43.74 -6.73 -41.42
C PHE D 645 44.74 -6.62 -42.55
N THR D 646 45.06 -7.76 -43.13
CA THR D 646 45.69 -7.85 -44.43
C THR D 646 45.01 -9.03 -45.12
N VAL D 647 43.87 -8.79 -45.77
CA VAL D 647 42.93 -9.84 -46.19
C VAL D 647 43.09 -10.11 -47.67
N GLU D 648 44.30 -9.98 -48.21
CA GLU D 648 44.58 -10.64 -49.49
C GLU D 648 44.17 -12.11 -49.42
N ARG D 649 44.00 -12.73 -50.60
CA ARG D 649 43.59 -14.12 -50.65
C ARG D 649 44.58 -14.99 -49.89
N MET D 650 44.04 -15.97 -49.18
CA MET D 650 44.85 -16.87 -48.37
C MET D 650 45.89 -17.60 -49.21
N TYR D 651 45.60 -17.85 -50.48
CA TYR D 651 46.53 -18.44 -51.42
C TYR D 651 46.71 -17.47 -52.58
N ASP D 652 47.78 -17.67 -53.32
CA ASP D 652 48.04 -16.93 -54.55
C ASP D 652 48.39 -17.82 -55.72
N VAL D 653 48.33 -19.13 -55.55
CA VAL D 653 48.48 -20.09 -56.65
C VAL D 653 47.38 -21.12 -56.70
N THR D 654 46.62 -21.31 -55.62
CA THR D 654 45.49 -22.23 -55.51
C THR D 654 45.96 -23.60 -55.97
N PRO D 655 46.75 -24.32 -55.18
CA PRO D 655 47.18 -25.64 -55.61
C PRO D 655 45.97 -26.54 -55.73
N PRO D 656 45.98 -27.54 -56.67
CA PRO D 656 44.79 -28.36 -56.99
C PRO D 656 43.91 -28.78 -55.84
N GLY D 657 42.61 -28.82 -56.04
CA GLY D 657 41.76 -29.25 -54.96
C GLY D 657 41.51 -28.20 -53.91
N VAL D 658 41.51 -26.93 -54.30
CA VAL D 658 41.07 -25.85 -53.43
C VAL D 658 40.37 -24.86 -54.34
N VAL D 659 39.31 -24.22 -53.86
CA VAL D 659 38.57 -23.30 -54.70
C VAL D 659 37.92 -22.26 -53.81
N MET D 660 37.78 -21.07 -54.35
CA MET D 660 37.12 -19.97 -53.67
C MET D 660 35.65 -20.29 -53.54
N GLY D 661 35.01 -19.71 -52.56
CA GLY D 661 33.59 -19.90 -52.47
C GLY D 661 33.01 -18.78 -51.65
N LEU D 662 32.10 -18.07 -52.28
CA LEU D 662 31.41 -16.98 -51.64
C LEU D 662 30.44 -17.54 -50.63
N ALA D 663 30.16 -16.77 -49.61
CA ALA D 663 29.18 -17.21 -48.64
C ALA D 663 28.58 -15.98 -47.99
N TRP D 664 27.31 -16.07 -47.68
CA TRP D 664 26.51 -14.97 -47.19
C TRP D 664 26.27 -15.28 -45.73
N THR D 665 27.21 -14.86 -44.90
CA THR D 665 27.16 -15.19 -43.49
C THR D 665 26.19 -14.23 -42.80
N ALA D 666 26.21 -14.20 -41.47
CA ALA D 666 25.22 -13.43 -40.72
C ALA D 666 25.29 -11.93 -40.99
N MET D 667 26.47 -11.42 -41.34
CA MET D 667 26.66 -9.99 -41.60
C MET D 667 27.59 -9.87 -42.81
N GLY D 668 26.97 -9.78 -43.97
CA GLY D 668 27.71 -9.55 -45.20
C GLY D 668 28.32 -10.84 -45.71
N GLY D 669 28.86 -10.73 -46.90
CA GLY D 669 29.50 -11.86 -47.52
C GLY D 669 30.91 -12.04 -47.05
N SER D 670 31.51 -13.14 -47.48
CA SER D 670 32.92 -13.37 -47.21
C SER D 670 33.42 -14.48 -48.11
N THR D 671 34.70 -14.39 -48.49
CA THR D 671 35.28 -15.28 -49.49
C THR D 671 36.08 -16.39 -48.84
N LEU D 672 35.38 -17.20 -48.08
CA LEU D 672 36.02 -18.36 -47.47
C LEU D 672 36.39 -19.39 -48.52
N PHE D 673 37.56 -20.01 -48.35
CA PHE D 673 38.03 -21.01 -49.29
C PHE D 673 37.41 -22.35 -48.92
N VAL D 674 37.53 -23.34 -49.80
CA VAL D 674 37.18 -24.71 -49.47
C VAL D 674 38.28 -25.62 -49.98
N GLU D 675 38.61 -26.64 -49.18
CA GLU D 675 39.80 -27.45 -49.38
C GLU D 675 39.45 -28.91 -49.22
N THR D 676 40.22 -29.76 -49.90
CA THR D 676 40.00 -31.21 -49.90
C THR D 676 41.34 -31.90 -50.00
N SER D 677 41.37 -33.17 -49.62
CA SER D 677 42.64 -33.88 -49.68
C SER D 677 42.44 -35.37 -49.55
N LEU D 678 43.47 -36.08 -49.95
CA LEU D 678 43.55 -37.50 -49.74
C LEU D 678 43.71 -37.76 -48.25
N ARG D 679 43.31 -38.94 -47.83
CA ARG D 679 43.43 -39.36 -46.44
C ARG D 679 44.34 -40.55 -46.25
N ARG D 680 44.41 -41.43 -47.23
CA ARG D 680 45.27 -42.60 -47.21
C ARG D 680 45.84 -42.69 -48.61
N PRO D 681 46.99 -43.34 -48.80
CA PRO D 681 47.49 -43.52 -50.16
C PRO D 681 46.47 -44.29 -50.97
N GLN D 682 46.35 -43.92 -52.24
CA GLN D 682 45.18 -44.38 -52.97
C GLN D 682 45.33 -45.83 -53.40
N ASP D 683 46.50 -46.20 -53.94
CA ASP D 683 46.65 -47.51 -54.56
C ASP D 683 47.07 -48.52 -53.50
N LYS D 684 46.22 -48.66 -52.48
CA LYS D 684 46.41 -49.78 -51.57
C LYS D 684 46.20 -51.11 -52.26
N ASP D 685 45.37 -51.15 -53.30
CA ASP D 685 45.08 -52.36 -54.05
C ASP D 685 44.51 -51.98 -55.41
N ALA D 686 45.17 -52.40 -56.48
CA ALA D 686 44.60 -52.17 -57.80
C ALA D 686 43.30 -52.92 -57.96
N LYS D 687 43.18 -54.08 -57.30
CA LYS D 687 42.03 -54.97 -57.35
C LYS D 687 40.95 -54.64 -56.33
N GLY D 688 41.17 -53.66 -55.47
CA GLY D 688 40.22 -53.43 -54.39
C GLY D 688 38.88 -52.93 -54.89
N ASP D 689 37.88 -53.16 -54.04
CA ASP D 689 36.51 -52.73 -54.36
C ASP D 689 35.84 -52.45 -53.00
N LYS D 690 35.88 -51.20 -52.62
CA LYS D 690 35.20 -50.67 -51.46
C LYS D 690 34.97 -49.20 -51.72
N ASP D 691 33.90 -48.67 -51.14
CA ASP D 691 33.56 -47.28 -51.40
C ASP D 691 34.69 -46.39 -50.92
N GLY D 692 35.06 -45.41 -51.75
CA GLY D 692 36.04 -44.45 -51.33
C GLY D 692 35.32 -43.42 -50.51
N SER D 693 34.96 -43.76 -49.28
CA SER D 693 34.04 -42.93 -48.49
C SER D 693 34.57 -41.53 -48.26
N LEU D 694 33.72 -40.54 -48.48
CA LEU D 694 34.05 -39.18 -48.12
C LEU D 694 33.97 -39.01 -46.61
N GLU D 695 34.75 -38.07 -46.09
CA GLU D 695 34.66 -37.64 -44.70
C GLU D 695 34.63 -36.13 -44.68
N VAL D 696 33.47 -35.58 -44.41
CA VAL D 696 33.31 -34.14 -44.37
C VAL D 696 33.81 -33.59 -43.04
N THR D 697 34.26 -32.33 -43.03
CA THR D 697 34.75 -31.69 -41.81
C THR D 697 34.54 -30.18 -41.94
N GLY D 698 34.44 -29.50 -40.80
CA GLY D 698 34.15 -28.07 -40.81
C GLY D 698 32.84 -27.64 -40.18
N GLN D 699 32.47 -28.23 -39.04
CA GLN D 699 31.31 -27.81 -38.23
C GLN D 699 30.06 -27.81 -39.11
N LEU D 700 29.92 -28.91 -39.83
CA LEU D 700 28.86 -29.05 -40.80
C LEU D 700 27.51 -29.00 -40.10
N GLY D 701 26.58 -28.27 -40.70
CA GLY D 701 25.20 -28.47 -40.40
C GLY D 701 24.71 -29.73 -41.06
N GLU D 702 23.59 -30.26 -40.57
CA GLU D 702 23.14 -31.55 -41.08
C GLU D 702 22.73 -31.43 -42.53
N VAL D 703 21.96 -30.38 -42.86
CA VAL D 703 21.53 -30.14 -44.24
C VAL D 703 22.74 -30.04 -45.14
N MET D 704 23.78 -29.37 -44.64
CA MET D 704 25.02 -29.29 -45.36
C MET D 704 25.58 -30.68 -45.62
N LYS D 705 25.38 -31.61 -44.68
CA LYS D 705 25.94 -32.94 -44.86
C LYS D 705 25.20 -33.69 -45.97
N GLU D 706 23.85 -33.62 -45.99
CA GLU D 706 23.20 -34.28 -47.12
C GLU D 706 23.55 -33.61 -48.42
N SER D 707 23.72 -32.29 -48.41
CA SER D 707 24.10 -31.61 -49.63
C SER D 707 25.46 -32.07 -50.08
N ALA D 708 26.34 -32.31 -49.13
CA ALA D 708 27.66 -32.78 -49.49
C ALA D 708 27.58 -34.16 -50.10
N ARG D 709 26.76 -35.03 -49.52
CA ARG D 709 26.62 -36.35 -50.08
C ARG D 709 26.02 -36.28 -51.48
N ILE D 710 25.11 -35.33 -51.68
CA ILE D 710 24.48 -35.18 -52.97
C ILE D 710 25.51 -34.75 -53.99
N ALA D 711 26.29 -33.74 -53.63
CA ALA D 711 27.33 -33.26 -54.52
C ALA D 711 28.33 -34.36 -54.78
N TYR D 712 28.59 -35.19 -53.77
CA TYR D 712 29.53 -36.28 -53.95
C TYR D 712 29.02 -37.24 -54.99
N THR D 713 27.77 -37.61 -54.85
CA THR D 713 27.20 -38.57 -55.79
C THR D 713 27.16 -38.02 -57.19
N PHE D 714 26.82 -36.74 -57.32
CA PHE D 714 26.75 -36.19 -58.66
C PHE D 714 28.15 -36.17 -59.25
N ALA D 715 29.15 -35.86 -58.44
CA ALA D 715 30.50 -35.85 -58.97
C ALA D 715 30.90 -37.25 -59.39
N ARG D 716 30.55 -38.23 -58.57
CA ARG D 716 30.91 -39.59 -58.90
C ARG D 716 30.21 -40.04 -60.17
N ALA D 717 29.03 -39.53 -60.43
CA ALA D 717 28.34 -39.87 -61.67
C ALA D 717 28.96 -39.13 -62.83
N PHE D 718 29.32 -37.87 -62.62
CA PHE D 718 29.83 -37.08 -63.71
C PHE D 718 31.15 -37.64 -64.19
N LEU D 719 31.97 -38.17 -63.29
CA LEU D 719 33.24 -38.76 -63.69
C LEU D 719 33.04 -39.92 -64.64
N MET D 720 32.24 -40.92 -64.24
CA MET D 720 32.05 -42.07 -65.10
C MET D 720 31.39 -41.64 -66.41
N GLN D 721 30.50 -40.66 -66.33
CA GLN D 721 29.85 -40.21 -67.54
C GLN D 721 30.82 -39.47 -68.45
N HIS D 722 31.83 -38.81 -67.89
CA HIS D 722 32.67 -37.91 -68.66
C HIS D 722 33.99 -38.53 -69.06
N ALA D 723 34.71 -39.07 -68.09
CA ALA D 723 36.04 -39.59 -68.30
C ALA D 723 36.00 -40.99 -67.70
N PRO D 724 35.43 -41.97 -68.44
CA PRO D 724 35.24 -43.30 -67.83
C PRO D 724 36.52 -43.94 -67.36
N ALA D 725 37.63 -43.68 -68.05
CA ALA D 725 38.88 -44.35 -67.73
C ALA D 725 39.35 -44.03 -66.32
N ASN D 726 39.08 -42.82 -65.84
CA ASN D 726 39.46 -42.49 -64.48
C ASN D 726 38.51 -43.19 -63.53
N ASP D 727 39.02 -43.50 -62.34
CA ASP D 727 38.20 -44.10 -61.29
C ASP D 727 38.54 -43.56 -59.91
N TYR D 728 39.25 -42.43 -59.87
CA TYR D 728 39.95 -42.02 -58.66
C TYR D 728 38.98 -41.80 -57.51
N LEU D 729 37.75 -41.40 -57.81
CA LEU D 729 36.79 -41.07 -56.77
C LEU D 729 36.24 -42.32 -56.11
N VAL D 730 35.80 -43.28 -56.91
CA VAL D 730 35.10 -44.42 -56.37
C VAL D 730 36.01 -45.27 -55.50
N THR D 731 37.31 -45.27 -55.80
CA THR D 731 38.23 -46.23 -55.23
C THR D 731 39.08 -45.63 -54.12
N SER D 732 38.75 -44.43 -53.63
CA SER D 732 39.63 -43.81 -52.64
C SER D 732 38.88 -42.92 -51.69
N HIS D 733 39.30 -42.94 -50.44
CA HIS D 733 38.69 -42.13 -49.41
C HIS D 733 39.21 -40.72 -49.56
N ILE D 734 38.43 -39.76 -49.07
CA ILE D 734 38.77 -38.35 -49.21
C ILE D 734 38.26 -37.65 -47.98
N HIS D 735 39.00 -36.64 -47.55
CA HIS D 735 38.65 -35.77 -46.46
C HIS D 735 38.41 -34.41 -47.08
N LEU D 736 37.39 -33.72 -46.60
CA LEU D 736 36.96 -32.45 -47.21
C LEU D 736 36.57 -31.45 -46.16
N HIS D 737 37.24 -30.30 -46.14
CA HIS D 737 36.99 -29.26 -45.16
C HIS D 737 36.31 -28.07 -45.79
N VAL D 738 35.19 -27.67 -45.19
CA VAL D 738 34.44 -26.46 -45.56
C VAL D 738 34.39 -25.50 -44.37
N PRO D 739 35.07 -24.35 -44.39
CA PRO D 739 35.10 -23.51 -43.19
C PRO D 739 33.71 -23.02 -42.84
N GLU D 740 33.48 -22.87 -41.55
CA GLU D 740 32.17 -22.50 -41.05
C GLU D 740 31.92 -21.04 -41.34
N GLY D 741 30.64 -20.65 -41.32
CA GLY D 741 30.26 -19.25 -41.37
C GLY D 741 28.97 -18.94 -42.08
N ALA D 742 28.55 -19.77 -43.03
CA ALA D 742 27.29 -19.52 -43.72
C ALA D 742 26.11 -19.62 -42.75
N THR D 743 25.10 -18.81 -43.01
CA THR D 743 23.88 -18.90 -42.24
C THR D 743 23.21 -20.23 -42.59
N PRO D 744 22.43 -20.80 -41.66
CA PRO D 744 21.81 -22.10 -41.99
C PRO D 744 20.95 -22.05 -43.23
N LYS D 745 20.26 -20.92 -43.44
CA LYS D 745 19.29 -20.82 -44.52
C LYS D 745 19.95 -20.92 -45.89
N ASP D 746 21.22 -20.53 -45.98
CA ASP D 746 21.98 -20.61 -47.23
C ASP D 746 23.13 -21.59 -47.10
N GLY D 747 23.09 -22.49 -46.11
CA GLY D 747 24.15 -23.47 -46.00
C GLY D 747 24.26 -24.39 -47.19
N PRO D 748 23.16 -24.81 -47.82
CA PRO D 748 23.29 -25.60 -49.06
C PRO D 748 24.03 -24.86 -50.17
N SER D 749 24.00 -23.53 -50.17
CA SER D 749 24.50 -22.73 -51.29
C SER D 749 25.95 -23.00 -51.63
N ALA D 750 26.74 -23.52 -50.70
CA ALA D 750 28.14 -23.75 -51.02
C ALA D 750 28.34 -24.92 -51.98
N GLY D 751 27.30 -25.74 -52.18
CA GLY D 751 27.52 -27.05 -52.77
C GLY D 751 28.08 -26.99 -54.17
N CYS D 752 27.70 -25.99 -54.95
CA CYS D 752 28.16 -25.93 -56.33
C CYS D 752 29.67 -25.81 -56.40
N THR D 753 30.27 -25.20 -55.39
CA THR D 753 31.73 -25.15 -55.33
C THR D 753 32.30 -26.52 -55.10
N ILE D 754 31.64 -27.32 -54.25
CA ILE D 754 32.17 -28.60 -53.77
C ILE D 754 32.55 -29.48 -54.92
N VAL D 755 31.65 -29.63 -55.88
CA VAL D 755 31.91 -30.55 -56.97
C VAL D 755 33.15 -30.08 -57.72
N THR D 756 33.27 -28.75 -57.90
CA THR D 756 34.40 -28.22 -58.64
C THR D 756 35.68 -28.53 -57.90
N ALA D 757 35.61 -28.61 -56.58
CA ALA D 757 36.77 -29.03 -55.83
C ALA D 757 37.10 -30.46 -56.22
N LEU D 758 36.09 -31.33 -56.14
CA LEU D 758 36.34 -32.75 -56.28
C LEU D 758 36.85 -33.08 -57.67
N LEU D 759 36.27 -32.46 -58.69
CA LEU D 759 36.77 -32.68 -60.04
C LEU D 759 38.21 -32.22 -60.15
N SER D 760 38.53 -31.08 -59.51
CA SER D 760 39.89 -30.60 -59.55
C SER D 760 40.80 -31.61 -58.90
N LEU D 761 40.28 -32.29 -57.88
CA LEU D 761 41.04 -33.28 -57.18
C LEU D 761 41.03 -34.60 -57.91
N ALA D 762 40.20 -34.75 -58.93
CA ALA D 762 40.21 -35.98 -59.70
C ALA D 762 41.30 -35.92 -60.74
N MET D 763 41.18 -34.99 -61.69
CA MET D 763 42.25 -34.82 -62.65
C MET D 763 43.49 -34.27 -61.97
N GLY D 764 43.32 -33.51 -60.89
CA GLY D 764 44.47 -33.00 -60.18
C GLY D 764 45.03 -31.73 -60.77
N ARG D 765 44.47 -31.24 -61.86
CA ARG D 765 44.95 -30.02 -62.45
C ARG D 765 44.51 -28.83 -61.59
N PRO D 766 45.30 -27.74 -61.55
CA PRO D 766 44.90 -26.60 -60.72
C PRO D 766 43.62 -26.01 -61.27
N VAL D 767 42.80 -25.45 -60.40
CA VAL D 767 41.70 -24.64 -60.91
C VAL D 767 42.27 -23.42 -61.60
N ARG D 768 41.55 -22.93 -62.59
CA ARG D 768 41.98 -21.72 -63.28
C ARG D 768 41.95 -20.56 -62.28
N GLN D 769 42.89 -19.64 -62.43
CA GLN D 769 43.13 -18.63 -61.40
C GLN D 769 41.96 -17.69 -61.23
N ASN D 770 41.71 -17.30 -59.96
CA ASN D 770 40.73 -16.31 -59.51
C ASN D 770 39.40 -16.49 -60.23
N LEU D 771 38.76 -17.61 -59.93
CA LEU D 771 37.55 -18.04 -60.60
C LEU D 771 36.54 -18.45 -59.56
N ALA D 772 35.95 -17.46 -58.93
CA ALA D 772 34.96 -17.72 -57.91
C ALA D 772 33.72 -18.35 -58.52
N MET D 773 33.02 -19.14 -57.71
CA MET D 773 31.77 -19.74 -58.16
C MET D 773 30.91 -20.04 -56.94
N THR D 774 29.63 -20.22 -57.21
CA THR D 774 28.66 -20.51 -56.17
C THR D 774 27.47 -21.16 -56.84
N GLY D 775 26.50 -21.58 -56.03
CA GLY D 775 25.27 -22.11 -56.56
C GLY D 775 24.65 -23.18 -55.68
N GLU D 776 24.25 -24.29 -56.26
CA GLU D 776 23.64 -25.41 -55.56
C GLU D 776 23.41 -26.47 -56.60
N VAL D 777 23.23 -27.72 -56.17
CA VAL D 777 23.06 -28.83 -57.09
C VAL D 777 21.98 -29.74 -56.52
N SER D 778 21.34 -30.47 -57.42
CA SER D 778 20.10 -31.21 -57.20
C SER D 778 20.24 -32.66 -57.63
N LEU D 779 21.44 -33.23 -57.52
CA LEU D 779 21.68 -34.66 -57.68
C LEU D 779 21.52 -35.14 -59.12
N THR D 780 21.17 -34.27 -60.08
CA THR D 780 21.24 -34.58 -61.50
C THR D 780 21.92 -33.48 -62.30
N GLY D 781 22.50 -32.47 -61.65
CA GLY D 781 23.24 -31.44 -62.35
C GLY D 781 22.48 -30.15 -62.57
N LYS D 782 21.17 -30.14 -62.32
CA LYS D 782 20.44 -28.89 -62.40
C LYS D 782 20.88 -28.00 -61.24
N ILE D 783 20.99 -26.72 -61.53
CA ILE D 783 21.45 -25.73 -60.57
C ILE D 783 20.18 -25.08 -60.06
N LEU D 784 20.27 -24.42 -58.91
CA LEU D 784 19.13 -23.83 -58.25
C LEU D 784 19.44 -22.40 -57.82
N PRO D 785 18.44 -21.53 -57.71
CA PRO D 785 18.72 -20.15 -57.31
C PRO D 785 19.26 -20.09 -55.90
N VAL D 786 20.12 -19.10 -55.66
CA VAL D 786 20.67 -18.84 -54.34
C VAL D 786 20.28 -17.43 -53.93
N GLY D 787 20.10 -17.26 -52.62
CA GLY D 787 19.77 -15.97 -52.04
C GLY D 787 21.00 -15.13 -51.75
N GLY D 788 20.74 -13.88 -51.37
CA GLY D 788 21.82 -13.02 -50.89
C GLY D 788 22.85 -12.68 -51.94
N ILE D 789 22.41 -12.48 -53.19
CA ILE D 789 23.35 -12.25 -54.28
C ILE D 789 24.12 -10.96 -54.07
N LYS D 790 23.53 -10.02 -53.36
CA LYS D 790 24.12 -8.72 -53.20
C LYS D 790 25.38 -8.82 -52.38
N GLU D 791 25.28 -9.45 -51.20
CA GLU D 791 26.43 -9.56 -50.32
C GLU D 791 27.52 -10.41 -50.94
N LYS D 792 27.13 -11.42 -51.70
CA LYS D 792 28.13 -12.19 -52.42
C LYS D 792 28.89 -11.30 -53.37
N THR D 793 28.17 -10.41 -54.06
CA THR D 793 28.83 -9.52 -54.99
C THR D 793 29.78 -8.61 -54.23
N ILE D 794 29.35 -8.16 -53.06
CA ILE D 794 30.17 -7.26 -52.26
C ILE D 794 31.49 -7.92 -51.93
N ALA D 795 31.39 -9.10 -51.33
CA ALA D 795 32.59 -9.77 -50.87
C ALA D 795 33.50 -10.18 -52.01
N ALA D 796 32.93 -10.59 -53.13
CA ALA D 796 33.78 -10.92 -54.26
C ALA D 796 34.49 -9.69 -54.78
N LYS D 797 33.81 -8.54 -54.75
CA LYS D 797 34.42 -7.34 -55.25
C LYS D 797 35.53 -6.88 -54.32
N ARG D 798 35.31 -7.06 -53.02
CA ARG D 798 36.27 -6.57 -52.05
C ARG D 798 37.56 -7.40 -52.05
N ALA D 799 37.48 -8.67 -52.43
CA ALA D 799 38.61 -9.58 -52.35
C ALA D 799 39.35 -9.72 -53.67
N GLY D 800 39.11 -8.84 -54.63
CA GLY D 800 39.85 -8.92 -55.88
C GLY D 800 39.34 -9.94 -56.88
N VAL D 801 38.12 -10.45 -56.71
CA VAL D 801 37.55 -11.40 -57.65
C VAL D 801 37.40 -10.76 -59.02
N THR D 802 37.67 -11.54 -60.09
CA THR D 802 37.55 -11.04 -61.46
C THR D 802 36.94 -12.14 -62.36
N CYS D 803 36.00 -12.91 -61.82
CA CYS D 803 35.12 -13.79 -62.58
C CYS D 803 34.10 -14.33 -61.61
N ILE D 804 32.99 -14.85 -62.12
CA ILE D 804 31.92 -15.36 -61.25
C ILE D 804 30.99 -16.22 -62.08
N VAL D 805 30.23 -17.07 -61.41
CA VAL D 805 29.29 -17.95 -62.08
C VAL D 805 28.11 -18.13 -61.14
N LEU D 806 26.91 -17.82 -61.61
CA LEU D 806 25.68 -17.82 -60.83
C LEU D 806 24.57 -18.58 -61.54
N PRO D 807 23.57 -19.08 -60.81
CA PRO D 807 22.45 -19.75 -61.47
C PRO D 807 21.72 -18.79 -62.39
N ALA D 808 21.27 -19.29 -63.53
CA ALA D 808 20.64 -18.40 -64.50
C ALA D 808 19.37 -17.75 -63.96
N GLU D 809 18.72 -18.37 -62.98
CA GLU D 809 17.48 -17.81 -62.46
C GLU D 809 17.70 -16.49 -61.74
N ASN D 810 18.92 -16.20 -61.32
CA ASN D 810 19.21 -14.98 -60.62
C ASN D 810 19.68 -13.87 -61.54
N LYS D 811 19.71 -14.10 -62.86
CA LYS D 811 20.24 -13.11 -63.78
C LYS D 811 19.45 -11.81 -63.76
N LYS D 812 18.17 -11.89 -63.39
CA LYS D 812 17.38 -10.68 -63.29
C LYS D 812 17.93 -9.81 -62.19
N ASP D 813 18.07 -10.39 -60.99
CA ASP D 813 18.45 -9.59 -59.83
C ASP D 813 19.84 -9.03 -59.97
N PHE D 814 20.74 -9.77 -60.62
CA PHE D 814 22.11 -9.30 -60.66
C PHE D 814 22.22 -7.98 -61.41
N TYR D 815 21.28 -7.71 -62.32
CA TYR D 815 21.35 -6.47 -63.05
C TYR D 815 20.73 -5.33 -62.29
N ASP D 816 20.13 -5.58 -61.11
CA ASP D 816 19.69 -4.45 -60.30
C ASP D 816 20.86 -3.66 -59.77
N LEU D 817 22.05 -4.25 -59.69
CA LEU D 817 23.13 -3.58 -58.99
C LEU D 817 23.59 -2.35 -59.75
N ALA D 818 24.04 -1.36 -58.98
CA ALA D 818 24.59 -0.15 -59.56
C ALA D 818 25.83 -0.48 -60.36
N ALA D 819 26.02 0.20 -61.48
CA ALA D 819 27.05 -0.18 -62.44
C ALA D 819 28.44 -0.12 -61.82
N PHE D 820 28.65 0.80 -60.88
CA PHE D 820 29.97 0.93 -60.28
C PHE D 820 30.30 -0.32 -59.48
N ILE D 821 29.28 -0.97 -58.94
CA ILE D 821 29.51 -2.20 -58.20
C ILE D 821 29.90 -3.27 -59.21
N THR D 822 29.13 -3.37 -60.29
CA THR D 822 29.30 -4.44 -61.24
C THR D 822 30.60 -4.34 -62.04
N GLU D 823 31.21 -3.15 -62.13
CA GLU D 823 32.36 -2.96 -63.01
C GLU D 823 33.52 -3.86 -62.60
N GLY D 824 34.12 -4.48 -63.61
CA GLY D 824 35.26 -5.35 -63.43
C GLY D 824 34.91 -6.81 -63.23
N LEU D 825 33.70 -7.11 -62.81
CA LEU D 825 33.23 -8.48 -62.78
C LEU D 825 32.83 -8.87 -64.20
N GLU D 826 32.96 -10.17 -64.51
CA GLU D 826 32.65 -10.67 -65.85
C GLU D 826 31.74 -11.89 -65.67
N VAL D 827 30.46 -11.64 -65.43
CA VAL D 827 29.58 -12.70 -64.95
C VAL D 827 29.28 -13.71 -66.05
N HIS D 828 28.92 -14.92 -65.62
CA HIS D 828 28.50 -16.00 -66.51
C HIS D 828 27.33 -16.72 -65.86
N PHE D 829 26.13 -16.45 -66.32
CA PHE D 829 24.97 -17.19 -65.84
C PHE D 829 24.88 -18.55 -66.49
N VAL D 830 24.32 -19.51 -65.75
CA VAL D 830 24.24 -20.91 -66.19
C VAL D 830 23.07 -21.59 -65.49
N GLU D 831 22.56 -22.66 -66.11
CA GLU D 831 21.50 -23.50 -65.54
C GLU D 831 21.99 -24.90 -65.23
N HIS D 832 22.48 -25.63 -66.21
CA HIS D 832 22.99 -26.98 -65.98
C HIS D 832 24.46 -26.93 -65.55
N TYR D 833 24.85 -27.86 -64.69
CA TYR D 833 26.19 -27.80 -64.12
C TYR D 833 27.28 -27.95 -65.17
N ARG D 834 27.02 -28.70 -66.26
CA ARG D 834 28.08 -29.03 -67.21
C ARG D 834 28.72 -27.78 -67.81
N GLU D 835 27.96 -26.69 -67.87
CA GLU D 835 28.45 -25.42 -68.37
C GLU D 835 29.70 -25.02 -67.60
N ILE D 836 29.65 -25.11 -66.27
CA ILE D 836 30.79 -24.71 -65.46
C ILE D 836 31.97 -25.57 -65.80
N PHE D 837 31.73 -26.86 -66.05
CA PHE D 837 32.84 -27.75 -66.26
C PHE D 837 33.56 -27.42 -67.56
N ASP D 838 32.89 -26.72 -68.48
CA ASP D 838 33.55 -26.27 -69.68
C ASP D 838 33.96 -24.82 -69.59
N ILE D 839 33.30 -24.03 -68.74
CA ILE D 839 33.72 -22.65 -68.60
C ILE D 839 34.94 -22.49 -67.73
N ALA D 840 35.27 -23.47 -66.90
CA ALA D 840 36.34 -23.28 -65.93
C ALA D 840 37.66 -23.96 -66.27
N PHE D 841 37.63 -25.24 -66.48
CA PHE D 841 38.86 -26.00 -66.53
C PHE D 841 39.69 -25.89 -67.81
N PRO D 842 39.15 -26.24 -68.99
CA PRO D 842 40.00 -26.36 -70.18
C PRO D 842 40.74 -25.10 -70.59
N HIS E 17 -82.91 23.50 41.62
CA HIS E 17 -83.22 22.21 41.04
C HIS E 17 -82.75 22.07 39.61
N LEU E 18 -81.44 21.92 39.44
CA LEU E 18 -80.79 21.76 38.16
C LEU E 18 -79.84 20.57 38.23
N PRO E 19 -79.57 19.88 37.13
CA PRO E 19 -78.63 18.76 37.18
C PRO E 19 -77.25 19.28 37.53
N LEU E 20 -76.48 18.44 38.23
CA LEU E 20 -75.13 18.82 38.63
C LEU E 20 -74.25 19.07 37.43
N ILE E 21 -73.40 20.10 37.55
CA ILE E 21 -72.49 20.47 36.48
C ILE E 21 -71.36 19.45 36.44
N ALA E 22 -70.82 19.26 35.23
CA ALA E 22 -69.65 18.42 35.00
C ALA E 22 -68.44 19.33 35.17
N ILE E 23 -67.82 19.29 36.34
CA ILE E 23 -66.66 20.13 36.59
C ILE E 23 -65.58 19.78 35.59
N THR E 24 -65.36 18.48 35.37
CA THR E 24 -64.43 17.94 34.39
C THR E 24 -63.05 18.60 34.51
N ARG E 25 -62.43 18.37 35.67
CA ARG E 25 -61.06 18.76 35.94
C ARG E 25 -60.87 20.27 35.78
N ASN E 26 -61.63 21.03 36.57
CA ASN E 26 -61.62 22.49 36.51
C ASN E 26 -61.83 23.09 37.91
N PRO E 27 -60.77 23.23 38.71
CA PRO E 27 -60.97 23.87 40.01
C PRO E 27 -61.42 25.31 39.82
N VAL E 28 -62.28 25.78 40.74
CA VAL E 28 -62.78 27.15 40.73
C VAL E 28 -62.61 27.70 42.15
N PHE E 29 -61.51 28.39 42.37
CA PHE E 29 -61.18 28.95 43.67
C PHE E 29 -62.18 30.06 44.03
N PRO E 30 -62.48 30.29 45.32
CA PRO E 30 -63.47 31.32 45.66
C PRO E 30 -63.07 32.71 45.17
N ARG E 31 -64.06 33.47 44.67
CA ARG E 31 -63.85 34.84 44.17
C ARG E 31 -62.74 34.88 43.13
N PHE E 32 -62.84 33.96 42.17
CA PHE E 32 -61.83 33.84 41.12
C PHE E 32 -62.53 33.40 39.84
N ILE E 33 -62.50 34.28 38.82
CA ILE E 33 -63.13 33.97 37.55
C ILE E 33 -62.43 32.76 36.93
N LYS E 34 -63.22 31.89 36.31
CA LYS E 34 -62.71 30.69 35.69
C LYS E 34 -63.64 30.34 34.55
N ILE E 35 -63.11 29.64 33.56
CA ILE E 35 -63.88 29.21 32.39
C ILE E 35 -63.98 27.70 32.46
N ILE E 36 -65.09 27.15 31.94
CA ILE E 36 -65.33 25.72 31.88
C ILE E 36 -65.77 25.40 30.46
N GLU E 37 -65.22 24.30 29.93
CA GLU E 37 -65.41 23.82 28.56
C GLU E 37 -65.45 22.29 28.63
N VAL E 38 -66.57 21.75 29.08
CA VAL E 38 -66.77 20.31 29.11
C VAL E 38 -66.93 19.81 27.67
N LYS E 39 -66.36 18.64 27.40
CA LYS E 39 -66.44 18.11 26.04
C LYS E 39 -67.87 17.67 25.71
N ASN E 40 -68.61 17.20 26.70
CA ASN E 40 -69.99 16.78 26.49
C ASN E 40 -70.85 17.97 26.08
N LYS E 41 -71.77 17.74 25.15
CA LYS E 41 -72.72 18.74 24.69
C LYS E 41 -74.00 18.80 25.52
N LYS E 42 -74.19 17.87 26.46
CA LYS E 42 -75.41 17.86 27.27
C LYS E 42 -75.48 19.06 28.21
N LEU E 43 -74.34 19.60 28.65
CA LEU E 43 -74.40 20.83 29.44
C LEU E 43 -74.91 22.00 28.61
N VAL E 44 -74.71 21.99 27.30
CA VAL E 44 -75.21 23.10 26.49
C VAL E 44 -76.72 23.15 26.60
N GLU E 45 -77.36 21.99 26.75
CA GLU E 45 -78.81 21.98 26.93
C GLU E 45 -79.16 22.66 28.25
N LEU E 46 -78.35 22.46 29.28
CA LEU E 46 -78.58 23.16 30.54
C LEU E 46 -78.33 24.65 30.42
N LEU E 47 -77.33 25.06 29.65
CA LEU E 47 -77.10 26.50 29.49
C LEU E 47 -78.25 27.16 28.75
N ARG E 48 -78.76 26.49 27.72
CA ARG E 48 -79.90 27.04 27.01
C ARG E 48 -81.13 27.02 27.91
N ARG E 49 -81.24 26.00 28.77
CA ARG E 49 -82.41 25.95 29.64
C ARG E 49 -82.35 27.08 30.65
N LYS E 50 -81.15 27.59 30.99
CA LYS E 50 -81.09 28.74 31.89
C LYS E 50 -81.12 30.07 31.15
N VAL E 51 -81.02 30.09 29.80
CA VAL E 51 -81.13 31.39 29.12
C VAL E 51 -82.52 31.97 29.30
N ARG E 52 -83.54 31.10 29.37
CA ARG E 52 -84.91 31.56 29.54
C ARG E 52 -85.13 32.16 30.92
N LEU E 53 -84.29 31.81 31.90
CA LEU E 53 -84.44 32.36 33.24
C LEU E 53 -84.05 33.82 33.24
N ALA E 54 -84.81 34.63 33.98
CA ALA E 54 -84.49 36.04 34.13
C ALA E 54 -83.22 36.28 34.92
N GLN E 55 -82.83 35.34 35.76
CA GLN E 55 -81.65 35.41 36.62
C GLN E 55 -80.91 34.11 36.39
N PRO E 56 -80.22 33.94 35.25
CA PRO E 56 -79.47 32.71 35.07
C PRO E 56 -78.37 32.61 36.10
N TYR E 57 -78.10 31.38 36.51
CA TYR E 57 -77.10 31.09 37.50
C TYR E 57 -76.56 29.72 37.18
N VAL E 58 -75.46 29.38 37.83
CA VAL E 58 -74.82 28.10 37.64
C VAL E 58 -74.15 27.78 38.97
N GLY E 59 -74.07 26.49 39.28
CA GLY E 59 -73.42 26.08 40.49
C GLY E 59 -72.05 25.58 40.12
N VAL E 60 -71.14 25.74 41.07
CA VAL E 60 -69.76 25.33 40.92
C VAL E 60 -69.43 24.48 42.11
N PHE E 61 -68.90 23.30 41.86
CA PHE E 61 -68.51 22.41 42.92
C PHE E 61 -67.06 22.04 42.61
N LEU E 62 -66.47 21.21 43.47
CA LEU E 62 -65.12 20.74 43.26
C LEU E 62 -65.20 19.22 43.27
N LYS E 63 -64.42 18.60 42.38
CA LYS E 63 -64.36 17.14 42.30
C LYS E 63 -63.48 16.53 43.38
N ARG E 64 -63.80 15.30 43.74
CA ARG E 64 -63.01 14.54 44.70
C ARG E 64 -61.91 13.80 43.92
N ASP E 65 -61.20 12.92 44.62
CA ASP E 65 -60.11 12.17 44.00
C ASP E 65 -60.67 11.17 43.01
N ASP E 66 -59.85 10.82 42.01
CA ASP E 66 -60.22 9.92 40.91
C ASP E 66 -61.40 10.47 40.13
N SER E 67 -61.10 11.48 39.31
CA SER E 67 -62.08 12.14 38.47
C SER E 67 -62.67 11.18 37.45
N ASN E 68 -63.97 11.31 37.21
CA ASN E 68 -64.68 10.46 36.24
C ASN E 68 -65.87 11.29 35.74
N GLU E 69 -65.83 11.66 34.47
CA GLU E 69 -66.92 12.46 33.89
C GLU E 69 -68.21 11.67 33.85
N SER E 70 -68.13 10.38 33.58
CA SER E 70 -69.30 9.50 33.55
C SER E 70 -69.93 9.37 34.93
N ASP E 71 -69.11 9.34 35.97
CA ASP E 71 -69.66 9.21 37.30
C ASP E 71 -70.35 10.48 37.74
N VAL E 72 -69.96 11.65 37.20
CA VAL E 72 -70.62 12.88 37.62
C VAL E 72 -72.09 12.87 37.20
N VAL E 73 -72.40 12.30 36.03
CA VAL E 73 -73.78 12.21 35.57
C VAL E 73 -74.50 10.95 36.07
N GLU E 74 -73.76 9.90 36.47
CA GLU E 74 -74.37 8.65 36.91
C GLU E 74 -74.70 8.68 38.40
N SER E 75 -73.73 9.02 39.23
CA SER E 75 -73.88 9.14 40.67
C SER E 75 -73.67 10.59 41.05
N LEU E 76 -74.32 11.01 42.13
CA LEU E 76 -74.21 12.38 42.59
C LEU E 76 -73.26 12.55 43.77
N ASP E 77 -72.73 11.46 44.32
CA ASP E 77 -71.80 11.57 45.44
C ASP E 77 -70.39 11.98 45.05
N GLU E 78 -70.02 11.88 43.76
CA GLU E 78 -68.66 12.21 43.35
C GLU E 78 -68.36 13.67 43.60
N ILE E 79 -69.37 14.51 43.43
CA ILE E 79 -69.21 15.94 43.69
C ILE E 79 -69.18 16.19 45.18
N TYR E 80 -68.38 17.16 45.60
CA TYR E 80 -68.29 17.46 47.02
C TYR E 80 -69.55 18.19 47.44
N HIS E 81 -69.90 18.04 48.72
CA HIS E 81 -71.08 18.73 49.21
C HIS E 81 -70.89 20.24 49.11
N THR E 82 -69.64 20.72 49.24
CA THR E 82 -69.41 22.14 49.07
C THR E 82 -69.72 22.50 47.62
N GLY E 83 -70.35 23.65 47.45
CA GLY E 83 -70.72 24.14 46.15
C GLY E 83 -70.56 25.63 46.25
N THR E 84 -70.26 26.26 45.13
CA THR E 84 -70.00 27.68 45.08
C THR E 84 -70.93 28.18 43.99
N PHE E 85 -72.19 28.40 44.36
CA PHE E 85 -73.14 28.95 43.40
C PHE E 85 -72.73 30.36 43.03
N ALA E 86 -72.97 30.72 41.77
CA ALA E 86 -72.59 32.05 41.33
C ALA E 86 -73.38 32.42 40.10
N GLN E 87 -73.43 33.72 39.86
CA GLN E 87 -74.07 34.25 38.68
C GLN E 87 -73.13 34.21 37.49
N ILE E 88 -73.72 33.99 36.32
CA ILE E 88 -72.98 33.99 35.07
C ILE E 88 -72.67 35.44 34.72
N HIS E 89 -71.56 35.64 34.04
CA HIS E 89 -71.12 36.96 33.57
C HIS E 89 -71.55 37.04 32.12
N GLU E 90 -70.89 36.32 31.24
CA GLU E 90 -71.29 36.38 29.84
C GLU E 90 -70.75 35.16 29.13
N MET E 91 -71.57 34.61 28.24
CA MET E 91 -71.19 33.54 27.35
C MET E 91 -70.38 34.07 26.18
N GLN E 92 -69.59 33.18 25.59
CA GLN E 92 -68.79 33.53 24.41
C GLN E 92 -69.00 32.46 23.35
N ASP E 93 -68.48 31.25 23.57
CA ASP E 93 -68.60 30.15 22.61
C ASP E 93 -67.97 30.56 21.28
N LEU E 94 -66.70 30.99 21.36
CA LEU E 94 -65.99 31.42 20.16
C LEU E 94 -65.76 30.27 19.19
N GLY E 95 -65.21 29.15 19.67
CA GLY E 95 -64.98 28.00 18.83
C GLY E 95 -65.91 26.85 19.15
N ASP E 96 -65.91 26.42 20.41
CA ASP E 96 -66.81 25.39 20.87
C ASP E 96 -68.14 25.99 21.27
N LYS E 97 -69.15 25.13 21.41
CA LYS E 97 -70.50 25.53 21.78
C LYS E 97 -70.69 25.62 23.29
N LEU E 98 -69.64 25.40 24.11
CA LEU E 98 -69.76 25.35 25.56
C LEU E 98 -68.52 25.98 26.18
N ARG E 99 -68.54 27.31 26.33
CA ARG E 99 -67.49 28.09 26.95
C ARG E 99 -68.16 28.92 28.04
N MET E 100 -68.64 28.24 29.06
CA MET E 100 -69.27 28.95 30.17
C MET E 100 -68.24 29.52 31.12
N ILE E 101 -68.61 30.64 31.74
CA ILE E 101 -67.78 31.28 32.76
C ILE E 101 -68.39 30.93 34.10
N VAL E 102 -67.51 30.82 35.09
CA VAL E 102 -67.83 30.49 36.46
C VAL E 102 -67.06 31.44 37.33
N MET E 103 -67.53 31.57 38.56
CA MET E 103 -66.98 32.47 39.56
C MET E 103 -67.25 31.80 40.88
N GLY E 104 -66.49 32.21 41.89
CA GLY E 104 -66.70 31.74 43.23
C GLY E 104 -67.36 32.93 43.88
N HIS E 105 -68.69 32.91 43.94
CA HIS E 105 -69.49 34.00 44.49
C HIS E 105 -70.17 33.63 45.80
N ARG E 106 -71.14 32.72 45.78
CA ARG E 106 -71.95 32.34 46.92
C ARG E 106 -71.42 30.98 47.31
N ARG E 107 -70.56 30.93 48.31
CA ARG E 107 -70.16 29.63 48.82
C ARG E 107 -71.32 29.00 49.59
N VAL E 108 -71.34 27.67 49.59
CA VAL E 108 -72.33 26.88 50.28
C VAL E 108 -71.76 25.50 50.56
N HIS E 109 -72.28 24.87 51.61
CA HIS E 109 -72.00 23.47 51.94
C HIS E 109 -73.37 22.84 52.18
N ILE E 110 -73.84 22.10 51.18
CA ILE E 110 -75.12 21.43 51.28
C ILE E 110 -75.00 20.29 52.28
N SER E 111 -76.04 20.07 53.09
CA SER E 111 -75.95 18.95 54.02
C SER E 111 -75.91 17.60 53.30
N ARG E 112 -76.63 17.48 52.19
CA ARG E 112 -76.66 16.23 51.40
C ARG E 112 -77.15 16.58 50.01
N GLN E 113 -76.28 16.53 49.00
CA GLN E 113 -76.73 16.72 47.63
C GLN E 113 -77.55 15.55 47.08
N LEU E 114 -77.34 14.33 47.61
CA LEU E 114 -78.05 13.17 47.08
C LEU E 114 -79.56 13.26 47.26
N GLU E 115 -80.02 13.85 48.36
CA GLU E 115 -81.46 13.92 48.58
C GLU E 115 -82.02 15.12 47.81
N MET E 166 -83.08 21.29 45.11
CA MET E 166 -82.34 20.64 46.18
C MET E 166 -82.05 21.70 47.24
N VAL E 167 -82.29 21.33 48.51
CA VAL E 167 -82.21 22.30 49.61
C VAL E 167 -80.80 22.88 49.71
N GLU E 168 -80.73 24.17 50.02
CA GLU E 168 -79.46 24.87 50.18
C GLU E 168 -79.66 26.05 51.11
N VAL E 169 -78.55 26.51 51.70
CA VAL E 169 -78.53 27.65 52.60
C VAL E 169 -77.15 28.27 52.48
N GLU E 170 -77.08 29.58 52.63
CA GLU E 170 -75.82 30.31 52.49
C GLU E 170 -75.09 30.24 53.83
N ASN E 171 -74.54 29.05 54.08
CA ASN E 171 -73.76 28.70 55.26
C ASN E 171 -72.31 29.20 55.14
N VAL E 172 -72.21 30.52 54.95
CA VAL E 172 -70.95 31.25 54.79
C VAL E 172 -70.41 31.57 56.19
N VAL E 173 -69.90 30.57 56.91
CA VAL E 173 -69.40 30.85 58.25
C VAL E 173 -68.19 31.78 58.14
N HIS E 174 -68.17 32.80 58.99
CA HIS E 174 -67.14 33.82 59.02
C HIS E 174 -67.04 34.37 60.43
N GLU E 175 -66.92 33.47 61.41
CA GLU E 175 -66.83 33.92 62.79
C GLU E 175 -65.54 34.70 63.01
N ASP E 176 -65.60 35.69 63.90
CA ASP E 176 -64.43 36.51 64.22
C ASP E 176 -64.52 36.95 65.67
N PHE E 177 -63.34 37.03 66.30
CA PHE E 177 -63.22 37.46 67.69
C PHE E 177 -63.44 38.97 67.81
N GLN E 178 -63.96 39.39 68.97
CA GLN E 178 -64.30 40.80 69.17
C GLN E 178 -63.08 41.70 69.05
N VAL E 179 -61.90 41.22 69.44
CA VAL E 179 -60.70 42.03 69.36
C VAL E 179 -60.17 41.85 67.95
N THR E 180 -60.27 42.91 67.15
CA THR E 180 -59.77 42.90 65.79
C THR E 180 -58.68 43.95 65.77
N GLU E 181 -57.62 43.71 66.55
CA GLU E 181 -56.46 44.59 66.58
C GLU E 181 -55.21 43.85 66.11
N GLU E 182 -54.79 42.82 66.85
CA GLU E 182 -53.61 42.02 66.52
C GLU E 182 -53.90 40.81 65.64
N VAL E 183 -55.16 40.52 65.31
CA VAL E 183 -55.44 39.40 64.40
C VAL E 183 -55.09 39.69 62.96
N LYS E 184 -55.02 40.97 62.55
CA LYS E 184 -54.59 41.26 61.17
C LYS E 184 -53.07 41.24 61.04
N ALA E 185 -52.32 41.09 62.14
CA ALA E 185 -50.86 41.02 61.99
C ALA E 185 -50.46 39.79 61.20
N LEU E 186 -51.23 38.70 61.33
CA LEU E 186 -50.91 37.52 60.55
C LEU E 186 -51.20 37.77 59.07
N THR E 187 -52.15 38.67 58.78
CA THR E 187 -52.48 38.96 57.39
C THR E 187 -51.28 39.61 56.72
N ALA E 188 -50.51 40.40 57.48
CA ALA E 188 -49.33 41.05 56.92
C ALA E 188 -48.30 39.99 56.54
N GLU E 189 -48.20 38.93 57.34
CA GLU E 189 -47.30 37.85 56.99
C GLU E 189 -47.85 37.03 55.82
N ILE E 190 -49.18 36.94 55.69
CA ILE E 190 -49.76 36.19 54.57
C ILE E 190 -49.57 36.91 53.22
N VAL E 191 -49.75 38.23 53.19
CA VAL E 191 -49.53 38.97 51.94
C VAL E 191 -48.06 39.07 51.60
N LYS E 192 -47.21 39.20 52.62
CA LYS E 192 -45.77 39.18 52.36
C LYS E 192 -45.36 37.82 51.83
N THR E 193 -45.97 36.76 52.37
CA THR E 193 -45.68 35.44 51.85
C THR E 193 -46.18 35.34 50.41
N ILE E 194 -47.40 35.81 50.17
CA ILE E 194 -47.95 35.77 48.81
C ILE E 194 -47.08 36.59 47.87
N ARG E 195 -46.55 37.72 48.38
CA ARG E 195 -45.64 38.54 47.58
C ARG E 195 -44.34 37.80 47.27
N ASP E 196 -43.90 36.96 48.21
CA ASP E 196 -42.69 36.17 47.97
C ASP E 196 -42.97 35.06 46.99
N ILE E 197 -44.19 34.53 46.97
CA ILE E 197 -44.50 33.47 46.03
C ILE E 197 -44.54 34.06 44.64
N ILE E 198 -45.15 35.23 44.47
CA ILE E 198 -45.16 35.81 43.14
C ILE E 198 -43.79 36.36 42.76
N ALA E 199 -42.90 36.65 43.72
CA ALA E 199 -41.58 37.15 43.31
C ALA E 199 -40.58 36.06 42.96
N LEU E 200 -40.49 34.98 43.74
CA LEU E 200 -39.60 33.87 43.40
C LEU E 200 -40.22 32.83 42.48
N ASN E 201 -41.54 32.70 42.46
CA ASN E 201 -42.26 31.83 41.54
C ASN E 201 -43.43 32.63 40.98
N PRO E 202 -43.19 33.60 40.08
CA PRO E 202 -44.31 34.38 39.54
C PRO E 202 -45.30 33.50 38.79
N LEU E 203 -46.57 33.66 39.18
CA LEU E 203 -47.68 32.94 38.57
C LEU E 203 -48.68 33.93 37.99
N TYR E 204 -49.24 34.83 38.79
CA TYR E 204 -50.18 35.84 38.33
C TYR E 204 -49.61 37.24 38.48
N ARG E 205 -50.27 38.16 37.80
CA ARG E 205 -49.89 39.57 37.78
C ARG E 205 -49.98 40.19 39.16
N GLU E 206 -49.11 41.16 39.42
CA GLU E 206 -49.13 41.89 40.69
C GLU E 206 -50.14 43.03 40.69
N SER E 207 -50.71 43.39 39.53
CA SER E 207 -51.64 44.51 39.47
C SER E 207 -52.89 44.27 40.30
N VAL E 208 -53.35 43.02 40.41
CA VAL E 208 -54.47 42.74 41.28
C VAL E 208 -54.09 43.00 42.73
N LEU E 209 -52.83 42.74 43.08
CA LEU E 209 -52.38 43.09 44.43
C LEU E 209 -52.36 44.59 44.63
N GLN E 210 -52.03 45.36 43.59
CA GLN E 210 -52.12 46.82 43.71
C GLN E 210 -53.57 47.27 43.73
N MET E 211 -54.50 46.49 43.16
CA MET E 211 -55.88 46.91 43.13
C MET E 211 -56.52 46.81 44.51
N MET E 212 -56.32 45.67 45.20
CA MET E 212 -56.96 45.37 46.48
C MET E 212 -55.87 45.34 47.54
N GLN E 213 -55.50 46.52 48.04
CA GLN E 213 -54.47 46.64 49.07
C GLN E 213 -55.15 46.75 50.43
N ALA E 214 -54.47 46.30 51.47
CA ALA E 214 -55.06 46.38 52.81
C ALA E 214 -55.13 47.79 53.38
N GLY E 215 -54.29 48.74 52.93
CA GLY E 215 -54.33 50.08 53.47
C GLY E 215 -55.38 51.00 52.89
N GLN E 216 -56.06 50.58 51.82
CA GLN E 216 -57.12 51.34 51.18
C GLN E 216 -58.47 51.09 51.85
N ARG E 217 -58.55 50.09 52.73
CA ARG E 217 -59.73 49.66 53.48
C ARG E 217 -60.87 49.22 52.54
N VAL E 218 -60.58 48.97 51.26
CA VAL E 218 -61.58 48.45 50.35
C VAL E 218 -61.69 46.94 50.50
N VAL E 219 -60.84 46.32 51.33
CA VAL E 219 -60.85 44.89 51.55
C VAL E 219 -61.95 44.67 52.58
N ASP E 220 -63.19 44.62 52.11
CA ASP E 220 -64.31 44.33 52.99
C ASP E 220 -64.43 42.84 53.32
N ASN E 221 -63.75 41.97 52.57
CA ASN E 221 -63.81 40.52 52.76
C ASN E 221 -62.41 39.92 52.81
N PRO E 222 -61.69 40.02 53.94
CA PRO E 222 -60.32 39.48 53.98
C PRO E 222 -60.25 37.99 53.68
N ILE E 223 -61.27 37.23 54.07
CA ILE E 223 -61.28 35.78 53.85
C ILE E 223 -61.28 35.49 52.35
N TYR E 224 -61.93 36.36 51.58
CA TYR E 224 -61.89 36.24 50.13
C TYR E 224 -60.52 36.63 49.57
N LEU E 225 -59.87 37.65 50.15
CA LEU E 225 -58.52 37.96 49.71
C LEU E 225 -57.61 36.75 49.94
N SER E 226 -57.73 36.11 51.11
CA SER E 226 -56.91 34.95 51.40
C SER E 226 -57.26 33.81 50.44
N ASP E 227 -58.52 33.70 50.04
CA ASP E 227 -58.90 32.71 49.04
C ASP E 227 -58.31 33.08 47.68
N MET E 228 -58.29 34.36 47.34
CA MET E 228 -57.69 34.82 46.10
C MET E 228 -56.20 34.53 46.10
N GLY E 229 -55.57 34.65 47.26
CA GLY E 229 -54.15 34.37 47.37
C GLY E 229 -53.88 32.89 47.34
N ALA E 230 -54.81 32.10 47.91
CA ALA E 230 -54.75 30.66 47.82
C ALA E 230 -55.01 30.19 46.40
N ALA E 231 -55.68 31.00 45.58
CA ALA E 231 -55.85 30.62 44.18
C ALA E 231 -54.50 30.51 43.49
N LEU E 232 -53.52 31.30 43.93
CA LEU E 232 -52.20 31.21 43.36
C LEU E 232 -51.53 29.87 43.66
N THR E 233 -51.96 29.15 44.69
CA THR E 233 -51.36 27.87 45.02
C THR E 233 -51.59 26.85 43.91
N GLY E 234 -50.58 26.03 43.68
CA GLY E 234 -50.67 24.92 42.76
C GLY E 234 -51.25 23.66 43.40
N ALA E 235 -51.67 23.77 44.66
CA ALA E 235 -52.17 22.62 45.42
C ALA E 235 -53.40 21.98 44.79
N GLU E 236 -53.50 20.67 45.01
CA GLU E 236 -54.56 19.84 44.45
C GLU E 236 -55.92 20.30 44.95
N SER E 237 -56.94 20.02 44.13
CA SER E 237 -58.31 20.40 44.48
C SER E 237 -58.73 19.76 45.81
N HIS E 238 -58.20 18.58 46.12
CA HIS E 238 -58.46 17.96 47.40
C HIS E 238 -57.91 18.80 48.54
N GLU E 239 -56.75 19.45 48.32
CA GLU E 239 -56.21 20.33 49.34
C GLU E 239 -57.08 21.56 49.51
N LEU E 240 -57.70 22.04 48.44
CA LEU E 240 -58.63 23.16 48.58
C LEU E 240 -59.85 22.75 49.37
N GLN E 241 -60.34 21.53 49.13
CA GLN E 241 -61.50 21.06 49.87
C GLN E 241 -61.16 20.85 51.34
N ASP E 242 -59.96 20.34 51.63
CA ASP E 242 -59.56 20.17 53.02
C ASP E 242 -59.38 21.51 53.71
N VAL E 243 -58.92 22.54 52.99
CA VAL E 243 -58.89 23.86 53.58
C VAL E 243 -60.31 24.36 53.81
N LEU E 244 -61.23 24.02 52.92
CA LEU E 244 -62.63 24.40 53.12
C LEU E 244 -63.28 23.66 54.28
N GLU E 245 -62.82 22.43 54.59
CA GLU E 245 -63.40 21.70 55.72
C GLU E 245 -63.12 22.41 57.03
N GLU E 246 -62.02 23.15 57.10
CA GLU E 246 -61.71 23.91 58.30
C GLU E 246 -62.77 25.00 58.45
N THR E 247 -63.25 25.19 59.68
CA THR E 247 -64.24 26.22 59.98
C THR E 247 -63.63 27.43 60.67
N ASN E 248 -62.68 27.22 61.57
CA ASN E 248 -62.02 28.32 62.23
C ASN E 248 -61.12 29.08 61.25
N ILE E 249 -61.12 30.41 61.35
CA ILE E 249 -60.28 31.23 60.48
C ILE E 249 -58.80 30.95 60.67
N PRO E 250 -58.24 30.94 61.90
CA PRO E 250 -56.80 30.65 62.01
C PRO E 250 -56.43 29.29 61.45
N LYS E 251 -57.30 28.30 61.56
CA LYS E 251 -56.95 26.96 61.08
C LYS E 251 -56.88 26.92 59.56
N ARG E 252 -57.87 27.48 58.85
CA ARG E 252 -57.76 27.54 57.38
C ARG E 252 -56.65 28.47 56.93
N LEU E 253 -56.37 29.54 57.67
CA LEU E 253 -55.25 30.41 57.31
C LEU E 253 -53.92 29.71 57.50
N TYR E 254 -53.78 28.95 58.59
CA TYR E 254 -52.57 28.17 58.82
C TYR E 254 -52.44 27.08 57.77
N LYS E 255 -53.56 26.50 57.33
CA LYS E 255 -53.45 25.45 56.33
C LYS E 255 -53.13 26.06 54.97
N ALA E 256 -53.73 27.19 54.62
CA ALA E 256 -53.43 27.83 53.35
C ALA E 256 -51.99 28.33 53.31
N LEU E 257 -51.47 28.84 54.43
CA LEU E 257 -50.07 29.22 54.47
C LEU E 257 -49.14 28.02 54.40
N SER E 258 -49.50 26.93 55.09
CA SER E 258 -48.68 25.72 55.00
C SER E 258 -48.71 25.16 53.58
N LEU E 259 -49.85 25.25 52.90
CA LEU E 259 -49.90 24.84 51.50
C LEU E 259 -49.03 25.73 50.63
N LEU E 260 -49.05 27.05 50.91
CA LEU E 260 -48.26 27.97 50.11
C LEU E 260 -46.79 27.66 50.27
N LYS E 261 -46.39 27.33 51.50
CA LYS E 261 -45.00 27.02 51.73
C LYS E 261 -44.65 25.65 51.17
N LYS E 262 -45.59 24.69 51.23
CA LYS E 262 -45.30 23.35 50.72
C LYS E 262 -45.04 23.39 49.22
N GLU E 263 -45.77 24.24 48.49
CA GLU E 263 -45.45 24.44 47.08
C GLU E 263 -44.13 25.19 46.94
N PHE E 264 -43.87 26.11 47.87
CA PHE E 264 -42.65 26.91 47.79
C PHE E 264 -41.41 26.05 48.02
N GLU E 265 -41.54 24.97 48.79
CA GLU E 265 -40.41 24.05 49.01
C GLU E 265 -40.05 23.30 47.74
N LEU E 266 -41.04 22.71 47.08
CA LEU E 266 -40.77 21.96 45.86
C LEU E 266 -40.22 22.87 44.77
N SER E 267 -40.77 24.08 44.67
CA SER E 267 -40.27 25.02 43.67
C SER E 267 -38.82 25.36 43.95
N LYS E 268 -38.52 25.75 45.21
CA LYS E 268 -37.17 26.16 45.56
C LYS E 268 -36.18 25.03 45.35
N LEU E 269 -36.60 23.77 45.57
CA LEU E 269 -35.69 22.66 45.30
C LEU E 269 -35.40 22.56 43.82
N GLN E 270 -36.39 22.86 42.98
CA GLN E 270 -36.14 22.77 41.54
C GLN E 270 -35.25 23.90 41.07
N GLN E 271 -35.52 25.13 41.52
CA GLN E 271 -34.69 26.25 41.09
C GLN E 271 -33.25 26.08 41.56
N ARG E 272 -33.05 25.60 42.79
CA ARG E 272 -31.68 25.34 43.25
C ARG E 272 -31.01 24.28 42.40
N LEU E 273 -31.74 23.23 42.03
CA LEU E 273 -31.14 22.18 41.21
C LEU E 273 -30.78 22.70 39.82
N GLY E 274 -31.58 23.62 39.30
CA GLY E 274 -31.30 24.17 37.98
C GLY E 274 -30.07 25.04 38.01
N ARG E 275 -30.03 26.00 38.95
CA ARG E 275 -28.87 26.90 39.02
C ARG E 275 -27.60 26.12 39.30
N GLU E 276 -27.74 24.98 40.01
CA GLU E 276 -26.58 24.16 40.29
C GLU E 276 -26.06 23.52 39.02
N VAL E 277 -26.93 22.88 38.24
CA VAL E 277 -26.47 22.23 37.01
C VAL E 277 -25.88 23.27 36.06
N GLU E 278 -26.51 24.44 36.00
CA GLU E 278 -26.01 25.48 35.10
C GLU E 278 -24.62 25.92 35.52
N GLU E 279 -24.43 26.22 36.81
CA GLU E 279 -23.10 26.60 37.28
C GLU E 279 -22.10 25.50 37.02
N LYS E 280 -22.53 24.24 37.09
CA LYS E 280 -21.64 23.14 36.74
C LYS E 280 -21.25 23.19 35.28
N ILE E 281 -22.15 23.63 34.42
CA ILE E 281 -21.82 23.79 33.00
C ILE E 281 -20.84 24.93 32.80
N LYS E 282 -21.05 26.04 33.49
CA LYS E 282 -20.11 27.15 33.36
C LYS E 282 -18.73 26.75 33.84
N GLN E 283 -18.68 26.05 34.98
CA GLN E 283 -17.41 25.51 35.45
C GLN E 283 -16.81 24.58 34.41
N THR E 284 -17.64 23.80 33.73
CA THR E 284 -17.17 22.88 32.71
C THR E 284 -16.47 23.71 31.65
N HIS E 285 -17.25 24.54 30.96
CA HIS E 285 -16.73 25.18 29.77
C HIS E 285 -15.61 26.17 30.08
N ARG E 286 -15.66 26.84 31.25
CA ARG E 286 -14.74 27.96 31.47
C ARG E 286 -13.30 27.47 31.49
N LYS E 287 -13.07 26.38 32.21
CA LYS E 287 -11.74 25.82 32.22
C LYS E 287 -11.34 25.34 30.84
N TYR E 288 -12.29 24.84 30.05
CA TYR E 288 -11.91 24.55 28.67
C TYR E 288 -11.44 25.80 27.97
N LEU E 289 -12.07 26.94 28.24
CA LEU E 289 -11.56 28.19 27.67
C LEU E 289 -10.14 28.47 28.14
N LEU E 290 -9.87 28.24 29.43
CA LEU E 290 -8.51 28.39 29.92
C LEU E 290 -7.56 27.43 29.25
N GLN E 291 -7.95 26.16 29.12
CA GLN E 291 -7.14 25.18 28.43
C GLN E 291 -6.93 25.60 26.99
N GLU E 292 -7.97 26.16 26.39
CA GLU E 292 -7.89 26.66 25.04
C GLU E 292 -6.88 27.78 24.96
N GLN E 293 -6.81 28.60 26.01
CA GLN E 293 -5.80 29.64 26.04
C GLN E 293 -4.42 29.03 26.15
N LEU E 294 -4.28 27.99 26.98
CA LEU E 294 -3.00 27.27 27.08
C LEU E 294 -2.55 26.85 25.70
N LYS E 295 -3.47 26.26 24.92
CA LYS E 295 -3.15 25.92 23.54
C LYS E 295 -2.71 27.15 22.78
N ILE E 296 -3.53 28.21 22.74
CA ILE E 296 -3.31 29.28 21.78
C ILE E 296 -2.02 30.02 22.14
N ILE E 297 -1.63 29.98 23.41
CA ILE E 297 -0.33 30.46 23.88
C ILE E 297 0.77 29.40 23.74
N LYS E 298 0.44 28.19 23.29
CA LYS E 298 1.44 27.17 23.01
C LYS E 298 1.14 26.43 21.70
N LYS E 299 0.97 27.19 20.61
CA LYS E 299 1.27 26.68 19.28
C LYS E 299 2.43 27.45 18.67
N GLU E 300 2.27 28.75 18.44
CA GLU E 300 3.34 29.50 17.81
C GLU E 300 4.40 29.98 18.78
N LEU E 301 4.11 29.95 20.08
CA LEU E 301 5.06 30.35 21.10
C LEU E 301 5.71 29.09 21.63
N GLY E 302 7.02 29.11 21.78
CA GLY E 302 7.70 27.94 22.30
C GLY E 302 8.82 27.45 21.42
N LEU E 303 8.60 26.30 20.78
CA LEU E 303 9.59 25.71 19.89
C LEU E 303 9.07 25.50 18.48
N GLU E 304 8.47 24.33 18.25
CA GLU E 304 7.92 23.97 16.95
C GLU E 304 6.41 24.18 16.90
N LYS E 305 5.96 24.87 15.86
CA LYS E 305 4.54 25.14 15.68
C LYS E 305 3.80 23.95 15.09
N ASP E 306 4.40 23.23 14.13
CA ASP E 306 3.73 22.08 13.53
C ASP E 306 4.73 21.11 12.94
N ASP E 307 4.29 19.87 12.78
CA ASP E 307 5.10 18.80 12.21
C ASP E 307 4.82 18.57 10.72
N LYS E 308 3.87 19.30 10.13
CA LYS E 308 3.55 19.17 8.70
C LYS E 308 4.39 20.20 7.95
N ASP E 309 4.06 21.48 8.12
CA ASP E 309 4.70 22.55 7.37
C ASP E 309 6.20 22.61 7.62
N ALA E 310 6.66 22.09 8.76
CA ALA E 310 8.09 21.92 8.96
C ALA E 310 8.68 21.02 7.87
N ILE E 311 7.95 20.00 7.45
CA ILE E 311 8.42 19.16 6.35
C ILE E 311 8.46 19.96 5.05
N GLU E 312 7.43 20.77 4.82
CA GLU E 312 7.35 21.57 3.60
C GLU E 312 8.53 22.51 3.51
N GLU E 313 8.76 23.28 4.57
CA GLU E 313 9.88 24.22 4.58
C GLU E 313 11.22 23.50 4.52
N LYS E 314 11.37 22.33 5.14
CA LYS E 314 12.63 21.63 5.02
C LYS E 314 12.92 21.24 3.58
N PHE E 315 11.96 20.61 2.92
CA PHE E 315 12.20 20.23 1.53
C PHE E 315 12.31 21.43 0.61
N ARG E 316 11.52 22.47 0.86
CA ARG E 316 11.60 23.68 0.05
C ARG E 316 12.92 24.40 0.24
N GLU E 317 13.49 24.36 1.43
CA GLU E 317 14.78 24.99 1.64
C GLU E 317 15.87 24.15 1.02
N ARG E 318 15.74 22.84 1.16
CA ARG E 318 16.74 21.93 0.64
C ARG E 318 16.85 22.04 -0.86
N LEU E 319 15.79 22.46 -1.53
CA LEU E 319 15.81 22.54 -2.97
C LEU E 319 16.42 23.85 -3.47
N LYS E 320 16.62 24.86 -2.61
CA LYS E 320 16.95 26.19 -3.10
C LYS E 320 18.28 26.23 -3.82
N GLU E 321 19.26 25.54 -3.28
CA GLU E 321 20.65 25.67 -3.75
C GLU E 321 20.83 25.12 -5.15
N LEU E 322 20.09 24.08 -5.50
CA LEU E 322 20.28 23.40 -6.75
C LEU E 322 19.72 24.22 -7.91
N VAL E 323 20.32 24.01 -9.08
CA VAL E 323 19.78 24.58 -10.33
C VAL E 323 18.77 23.56 -10.82
N VAL E 324 17.56 23.68 -10.30
CA VAL E 324 16.54 22.67 -10.57
C VAL E 324 16.03 22.80 -12.00
N PRO E 325 15.97 21.72 -12.79
CA PRO E 325 15.23 21.78 -14.05
C PRO E 325 13.75 22.04 -13.80
N LYS E 326 13.14 22.81 -14.70
CA LYS E 326 11.73 23.12 -14.53
C LYS E 326 10.86 21.88 -14.55
N HIS E 327 11.27 20.86 -15.33
CA HIS E 327 10.50 19.63 -15.45
C HIS E 327 10.32 19.00 -14.08
N VAL E 328 11.42 18.78 -13.38
CA VAL E 328 11.32 18.24 -12.04
C VAL E 328 10.69 19.25 -11.12
N MET E 329 10.86 20.55 -11.41
CA MET E 329 10.30 21.56 -10.53
C MET E 329 8.78 21.45 -10.47
N ASP E 330 8.17 21.10 -11.61
CA ASP E 330 6.73 20.96 -11.64
C ASP E 330 6.27 19.80 -10.76
N VAL E 331 6.99 18.68 -10.87
CA VAL E 331 6.61 17.51 -10.10
C VAL E 331 6.77 17.77 -8.62
N VAL E 332 7.88 18.40 -8.23
CA VAL E 332 8.08 18.63 -6.81
C VAL E 332 7.03 19.59 -6.29
N ASP E 333 6.66 20.58 -7.10
CA ASP E 333 5.63 21.50 -6.64
C ASP E 333 4.30 20.78 -6.43
N GLU E 334 3.98 19.85 -7.34
CA GLU E 334 2.72 19.14 -7.20
C GLU E 334 2.74 18.26 -5.95
N GLU E 335 3.80 17.48 -5.78
CA GLU E 335 3.86 16.61 -4.62
C GLU E 335 4.01 17.40 -3.33
N LEU E 336 4.57 18.60 -3.37
CA LEU E 336 4.52 19.48 -2.20
C LEU E 336 3.10 19.88 -1.89
N SER E 337 2.33 20.20 -2.94
CA SER E 337 0.94 20.57 -2.73
C SER E 337 0.17 19.41 -2.12
N LYS E 338 0.56 18.19 -2.48
CA LYS E 338 -0.10 17.02 -1.93
C LYS E 338 0.37 16.73 -0.51
N LEU E 339 1.66 16.90 -0.23
CA LEU E 339 2.17 16.66 1.11
C LEU E 339 1.66 17.66 2.14
N GLY E 340 1.39 18.90 1.75
CA GLY E 340 1.05 19.86 2.79
C GLY E 340 -0.34 19.75 3.38
N LEU E 341 -1.23 18.99 2.74
CA LEU E 341 -2.59 18.78 3.21
C LEU E 341 -2.83 17.43 3.90
N LEU E 342 -1.92 16.47 3.76
CA LEU E 342 -2.20 15.10 4.17
C LEU E 342 -2.14 14.85 5.68
N ASP E 343 -2.87 13.81 6.07
CA ASP E 343 -2.91 13.31 7.44
C ASP E 343 -1.54 12.83 7.90
N ASN E 344 -1.26 13.07 9.19
CA ASN E 344 0.05 12.80 9.74
C ASN E 344 0.33 11.30 9.74
N HIS E 345 -0.71 10.49 9.87
CA HIS E 345 -0.58 9.06 10.11
C HIS E 345 -1.01 8.22 8.91
N SER E 346 -1.47 8.84 7.82
CA SER E 346 -1.75 8.08 6.62
C SER E 346 -0.46 7.58 5.97
N SER E 347 -0.55 6.43 5.32
CA SER E 347 0.59 5.86 4.60
C SER E 347 1.06 6.76 3.47
N GLU E 348 0.14 7.49 2.86
CA GLU E 348 0.48 8.41 1.78
C GLU E 348 1.44 9.47 2.27
N PHE E 349 1.24 9.91 3.50
CA PHE E 349 2.09 10.96 4.06
C PHE E 349 3.53 10.47 4.15
N ASN E 350 3.70 9.19 4.48
CA ASN E 350 5.06 8.64 4.57
C ASN E 350 5.65 8.39 3.19
N VAL E 351 4.86 7.86 2.25
CA VAL E 351 5.40 7.63 0.92
C VAL E 351 5.76 8.95 0.26
N THR E 352 4.91 9.96 0.43
CA THR E 352 5.20 11.28 -0.09
C THR E 352 6.37 11.93 0.63
N ARG E 353 6.51 11.66 1.92
CA ARG E 353 7.68 12.14 2.66
C ARG E 353 8.94 11.59 2.02
N ASN E 354 8.94 10.29 1.77
CA ASN E 354 10.09 9.68 1.11
C ASN E 354 10.32 10.27 -0.25
N TYR E 355 9.24 10.50 -0.99
CA TYR E 355 9.40 10.96 -2.36
C TYR E 355 9.91 12.38 -2.45
N LEU E 356 9.35 13.29 -1.65
CA LEU E 356 9.87 14.64 -1.66
C LEU E 356 11.29 14.66 -1.16
N ASP E 357 11.60 13.86 -0.14
CA ASP E 357 12.95 13.86 0.39
C ASP E 357 13.92 13.37 -0.66
N TRP E 358 13.47 12.45 -1.49
CA TRP E 358 14.35 11.96 -2.53
C TRP E 358 14.50 13.01 -3.59
N LEU E 359 13.40 13.66 -3.95
CA LEU E 359 13.44 14.61 -5.05
C LEU E 359 14.31 15.80 -4.70
N THR E 360 14.30 16.19 -3.42
CA THR E 360 15.10 17.33 -3.00
C THR E 360 16.55 16.94 -2.89
N SER E 361 16.82 15.73 -2.41
CA SER E 361 18.20 15.33 -2.20
C SER E 361 18.98 15.23 -3.49
N ILE E 362 18.31 14.91 -4.60
CA ILE E 362 19.04 14.69 -5.85
C ILE E 362 19.70 15.98 -6.29
N PRO E 363 21.00 16.02 -6.58
CA PRO E 363 21.59 17.26 -7.10
C PRO E 363 20.99 17.66 -8.43
N TRP E 364 20.86 18.96 -8.62
CA TRP E 364 20.33 19.55 -9.84
C TRP E 364 21.26 20.68 -10.21
N GLY E 365 22.20 20.37 -11.09
CA GLY E 365 23.20 21.29 -11.53
C GLY E 365 24.44 21.32 -10.67
N LYS E 366 24.47 20.58 -9.56
CA LYS E 366 25.68 20.51 -8.77
C LYS E 366 26.77 19.83 -9.57
N TYR E 367 27.96 20.43 -9.58
CA TYR E 367 29.05 19.96 -10.43
C TYR E 367 30.35 20.02 -9.64
N SER E 368 30.89 18.86 -9.28
CA SER E 368 32.18 18.82 -8.61
C SER E 368 33.24 19.39 -9.54
N ASN E 369 34.18 20.13 -8.98
CA ASN E 369 35.21 20.72 -9.80
C ASN E 369 36.13 19.64 -10.35
N GLU E 370 36.74 19.95 -11.49
CA GLU E 370 37.52 19.00 -12.27
C GLU E 370 38.85 19.63 -12.64
N ASN E 371 39.93 19.08 -12.10
CA ASN E 371 41.24 19.59 -12.43
C ASN E 371 41.61 19.31 -13.86
N LEU E 372 42.38 20.21 -14.45
CA LEU E 372 42.84 20.08 -15.82
C LEU E 372 44.30 20.48 -15.91
N ASP E 373 45.08 20.07 -14.92
CA ASP E 373 46.52 20.30 -14.89
C ASP E 373 47.16 19.03 -15.45
N LEU E 374 47.55 19.04 -16.72
CA LEU E 374 48.27 17.88 -17.21
C LEU E 374 49.54 17.63 -16.42
N ALA E 375 50.30 18.69 -16.11
CA ALA E 375 51.54 18.51 -15.37
C ALA E 375 51.29 17.93 -14.00
N ARG E 376 50.13 18.20 -13.43
CA ARG E 376 49.81 17.68 -12.12
C ARG E 376 49.28 16.26 -12.23
N ALA E 377 48.26 16.08 -13.07
CA ALA E 377 47.64 14.77 -13.20
C ALA E 377 48.63 13.70 -13.64
N GLN E 378 49.64 14.11 -14.41
CA GLN E 378 50.69 13.21 -14.84
C GLN E 378 51.31 12.50 -13.66
N ALA E 379 51.77 13.29 -12.69
CA ALA E 379 52.46 12.71 -11.56
C ALA E 379 51.48 12.03 -10.64
N VAL E 380 50.29 12.63 -10.47
CA VAL E 380 49.32 12.06 -9.54
C VAL E 380 48.90 10.67 -9.99
N LEU E 381 48.98 10.39 -11.28
CA LEU E 381 48.70 9.05 -11.76
C LEU E 381 49.93 8.18 -11.61
N GLU E 382 51.05 8.64 -12.16
CA GLU E 382 52.24 7.80 -12.28
C GLU E 382 52.77 7.36 -10.94
N GLU E 383 52.52 8.14 -9.90
CA GLU E 383 53.15 7.81 -8.65
C GLU E 383 52.48 6.69 -7.89
N ASP E 384 51.27 6.29 -8.26
CA ASP E 384 50.51 5.29 -7.51
C ASP E 384 50.34 3.96 -8.20
N HIS E 385 50.83 3.81 -9.42
CA HIS E 385 50.73 2.54 -10.10
C HIS E 385 51.82 2.48 -11.14
N TYR E 386 52.26 1.28 -11.45
CA TYR E 386 53.32 1.05 -12.40
C TYR E 386 52.79 0.53 -13.72
N GLY E 387 53.46 0.90 -14.81
CA GLY E 387 53.00 0.36 -16.06
C GLY E 387 51.65 0.90 -16.48
N MET E 388 50.92 0.05 -17.18
CA MET E 388 49.58 0.36 -17.60
C MET E 388 49.60 1.58 -18.50
N GLU E 389 50.51 1.54 -19.47
CA GLU E 389 50.71 2.66 -20.36
C GLU E 389 49.45 3.03 -21.07
N ASP E 390 48.63 2.04 -21.42
CA ASP E 390 47.52 2.33 -22.29
C ASP E 390 46.46 3.10 -21.54
N VAL E 391 46.14 2.66 -20.32
CA VAL E 391 45.14 3.38 -19.54
C VAL E 391 45.63 4.78 -19.26
N LYS E 392 46.93 4.94 -19.04
CA LYS E 392 47.41 6.26 -18.75
C LYS E 392 47.32 7.17 -19.95
N LYS E 393 47.77 6.68 -21.10
CA LYS E 393 47.73 7.51 -22.29
C LYS E 393 46.30 7.84 -22.68
N ARG E 394 45.39 6.92 -22.47
CA ARG E 394 44.01 7.22 -22.79
C ARG E 394 43.43 8.27 -21.85
N ILE E 395 43.69 8.13 -20.55
CA ILE E 395 43.11 9.10 -19.63
C ILE E 395 43.69 10.47 -19.84
N LEU E 396 44.96 10.55 -20.21
CA LEU E 396 45.52 11.85 -20.53
C LEU E 396 44.85 12.45 -21.74
N GLU E 397 44.58 11.60 -22.75
CA GLU E 397 43.82 12.04 -23.89
C GLU E 397 42.49 12.62 -23.45
N PHE E 398 41.83 11.95 -22.52
CA PHE E 398 40.51 12.37 -22.11
C PHE E 398 40.55 13.73 -21.45
N ILE E 399 41.47 13.91 -20.50
CA ILE E 399 41.57 15.18 -19.82
C ILE E 399 41.78 16.28 -20.82
N ALA E 400 42.72 16.07 -21.73
CA ALA E 400 43.03 17.13 -22.69
C ALA E 400 41.82 17.48 -23.53
N VAL E 401 41.00 16.48 -23.86
CA VAL E 401 39.82 16.80 -24.65
C VAL E 401 38.84 17.60 -23.83
N SER E 402 38.68 17.24 -22.56
CA SER E 402 37.69 17.95 -21.77
C SER E 402 38.11 19.39 -21.54
N GLN E 403 39.40 19.60 -21.34
CA GLN E 403 39.89 20.96 -21.15
C GLN E 403 39.75 21.78 -22.42
N LEU E 404 39.94 21.16 -23.58
CA LEU E 404 39.87 22.00 -24.75
C LEU E 404 38.44 22.35 -25.09
N ARG E 405 37.53 21.42 -24.84
CA ARG E 405 36.12 21.61 -25.16
C ARG E 405 35.34 22.07 -23.93
N GLY E 406 35.81 23.10 -23.24
CA GLY E 406 35.02 23.69 -22.18
C GLY E 406 34.64 22.71 -21.09
N SER E 407 33.33 22.60 -20.90
CA SER E 407 32.74 21.95 -19.74
C SER E 407 32.99 20.45 -19.73
N THR E 408 32.93 19.92 -18.52
CA THR E 408 33.18 18.50 -18.27
C THR E 408 32.19 17.61 -19.00
N GLN E 409 32.64 16.40 -19.33
CA GLN E 409 31.87 15.46 -20.14
C GLN E 409 32.12 14.03 -19.69
N GLY E 410 31.14 13.16 -19.94
CA GLY E 410 31.25 11.74 -19.66
C GLY E 410 31.84 10.94 -20.80
N LYS E 411 31.85 9.63 -20.59
CA LYS E 411 32.41 8.66 -21.53
C LYS E 411 32.04 7.27 -21.00
N ILE E 412 32.54 6.21 -21.62
CA ILE E 412 32.42 4.84 -21.13
C ILE E 412 33.74 4.17 -21.53
N LEU E 413 34.10 3.11 -20.81
CA LEU E 413 35.33 2.38 -21.08
C LEU E 413 35.17 0.95 -20.65
N CYS E 414 36.14 0.12 -21.01
CA CYS E 414 36.12 -1.29 -20.63
C CYS E 414 37.55 -1.80 -20.57
N PHE E 415 38.07 -1.84 -19.37
CA PHE E 415 39.30 -2.54 -19.11
C PHE E 415 38.99 -4.02 -19.09
N TYR E 416 39.96 -4.84 -19.46
CA TYR E 416 39.74 -6.26 -19.28
C TYR E 416 41.08 -6.94 -19.19
N GLY E 417 41.19 -7.89 -18.27
CA GLY E 417 42.42 -8.59 -18.08
C GLY E 417 42.32 -9.62 -16.98
N PRO E 418 43.40 -10.38 -16.77
CA PRO E 418 43.38 -11.42 -15.76
C PRO E 418 43.18 -10.84 -14.38
N PRO E 419 42.52 -11.57 -13.49
CA PRO E 419 42.15 -11.02 -12.18
C PRO E 419 43.36 -10.65 -11.34
N GLY E 420 43.20 -9.63 -10.53
CA GLY E 420 44.24 -9.21 -9.61
C GLY E 420 45.33 -8.38 -10.24
N VAL E 421 45.11 -7.88 -11.46
CA VAL E 421 46.13 -7.12 -12.15
C VAL E 421 46.11 -5.65 -11.75
N GLY E 422 45.18 -5.24 -10.89
CA GLY E 422 45.05 -3.85 -10.48
C GLY E 422 43.97 -3.06 -11.15
N LYS E 423 43.02 -3.71 -11.79
CA LYS E 423 41.92 -2.99 -12.41
C LYS E 423 41.14 -2.15 -11.41
N THR E 424 41.08 -2.54 -10.15
CA THR E 424 40.20 -1.82 -9.24
C THR E 424 40.84 -0.57 -8.65
N SER E 425 42.08 -0.68 -8.18
CA SER E 425 42.68 0.47 -7.50
C SER E 425 42.88 1.64 -8.42
N ILE E 426 43.17 1.38 -9.69
CA ILE E 426 43.38 2.47 -10.63
C ILE E 426 42.13 3.28 -10.80
N ALA E 427 40.97 2.67 -10.57
CA ALA E 427 39.75 3.44 -10.64
C ALA E 427 39.78 4.52 -9.57
N ARG E 428 40.11 4.13 -8.34
CA ARG E 428 40.16 5.13 -7.30
C ARG E 428 41.27 6.13 -7.57
N SER E 429 42.37 5.69 -8.18
CA SER E 429 43.44 6.65 -8.44
C SER E 429 43.00 7.68 -9.46
N ILE E 430 42.29 7.25 -10.50
CA ILE E 430 41.78 8.18 -11.48
C ILE E 430 40.76 9.09 -10.82
N ALA E 431 39.96 8.55 -9.90
CA ALA E 431 38.96 9.37 -9.23
C ALA E 431 39.63 10.46 -8.44
N ARG E 432 40.73 10.12 -7.78
CA ARG E 432 41.48 11.13 -7.06
C ARG E 432 42.15 12.11 -8.00
N ALA E 433 42.48 11.67 -9.21
CA ALA E 433 43.20 12.56 -10.10
C ALA E 433 42.26 13.59 -10.69
N LEU E 434 41.10 13.16 -11.15
CA LEU E 434 40.13 14.06 -11.76
C LEU E 434 39.33 14.85 -10.73
N ASN E 435 39.42 14.49 -9.47
CA ASN E 435 38.81 15.13 -8.33
C ASN E 435 37.31 14.83 -8.24
N ARG E 436 36.71 14.10 -9.18
CA ARG E 436 35.33 13.70 -9.02
C ARG E 436 35.20 12.53 -8.06
N GLU E 437 34.01 12.41 -7.47
CA GLU E 437 33.72 11.39 -6.46
C GLU E 437 33.74 9.99 -7.05
N TYR E 438 33.96 9.02 -6.17
CA TYR E 438 34.09 7.62 -6.49
C TYR E 438 32.86 6.90 -5.95
N PHE E 439 32.56 5.76 -6.55
CA PHE E 439 31.52 4.85 -6.11
C PHE E 439 31.64 3.61 -6.98
N ARG E 440 31.15 2.49 -6.48
CA ARG E 440 31.23 1.22 -7.18
C ARG E 440 30.12 0.32 -6.67
N PHE E 441 29.81 -0.70 -7.46
CA PHE E 441 28.86 -1.70 -7.01
C PHE E 441 29.04 -2.90 -7.91
N SER E 442 28.94 -4.10 -7.35
CA SER E 442 29.10 -5.25 -8.22
C SER E 442 27.89 -5.38 -9.12
N VAL E 443 28.10 -5.97 -10.29
CA VAL E 443 27.01 -6.31 -11.20
C VAL E 443 27.02 -7.78 -11.58
N GLY E 444 28.12 -8.49 -11.36
CA GLY E 444 28.28 -9.85 -11.82
C GLY E 444 27.22 -10.70 -11.16
N GLY E 445 26.47 -11.43 -11.97
CA GLY E 445 25.53 -12.40 -11.45
C GLY E 445 24.18 -11.84 -11.04
N MET E 446 23.97 -10.52 -11.11
CA MET E 446 22.66 -9.99 -10.76
C MET E 446 21.67 -10.30 -11.88
N THR E 447 20.41 -10.53 -11.49
CA THR E 447 19.35 -10.90 -12.42
C THR E 447 18.25 -9.86 -12.53
N ASP E 448 17.63 -9.48 -11.41
CA ASP E 448 16.55 -8.51 -11.50
C ASP E 448 17.08 -7.11 -11.70
N VAL E 449 16.27 -6.29 -12.36
CA VAL E 449 16.66 -4.92 -12.64
C VAL E 449 16.27 -3.95 -11.55
N ALA E 450 15.47 -4.38 -10.55
CA ALA E 450 14.87 -3.42 -9.62
C ALA E 450 15.90 -2.65 -8.81
N GLU E 451 17.00 -3.30 -8.45
CA GLU E 451 18.03 -2.63 -7.67
C GLU E 451 18.68 -1.51 -8.49
N ILE E 452 18.79 -1.70 -9.80
CA ILE E 452 19.26 -0.66 -10.69
C ILE E 452 18.13 0.27 -11.13
N LYS E 453 16.88 -0.05 -10.77
CA LYS E 453 15.70 0.54 -11.39
C LYS E 453 14.65 0.97 -10.38
N GLY E 454 14.95 0.95 -9.10
CA GLY E 454 14.02 1.41 -8.08
C GLY E 454 12.74 0.63 -7.96
N HIS E 455 11.64 1.35 -7.78
CA HIS E 455 10.38 0.71 -7.43
C HIS E 455 9.20 1.62 -7.82
N ARG E 456 8.01 1.09 -7.63
CA ARG E 456 6.76 1.79 -7.90
C ARG E 456 6.40 2.72 -6.72
N ARG E 457 7.14 2.59 -5.60
CA ARG E 457 7.22 3.40 -4.39
C ARG E 457 6.04 3.58 -3.45
N THR E 458 4.87 3.06 -3.77
CA THR E 458 3.82 2.88 -2.76
C THR E 458 3.99 1.61 -1.94
N TYR E 459 4.82 0.66 -2.39
CA TYR E 459 5.10 -0.53 -1.58
C TYR E 459 5.86 -0.14 -0.31
N VAL E 460 5.68 -0.96 0.74
CA VAL E 460 6.29 -0.66 2.05
C VAL E 460 7.80 -0.71 2.00
N GLY E 461 8.38 -1.58 1.18
CA GLY E 461 9.82 -1.76 1.15
C GLY E 461 10.50 -1.13 -0.03
N ALA E 462 9.79 -0.31 -0.83
CA ALA E 462 10.37 0.20 -2.05
C ALA E 462 11.43 1.25 -1.76
N MET E 463 12.53 1.24 -2.51
CA MET E 463 13.50 2.32 -2.52
C MET E 463 14.03 2.57 -3.93
N PRO E 464 14.45 3.80 -4.26
CA PRO E 464 14.98 4.05 -5.60
C PRO E 464 16.24 3.24 -5.81
N GLY E 465 16.49 2.88 -7.07
CA GLY E 465 17.60 2.01 -7.39
C GLY E 465 18.94 2.60 -6.98
N LYS E 466 19.94 1.72 -6.84
CA LYS E 466 21.19 2.04 -6.15
C LYS E 466 21.90 3.23 -6.77
N ILE E 467 21.72 3.41 -8.07
CA ILE E 467 22.35 4.52 -8.78
C ILE E 467 21.86 5.82 -8.18
N ILE E 468 20.58 5.85 -7.81
CA ILE E 468 20.00 7.03 -7.19
C ILE E 468 20.55 7.19 -5.78
N GLN E 469 20.85 6.09 -5.09
CA GLN E 469 21.53 6.22 -3.80
C GLN E 469 22.89 6.85 -3.99
N CYS E 470 23.60 6.43 -5.04
CA CYS E 470 24.90 7.00 -5.26
C CYS E 470 24.78 8.48 -5.54
N LEU E 471 23.70 8.88 -6.20
CA LEU E 471 23.45 10.30 -6.35
C LEU E 471 23.17 10.93 -5.01
N LYS E 472 22.44 10.23 -4.14
CA LYS E 472 22.10 10.80 -2.85
C LYS E 472 23.34 10.97 -2.00
N LYS E 473 24.34 10.11 -2.19
CA LYS E 473 25.59 10.18 -1.45
C LYS E 473 26.59 11.05 -2.19
N THR E 474 26.84 10.72 -3.44
CA THR E 474 27.71 11.53 -4.26
C THR E 474 26.94 12.79 -4.56
N LYS E 475 27.21 13.85 -3.79
CA LYS E 475 26.47 15.09 -3.96
C LYS E 475 26.64 15.65 -5.36
N THR E 476 27.77 15.37 -5.99
CA THR E 476 28.01 15.82 -7.35
C THR E 476 26.97 15.19 -8.25
N GLU E 477 26.58 15.92 -9.25
CA GLU E 477 25.71 15.36 -10.27
C GLU E 477 26.49 14.62 -11.35
N ASN E 478 27.83 14.59 -11.29
CA ASN E 478 28.66 13.83 -12.24
C ASN E 478 29.71 13.01 -11.51
N PRO E 479 29.28 12.00 -10.75
CA PRO E 479 30.20 11.05 -10.13
C PRO E 479 30.80 10.04 -11.08
N LEU E 480 31.91 9.45 -10.64
CA LEU E 480 32.61 8.36 -11.34
C LEU E 480 32.04 7.01 -10.89
N ILE E 481 30.90 6.63 -11.46
CA ILE E 481 30.35 5.30 -11.21
C ILE E 481 31.36 4.27 -11.70
N LEU E 482 31.42 3.11 -11.01
CA LEU E 482 32.32 2.02 -11.41
C LEU E 482 31.58 0.70 -11.38
N ILE E 483 30.91 0.38 -12.49
CA ILE E 483 30.43 -0.97 -12.69
C ILE E 483 31.62 -1.90 -12.90
N ASP E 484 31.48 -3.14 -12.46
CA ASP E 484 32.59 -4.09 -12.46
C ASP E 484 32.07 -5.47 -12.80
N GLU E 485 32.90 -6.26 -13.49
CA GLU E 485 32.59 -7.65 -13.81
C GLU E 485 31.24 -7.78 -14.50
N VAL E 486 31.06 -6.96 -15.53
CA VAL E 486 29.88 -7.11 -16.37
C VAL E 486 29.90 -8.43 -17.13
N ASP E 487 31.08 -9.00 -17.37
CA ASP E 487 31.17 -10.23 -18.14
C ASP E 487 30.43 -11.37 -17.47
N LYS E 488 30.26 -11.33 -16.16
CA LYS E 488 29.53 -12.37 -15.44
C LYS E 488 28.23 -11.82 -14.88
N ILE E 489 27.57 -11.01 -15.70
CA ILE E 489 26.23 -10.51 -15.41
C ILE E 489 25.29 -11.69 -15.25
N GLY E 490 24.44 -11.65 -14.25
CA GLY E 490 23.45 -12.69 -14.10
C GLY E 490 22.50 -12.65 -15.27
N ARG E 491 22.37 -13.77 -15.95
CA ARG E 491 21.53 -13.84 -17.13
C ARG E 491 20.78 -15.16 -17.23
N GLY E 492 20.69 -15.91 -16.12
CA GLY E 492 19.99 -17.17 -16.17
C GLY E 492 18.49 -17.00 -16.13
N TYR E 493 18.02 -15.85 -15.69
CA TYR E 493 16.60 -15.59 -15.61
C TYR E 493 16.09 -15.28 -17.01
N GLN E 494 14.80 -15.53 -17.21
CA GLN E 494 14.17 -15.19 -18.48
C GLN E 494 14.08 -13.68 -18.58
N GLY E 495 14.73 -13.10 -19.58
CA GLY E 495 14.83 -11.66 -19.71
C GLY E 495 16.10 -11.11 -19.10
N ASP E 496 16.98 -10.66 -19.97
CA ASP E 496 18.29 -10.20 -19.55
C ASP E 496 18.18 -8.87 -18.84
N PRO E 497 18.70 -8.71 -17.61
CA PRO E 497 18.93 -7.34 -17.13
C PRO E 497 19.87 -6.54 -18.02
N SER E 498 20.76 -7.21 -18.75
CA SER E 498 21.73 -6.54 -19.60
C SER E 498 21.09 -5.63 -20.64
N SER E 499 19.88 -5.94 -21.08
CA SER E 499 19.22 -5.02 -21.99
C SER E 499 18.96 -3.68 -21.31
N ALA E 500 18.51 -3.73 -20.06
CA ALA E 500 18.36 -2.48 -19.31
C ALA E 500 19.71 -1.83 -19.11
N LEU E 501 20.74 -2.65 -18.94
CA LEU E 501 22.08 -2.10 -18.80
C LEU E 501 22.45 -1.38 -20.07
N LEU E 502 22.16 -2.00 -21.22
CA LEU E 502 22.44 -1.33 -22.47
C LEU E 502 21.61 -0.07 -22.61
N GLU E 503 20.39 -0.09 -22.07
CA GLU E 503 19.58 1.13 -22.05
C GLU E 503 20.23 2.21 -21.21
N LEU E 504 20.97 1.81 -20.20
CA LEU E 504 21.63 2.78 -19.35
C LEU E 504 22.84 3.37 -20.06
N LEU E 505 23.54 2.56 -20.84
CA LEU E 505 24.84 3.01 -21.36
C LEU E 505 24.69 3.94 -22.54
N ASP E 506 23.74 3.70 -23.42
CA ASP E 506 23.75 4.35 -24.72
C ASP E 506 23.53 5.85 -24.57
N PRO E 507 24.46 6.72 -25.05
CA PRO E 507 24.39 8.12 -24.64
C PRO E 507 23.12 8.87 -25.02
N GLU E 508 22.56 8.55 -26.18
CA GLU E 508 21.43 9.32 -26.69
C GLU E 508 20.22 9.25 -25.79
N GLN E 509 19.94 8.07 -25.23
CA GLN E 509 18.95 7.96 -24.18
C GLN E 509 19.56 7.97 -22.80
N ASN E 510 20.90 7.98 -22.68
CA ASN E 510 21.50 8.29 -21.38
C ASN E 510 21.04 9.67 -20.96
N ALA E 511 20.79 10.56 -21.95
CA ALA E 511 20.38 11.92 -21.65
C ALA E 511 19.11 11.95 -20.83
N ASN E 512 18.25 10.94 -21.01
CA ASN E 512 16.92 10.91 -20.41
C ASN E 512 16.63 9.53 -19.86
N PHE E 513 17.60 8.93 -19.18
CA PHE E 513 17.41 7.61 -18.59
C PHE E 513 16.31 7.68 -17.53
N LEU E 514 15.51 6.60 -17.41
CA LEU E 514 14.29 6.62 -16.59
C LEU E 514 14.18 5.50 -15.55
N ASP E 515 14.35 5.86 -14.28
CA ASP E 515 14.13 5.02 -13.11
C ASP E 515 12.65 4.96 -12.73
N HIS E 516 12.28 3.93 -11.96
CA HIS E 516 10.88 3.74 -11.58
C HIS E 516 10.47 4.54 -10.36
N TYR E 517 11.30 4.60 -9.29
CA TYR E 517 10.86 5.17 -8.01
C TYR E 517 10.38 6.59 -8.20
N LEU E 518 11.02 7.32 -9.08
CA LEU E 518 10.48 8.56 -9.58
C LEU E 518 10.43 8.37 -11.08
N ASP E 519 9.35 8.79 -11.70
CA ASP E 519 9.18 8.57 -13.13
C ASP E 519 9.52 9.87 -13.85
N VAL E 520 10.82 10.14 -13.98
CA VAL E 520 11.26 11.37 -14.64
C VAL E 520 12.56 10.98 -15.35
N PRO E 521 12.79 11.36 -16.60
CA PRO E 521 14.14 11.18 -17.14
C PRO E 521 15.13 12.05 -16.40
N VAL E 522 16.34 11.55 -16.24
CA VAL E 522 17.39 12.32 -15.58
C VAL E 522 18.68 12.12 -16.34
N ASP E 523 19.23 13.22 -16.84
CA ASP E 523 20.45 13.14 -17.61
C ASP E 523 21.55 12.67 -16.68
N LEU E 524 22.36 11.76 -17.18
CA LEU E 524 23.61 11.37 -16.55
C LEU E 524 24.69 11.13 -17.58
N SER E 525 24.64 11.90 -18.66
CA SER E 525 25.65 11.80 -19.70
C SER E 525 27.03 12.18 -19.20
N LYS E 526 27.13 13.05 -18.22
CA LYS E 526 28.44 13.47 -17.77
C LYS E 526 29.22 12.38 -17.05
N VAL E 527 28.54 11.38 -16.48
CA VAL E 527 29.23 10.40 -15.65
C VAL E 527 30.23 9.63 -16.47
N LEU E 528 31.35 9.28 -15.86
CA LEU E 528 32.43 8.55 -16.52
C LEU E 528 32.32 7.08 -16.11
N PHE E 529 31.63 6.30 -16.90
CA PHE E 529 31.49 4.89 -16.58
C PHE E 529 32.77 4.13 -16.88
N ILE E 530 32.97 3.03 -16.16
CA ILE E 530 34.08 2.12 -16.40
C ILE E 530 33.60 0.73 -16.07
N CYS E 531 34.19 -0.28 -16.71
CA CYS E 531 33.74 -1.64 -16.50
C CYS E 531 34.91 -2.58 -16.67
N THR E 532 34.80 -3.73 -16.01
CA THR E 532 35.86 -4.70 -15.84
C THR E 532 35.38 -6.07 -16.26
N ALA E 533 36.27 -6.85 -16.85
CA ALA E 533 35.90 -8.18 -17.30
C ALA E 533 37.16 -9.01 -17.47
N ASN E 534 37.10 -10.28 -17.07
CA ASN E 534 38.24 -11.14 -17.28
C ASN E 534 38.28 -11.72 -18.68
N VAL E 535 37.19 -11.67 -19.43
CA VAL E 535 37.21 -12.13 -20.82
C VAL E 535 36.06 -11.48 -21.58
N THR E 536 36.38 -10.94 -22.75
CA THR E 536 35.40 -10.15 -23.49
C THR E 536 34.19 -10.96 -23.92
N ASP E 537 34.41 -12.23 -24.27
CA ASP E 537 33.41 -12.97 -25.03
C ASP E 537 32.11 -13.14 -24.28
N THR E 538 32.18 -13.26 -22.96
CA THR E 538 30.98 -13.55 -22.18
C THR E 538 30.03 -12.35 -22.21
N ILE E 539 30.55 -11.17 -22.48
CA ILE E 539 29.69 -9.99 -22.48
C ILE E 539 28.79 -10.05 -23.70
N PRO E 540 27.50 -9.68 -23.59
CA PRO E 540 26.63 -9.76 -24.77
C PRO E 540 27.09 -8.83 -25.87
N GLU E 541 26.92 -9.26 -27.11
CA GLU E 541 27.40 -8.49 -28.25
C GLU E 541 26.86 -7.06 -28.33
N PRO E 542 25.53 -6.81 -28.20
CA PRO E 542 25.04 -5.42 -28.38
C PRO E 542 25.67 -4.46 -27.43
N LEU E 543 25.97 -4.93 -26.22
CA LEU E 543 26.67 -4.10 -25.28
C LEU E 543 28.14 -4.07 -25.59
N ARG E 544 28.69 -5.17 -26.11
CA ARG E 544 30.13 -5.22 -26.35
C ARG E 544 30.52 -4.21 -27.39
N ASP E 545 29.64 -3.94 -28.33
CA ASP E 545 29.99 -3.04 -29.39
C ASP E 545 29.86 -1.60 -28.94
N ARG E 546 29.20 -1.36 -27.81
CA ARG E 546 28.87 -0.02 -27.39
C ARG E 546 29.98 0.69 -26.63
N MET E 547 31.05 -0.03 -26.26
CA MET E 547 32.00 0.49 -25.30
C MET E 547 33.42 0.30 -25.80
N GLU E 548 34.26 1.25 -25.42
CA GLU E 548 35.66 1.18 -25.75
C GLU E 548 36.31 0.08 -24.92
N MET E 549 37.25 -0.64 -25.52
CA MET E 549 37.98 -1.73 -24.87
C MET E 549 39.43 -1.33 -24.67
N ILE E 550 40.01 -1.81 -23.58
CA ILE E 550 41.44 -1.68 -23.33
C ILE E 550 41.83 -2.91 -22.54
N ASN E 551 43.06 -3.36 -22.72
CA ASN E 551 43.56 -4.60 -22.14
C ASN E 551 44.78 -4.29 -21.27
N VAL E 552 44.59 -4.39 -19.96
CA VAL E 552 45.74 -4.51 -19.08
C VAL E 552 46.36 -5.89 -19.26
N SER E 553 47.68 -5.94 -19.26
CA SER E 553 48.42 -7.17 -19.51
C SER E 553 48.95 -7.74 -18.20
N GLY E 554 49.39 -8.98 -18.25
CA GLY E 554 50.08 -9.57 -17.12
C GLY E 554 51.49 -9.02 -17.01
N TYR E 555 52.10 -9.16 -15.83
CA TYR E 555 53.41 -8.58 -15.58
C TYR E 555 54.49 -9.64 -15.67
N VAL E 556 55.65 -9.21 -16.15
CA VAL E 556 56.74 -10.14 -16.36
C VAL E 556 57.34 -10.51 -15.02
N ALA E 557 58.02 -11.66 -14.98
CA ALA E 557 58.66 -12.15 -13.75
C ALA E 557 59.67 -11.17 -13.18
N GLN E 558 60.27 -10.34 -14.02
CA GLN E 558 61.29 -9.38 -13.57
C GLN E 558 60.61 -8.17 -12.98
N GLU E 559 59.83 -7.48 -13.79
CA GLU E 559 59.21 -6.23 -13.36
C GLU E 559 58.30 -6.41 -12.16
N LYS E 560 57.80 -7.63 -11.96
CA LYS E 560 56.99 -7.93 -10.81
C LYS E 560 57.75 -7.62 -9.52
N LEU E 561 59.07 -7.76 -9.53
CA LEU E 561 59.88 -7.34 -8.39
C LEU E 561 59.74 -5.85 -8.10
N ALA E 562 59.98 -5.01 -9.10
CA ALA E 562 60.03 -3.59 -8.86
C ALA E 562 58.69 -3.08 -8.39
N ILE E 563 57.61 -3.66 -8.92
CA ILE E 563 56.33 -3.28 -8.32
C ILE E 563 56.22 -3.81 -6.91
N ALA E 564 56.80 -4.98 -6.65
CA ALA E 564 56.58 -5.59 -5.35
C ALA E 564 57.22 -4.76 -4.27
N GLU E 565 58.37 -4.16 -4.59
CA GLU E 565 59.15 -3.48 -3.57
C GLU E 565 59.02 -1.97 -3.70
N ARG E 566 58.02 -1.50 -4.43
CA ARG E 566 57.75 -0.07 -4.50
C ARG E 566 56.37 0.26 -4.01
N TYR E 567 55.38 -0.61 -4.27
CA TYR E 567 53.98 -0.25 -4.05
C TYR E 567 53.23 -1.20 -3.14
N LEU E 568 53.73 -2.41 -2.87
CA LEU E 568 53.12 -3.32 -1.91
C LEU E 568 53.77 -3.20 -0.54
N VAL E 569 55.08 -3.43 -0.51
CA VAL E 569 55.80 -3.45 0.76
C VAL E 569 55.63 -2.16 1.54
N PRO E 570 55.88 -0.97 0.98
CA PRO E 570 55.70 0.24 1.80
C PRO E 570 54.28 0.38 2.30
N GLN E 571 53.33 -0.02 1.48
CA GLN E 571 51.93 0.17 1.82
C GLN E 571 51.54 -0.79 2.92
N ALA E 572 51.86 -2.06 2.75
CA ALA E 572 51.54 -3.01 3.78
C ALA E 572 52.28 -2.71 5.07
N ARG E 573 53.50 -2.20 4.95
CA ARG E 573 54.27 -1.92 6.16
C ARG E 573 53.62 -0.81 6.93
N ALA E 574 53.09 0.17 6.22
CA ALA E 574 52.32 1.19 6.90
C ALA E 574 51.03 0.64 7.46
N LEU E 575 50.47 -0.39 6.82
CA LEU E 575 49.26 -0.97 7.36
C LEU E 575 49.54 -1.67 8.68
N CYS E 576 50.65 -2.38 8.77
CA CYS E 576 50.95 -3.13 9.98
C CYS E 576 51.70 -2.31 11.01
N GLY E 577 51.97 -1.05 10.72
CA GLY E 577 52.51 -0.16 11.70
C GLY E 577 53.99 -0.27 11.90
N LEU E 578 54.66 -1.18 11.21
CA LEU E 578 56.09 -1.26 11.32
C LEU E 578 56.72 -0.15 10.50
N ASP E 579 57.93 0.22 10.89
CA ASP E 579 58.71 1.27 10.26
C ASP E 579 59.96 0.63 9.67
N GLU E 580 60.55 1.35 8.71
CA GLU E 580 61.60 0.80 7.87
C GLU E 580 62.82 0.34 8.66
N SER E 581 62.98 0.80 9.89
CA SER E 581 64.06 0.33 10.73
C SER E 581 63.85 -1.11 11.21
N LYS E 582 62.64 -1.64 11.10
CA LYS E 582 62.29 -2.92 11.72
C LYS E 582 62.18 -4.08 10.76
N ALA E 583 61.60 -3.88 9.58
CA ALA E 583 61.12 -4.96 8.75
C ALA E 583 61.77 -4.92 7.39
N LYS E 584 63.06 -4.70 7.33
CA LYS E 584 63.74 -4.67 6.05
C LYS E 584 63.69 -6.06 5.40
N LEU E 585 63.45 -6.07 4.08
CA LEU E 585 63.44 -7.27 3.26
C LEU E 585 64.33 -7.04 2.05
N SER E 586 65.42 -7.79 1.96
CA SER E 586 66.28 -7.67 0.80
C SER E 586 65.52 -8.09 -0.45
N SER E 587 65.89 -7.50 -1.58
CA SER E 587 65.16 -7.78 -2.81
C SER E 587 65.27 -9.25 -3.19
N ASP E 588 66.38 -9.90 -2.84
CA ASP E 588 66.59 -11.27 -3.26
C ASP E 588 65.55 -12.22 -2.69
N VAL E 589 65.14 -11.99 -1.44
CA VAL E 589 64.10 -12.85 -0.91
C VAL E 589 62.81 -12.61 -1.66
N LEU E 590 62.59 -11.38 -2.14
CA LEU E 590 61.41 -11.13 -2.94
C LEU E 590 61.50 -11.85 -4.27
N THR E 591 62.70 -11.92 -4.86
CA THR E 591 62.85 -12.69 -6.08
C THR E 591 62.51 -14.14 -5.82
N LEU E 592 62.99 -14.68 -4.70
CA LEU E 592 62.74 -16.07 -4.42
C LEU E 592 61.27 -16.33 -4.16
N LEU E 593 60.60 -15.39 -3.51
CA LEU E 593 59.17 -15.54 -3.28
C LEU E 593 58.42 -15.51 -4.58
N ILE E 594 58.88 -14.70 -5.51
CA ILE E 594 58.15 -14.56 -6.75
C ILE E 594 58.36 -15.79 -7.58
N LYS E 595 59.60 -16.24 -7.66
CA LYS E 595 59.92 -17.32 -8.56
C LYS E 595 59.27 -18.61 -8.13
N GLN E 596 59.13 -18.86 -6.82
CA GLN E 596 58.76 -20.19 -6.37
C GLN E 596 57.50 -20.25 -5.52
N TYR E 597 57.36 -19.41 -4.50
CA TYR E 597 56.27 -19.72 -3.58
C TYR E 597 54.92 -19.28 -4.13
N CYS E 598 54.89 -18.54 -5.23
CA CYS E 598 53.68 -18.09 -5.89
C CYS E 598 53.93 -18.25 -7.36
N ARG E 599 52.92 -18.70 -8.09
CA ARG E 599 53.13 -18.96 -9.51
C ARG E 599 51.83 -18.69 -10.27
N GLU E 600 51.72 -17.48 -10.80
CA GLU E 600 50.54 -17.03 -11.51
C GLU E 600 50.90 -15.70 -12.14
N SER E 601 50.19 -15.32 -13.18
CA SER E 601 50.49 -14.05 -13.85
C SER E 601 50.06 -12.84 -13.06
N GLY E 602 49.17 -12.97 -12.07
CA GLY E 602 48.67 -11.83 -11.34
C GLY E 602 49.60 -11.48 -10.20
N VAL E 603 49.16 -10.53 -9.38
CA VAL E 603 49.98 -10.05 -8.27
C VAL E 603 49.10 -10.00 -7.01
N ARG E 604 48.17 -10.95 -6.89
CA ARG E 604 47.32 -11.00 -5.70
C ARG E 604 47.92 -11.94 -4.66
N ASN E 605 48.20 -13.16 -5.05
CA ASN E 605 48.72 -14.13 -4.07
C ASN E 605 50.02 -13.66 -3.44
N LEU E 606 50.86 -12.97 -4.23
CA LEU E 606 52.07 -12.37 -3.69
C LEU E 606 51.74 -11.35 -2.63
N GLN E 607 50.63 -10.65 -2.80
CA GLN E 607 50.20 -9.70 -1.79
C GLN E 607 49.96 -10.42 -0.48
N LYS E 608 49.20 -11.51 -0.53
CA LYS E 608 48.88 -12.21 0.71
C LYS E 608 50.12 -12.76 1.38
N GLN E 609 51.08 -13.23 0.60
CA GLN E 609 52.23 -13.82 1.27
C GLN E 609 53.14 -12.77 1.88
N VAL E 610 53.29 -11.63 1.21
CA VAL E 610 54.07 -10.56 1.80
C VAL E 610 53.41 -10.07 3.06
N GLU E 611 52.08 -10.02 3.05
CA GLU E 611 51.35 -9.61 4.23
C GLU E 611 51.61 -10.59 5.37
N LYS E 612 51.65 -11.88 5.06
CA LYS E 612 51.88 -12.86 6.10
C LYS E 612 53.25 -12.71 6.70
N VAL E 613 54.23 -12.38 5.87
CA VAL E 613 55.59 -12.22 6.37
C VAL E 613 55.63 -11.08 7.36
N LEU E 614 55.04 -9.95 6.98
CA LEU E 614 55.06 -8.80 7.85
C LEU E 614 54.34 -9.09 9.15
N ARG E 615 53.28 -9.88 9.07
CA ARG E 615 52.49 -10.11 10.26
C ARG E 615 53.23 -10.99 11.26
N LYS E 616 53.75 -12.13 10.78
CA LYS E 616 54.53 -13.00 11.65
C LYS E 616 55.82 -12.37 12.09
N SER E 617 56.27 -11.34 11.41
CA SER E 617 57.36 -10.53 11.91
C SER E 617 56.92 -9.68 13.10
N ALA E 618 55.75 -9.02 12.97
CA ALA E 618 55.34 -8.12 14.03
C ALA E 618 55.11 -8.87 15.32
N TYR E 619 54.56 -10.08 15.22
CA TYR E 619 54.36 -10.83 16.46
C TYR E 619 55.71 -11.11 17.13
N LYS E 620 56.78 -11.24 16.35
CA LYS E 620 58.07 -11.54 16.91
C LYS E 620 58.79 -10.27 17.34
N ILE E 621 58.11 -9.14 17.34
CA ILE E 621 58.65 -7.88 17.86
C ILE E 621 57.91 -7.46 19.11
N VAL E 622 56.57 -7.55 19.10
CA VAL E 622 55.76 -7.06 20.22
C VAL E 622 56.13 -7.75 21.53
N SER E 623 56.55 -9.01 21.45
CA SER E 623 57.08 -9.74 22.59
C SER E 623 58.41 -10.39 22.28
N GLY E 624 58.75 -10.59 21.02
CA GLY E 624 59.92 -11.35 20.70
C GLY E 624 61.17 -10.59 21.09
N GLU E 625 62.24 -11.36 21.26
CA GLU E 625 63.53 -10.80 21.61
C GLU E 625 63.96 -9.78 20.56
N ALA E 626 63.77 -10.11 19.30
CA ALA E 626 64.23 -9.24 18.24
C ALA E 626 63.37 -7.98 18.21
N GLU E 627 64.03 -6.85 17.97
CA GLU E 627 63.36 -5.61 17.65
C GLU E 627 63.52 -5.25 16.19
N SER E 628 64.10 -6.14 15.38
CA SER E 628 64.32 -5.85 13.97
C SER E 628 64.32 -7.19 13.23
N VAL E 629 63.20 -7.55 12.62
CA VAL E 629 63.19 -8.74 11.79
C VAL E 629 63.95 -8.42 10.51
N GLU E 630 64.67 -9.40 9.96
CA GLU E 630 65.35 -9.20 8.68
C GLU E 630 65.31 -10.54 7.96
N VAL E 631 64.30 -10.73 7.14
CA VAL E 631 64.23 -11.97 6.39
C VAL E 631 65.39 -12.00 5.42
N THR E 632 66.01 -13.15 5.30
CA THR E 632 67.08 -13.42 4.37
C THR E 632 66.78 -14.81 3.85
N PRO E 633 67.27 -15.18 2.65
CA PRO E 633 66.81 -16.42 2.00
C PRO E 633 67.00 -17.64 2.84
N GLU E 634 68.07 -17.66 3.61
CA GLU E 634 68.28 -18.78 4.52
C GLU E 634 67.20 -18.81 5.59
N ASN E 635 66.75 -17.64 6.04
CA ASN E 635 65.86 -17.55 7.18
C ASN E 635 64.39 -17.74 6.81
N LEU E 636 64.08 -17.67 5.51
CA LEU E 636 62.71 -17.49 5.05
C LEU E 636 61.76 -18.56 5.54
N GLN E 637 62.30 -19.78 5.72
CA GLN E 637 61.49 -20.95 6.07
C GLN E 637 60.68 -20.68 7.31
N ASP E 638 61.30 -19.98 8.27
CA ASP E 638 60.71 -19.80 9.58
C ASP E 638 59.39 -19.09 9.51
N PHE E 639 59.24 -18.21 8.52
CA PHE E 639 58.05 -17.42 8.37
C PHE E 639 57.04 -17.98 7.39
N VAL E 640 57.45 -18.89 6.50
CA VAL E 640 56.59 -19.37 5.42
C VAL E 640 56.59 -20.89 5.30
N GLY E 641 57.54 -21.54 5.94
CA GLY E 641 57.61 -22.97 5.84
C GLY E 641 58.22 -23.34 4.51
N LYS E 642 58.13 -24.63 4.22
CA LYS E 642 58.79 -25.19 3.07
C LYS E 642 58.11 -24.76 1.78
N PRO E 643 58.82 -24.79 0.65
CA PRO E 643 58.27 -24.24 -0.59
C PRO E 643 57.01 -24.96 -1.04
N VAL E 644 56.09 -24.17 -1.59
CA VAL E 644 54.85 -24.72 -2.11
C VAL E 644 55.00 -25.13 -3.57
N PHE E 645 56.11 -24.77 -4.22
CA PHE E 645 56.38 -25.20 -5.58
C PHE E 645 57.87 -25.48 -5.62
N THR E 646 58.26 -26.40 -6.49
CA THR E 646 59.67 -26.60 -6.77
C THR E 646 59.92 -26.79 -8.26
N VAL E 647 59.05 -27.51 -8.95
CA VAL E 647 59.22 -27.69 -10.38
C VAL E 647 58.83 -26.40 -11.08
N GLU E 648 59.53 -26.12 -12.20
CA GLU E 648 59.17 -25.03 -13.09
C GLU E 648 58.29 -25.50 -14.25
N ARG E 649 58.78 -26.45 -15.03
CA ARG E 649 57.98 -27.08 -16.06
C ARG E 649 57.86 -28.54 -15.71
N MET E 650 56.84 -29.17 -16.26
CA MET E 650 56.47 -30.49 -15.79
C MET E 650 57.56 -31.51 -16.07
N TYR E 651 58.43 -31.27 -17.07
CA TYR E 651 59.76 -31.86 -17.25
C TYR E 651 60.35 -31.47 -18.59
N ASP E 652 61.67 -31.60 -18.74
CA ASP E 652 62.32 -31.47 -20.04
C ASP E 652 61.83 -32.54 -20.99
N VAL E 653 61.52 -32.14 -22.25
CA VAL E 653 60.61 -32.90 -23.11
C VAL E 653 61.11 -34.32 -23.34
N THR E 654 60.20 -35.27 -23.22
CA THR E 654 60.53 -36.63 -23.55
C THR E 654 60.65 -36.81 -25.05
N PRO E 655 61.68 -37.49 -25.54
CA PRO E 655 62.00 -37.46 -26.98
C PRO E 655 60.87 -37.92 -27.88
N PRO E 656 60.04 -38.91 -27.52
CA PRO E 656 59.15 -39.40 -28.55
C PRO E 656 58.00 -38.47 -28.86
N GLY E 657 57.27 -38.03 -27.86
CA GLY E 657 55.88 -37.70 -28.09
C GLY E 657 55.26 -36.51 -27.39
N VAL E 658 55.99 -35.43 -27.15
CA VAL E 658 55.42 -34.25 -26.53
C VAL E 658 56.06 -33.02 -27.13
N VAL E 659 55.35 -31.90 -27.02
CA VAL E 659 55.87 -30.59 -27.38
C VAL E 659 55.18 -29.57 -26.51
N MET E 660 55.95 -28.64 -26.00
CA MET E 660 55.35 -27.62 -25.15
C MET E 660 54.42 -26.79 -26.01
N GLY E 661 53.29 -26.39 -25.45
CA GLY E 661 52.31 -25.63 -26.19
C GLY E 661 51.77 -24.49 -25.37
N LEU E 662 52.00 -23.28 -25.86
CA LEU E 662 51.47 -22.10 -25.20
C LEU E 662 49.97 -22.06 -25.40
N ALA E 663 49.26 -21.51 -24.43
CA ALA E 663 47.82 -21.40 -24.57
C ALA E 663 47.33 -20.26 -23.71
N TRP E 664 46.25 -19.63 -24.17
CA TRP E 664 45.77 -18.39 -23.60
C TRP E 664 44.63 -18.74 -22.65
N THR E 665 45.02 -19.26 -21.50
CA THR E 665 44.02 -19.69 -20.54
C THR E 665 43.28 -18.47 -20.02
N ALA E 666 42.18 -18.73 -19.30
CA ALA E 666 41.27 -17.66 -18.90
C ALA E 666 41.98 -16.59 -18.08
N MET E 667 43.03 -16.95 -17.34
CA MET E 667 43.82 -16.01 -16.54
C MET E 667 45.29 -16.19 -16.90
N GLY E 668 45.81 -15.28 -17.71
CA GLY E 668 47.22 -15.34 -18.05
C GLY E 668 47.44 -16.37 -19.12
N GLY E 669 48.71 -16.52 -19.49
CA GLY E 669 49.12 -17.60 -20.36
C GLY E 669 49.34 -18.87 -19.57
N SER E 670 49.61 -19.94 -20.29
CA SER E 670 50.00 -21.17 -19.63
C SER E 670 50.70 -22.06 -20.64
N THR E 671 51.43 -23.05 -20.12
CA THR E 671 52.27 -23.92 -20.92
C THR E 671 51.82 -25.38 -20.83
N LEU E 672 50.75 -25.69 -21.56
CA LEU E 672 50.24 -27.05 -21.58
C LEU E 672 51.09 -27.95 -22.45
N PHE E 673 51.18 -29.21 -22.06
CA PHE E 673 51.88 -30.21 -22.84
C PHE E 673 50.85 -31.08 -23.53
N VAL E 674 51.00 -31.27 -24.81
CA VAL E 674 50.22 -32.25 -25.56
C VAL E 674 50.99 -33.56 -25.56
N GLU E 675 50.28 -34.68 -25.38
CA GLU E 675 50.94 -35.97 -25.21
C GLU E 675 50.23 -37.03 -26.01
N THR E 676 51.02 -37.84 -26.70
CA THR E 676 50.52 -38.84 -27.62
C THR E 676 51.32 -40.10 -27.48
N SER E 677 50.67 -41.23 -27.78
CA SER E 677 51.33 -42.50 -27.56
C SER E 677 50.70 -43.60 -28.41
N LEU E 678 51.50 -44.63 -28.59
CA LEU E 678 51.08 -45.81 -29.29
C LEU E 678 50.06 -46.53 -28.45
N ARG E 679 49.21 -47.31 -29.11
CA ARG E 679 48.05 -47.91 -28.48
C ARG E 679 47.94 -49.41 -28.67
N ARG E 680 48.84 -50.03 -29.40
CA ARG E 680 48.69 -51.42 -29.74
C ARG E 680 49.90 -51.82 -30.56
N PRO E 681 50.32 -53.09 -30.58
CA PRO E 681 51.50 -53.42 -31.39
C PRO E 681 51.22 -53.08 -32.83
N GLN E 682 52.25 -52.56 -33.48
CA GLN E 682 52.04 -51.92 -34.78
C GLN E 682 51.89 -52.92 -35.91
N ASP E 683 52.66 -54.02 -35.87
CA ASP E 683 52.91 -54.84 -37.04
C ASP E 683 52.38 -56.26 -36.88
N LYS E 684 51.17 -56.42 -36.35
CA LYS E 684 50.64 -57.78 -36.26
C LYS E 684 50.46 -58.41 -37.64
N ASP E 685 50.19 -57.59 -38.66
CA ASP E 685 50.04 -58.04 -40.04
C ASP E 685 50.50 -56.88 -40.93
N ALA E 686 51.74 -56.95 -41.39
CA ALA E 686 52.31 -55.84 -42.15
C ALA E 686 51.55 -55.59 -43.43
N LYS E 687 50.98 -56.62 -44.03
CA LYS E 687 50.35 -56.51 -45.34
C LYS E 687 48.89 -56.05 -45.30
N GLY E 688 48.30 -55.86 -44.14
CA GLY E 688 46.88 -55.55 -44.08
C GLY E 688 46.62 -54.08 -44.39
N ASP E 689 45.34 -53.72 -44.35
CA ASP E 689 44.91 -52.38 -44.73
C ASP E 689 43.65 -52.07 -43.91
N LYS E 690 43.85 -51.54 -42.71
CA LYS E 690 42.77 -51.06 -41.86
C LYS E 690 43.36 -49.92 -41.05
N ASP E 691 43.09 -48.69 -41.49
CA ASP E 691 43.83 -47.54 -41.00
C ASP E 691 43.67 -47.31 -39.50
N GLY E 692 44.75 -46.88 -38.88
CA GLY E 692 44.83 -46.77 -37.45
C GLY E 692 44.04 -45.60 -36.91
N SER E 693 42.96 -45.90 -36.20
CA SER E 693 42.15 -44.83 -35.66
C SER E 693 42.87 -44.07 -34.56
N LEU E 694 42.61 -42.77 -34.50
CA LEU E 694 42.90 -41.98 -33.32
C LEU E 694 41.87 -42.17 -32.23
N GLU E 695 42.30 -41.92 -31.00
CA GLU E 695 41.37 -41.66 -29.91
C GLU E 695 41.88 -40.42 -29.20
N VAL E 696 41.16 -39.36 -29.34
CA VAL E 696 41.53 -38.09 -28.75
C VAL E 696 40.94 -38.02 -27.36
N THR E 697 41.61 -37.27 -26.48
CA THR E 697 41.16 -37.09 -25.10
C THR E 697 41.42 -35.65 -24.68
N GLY E 698 41.03 -35.37 -23.44
CA GLY E 698 41.14 -34.04 -22.90
C GLY E 698 39.83 -33.27 -22.89
N GLN E 699 38.69 -33.94 -23.08
CA GLN E 699 37.37 -33.29 -22.93
C GLN E 699 37.18 -32.17 -23.93
N LEU E 700 37.69 -32.38 -25.13
CA LEU E 700 37.64 -31.39 -26.17
C LEU E 700 36.22 -31.07 -26.56
N GLY E 701 35.98 -29.81 -26.89
CA GLY E 701 34.77 -29.43 -27.54
C GLY E 701 34.83 -29.83 -28.99
N GLU E 702 33.67 -29.76 -29.64
CA GLU E 702 33.52 -30.32 -30.97
C GLU E 702 34.45 -29.63 -31.96
N VAL E 703 34.63 -28.33 -31.82
CA VAL E 703 35.48 -27.62 -32.76
C VAL E 703 36.91 -28.08 -32.54
N MET E 704 37.28 -28.29 -31.29
CA MET E 704 38.59 -28.84 -30.99
C MET E 704 38.72 -30.23 -31.57
N LYS E 705 37.63 -31.00 -31.57
CA LYS E 705 37.70 -32.33 -32.12
C LYS E 705 37.97 -32.27 -33.61
N GLU E 706 37.26 -31.38 -34.29
CA GLU E 706 37.47 -31.24 -35.73
C GLU E 706 38.87 -30.71 -36.01
N SER E 707 39.38 -29.84 -35.15
CA SER E 707 40.72 -29.33 -35.36
C SER E 707 41.75 -30.44 -35.24
N ALA E 708 41.53 -31.33 -34.27
CA ALA E 708 42.44 -32.45 -34.13
C ALA E 708 42.35 -33.35 -35.35
N ARG E 709 41.15 -33.51 -35.87
CA ARG E 709 40.97 -34.37 -37.01
C ARG E 709 41.69 -33.81 -38.22
N ILE E 710 41.62 -32.49 -38.38
CA ILE E 710 42.29 -31.84 -39.50
C ILE E 710 43.77 -31.98 -39.38
N ALA E 711 44.29 -31.79 -38.18
CA ALA E 711 45.72 -31.92 -37.99
C ALA E 711 46.16 -33.32 -38.33
N TYR E 712 45.34 -34.31 -37.99
CA TYR E 712 45.73 -35.68 -38.24
C TYR E 712 45.83 -35.92 -39.72
N THR E 713 44.84 -35.45 -40.46
CA THR E 713 44.85 -35.67 -41.89
C THR E 713 46.05 -35.02 -42.53
N PHE E 714 46.38 -33.79 -42.11
CA PHE E 714 47.52 -33.14 -42.75
C PHE E 714 48.80 -33.88 -42.38
N ALA E 715 48.89 -34.38 -41.16
CA ALA E 715 50.09 -35.07 -40.76
C ALA E 715 50.33 -36.29 -41.61
N ARG E 716 49.30 -37.12 -41.74
CA ARG E 716 49.51 -38.34 -42.50
C ARG E 716 49.71 -38.05 -43.97
N ALA E 717 49.20 -36.93 -44.45
CA ALA E 717 49.49 -36.55 -45.81
C ALA E 717 50.96 -36.15 -45.95
N PHE E 718 51.41 -35.25 -45.09
CA PHE E 718 52.72 -34.66 -45.27
C PHE E 718 53.80 -35.71 -45.12
N LEU E 719 53.59 -36.65 -44.19
CA LEU E 719 54.63 -37.63 -43.92
C LEU E 719 54.87 -38.51 -45.14
N MET E 720 53.78 -39.01 -45.74
CA MET E 720 53.95 -39.78 -46.96
C MET E 720 54.43 -38.88 -48.09
N GLN E 721 54.09 -37.59 -48.02
CA GLN E 721 54.45 -36.69 -49.11
C GLN E 721 55.96 -36.63 -49.25
N HIS E 722 56.68 -36.53 -48.13
CA HIS E 722 58.14 -36.41 -48.26
C HIS E 722 58.86 -37.69 -47.92
N ALA E 723 58.18 -38.66 -47.30
CA ALA E 723 58.78 -39.92 -46.89
C ALA E 723 57.87 -41.06 -47.32
N PRO E 724 57.79 -41.37 -48.62
CA PRO E 724 56.79 -42.35 -49.08
C PRO E 724 56.95 -43.71 -48.43
N ALA E 725 58.18 -44.10 -48.13
CA ALA E 725 58.44 -45.44 -47.63
C ALA E 725 57.83 -45.65 -46.26
N ASN E 726 57.70 -44.60 -45.45
CA ASN E 726 57.23 -44.79 -44.09
C ASN E 726 55.75 -45.10 -44.14
N ASP E 727 55.28 -45.83 -43.12
CA ASP E 727 53.87 -46.12 -42.99
C ASP E 727 53.34 -46.12 -41.57
N TYR E 728 54.16 -45.73 -40.59
CA TYR E 728 53.78 -45.97 -39.20
C TYR E 728 52.49 -45.26 -38.85
N LEU E 729 52.20 -44.14 -39.48
CA LEU E 729 51.09 -43.32 -39.07
C LEU E 729 49.81 -43.64 -39.83
N VAL E 730 49.90 -44.50 -40.86
CA VAL E 730 48.74 -44.91 -41.62
C VAL E 730 48.17 -46.23 -41.11
N THR E 731 48.92 -46.97 -40.29
CA THR E 731 48.56 -48.35 -39.97
C THR E 731 48.82 -48.66 -38.51
N SER E 732 48.47 -47.75 -37.61
CA SER E 732 48.64 -48.06 -36.21
C SER E 732 47.74 -47.14 -35.42
N HIS E 733 47.16 -47.68 -34.37
CA HIS E 733 46.27 -46.85 -33.60
C HIS E 733 47.09 -45.91 -32.77
N ILE E 734 46.48 -44.81 -32.39
CA ILE E 734 47.18 -43.73 -31.73
C ILE E 734 46.22 -43.16 -30.71
N HIS E 735 46.75 -42.74 -29.58
CA HIS E 735 45.98 -42.05 -28.58
C HIS E 735 46.64 -40.73 -28.34
N LEU E 736 45.81 -39.72 -28.15
CA LEU E 736 46.24 -38.35 -28.13
C LEU E 736 45.50 -37.62 -27.04
N HIS E 737 46.18 -36.66 -26.43
CA HIS E 737 45.68 -36.00 -25.23
C HIS E 737 46.07 -34.55 -25.21
N VAL E 738 45.06 -33.67 -25.17
CA VAL E 738 45.34 -32.24 -25.06
C VAL E 738 44.76 -31.72 -23.73
N PRO E 739 45.59 -31.41 -22.72
CA PRO E 739 45.04 -31.09 -21.40
C PRO E 739 44.15 -29.87 -21.43
N GLU E 740 43.14 -29.90 -20.59
CA GLU E 740 42.13 -28.85 -20.56
C GLU E 740 42.73 -27.57 -20.00
N GLY E 741 42.07 -26.45 -20.33
CA GLY E 741 42.41 -25.16 -19.78
C GLY E 741 42.29 -24.04 -20.78
N ALA E 742 42.53 -24.33 -22.06
CA ALA E 742 42.48 -23.29 -23.06
C ALA E 742 41.09 -22.66 -23.13
N THR E 743 41.06 -21.37 -23.33
CA THR E 743 39.82 -20.68 -23.58
C THR E 743 39.31 -21.12 -24.96
N PRO E 744 37.98 -21.27 -25.16
CA PRO E 744 37.51 -21.87 -26.42
C PRO E 744 37.98 -21.12 -27.65
N LYS E 745 38.12 -19.80 -27.53
CA LYS E 745 38.60 -19.02 -28.66
C LYS E 745 40.00 -19.44 -29.04
N ASP E 746 40.79 -19.89 -28.06
CA ASP E 746 42.15 -20.29 -28.31
C ASP E 746 42.25 -21.76 -28.70
N GLY E 747 41.14 -22.52 -28.63
CA GLY E 747 41.22 -23.95 -28.80
C GLY E 747 41.91 -24.42 -30.07
N PRO E 748 41.51 -23.88 -31.22
CA PRO E 748 42.13 -24.32 -32.48
C PRO E 748 43.63 -24.10 -32.53
N SER E 749 44.13 -23.09 -31.79
CA SER E 749 45.53 -22.69 -31.86
C SER E 749 46.49 -23.81 -31.53
N ALA E 750 46.07 -24.80 -30.77
CA ALA E 750 46.95 -25.90 -30.45
C ALA E 750 47.39 -26.67 -31.68
N GLY E 751 46.65 -26.56 -32.80
CA GLY E 751 46.74 -27.55 -33.86
C GLY E 751 48.13 -27.68 -34.46
N CYS E 752 48.85 -26.56 -34.60
CA CYS E 752 50.19 -26.63 -35.17
C CYS E 752 51.07 -27.54 -34.34
N THR E 753 51.00 -27.37 -33.01
CA THR E 753 51.80 -28.20 -32.13
C THR E 753 51.44 -29.66 -32.32
N ILE E 754 50.14 -29.94 -32.53
CA ILE E 754 49.67 -31.31 -32.63
C ILE E 754 50.35 -31.99 -33.79
N VAL E 755 50.55 -31.24 -34.87
CA VAL E 755 51.14 -31.86 -36.06
C VAL E 755 52.55 -32.29 -35.71
N THR E 756 53.29 -31.39 -35.03
CA THR E 756 54.66 -31.70 -34.68
C THR E 756 54.70 -32.85 -33.71
N ALA E 757 53.64 -33.04 -32.94
CA ALA E 757 53.57 -34.21 -32.09
C ALA E 757 53.67 -35.46 -32.95
N LEU E 758 52.67 -35.66 -33.82
CA LEU E 758 52.50 -36.93 -34.52
C LEU E 758 53.74 -37.27 -35.32
N LEU E 759 54.20 -36.32 -36.11
CA LEU E 759 55.34 -36.54 -36.98
C LEU E 759 56.57 -36.92 -36.17
N SER E 760 56.72 -36.29 -35.00
CA SER E 760 57.82 -36.64 -34.12
C SER E 760 57.78 -38.12 -33.82
N LEU E 761 56.62 -38.58 -33.34
CA LEU E 761 56.45 -40.00 -33.06
C LEU E 761 56.67 -40.82 -34.31
N ALA E 762 56.27 -40.28 -35.46
CA ALA E 762 56.42 -41.05 -36.68
C ALA E 762 57.88 -41.29 -36.99
N MET E 763 58.73 -40.35 -36.65
CA MET E 763 60.16 -40.51 -36.85
C MET E 763 60.90 -40.99 -35.63
N GLY E 764 60.39 -40.72 -34.43
CA GLY E 764 61.16 -41.04 -33.26
C GLY E 764 62.19 -39.99 -32.89
N ARG E 765 62.31 -38.93 -33.68
CA ARG E 765 63.26 -37.88 -33.40
C ARG E 765 62.82 -37.04 -32.21
N PRO E 766 63.69 -36.76 -31.24
CA PRO E 766 63.30 -35.81 -30.21
C PRO E 766 63.05 -34.45 -30.80
N VAL E 767 62.07 -33.74 -30.25
CA VAL E 767 61.89 -32.35 -30.61
C VAL E 767 63.11 -31.59 -30.09
N ARG E 768 63.47 -30.48 -30.73
CA ARG E 768 64.56 -29.68 -30.19
C ARG E 768 64.18 -29.23 -28.78
N GLN E 769 65.17 -29.14 -27.90
CA GLN E 769 64.89 -28.89 -26.49
C GLN E 769 64.20 -27.54 -26.33
N ASN E 770 63.21 -27.48 -25.43
CA ASN E 770 62.58 -26.27 -24.88
C ASN E 770 62.25 -25.27 -25.99
N LEU E 771 61.33 -25.69 -26.85
CA LEU E 771 61.00 -24.93 -28.06
C LEU E 771 59.50 -24.96 -28.29
N ALA E 772 58.82 -23.92 -27.84
CA ALA E 772 57.38 -23.83 -28.00
C ALA E 772 57.01 -23.61 -29.47
N MET E 773 55.71 -23.67 -29.74
CA MET E 773 55.14 -23.28 -31.02
C MET E 773 53.66 -23.18 -30.81
N THR E 774 52.97 -22.54 -31.74
CA THR E 774 51.52 -22.45 -31.64
C THR E 774 50.95 -22.10 -33.01
N GLY E 775 49.68 -21.74 -33.04
CA GLY E 775 49.00 -21.44 -34.28
C GLY E 775 48.26 -22.64 -34.84
N GLU E 776 47.39 -22.35 -35.78
CA GLU E 776 46.50 -23.33 -36.40
C GLU E 776 47.12 -23.83 -37.68
N VAL E 777 46.52 -24.88 -38.24
CA VAL E 777 46.90 -25.38 -39.55
C VAL E 777 45.62 -25.57 -40.32
N SER E 778 45.77 -25.61 -41.63
CA SER E 778 44.63 -25.52 -42.53
C SER E 778 44.74 -26.56 -43.61
N LEU E 779 45.13 -27.77 -43.24
CA LEU E 779 44.91 -28.97 -44.06
C LEU E 779 45.72 -29.02 -45.36
N THR E 780 46.42 -27.95 -45.73
CA THR E 780 47.35 -27.90 -46.83
C THR E 780 48.69 -27.29 -46.40
N GLY E 781 48.87 -26.97 -45.12
CA GLY E 781 50.11 -26.44 -44.61
C GLY E 781 50.15 -24.94 -44.49
N LYS E 782 49.15 -24.23 -45.00
CA LYS E 782 49.06 -22.83 -44.69
C LYS E 782 48.69 -22.65 -43.23
N ILE E 783 49.34 -21.69 -42.57
CA ILE E 783 49.15 -21.39 -41.17
C ILE E 783 48.36 -20.10 -41.11
N LEU E 784 47.68 -19.87 -40.00
CA LEU E 784 46.65 -18.86 -39.87
C LEU E 784 46.91 -17.95 -38.69
N PRO E 785 46.38 -16.73 -38.70
CA PRO E 785 46.55 -15.85 -37.54
C PRO E 785 45.87 -16.42 -36.31
N VAL E 786 46.46 -16.13 -35.15
CA VAL E 786 45.97 -16.61 -33.87
C VAL E 786 45.97 -15.46 -32.87
N GLY E 787 45.03 -15.54 -31.94
CA GLY E 787 44.85 -14.51 -30.92
C GLY E 787 45.70 -14.66 -29.67
N GLY E 788 45.65 -13.63 -28.84
CA GLY E 788 46.25 -13.69 -27.52
C GLY E 788 47.74 -13.82 -27.45
N ILE E 789 48.48 -13.19 -28.36
CA ILE E 789 49.93 -13.38 -28.42
C ILE E 789 50.60 -12.89 -27.15
N LYS E 790 50.01 -11.91 -26.48
CA LYS E 790 50.64 -11.25 -25.35
C LYS E 790 50.82 -12.21 -24.18
N GLU E 791 49.73 -12.82 -23.75
CA GLU E 791 49.80 -13.76 -22.64
C GLU E 791 50.64 -14.95 -23.00
N LYS E 792 50.58 -15.34 -24.26
CA LYS E 792 51.37 -16.47 -24.71
C LYS E 792 52.85 -16.18 -24.53
N THR E 793 53.30 -15.03 -25.02
CA THR E 793 54.71 -14.75 -24.91
C THR E 793 55.13 -14.56 -23.46
N ILE E 794 54.25 -13.99 -22.63
CA ILE E 794 54.60 -13.83 -21.22
C ILE E 794 54.83 -15.17 -20.57
N ALA E 795 53.85 -16.06 -20.67
CA ALA E 795 53.97 -17.33 -19.99
C ALA E 795 55.13 -18.13 -20.54
N ALA E 796 55.39 -18.00 -21.83
CA ALA E 796 56.54 -18.68 -22.40
C ALA E 796 57.83 -18.10 -21.86
N LYS E 797 57.85 -16.82 -21.56
CA LYS E 797 59.05 -16.25 -20.96
C LYS E 797 59.23 -16.81 -19.57
N ARG E 798 58.14 -17.05 -18.85
CA ARG E 798 58.34 -17.45 -17.47
C ARG E 798 58.88 -18.86 -17.35
N ALA E 799 58.74 -19.67 -18.39
CA ALA E 799 59.14 -21.07 -18.30
C ALA E 799 60.43 -21.37 -19.02
N GLY E 800 61.20 -20.36 -19.38
CA GLY E 800 62.48 -20.67 -19.97
C GLY E 800 62.46 -21.10 -21.41
N VAL E 801 61.36 -20.87 -22.13
CA VAL E 801 61.35 -21.21 -23.55
C VAL E 801 62.42 -20.34 -24.21
N THR E 802 63.02 -20.83 -25.30
CA THR E 802 64.12 -20.12 -25.95
C THR E 802 63.97 -19.84 -27.43
N CYS E 803 63.14 -20.58 -28.16
CA CYS E 803 63.13 -20.53 -29.62
C CYS E 803 61.70 -20.52 -30.17
N ILE E 804 60.85 -19.66 -29.60
CA ILE E 804 59.44 -19.64 -29.95
C ILE E 804 59.26 -19.45 -31.45
N VAL E 805 58.28 -20.14 -32.02
CA VAL E 805 57.99 -20.10 -33.46
C VAL E 805 56.52 -19.78 -33.64
N LEU E 806 56.24 -18.81 -34.50
CA LEU E 806 54.93 -18.17 -34.61
C LEU E 806 54.47 -18.05 -36.05
N PRO E 807 53.17 -17.87 -36.27
CA PRO E 807 52.69 -17.60 -37.63
C PRO E 807 53.32 -16.32 -38.15
N ALA E 808 53.67 -16.30 -39.42
CA ALA E 808 54.29 -15.09 -39.94
C ALA E 808 53.33 -13.92 -39.86
N GLU E 809 52.05 -14.18 -40.08
CA GLU E 809 51.07 -13.11 -40.13
C GLU E 809 51.00 -12.32 -38.86
N ASN E 810 51.25 -12.95 -37.73
CA ASN E 810 50.98 -12.29 -36.48
C ASN E 810 52.19 -11.49 -36.00
N LYS E 811 53.25 -11.39 -36.83
CA LYS E 811 54.46 -10.69 -36.41
C LYS E 811 54.21 -9.27 -35.99
N LYS E 812 53.19 -8.61 -36.57
CA LYS E 812 52.94 -7.20 -36.32
C LYS E 812 52.88 -6.89 -34.85
N ASP E 813 52.33 -7.81 -34.06
CA ASP E 813 52.14 -7.52 -32.67
C ASP E 813 53.36 -7.91 -31.86
N PHE E 814 54.03 -8.98 -32.25
CA PHE E 814 55.12 -9.46 -31.43
C PHE E 814 56.28 -8.48 -31.38
N TYR E 815 56.46 -7.69 -32.43
CA TYR E 815 57.50 -6.67 -32.43
C TYR E 815 57.02 -5.36 -31.84
N ASP E 816 55.76 -5.25 -31.45
CA ASP E 816 55.32 -4.08 -30.70
C ASP E 816 55.61 -4.22 -29.21
N LEU E 817 56.09 -5.37 -28.75
CA LEU E 817 56.30 -5.59 -27.33
C LEU E 817 57.48 -4.78 -26.81
N ALA E 818 57.43 -4.51 -25.51
CA ALA E 818 58.51 -3.79 -24.85
C ALA E 818 59.81 -4.59 -24.95
N ALA E 819 60.91 -3.85 -24.97
CA ALA E 819 62.21 -4.40 -25.40
C ALA E 819 62.67 -5.55 -24.53
N PHE E 820 62.30 -5.57 -23.25
CA PHE E 820 62.90 -6.60 -22.41
C PHE E 820 62.20 -7.93 -22.60
N ILE E 821 60.89 -7.93 -22.85
CA ILE E 821 60.15 -9.20 -22.97
C ILE E 821 60.73 -10.01 -24.11
N THR E 822 61.24 -9.34 -25.14
CA THR E 822 61.86 -10.01 -26.27
C THR E 822 63.21 -10.62 -25.93
N GLU E 823 63.82 -10.28 -24.79
CA GLU E 823 65.17 -10.75 -24.46
C GLU E 823 65.25 -12.27 -24.42
N GLY E 824 66.31 -12.79 -25.02
CA GLY E 824 66.56 -14.20 -25.02
C GLY E 824 65.84 -14.90 -26.15
N LEU E 825 64.52 -14.73 -26.20
CA LEU E 825 63.72 -15.41 -27.20
C LEU E 825 64.17 -14.97 -28.58
N GLU E 826 64.32 -15.93 -29.48
CA GLU E 826 64.74 -15.71 -30.85
C GLU E 826 63.60 -16.19 -31.74
N VAL E 827 62.62 -15.33 -32.00
CA VAL E 827 61.47 -15.77 -32.77
C VAL E 827 61.85 -16.08 -34.21
N HIS E 828 61.28 -17.16 -34.73
CA HIS E 828 61.36 -17.51 -36.14
C HIS E 828 59.96 -17.49 -36.70
N PHE E 829 59.61 -16.43 -37.39
CA PHE E 829 58.32 -16.35 -38.05
C PHE E 829 58.27 -17.28 -39.24
N VAL E 830 57.13 -17.95 -39.43
CA VAL E 830 56.90 -18.82 -40.57
C VAL E 830 55.41 -18.87 -40.84
N GLU E 831 55.07 -19.17 -42.09
CA GLU E 831 53.69 -19.22 -42.57
C GLU E 831 53.28 -20.54 -43.20
N HIS E 832 54.11 -21.14 -44.02
CA HIS E 832 53.79 -22.39 -44.68
C HIS E 832 54.39 -23.47 -43.83
N TYR E 833 53.60 -24.48 -43.47
CA TYR E 833 54.05 -25.41 -42.44
C TYR E 833 55.31 -26.13 -42.86
N ARG E 834 55.59 -26.24 -44.17
CA ARG E 834 56.75 -26.96 -44.65
C ARG E 834 58.04 -26.36 -44.08
N GLU E 835 57.99 -25.11 -43.67
CA GLU E 835 59.14 -24.44 -43.13
C GLU E 835 59.46 -24.96 -41.74
N ILE E 836 58.44 -25.14 -40.91
CA ILE E 836 58.66 -25.51 -39.51
C ILE E 836 59.39 -26.83 -39.39
N PHE E 837 59.16 -27.75 -40.31
CA PHE E 837 59.83 -29.05 -40.26
C PHE E 837 61.33 -28.90 -40.41
N ASP E 838 61.79 -27.78 -40.95
CA ASP E 838 63.22 -27.61 -41.07
C ASP E 838 63.86 -27.30 -39.73
N ILE E 839 63.32 -26.31 -39.00
CA ILE E 839 63.99 -25.95 -37.75
C ILE E 839 63.75 -26.98 -36.65
N ALA E 840 62.55 -27.56 -36.60
CA ALA E 840 62.24 -28.44 -35.50
C ALA E 840 63.11 -29.68 -35.51
N PHE E 841 63.50 -30.12 -36.70
CA PHE E 841 64.35 -31.28 -36.94
C PHE E 841 65.45 -30.86 -37.91
N PRO E 842 66.45 -30.11 -37.45
CA PRO E 842 67.50 -29.60 -38.33
C PRO E 842 68.23 -30.70 -39.09
N HIS F 17 -20.57 89.82 55.25
CA HIS F 17 -19.93 89.69 56.55
C HIS F 17 -19.77 88.22 56.89
N LEU F 18 -18.89 87.54 56.17
CA LEU F 18 -18.71 86.12 56.34
C LEU F 18 -17.22 85.92 56.57
N PRO F 19 -16.82 84.92 57.36
CA PRO F 19 -15.39 84.74 57.60
C PRO F 19 -14.71 84.31 56.31
N LEU F 20 -13.41 84.56 56.24
CA LEU F 20 -12.66 84.19 55.06
C LEU F 20 -12.71 82.69 54.95
N ILE F 21 -12.98 82.22 53.74
CA ILE F 21 -13.24 80.82 53.55
C ILE F 21 -11.98 80.02 53.76
N ALA F 22 -12.17 78.82 54.27
CA ALA F 22 -11.12 77.83 54.45
C ALA F 22 -10.97 77.16 53.10
N ILE F 23 -9.91 77.53 52.38
CA ILE F 23 -9.67 76.88 51.11
C ILE F 23 -9.30 75.42 51.31
N THR F 24 -8.45 75.13 52.31
CA THR F 24 -7.99 73.79 52.69
C THR F 24 -7.67 72.94 51.45
N ARG F 25 -6.65 73.39 50.72
CA ARG F 25 -6.09 72.70 49.55
C ARG F 25 -7.14 72.44 48.46
N ASN F 26 -7.76 73.54 47.99
CA ASN F 26 -8.76 73.51 46.91
C ASN F 26 -8.56 74.77 46.07
N PRO F 27 -7.65 74.75 45.09
CA PRO F 27 -7.56 75.90 44.20
C PRO F 27 -8.82 76.02 43.35
N VAL F 28 -9.17 77.26 43.00
CA VAL F 28 -10.32 77.52 42.14
C VAL F 28 -9.94 78.56 41.10
N PHE F 29 -9.43 78.10 39.97
CA PHE F 29 -9.03 79.00 38.91
C PHE F 29 -10.25 79.72 38.34
N PRO F 30 -10.08 80.93 37.77
CA PRO F 30 -11.25 81.61 37.18
C PRO F 30 -11.88 80.78 36.06
N ARG F 31 -13.23 80.83 36.01
CA ARG F 31 -14.05 80.15 35.00
C ARG F 31 -13.73 78.65 34.94
N PHE F 32 -13.69 78.02 36.11
CA PHE F 32 -13.34 76.60 36.23
C PHE F 32 -14.11 75.98 37.39
N ILE F 33 -14.94 74.98 37.08
CA ILE F 33 -15.68 74.28 38.14
C ILE F 33 -14.69 73.60 39.08
N LYS F 34 -14.99 73.61 40.37
CA LYS F 34 -14.16 72.96 41.37
C LYS F 34 -15.06 72.56 42.54
N ILE F 35 -14.61 71.56 43.30
CA ILE F 35 -15.37 71.02 44.42
C ILE F 35 -14.60 71.30 45.70
N ILE F 36 -15.34 71.57 46.79
CA ILE F 36 -14.77 71.81 48.12
C ILE F 36 -15.49 70.89 49.09
N GLU F 37 -14.72 70.24 49.99
CA GLU F 37 -15.24 69.30 50.98
C GLU F 37 -14.57 69.47 52.35
N VAL F 38 -14.93 70.54 53.05
CA VAL F 38 -14.45 70.76 54.42
C VAL F 38 -15.15 69.77 55.36
N LYS F 39 -14.45 69.31 56.42
CA LYS F 39 -15.02 68.32 57.33
C LYS F 39 -15.93 68.91 58.41
N ASN F 40 -15.70 70.16 58.82
CA ASN F 40 -16.58 70.83 59.78
C ASN F 40 -17.97 71.06 59.19
N LYS F 41 -18.96 71.09 60.08
CA LYS F 41 -20.35 71.35 59.71
C LYS F 41 -20.80 72.80 59.93
N LYS F 42 -19.97 73.68 60.50
CA LYS F 42 -20.44 75.05 60.71
C LYS F 42 -20.71 75.76 59.38
N LEU F 43 -19.91 75.47 58.35
CA LEU F 43 -20.20 76.12 57.08
C LEU F 43 -21.51 75.60 56.53
N VAL F 44 -21.89 74.34 56.88
CA VAL F 44 -23.18 73.84 56.41
C VAL F 44 -24.29 74.70 57.00
N GLU F 45 -24.07 75.21 58.24
CA GLU F 45 -25.06 76.11 58.85
C GLU F 45 -25.17 77.37 58.01
N LEU F 46 -24.03 77.86 57.54
CA LEU F 46 -24.09 79.01 56.63
C LEU F 46 -24.77 78.65 55.31
N LEU F 47 -24.55 77.43 54.80
CA LEU F 47 -25.19 77.03 53.55
C LEU F 47 -26.70 76.94 53.70
N ARG F 48 -27.18 76.53 54.86
CA ARG F 48 -28.63 76.49 55.09
C ARG F 48 -29.18 77.89 55.33
N ARG F 49 -28.38 78.77 55.93
CA ARG F 49 -28.83 80.14 56.14
C ARG F 49 -28.98 80.90 54.83
N LYS F 50 -28.21 80.58 53.81
CA LYS F 50 -28.30 81.32 52.55
C LYS F 50 -29.46 80.89 51.67
N VAL F 51 -30.14 79.78 51.98
CA VAL F 51 -31.28 79.44 51.14
C VAL F 51 -32.37 80.50 51.30
N ARG F 52 -32.51 81.06 52.51
CA ARG F 52 -33.47 82.13 52.76
C ARG F 52 -32.93 83.49 52.31
N LEU F 53 -31.62 83.63 52.10
CA LEU F 53 -31.04 84.91 51.69
C LEU F 53 -31.43 85.21 50.25
N ALA F 54 -31.55 86.51 49.94
CA ALA F 54 -32.01 86.92 48.62
C ALA F 54 -31.06 86.49 47.52
N GLN F 55 -29.76 86.78 47.65
CA GLN F 55 -28.77 86.44 46.62
C GLN F 55 -27.84 85.34 47.12
N PRO F 56 -27.86 84.11 46.57
CA PRO F 56 -26.87 83.13 47.03
C PRO F 56 -25.56 83.29 46.27
N TYR F 57 -24.45 83.40 47.00
CA TYR F 57 -23.17 83.50 46.34
C TYR F 57 -22.14 83.07 47.37
N VAL F 58 -20.95 82.73 46.90
CA VAL F 58 -19.88 82.31 47.78
C VAL F 58 -18.56 82.73 47.16
N GLY F 59 -17.65 83.15 48.04
CA GLY F 59 -16.34 83.60 47.66
C GLY F 59 -15.28 82.54 47.81
N VAL F 60 -14.21 82.69 47.04
CA VAL F 60 -13.03 81.84 47.11
C VAL F 60 -11.86 82.80 47.19
N PHE F 61 -10.95 82.54 48.10
CA PHE F 61 -9.77 83.37 48.27
C PHE F 61 -8.60 82.42 48.25
N LEU F 62 -7.39 82.91 48.51
CA LEU F 62 -6.22 82.06 48.55
C LEU F 62 -5.42 82.28 49.82
N LYS F 63 -4.92 81.19 50.37
CA LYS F 63 -4.12 81.22 51.57
C LYS F 63 -2.69 81.62 51.26
N ARG F 64 -2.00 82.14 52.27
CA ARG F 64 -0.60 82.45 52.11
C ARG F 64 0.21 81.25 52.56
N ASP F 65 1.49 81.23 52.18
CA ASP F 65 2.35 80.07 52.41
C ASP F 65 2.59 79.85 53.91
N ASP F 66 2.74 78.56 54.26
CA ASP F 66 2.76 77.96 55.61
C ASP F 66 1.38 77.96 56.26
N SER F 67 0.53 77.08 55.73
CA SER F 67 -0.88 76.93 56.06
C SER F 67 -1.10 76.26 57.43
N ASN F 68 -2.17 76.66 58.12
CA ASN F 68 -2.49 76.20 59.48
C ASN F 68 -3.99 76.31 59.70
N GLU F 69 -4.68 75.17 59.90
CA GLU F 69 -6.13 75.20 60.14
C GLU F 69 -6.49 75.93 61.42
N SER F 70 -5.64 75.84 62.45
CA SER F 70 -5.98 76.57 63.67
C SER F 70 -5.91 78.06 63.40
N ASP F 71 -5.02 78.47 62.48
CA ASP F 71 -5.00 79.87 62.13
C ASP F 71 -6.20 80.20 61.25
N VAL F 72 -6.80 79.19 60.59
CA VAL F 72 -7.96 79.46 59.74
C VAL F 72 -9.14 79.86 60.61
N VAL F 73 -9.39 79.09 61.68
CA VAL F 73 -10.52 79.42 62.56
C VAL F 73 -10.20 80.49 63.59
N GLU F 74 -8.93 80.88 63.77
CA GLU F 74 -8.54 81.90 64.75
C GLU F 74 -8.36 83.30 64.14
N SER F 75 -7.40 83.45 63.22
CA SER F 75 -7.12 84.69 62.50
C SER F 75 -7.52 84.61 61.04
N LEU F 76 -7.69 85.80 60.46
CA LEU F 76 -8.06 85.99 59.07
C LEU F 76 -6.94 86.51 58.17
N ASP F 77 -5.74 86.78 58.70
CA ASP F 77 -4.68 87.42 57.89
C ASP F 77 -3.82 86.45 57.06
N GLU F 78 -3.97 85.14 57.24
CA GLU F 78 -3.28 84.19 56.38
C GLU F 78 -3.74 84.33 54.94
N ILE F 79 -5.06 84.45 54.76
CA ILE F 79 -5.70 84.52 53.45
C ILE F 79 -5.29 85.77 52.69
N TYR F 80 -5.13 85.62 51.37
CA TYR F 80 -4.80 86.74 50.52
C TYR F 80 -6.01 87.65 50.36
N HIS F 81 -5.70 88.90 50.05
CA HIS F 81 -6.71 89.93 49.85
C HIS F 81 -7.61 89.63 48.65
N THR F 82 -7.10 88.94 47.63
CA THR F 82 -7.92 88.56 46.48
C THR F 82 -9.02 87.58 46.85
N GLY F 83 -10.16 87.73 46.17
CA GLY F 83 -11.30 86.85 46.33
C GLY F 83 -12.00 86.68 45.00
N THR F 84 -12.77 85.59 44.92
CA THR F 84 -13.48 85.20 43.71
C THR F 84 -14.92 84.88 44.09
N PHE F 85 -15.79 85.88 44.03
CA PHE F 85 -17.21 85.71 44.30
C PHE F 85 -17.93 85.04 43.12
N ALA F 86 -18.98 84.29 43.41
CA ALA F 86 -19.72 83.62 42.33
C ALA F 86 -21.04 83.15 42.90
N GLN F 87 -21.96 82.74 42.02
CA GLN F 87 -23.24 82.21 42.48
C GLN F 87 -23.16 80.71 42.70
N ILE F 88 -23.90 80.25 43.69
CA ILE F 88 -23.98 78.84 43.99
C ILE F 88 -24.88 78.14 42.97
N HIS F 89 -24.58 76.87 42.71
CA HIS F 89 -25.35 76.05 41.78
C HIS F 89 -26.37 75.19 42.51
N GLU F 90 -25.93 74.08 43.08
CA GLU F 90 -26.83 73.14 43.75
C GLU F 90 -26.00 72.28 44.68
N MET F 91 -26.54 72.01 45.86
CA MET F 91 -25.91 71.08 46.79
C MET F 91 -26.15 69.64 46.36
N GLN F 92 -25.23 68.75 46.75
CA GLN F 92 -25.32 67.33 46.42
C GLN F 92 -25.17 66.48 47.68
N ASP F 93 -24.01 66.56 48.33
CA ASP F 93 -23.73 65.79 49.56
C ASP F 93 -23.90 64.28 49.36
N LEU F 94 -23.09 63.72 48.45
CA LEU F 94 -23.15 62.28 48.18
C LEU F 94 -22.56 61.48 49.34
N GLY F 95 -21.35 61.82 49.78
CA GLY F 95 -20.68 61.13 50.88
C GLY F 95 -20.53 61.96 52.12
N ASP F 96 -19.85 63.10 52.01
CA ASP F 96 -19.76 64.06 53.10
C ASP F 96 -21.03 64.90 53.16
N LYS F 97 -21.21 65.57 54.29
CA LYS F 97 -22.36 66.45 54.45
C LYS F 97 -22.08 67.85 53.90
N LEU F 98 -20.91 68.07 53.29
CA LEU F 98 -20.48 69.36 52.78
C LEU F 98 -19.65 69.14 51.51
N ARG F 99 -20.32 69.03 50.38
CA ARG F 99 -19.67 68.85 49.07
C ARG F 99 -20.15 69.98 48.19
N MET F 100 -19.73 71.22 48.50
CA MET F 100 -20.26 72.33 47.73
C MET F 100 -19.37 72.60 46.51
N ILE F 101 -20.00 73.13 45.46
CA ILE F 101 -19.35 73.41 44.19
C ILE F 101 -19.05 74.90 44.08
N VAL F 102 -17.88 75.21 43.55
CA VAL F 102 -17.37 76.55 43.35
C VAL F 102 -17.10 76.76 41.85
N MET F 103 -16.99 78.04 41.50
CA MET F 103 -16.72 78.55 40.17
C MET F 103 -15.97 79.87 40.34
N GLY F 104 -15.29 80.27 39.27
CA GLY F 104 -14.72 81.58 39.19
C GLY F 104 -15.53 82.38 38.21
N HIS F 105 -16.36 83.27 38.75
CA HIS F 105 -17.31 84.07 37.99
C HIS F 105 -16.97 85.56 38.08
N ARG F 106 -16.95 86.11 39.30
CA ARG F 106 -16.68 87.52 39.58
C ARG F 106 -15.37 87.60 40.38
N ARG F 107 -14.28 88.03 39.74
CA ARG F 107 -13.05 88.27 40.50
C ARG F 107 -13.15 89.59 41.25
N VAL F 108 -12.43 89.65 42.38
CA VAL F 108 -12.40 90.83 43.23
C VAL F 108 -11.08 90.84 44.00
N HIS F 109 -10.64 92.04 44.36
CA HIS F 109 -9.43 92.25 45.17
C HIS F 109 -9.88 93.22 46.25
N ILE F 110 -10.13 92.66 47.44
CA ILE F 110 -10.54 93.49 48.56
C ILE F 110 -9.39 94.39 48.99
N SER F 111 -9.70 95.65 49.31
CA SER F 111 -8.67 96.58 49.76
C SER F 111 -8.06 96.15 51.09
N ARG F 112 -8.86 95.53 51.94
CA ARG F 112 -8.41 95.10 53.26
C ARG F 112 -9.38 93.97 53.62
N GLN F 113 -8.90 92.74 53.49
CA GLN F 113 -9.71 91.59 53.89
C GLN F 113 -10.02 91.60 55.38
N LEU F 114 -9.14 92.21 56.19
CA LEU F 114 -9.42 92.30 57.62
C LEU F 114 -10.68 93.12 57.86
N GLU F 115 -10.88 94.16 57.06
CA GLU F 115 -12.04 95.02 57.18
C GLU F 115 -13.20 94.38 56.45
N MET F 166 -17.77 93.11 54.42
CA MET F 166 -16.44 93.57 54.05
C MET F 166 -16.48 94.33 52.74
N VAL F 167 -15.77 95.46 52.70
CA VAL F 167 -15.78 96.33 51.53
C VAL F 167 -15.23 95.58 50.33
N GLU F 168 -15.80 95.83 49.15
CA GLU F 168 -15.35 95.15 47.95
C GLU F 168 -15.66 96.02 46.74
N VAL F 169 -14.90 95.81 45.66
CA VAL F 169 -15.07 96.57 44.43
C VAL F 169 -14.61 95.70 43.26
N GLU F 170 -15.26 95.88 42.12
CA GLU F 170 -14.93 95.12 40.90
C GLU F 170 -13.74 95.76 40.19
N ASN F 171 -12.57 95.65 40.83
CA ASN F 171 -11.31 96.14 40.27
C ASN F 171 -10.70 95.05 39.36
N VAL F 172 -11.51 94.65 38.39
CA VAL F 172 -11.21 93.63 37.39
C VAL F 172 -10.41 94.33 36.29
N VAL F 173 -9.12 94.60 36.53
CA VAL F 173 -8.36 95.30 35.51
C VAL F 173 -8.30 94.47 34.23
N HIS F 174 -8.53 95.14 33.11
CA HIS F 174 -8.48 94.58 31.77
C HIS F 174 -8.03 95.64 30.76
N GLU F 175 -6.92 96.34 31.06
CA GLU F 175 -6.45 97.31 30.08
C GLU F 175 -6.11 96.54 28.82
N ASP F 176 -6.34 97.15 27.68
CA ASP F 176 -6.04 96.52 26.40
C ASP F 176 -5.78 97.64 25.42
N PHE F 177 -4.84 97.42 24.52
CA PHE F 177 -4.49 98.47 23.60
C PHE F 177 -5.70 98.66 22.70
N GLN F 178 -5.93 99.90 22.26
CA GLN F 178 -7.10 100.15 21.42
C GLN F 178 -7.01 99.34 20.13
N VAL F 179 -5.80 99.19 19.62
CA VAL F 179 -5.52 98.41 18.43
C VAL F 179 -5.53 96.96 18.91
N THR F 180 -6.35 96.12 18.27
CA THR F 180 -6.60 94.74 18.72
C THR F 180 -6.34 93.76 17.58
N GLU F 181 -5.08 93.78 17.11
CA GLU F 181 -4.64 92.97 15.98
C GLU F 181 -3.51 92.05 16.44
N GLU F 182 -2.33 92.58 16.79
CA GLU F 182 -1.27 91.70 17.26
C GLU F 182 -1.48 91.24 18.69
N VAL F 183 -2.38 91.86 19.44
CA VAL F 183 -2.56 91.42 20.81
C VAL F 183 -3.34 90.11 20.85
N LYS F 184 -4.15 89.82 19.82
CA LYS F 184 -4.77 88.50 19.77
C LYS F 184 -3.81 87.45 19.23
N ALA F 185 -2.68 87.84 18.62
CA ALA F 185 -1.75 86.85 18.09
C ALA F 185 -1.24 85.98 19.25
N LEU F 186 -1.15 86.59 20.44
CA LEU F 186 -0.68 85.86 21.58
C LEU F 186 -1.71 84.82 21.96
N THR F 187 -3.01 85.07 21.73
CA THR F 187 -3.99 84.06 22.11
C THR F 187 -3.73 82.80 21.30
N ALA F 188 -3.38 82.99 20.02
CA ALA F 188 -3.10 81.86 19.15
C ALA F 188 -1.87 81.10 19.64
N GLU F 189 -0.85 81.84 20.07
CA GLU F 189 0.30 81.16 20.66
C GLU F 189 -0.05 80.48 21.98
N ILE F 190 -0.82 81.15 22.84
CA ILE F 190 -1.20 80.58 24.13
C ILE F 190 -1.95 79.27 23.94
N VAL F 191 -2.90 79.24 23.00
CA VAL F 191 -3.59 77.98 22.74
C VAL F 191 -2.61 76.96 22.15
N LYS F 192 -1.61 77.40 21.38
CA LYS F 192 -0.63 76.44 20.89
C LYS F 192 0.17 75.81 22.04
N THR F 193 0.44 76.59 23.09
CA THR F 193 1.02 76.03 24.31
C THR F 193 0.04 75.10 25.01
N ILE F 194 -1.21 75.51 25.15
CA ILE F 194 -2.21 74.68 25.83
C ILE F 194 -2.35 73.34 25.10
N ARG F 195 -2.26 73.38 23.77
CA ARG F 195 -2.28 72.17 22.95
C ARG F 195 -1.04 71.32 23.12
N ASP F 196 0.15 71.93 23.28
CA ASP F 196 1.33 71.11 23.55
C ASP F 196 1.38 70.57 24.96
N ILE F 197 0.72 71.22 25.92
CA ILE F 197 0.69 70.68 27.27
C ILE F 197 -0.30 69.53 27.33
N ILE F 198 -1.47 69.66 26.71
CA ILE F 198 -2.43 68.55 26.77
C ILE F 198 -2.03 67.43 25.81
N ALA F 199 -1.20 67.71 24.79
CA ALA F 199 -0.77 66.66 23.88
C ALA F 199 0.40 65.86 24.44
N LEU F 200 1.44 66.55 24.93
CA LEU F 200 2.55 65.81 25.51
C LEU F 200 2.29 65.37 26.95
N ASN F 201 1.44 66.07 27.69
CA ASN F 201 1.03 65.72 29.05
C ASN F 201 -0.48 65.87 29.18
N PRO F 202 -1.27 64.97 28.59
CA PRO F 202 -2.73 65.12 28.73
C PRO F 202 -3.19 65.05 30.18
N LEU F 203 -4.15 65.92 30.50
CA LEU F 203 -4.76 65.97 31.83
C LEU F 203 -6.28 66.03 31.74
N TYR F 204 -6.82 67.02 31.02
CA TYR F 204 -8.26 67.17 30.83
C TYR F 204 -8.62 67.00 29.36
N ARG F 205 -9.92 66.87 29.12
CA ARG F 205 -10.43 66.70 27.77
C ARG F 205 -10.18 67.92 26.90
N GLU F 206 -9.93 67.66 25.61
CA GLU F 206 -9.72 68.71 24.62
C GLU F 206 -11.03 69.22 24.02
N SER F 207 -12.17 68.62 24.37
CA SER F 207 -13.45 69.03 23.79
C SER F 207 -13.83 70.45 24.20
N VAL F 208 -13.44 70.88 25.40
CA VAL F 208 -13.76 72.25 25.79
C VAL F 208 -12.99 73.23 24.91
N LEU F 209 -11.76 72.90 24.53
CA LEU F 209 -11.01 73.76 23.63
C LEU F 209 -11.66 73.81 22.25
N GLN F 210 -12.25 72.70 21.80
CA GLN F 210 -12.98 72.70 20.53
C GLN F 210 -14.28 73.48 20.64
N MET F 211 -14.84 73.60 21.85
CA MET F 211 -16.10 74.34 21.99
C MET F 211 -15.86 75.83 21.82
N MET F 212 -14.81 76.36 22.43
CA MET F 212 -14.51 77.79 22.45
C MET F 212 -13.27 77.97 21.59
N GLN F 213 -13.50 78.01 20.29
CA GLN F 213 -12.47 78.19 19.27
C GLN F 213 -12.42 79.67 18.91
N ALA F 214 -11.25 80.13 18.44
CA ALA F 214 -11.16 81.53 18.06
C ALA F 214 -11.96 81.87 16.80
N GLY F 215 -12.24 80.90 15.92
CA GLY F 215 -13.01 81.14 14.72
C GLY F 215 -14.53 81.08 14.88
N GLN F 216 -15.01 80.72 16.07
CA GLN F 216 -16.43 80.72 16.40
C GLN F 216 -16.93 82.10 16.83
N ARG F 217 -16.02 83.08 16.99
CA ARG F 217 -16.29 84.44 17.50
C ARG F 217 -17.10 84.41 18.80
N VAL F 218 -16.92 83.37 19.60
CA VAL F 218 -17.60 83.23 20.89
C VAL F 218 -16.76 83.73 22.06
N VAL F 219 -15.50 84.10 21.84
CA VAL F 219 -14.64 84.52 22.94
C VAL F 219 -14.87 86.01 23.16
N ASP F 220 -16.02 86.38 23.74
CA ASP F 220 -16.23 87.78 24.09
C ASP F 220 -15.25 88.29 25.15
N ASN F 221 -14.62 87.37 25.90
CA ASN F 221 -13.62 87.69 26.93
C ASN F 221 -12.37 86.84 26.76
N PRO F 222 -11.36 87.30 26.00
CA PRO F 222 -10.13 86.49 25.89
C PRO F 222 -9.33 86.42 27.18
N ILE F 223 -9.46 87.38 28.10
CA ILE F 223 -8.71 87.29 29.36
C ILE F 223 -9.24 86.14 30.18
N TYR F 224 -10.55 85.91 30.14
CA TYR F 224 -11.09 84.76 30.84
C TYR F 224 -10.57 83.48 30.19
N LEU F 225 -10.49 83.47 28.86
CA LEU F 225 -9.99 82.27 28.19
C LEU F 225 -8.52 82.03 28.52
N SER F 226 -7.73 83.10 28.70
CA SER F 226 -6.32 82.94 29.07
C SER F 226 -6.20 82.45 30.50
N ASP F 227 -7.12 82.87 31.38
CA ASP F 227 -7.12 82.39 32.75
C ASP F 227 -7.52 80.92 32.80
N MET F 228 -8.48 80.55 31.95
CA MET F 228 -8.85 79.13 31.80
C MET F 228 -7.69 78.33 31.23
N GLY F 229 -6.89 78.96 30.38
CA GLY F 229 -5.71 78.29 29.83
C GLY F 229 -4.57 78.23 30.82
N ALA F 230 -4.53 79.17 31.74
CA ALA F 230 -3.59 79.18 32.84
C ALA F 230 -4.04 78.28 33.99
N ALA F 231 -5.30 77.81 33.98
CA ALA F 231 -5.76 76.90 35.01
C ALA F 231 -5.15 75.51 34.90
N LEU F 232 -4.83 75.07 33.68
CA LEU F 232 -4.20 73.77 33.53
C LEU F 232 -2.81 73.72 34.18
N THR F 233 -2.16 74.87 34.36
CA THR F 233 -0.81 74.92 34.92
C THR F 233 -0.71 74.39 36.34
N GLY F 234 0.40 73.70 36.61
CA GLY F 234 0.81 73.20 37.90
C GLY F 234 1.57 74.20 38.73
N ALA F 235 1.71 75.46 38.26
CA ALA F 235 2.49 76.48 38.93
C ALA F 235 1.90 76.78 40.30
N GLU F 236 2.77 77.23 41.22
CA GLU F 236 2.36 77.40 42.61
C GLU F 236 1.22 78.41 42.69
N SER F 237 0.35 78.20 43.68
CA SER F 237 -0.77 79.12 43.88
C SER F 237 -0.29 80.56 44.12
N HIS F 238 0.86 80.71 44.80
CA HIS F 238 1.41 82.05 45.02
C HIS F 238 1.89 82.61 43.70
N GLU F 239 2.43 81.75 42.82
CA GLU F 239 2.77 82.20 41.47
C GLU F 239 1.54 82.68 40.73
N LEU F 240 0.37 82.08 40.99
CA LEU F 240 -0.84 82.62 40.40
C LEU F 240 -1.09 84.00 40.99
N GLN F 241 -0.86 84.13 42.30
CA GLN F 241 -1.06 85.39 42.99
C GLN F 241 -0.11 86.45 42.42
N ASP F 242 1.15 86.07 42.17
CA ASP F 242 2.13 86.99 41.61
C ASP F 242 1.74 87.37 40.20
N VAL F 243 1.15 86.44 39.44
CA VAL F 243 0.66 86.80 38.12
C VAL F 243 -0.45 87.84 38.28
N LEU F 244 -1.24 87.70 39.36
CA LEU F 244 -2.26 88.68 39.71
C LEU F 244 -1.65 89.97 40.27
N GLU F 245 -0.43 89.92 40.83
CA GLU F 245 0.21 91.14 41.32
C GLU F 245 0.53 92.06 40.15
N GLU F 246 0.82 91.48 39.00
CA GLU F 246 1.13 92.25 37.82
C GLU F 246 -0.19 92.90 37.45
N THR F 247 -0.16 94.08 36.85
CA THR F 247 -1.40 94.76 36.46
C THR F 247 -1.60 94.78 34.95
N ASN F 248 -0.62 95.25 34.19
CA ASN F 248 -0.78 95.28 32.74
C ASN F 248 -0.94 93.86 32.23
N ILE F 249 -1.67 93.72 31.13
CA ILE F 249 -1.96 92.41 30.53
C ILE F 249 -0.71 91.79 29.91
N PRO F 250 0.11 92.46 29.07
CA PRO F 250 1.31 91.77 28.56
C PRO F 250 2.25 91.32 29.67
N LYS F 251 2.35 92.07 30.77
CA LYS F 251 3.19 91.65 31.88
C LYS F 251 2.70 90.33 32.47
N ARG F 252 1.43 90.26 32.91
CA ARG F 252 0.93 89.02 33.53
C ARG F 252 0.98 87.87 32.53
N LEU F 253 0.71 88.16 31.26
CA LEU F 253 0.82 87.13 30.23
C LEU F 253 2.25 86.65 30.11
N TYR F 254 3.22 87.55 30.19
CA TYR F 254 4.60 87.09 30.09
C TYR F 254 4.96 86.25 31.30
N LYS F 255 4.54 86.66 32.48
CA LYS F 255 4.87 85.85 33.65
C LYS F 255 4.20 84.47 33.55
N ALA F 256 2.98 84.42 32.99
CA ALA F 256 2.29 83.16 32.80
C ALA F 256 2.98 82.29 31.76
N LEU F 257 3.45 82.91 30.69
CA LEU F 257 4.24 82.21 29.69
C LEU F 257 5.54 81.74 30.29
N SER F 258 6.16 82.58 31.12
CA SER F 258 7.42 82.22 31.78
C SER F 258 7.21 81.05 32.71
N LEU F 259 6.07 81.02 33.38
CA LEU F 259 5.74 79.89 34.21
C LEU F 259 5.50 78.66 33.36
N LEU F 260 4.88 78.85 32.20
CA LEU F 260 4.68 77.73 31.28
C LEU F 260 6.00 77.20 30.76
N LYS F 261 6.96 78.10 30.51
CA LYS F 261 8.28 77.69 30.03
C LYS F 261 9.06 76.94 31.09
N LYS F 262 9.22 77.53 32.28
CA LYS F 262 10.03 76.89 33.32
C LYS F 262 9.41 75.56 33.76
N GLU F 263 8.08 75.50 33.79
CA GLU F 263 7.43 74.27 34.19
C GLU F 263 7.53 73.22 33.10
N PHE F 264 7.29 73.62 31.83
CA PHE F 264 7.44 72.67 30.74
C PHE F 264 8.86 72.16 30.62
N GLU F 265 9.86 72.98 30.92
CA GLU F 265 11.23 72.49 30.88
C GLU F 265 11.50 71.49 32.00
N LEU F 266 10.96 71.73 33.20
CA LEU F 266 11.14 70.76 34.27
C LEU F 266 10.43 69.45 33.94
N SER F 267 9.20 69.55 33.43
CA SER F 267 8.45 68.36 33.02
C SER F 267 9.15 67.65 31.89
N LYS F 268 9.81 68.39 31.00
CA LYS F 268 10.50 67.77 29.89
C LYS F 268 11.68 66.96 30.42
N LEU F 269 12.44 67.53 31.36
CA LEU F 269 13.54 66.78 31.95
C LEU F 269 13.03 65.57 32.72
N GLN F 270 11.89 65.70 33.40
CA GLN F 270 11.38 64.56 34.16
C GLN F 270 10.87 63.46 33.24
N GLN F 271 10.14 63.84 32.18
CA GLN F 271 9.65 62.87 31.21
C GLN F 271 10.79 62.20 30.46
N ARG F 272 11.84 62.96 30.14
CA ARG F 272 12.96 62.39 29.42
C ARG F 272 13.81 61.49 30.31
N LEU F 273 14.10 61.93 31.53
CA LEU F 273 14.82 61.08 32.47
C LEU F 273 14.06 59.79 32.72
N GLY F 274 12.72 59.88 32.86
CA GLY F 274 11.95 58.69 33.07
C GLY F 274 11.95 57.81 31.85
N ARG F 275 11.91 58.40 30.66
CA ARG F 275 11.95 57.61 29.45
C ARG F 275 13.30 56.92 29.27
N GLU F 276 14.39 57.65 29.53
CA GLU F 276 15.72 57.06 29.44
C GLU F 276 15.88 55.89 30.40
N VAL F 277 15.24 55.94 31.56
CA VAL F 277 15.50 54.90 32.56
C VAL F 277 14.55 53.73 32.31
N GLU F 278 13.32 54.02 31.91
CA GLU F 278 12.44 52.96 31.45
C GLU F 278 13.05 52.23 30.25
N GLU F 279 13.87 52.94 29.45
CA GLU F 279 14.70 52.29 28.43
C GLU F 279 15.83 51.50 29.09
N LYS F 280 16.36 51.99 30.22
CA LYS F 280 17.44 51.28 30.93
C LYS F 280 16.90 50.03 31.61
N ILE F 281 15.58 49.88 31.68
CA ILE F 281 14.95 48.61 32.00
C ILE F 281 14.51 47.88 30.72
N LYS F 282 14.27 48.61 29.61
CA LYS F 282 14.01 47.94 28.33
C LYS F 282 15.25 47.22 27.82
N GLN F 283 16.44 47.60 28.28
CA GLN F 283 17.68 46.90 27.95
C GLN F 283 17.63 45.43 28.36
N THR F 284 16.76 45.07 29.32
CA THR F 284 16.55 43.70 29.72
C THR F 284 16.18 42.89 28.48
N HIS F 285 16.79 41.72 28.37
CA HIS F 285 16.76 40.95 27.14
C HIS F 285 15.36 40.44 26.85
N ARG F 286 15.11 40.22 25.56
CA ARG F 286 13.89 39.56 25.15
C ARG F 286 13.84 38.10 25.53
N LYS F 287 14.99 37.45 25.78
CA LYS F 287 14.95 36.09 26.30
C LYS F 287 14.22 36.04 27.63
N TYR F 288 14.45 37.05 28.49
CA TYR F 288 13.79 37.07 29.79
C TYR F 288 12.27 37.18 29.61
N LEU F 289 11.84 37.94 28.60
CA LEU F 289 10.42 38.04 28.31
C LEU F 289 9.90 36.67 27.88
N LEU F 290 10.66 35.96 27.03
CA LEU F 290 10.22 34.63 26.64
C LEU F 290 10.24 33.69 27.83
N GLN F 291 11.12 33.92 28.80
CA GLN F 291 11.10 33.16 30.04
C GLN F 291 9.85 33.47 30.87
N GLU F 292 9.46 34.74 30.93
CA GLU F 292 8.25 35.10 31.65
C GLU F 292 7.05 34.41 31.03
N GLN F 293 6.92 34.53 29.71
CA GLN F 293 5.87 33.81 29.01
C GLN F 293 6.01 32.32 29.21
N LEU F 294 7.24 31.81 29.31
CA LEU F 294 7.45 30.40 29.59
C LEU F 294 6.84 30.06 30.95
N LYS F 295 7.10 30.89 31.97
CA LYS F 295 6.52 30.62 33.27
C LYS F 295 5.01 30.65 33.18
N ILE F 296 4.48 31.58 32.38
CA ILE F 296 3.04 31.66 32.17
C ILE F 296 2.55 30.37 31.54
N ILE F 297 3.32 29.82 30.58
CA ILE F 297 3.04 28.52 29.97
C ILE F 297 2.94 27.45 31.05
N LYS F 298 3.70 27.63 32.14
CA LYS F 298 3.59 26.69 33.25
C LYS F 298 2.38 26.95 34.13
N LYS F 299 1.84 28.18 34.16
CA LYS F 299 0.81 28.59 35.12
C LYS F 299 -0.57 28.56 34.51
N GLU F 300 -1.25 27.44 34.64
CA GLU F 300 -2.60 27.24 34.11
C GLU F 300 -3.30 26.33 35.13
N LEU F 301 -4.33 25.60 34.69
CA LEU F 301 -5.07 24.70 35.57
C LEU F 301 -4.24 23.50 36.01
N GLY F 302 -3.46 22.91 35.10
CA GLY F 302 -2.74 21.69 35.42
C GLY F 302 -1.29 22.01 35.66
N LEU F 303 -1.09 23.16 36.28
CA LEU F 303 0.20 23.82 36.41
C LEU F 303 1.18 23.02 37.27
N GLU F 304 2.29 22.60 36.65
CA GLU F 304 3.50 22.03 37.26
C GLU F 304 3.20 20.92 38.30
N LYS F 305 2.72 19.80 37.78
CA LYS F 305 2.44 18.67 38.66
C LYS F 305 3.72 18.04 39.20
N ASP F 306 3.62 17.50 40.42
CA ASP F 306 4.76 16.91 41.12
C ASP F 306 5.31 15.64 40.45
N ASP F 307 4.46 14.92 39.71
CA ASP F 307 4.89 13.70 39.03
C ASP F 307 6.00 13.98 38.02
N LYS F 308 5.78 15.00 37.19
CA LYS F 308 6.69 15.32 36.11
C LYS F 308 8.08 15.60 36.65
N ASP F 309 8.15 16.33 37.75
CA ASP F 309 9.44 16.63 38.35
C ASP F 309 10.02 15.42 39.05
N ALA F 310 9.17 14.58 39.64
CA ALA F 310 9.65 13.36 40.28
C ALA F 310 10.32 12.43 39.29
N ILE F 311 9.89 12.44 38.03
CA ILE F 311 10.54 11.63 37.00
C ILE F 311 11.72 12.38 36.36
N GLU F 312 11.59 13.70 36.20
CA GLU F 312 12.66 14.48 35.61
C GLU F 312 13.91 14.47 36.46
N GLU F 313 13.74 14.52 37.78
CA GLU F 313 14.90 14.42 38.64
C GLU F 313 15.59 13.08 38.46
N LYS F 314 14.81 11.99 38.30
CA LYS F 314 15.41 10.68 38.07
C LYS F 314 16.24 10.69 36.80
N PHE F 315 15.69 11.25 35.72
CA PHE F 315 16.48 11.35 34.51
C PHE F 315 17.73 12.20 34.73
N ARG F 316 17.62 13.24 35.57
CA ARG F 316 18.79 14.05 35.84
C ARG F 316 19.87 13.27 36.55
N GLU F 317 19.53 12.57 37.66
CA GLU F 317 20.60 11.86 38.36
C GLU F 317 21.18 10.78 37.47
N ARG F 318 20.32 10.13 36.67
CA ARG F 318 20.87 9.11 35.79
C ARG F 318 21.77 9.71 34.74
N LEU F 319 21.47 10.91 34.26
CA LEU F 319 22.31 11.52 33.25
C LEU F 319 23.52 12.26 33.82
N LYS F 320 23.50 12.60 35.12
CA LYS F 320 24.35 13.66 35.63
C LYS F 320 25.83 13.35 35.53
N GLU F 321 26.20 12.09 35.70
CA GLU F 321 27.57 11.71 35.95
C GLU F 321 28.38 11.40 34.69
N LEU F 322 27.72 11.10 33.59
CA LEU F 322 28.41 10.74 32.37
C LEU F 322 29.02 11.97 31.73
N VAL F 323 30.13 11.76 31.01
CA VAL F 323 30.75 12.88 30.30
C VAL F 323 29.95 12.99 29.00
N VAL F 324 28.77 13.59 29.13
CA VAL F 324 27.74 13.57 28.11
C VAL F 324 28.15 14.37 26.87
N PRO F 325 27.74 13.99 25.67
CA PRO F 325 27.89 14.92 24.54
C PRO F 325 27.01 16.14 24.74
N LYS F 326 27.52 17.28 24.29
CA LYS F 326 26.72 18.49 24.27
C LYS F 326 25.62 18.39 23.23
N HIS F 327 25.84 17.59 22.18
CA HIS F 327 24.86 17.47 21.11
C HIS F 327 23.57 16.87 21.64
N VAL F 328 23.63 16.06 22.70
CA VAL F 328 22.42 15.44 23.26
C VAL F 328 21.79 16.35 24.32
N MET F 329 22.61 17.15 25.03
CA MET F 329 22.07 17.94 26.15
C MET F 329 21.02 18.93 25.70
N ASP F 330 21.14 19.47 24.49
CA ASP F 330 20.10 20.31 23.96
C ASP F 330 18.77 19.59 23.96
N VAL F 331 18.75 18.37 23.41
CA VAL F 331 17.49 17.65 23.27
C VAL F 331 16.97 17.25 24.64
N VAL F 332 17.85 16.75 25.52
CA VAL F 332 17.37 16.27 26.81
C VAL F 332 16.77 17.42 27.60
N ASP F 333 17.38 18.60 27.53
CA ASP F 333 16.90 19.70 28.34
C ASP F 333 15.62 20.28 27.77
N GLU F 334 15.55 20.45 26.45
CA GLU F 334 14.32 20.99 25.89
C GLU F 334 13.18 20.00 26.10
N GLU F 335 13.46 18.70 25.96
CA GLU F 335 12.43 17.73 26.25
C GLU F 335 12.11 17.66 27.73
N LEU F 336 13.07 17.98 28.59
CA LEU F 336 12.75 18.07 30.01
C LEU F 336 11.72 19.16 30.25
N SER F 337 11.89 20.30 29.61
CA SER F 337 10.88 21.34 29.75
C SER F 337 9.55 20.93 29.11
N LYS F 338 9.62 20.26 27.96
CA LYS F 338 8.40 19.81 27.28
C LYS F 338 7.65 18.80 28.11
N LEU F 339 8.40 17.91 28.74
CA LEU F 339 7.85 16.93 29.64
C LEU F 339 7.30 17.59 30.89
N GLY F 340 7.90 18.70 31.31
CA GLY F 340 7.36 19.41 32.45
C GLY F 340 6.07 20.11 32.10
N LEU F 341 5.86 20.43 30.81
CA LEU F 341 4.60 21.04 30.43
C LEU F 341 3.49 19.99 30.28
N LEU F 342 3.77 18.87 29.62
CA LEU F 342 2.70 17.95 29.28
C LEU F 342 2.25 17.21 30.53
N ASP F 343 0.98 16.82 30.56
CA ASP F 343 0.47 16.04 31.67
C ASP F 343 0.89 14.58 31.54
N ASN F 344 0.98 13.91 32.69
CA ASN F 344 1.58 12.58 32.78
C ASN F 344 0.80 11.54 31.99
N HIS F 345 -0.51 11.48 32.20
CA HIS F 345 -1.31 10.40 31.64
C HIS F 345 -1.25 10.37 30.11
N SER F 346 -1.03 11.52 29.47
CA SER F 346 -1.18 11.68 28.03
C SER F 346 -0.23 10.76 27.28
N SER F 347 -0.72 10.16 26.19
CA SER F 347 0.09 9.19 25.44
C SER F 347 1.36 9.82 24.87
N GLU F 348 1.29 11.08 24.45
CA GLU F 348 2.50 11.76 23.97
C GLU F 348 3.52 11.93 25.09
N PHE F 349 3.06 12.13 26.32
CA PHE F 349 3.97 12.17 27.47
C PHE F 349 4.70 10.85 27.60
N ASN F 350 3.98 9.76 27.40
CA ASN F 350 4.58 8.45 27.59
C ASN F 350 5.60 8.12 26.51
N VAL F 351 5.27 8.35 25.24
CA VAL F 351 6.24 8.05 24.19
C VAL F 351 7.44 8.97 24.34
N THR F 352 7.22 10.20 24.77
CA THR F 352 8.32 11.12 24.98
C THR F 352 9.20 10.64 26.11
N ARG F 353 8.57 10.12 27.17
CA ARG F 353 9.31 9.61 28.29
C ARG F 353 10.15 8.42 27.89
N ASN F 354 9.58 7.57 27.04
CA ASN F 354 10.34 6.43 26.56
C ASN F 354 11.51 6.85 25.70
N TYR F 355 11.33 7.89 24.87
CA TYR F 355 12.43 8.40 24.07
C TYR F 355 13.55 8.94 24.94
N LEU F 356 13.18 9.83 25.85
CA LEU F 356 14.18 10.46 26.69
C LEU F 356 14.85 9.43 27.57
N ASP F 357 14.08 8.43 28.00
CA ASP F 357 14.65 7.36 28.80
C ASP F 357 15.65 6.56 27.97
N TRP F 358 15.37 6.39 26.68
CA TRP F 358 16.30 5.65 25.84
C TRP F 358 17.62 6.41 25.74
N LEU F 359 17.55 7.68 25.38
CA LEU F 359 18.78 8.44 25.26
C LEU F 359 19.48 8.67 26.58
N THR F 360 18.78 8.61 27.71
CA THR F 360 19.48 8.77 28.96
C THR F 360 20.13 7.47 29.34
N SER F 361 19.44 6.36 29.08
CA SER F 361 19.94 5.07 29.49
C SER F 361 21.21 4.73 28.73
N ILE F 362 21.33 5.20 27.50
CA ILE F 362 22.45 4.77 26.65
C ILE F 362 23.75 5.31 27.22
N PRO F 363 24.80 4.49 27.38
CA PRO F 363 26.03 5.03 27.94
C PRO F 363 26.66 6.07 27.02
N TRP F 364 27.34 7.03 27.64
CA TRP F 364 27.96 8.16 26.97
C TRP F 364 29.43 8.24 27.38
N GLY F 365 30.29 7.63 26.56
CA GLY F 365 31.72 7.72 26.70
C GLY F 365 32.34 6.74 27.67
N LYS F 366 31.55 5.91 28.34
CA LYS F 366 32.06 4.97 29.33
C LYS F 366 32.82 3.83 28.66
N TYR F 367 34.07 4.10 28.31
CA TYR F 367 34.89 3.13 27.60
C TYR F 367 35.44 2.13 28.61
N SER F 368 35.11 0.85 28.43
CA SER F 368 35.65 -0.16 29.32
C SER F 368 37.14 -0.38 29.05
N ASN F 369 37.88 -0.63 30.13
CA ASN F 369 39.32 -0.87 30.04
C ASN F 369 39.57 -2.18 29.31
N GLU F 370 40.64 -2.22 28.49
CA GLU F 370 41.00 -3.42 27.73
C GLU F 370 42.49 -3.68 27.85
N ASN F 371 42.83 -4.80 28.49
CA ASN F 371 44.24 -5.20 28.59
C ASN F 371 44.72 -5.67 27.23
N LEU F 372 46.04 -5.57 27.01
CA LEU F 372 46.62 -5.99 25.75
C LEU F 372 47.94 -6.76 25.89
N ASP F 373 48.33 -7.20 27.09
CA ASP F 373 49.53 -8.02 27.20
C ASP F 373 49.36 -9.32 26.43
N LEU F 374 50.40 -9.69 25.68
CA LEU F 374 50.35 -10.95 24.95
C LEU F 374 50.45 -12.16 25.86
N ALA F 375 51.07 -12.01 27.02
CA ALA F 375 51.36 -13.13 27.89
C ALA F 375 50.06 -13.76 28.38
N ARG F 376 49.34 -13.05 29.22
CA ARG F 376 48.09 -13.60 29.72
C ARG F 376 47.06 -13.74 28.63
N ALA F 377 47.08 -12.87 27.63
CA ALA F 377 46.10 -13.00 26.55
C ALA F 377 46.27 -14.31 25.83
N GLN F 378 47.51 -14.80 25.75
CA GLN F 378 47.70 -16.11 25.18
C GLN F 378 47.27 -17.15 26.17
N ALA F 379 47.72 -17.00 27.42
CA ALA F 379 47.49 -18.07 28.37
C ALA F 379 46.00 -18.31 28.57
N VAL F 380 45.23 -17.23 28.63
CA VAL F 380 43.80 -17.44 28.73
C VAL F 380 43.26 -17.96 27.43
N LEU F 381 43.81 -17.51 26.29
CA LEU F 381 43.17 -17.88 25.05
C LEU F 381 43.37 -19.36 24.75
N GLU F 382 44.43 -19.95 25.29
CA GLU F 382 44.67 -21.37 25.10
C GLU F 382 44.08 -22.21 26.21
N GLU F 383 43.97 -21.67 27.43
CA GLU F 383 43.59 -22.51 28.57
C GLU F 383 42.22 -23.13 28.39
N ASP F 384 41.34 -22.45 27.66
CA ASP F 384 39.96 -22.87 27.49
C ASP F 384 39.64 -23.35 26.08
N HIS F 385 40.66 -23.68 25.27
CA HIS F 385 40.41 -24.23 23.94
C HIS F 385 41.58 -25.14 23.62
N TYR F 386 41.36 -26.45 23.67
CA TYR F 386 42.39 -27.38 23.29
C TYR F 386 42.57 -27.42 21.77
N GLY F 387 43.82 -27.59 21.33
CA GLY F 387 44.20 -27.76 19.92
C GLY F 387 44.04 -26.50 19.08
N MET F 388 43.86 -26.68 17.76
CA MET F 388 43.68 -25.55 16.84
C MET F 388 44.87 -24.61 16.91
N GLU F 389 46.07 -25.19 16.77
CA GLU F 389 47.31 -24.43 16.92
C GLU F 389 47.40 -23.29 15.92
N ASP F 390 46.88 -23.49 14.71
CA ASP F 390 46.98 -22.46 13.69
C ASP F 390 46.23 -21.22 14.10
N VAL F 391 44.96 -21.37 14.44
CA VAL F 391 44.16 -20.21 14.74
C VAL F 391 44.64 -19.55 16.01
N LYS F 392 45.18 -20.33 16.95
CA LYS F 392 45.72 -19.69 18.14
C LYS F 392 46.89 -18.81 17.78
N LYS F 393 47.73 -19.31 16.87
CA LYS F 393 48.86 -18.54 16.43
C LYS F 393 48.40 -17.26 15.78
N ARG F 394 47.39 -17.38 14.94
CA ARG F 394 46.93 -16.21 14.21
C ARG F 394 46.30 -15.17 15.10
N ILE F 395 45.44 -15.58 16.03
CA ILE F 395 44.78 -14.58 16.85
C ILE F 395 45.77 -13.93 17.77
N LEU F 396 46.72 -14.70 18.30
CA LEU F 396 47.71 -14.07 19.16
C LEU F 396 48.50 -13.06 18.35
N GLU F 397 48.82 -13.42 17.12
CA GLU F 397 49.53 -12.53 16.24
C GLU F 397 48.72 -11.26 15.98
N PHE F 398 47.40 -11.41 15.89
CA PHE F 398 46.55 -10.26 15.67
C PHE F 398 46.63 -9.32 16.85
N ILE F 399 46.53 -9.89 18.05
CA ILE F 399 46.55 -9.05 19.22
C ILE F 399 47.89 -8.35 19.31
N ALA F 400 48.96 -9.00 18.86
CA ALA F 400 50.25 -8.33 18.89
C ALA F 400 50.26 -7.11 17.97
N VAL F 401 49.87 -7.32 16.71
CA VAL F 401 49.96 -6.23 15.76
C VAL F 401 49.02 -5.11 16.12
N SER F 402 47.87 -5.44 16.67
CA SER F 402 46.93 -4.42 17.06
C SER F 402 47.27 -3.81 18.38
N GLN F 403 48.17 -4.41 19.15
CA GLN F 403 48.81 -3.66 20.22
C GLN F 403 49.71 -2.59 19.62
N LEU F 404 50.70 -3.03 18.84
CA LEU F 404 51.77 -2.13 18.44
C LEU F 404 51.28 -0.95 17.61
N ARG F 405 50.27 -1.16 16.78
CA ARG F 405 49.77 -0.11 15.90
C ARG F 405 48.54 0.55 16.51
N GLY F 406 48.70 1.06 17.73
CA GLY F 406 47.60 1.83 18.27
C GLY F 406 46.38 0.98 18.61
N SER F 407 45.23 1.62 18.59
CA SER F 407 43.99 0.95 18.94
C SER F 407 43.51 0.04 17.82
N THR F 408 42.72 -0.95 18.22
CA THR F 408 42.23 -1.97 17.31
C THR F 408 41.28 -1.31 16.32
N GLN F 409 41.71 -1.15 15.07
CA GLN F 409 40.73 -0.80 14.05
C GLN F 409 41.04 -1.38 12.68
N GLY F 410 42.07 -2.23 12.53
CA GLY F 410 42.58 -2.67 11.23
C GLY F 410 41.55 -3.16 10.24
N LYS F 411 40.96 -4.32 10.51
CA LYS F 411 39.96 -4.89 9.61
C LYS F 411 39.12 -5.87 10.41
N ILE F 412 37.86 -6.02 10.02
CA ILE F 412 37.03 -7.01 10.69
C ILE F 412 37.60 -8.38 10.37
N LEU F 413 37.70 -9.23 11.38
CA LEU F 413 38.01 -10.64 11.17
C LEU F 413 36.78 -11.45 10.82
N CYS F 414 37.00 -12.53 10.07
CA CYS F 414 35.91 -13.41 9.65
C CYS F 414 36.39 -14.86 9.58
N PHE F 415 35.96 -15.66 10.54
CA PHE F 415 36.22 -17.07 10.49
C PHE F 415 35.19 -17.77 9.64
N TYR F 416 35.53 -18.98 9.23
CA TYR F 416 34.56 -19.78 8.50
C TYR F 416 34.94 -21.23 8.53
N GLY F 417 33.91 -22.06 8.42
CA GLY F 417 34.07 -23.48 8.38
C GLY F 417 32.82 -24.23 8.78
N PRO F 418 32.98 -25.52 9.08
CA PRO F 418 31.84 -26.35 9.42
C PRO F 418 31.18 -25.90 10.71
N PRO F 419 29.86 -26.11 10.86
CA PRO F 419 29.16 -25.65 12.06
C PRO F 419 29.65 -26.35 13.32
N GLY F 420 29.55 -25.66 14.45
CA GLY F 420 29.78 -26.29 15.72
C GLY F 420 31.22 -26.45 16.06
N VAL F 421 32.11 -25.93 15.21
CA VAL F 421 33.54 -26.14 15.39
C VAL F 421 34.07 -25.39 16.61
N GLY F 422 33.29 -24.52 17.24
CA GLY F 422 33.66 -23.86 18.47
C GLY F 422 33.81 -22.38 18.37
N LYS F 423 33.55 -21.81 17.18
CA LYS F 423 33.83 -20.42 16.84
C LYS F 423 33.40 -19.49 17.96
N THR F 424 32.12 -19.60 18.31
CA THR F 424 31.50 -18.65 19.21
C THR F 424 32.23 -18.63 20.55
N SER F 425 32.60 -19.81 21.02
CA SER F 425 33.34 -19.93 22.25
C SER F 425 34.71 -19.30 22.14
N ILE F 426 35.34 -19.45 20.97
CA ILE F 426 36.66 -18.85 20.77
C ILE F 426 36.53 -17.36 20.81
N ALA F 427 35.44 -16.84 20.26
CA ALA F 427 35.24 -15.41 20.25
C ALA F 427 35.04 -14.88 21.67
N ARG F 428 34.18 -15.53 22.44
CA ARG F 428 33.96 -15.04 23.79
C ARG F 428 35.22 -15.17 24.62
N SER F 429 36.02 -16.20 24.35
CA SER F 429 37.27 -16.32 25.06
C SER F 429 38.20 -15.18 24.69
N ILE F 430 38.18 -14.79 23.42
CA ILE F 430 38.97 -13.64 22.99
C ILE F 430 38.48 -12.40 23.70
N ALA F 431 37.17 -12.30 23.88
CA ALA F 431 36.62 -11.12 24.54
C ALA F 431 37.12 -11.05 25.96
N ARG F 432 37.20 -12.20 26.61
CA ARG F 432 37.81 -12.24 27.93
C ARG F 432 39.29 -11.93 27.85
N ALA F 433 39.94 -12.27 26.74
CA ALA F 433 41.36 -12.00 26.62
C ALA F 433 41.61 -10.51 26.58
N LEU F 434 40.82 -9.80 25.77
CA LEU F 434 40.96 -8.37 25.65
C LEU F 434 40.37 -7.62 26.82
N ASN F 435 39.60 -8.29 27.67
CA ASN F 435 38.93 -7.64 28.79
C ASN F 435 37.92 -6.64 28.26
N ARG F 436 37.02 -7.14 27.44
CA ARG F 436 35.89 -6.36 27.00
C ARG F 436 34.70 -7.28 26.75
N GLU F 437 33.53 -6.68 26.80
CA GLU F 437 32.28 -7.42 26.76
C GLU F 437 32.04 -8.10 25.42
N TYR F 438 31.55 -9.32 25.51
CA TYR F 438 31.16 -10.11 24.35
C TYR F 438 29.69 -9.83 24.11
N PHE F 439 29.27 -9.99 22.86
CA PHE F 439 27.85 -9.97 22.59
C PHE F 439 27.64 -10.60 21.23
N ARG F 440 27.00 -11.76 21.21
CA ARG F 440 26.64 -12.35 19.95
C ARG F 440 25.56 -11.47 19.32
N PHE F 441 25.50 -11.52 18.00
CA PHE F 441 24.48 -10.81 17.27
C PHE F 441 24.24 -11.63 16.02
N SER F 442 23.11 -12.30 15.95
CA SER F 442 22.75 -12.93 14.70
C SER F 442 22.36 -11.84 13.72
N VAL F 443 22.67 -12.09 12.45
CA VAL F 443 22.10 -11.31 11.38
C VAL F 443 21.55 -12.22 10.27
N GLY F 444 21.92 -13.51 10.29
CA GLY F 444 21.44 -14.43 9.29
C GLY F 444 19.95 -14.53 9.35
N GLY F 445 19.29 -14.39 8.21
CA GLY F 445 17.85 -14.43 8.19
C GLY F 445 17.23 -13.08 8.47
N MET F 446 18.00 -12.07 8.83
CA MET F 446 17.40 -10.77 8.97
C MET F 446 17.09 -10.25 7.58
N THR F 447 16.06 -9.48 7.50
CA THR F 447 15.60 -8.89 6.26
C THR F 447 15.26 -7.42 6.38
N ASP F 448 14.70 -7.01 7.51
CA ASP F 448 14.35 -5.62 7.75
C ASP F 448 15.62 -4.81 8.04
N VAL F 449 15.60 -3.53 7.68
CA VAL F 449 16.65 -2.62 8.12
C VAL F 449 16.25 -1.93 9.42
N ALA F 450 14.93 -1.79 9.65
CA ALA F 450 14.45 -1.08 10.82
C ALA F 450 14.90 -1.75 12.11
N GLU F 451 15.12 -3.07 12.08
CA GLU F 451 15.59 -3.70 13.30
C GLU F 451 17.03 -3.33 13.61
N ILE F 452 17.78 -2.79 12.64
CA ILE F 452 19.13 -2.24 12.86
C ILE F 452 19.04 -0.72 12.97
N LYS F 453 18.60 -0.09 11.90
CA LYS F 453 18.51 1.37 11.80
C LYS F 453 17.49 1.95 12.78
N GLY F 454 16.50 1.17 13.17
CA GLY F 454 15.45 1.59 14.07
C GLY F 454 14.29 2.21 13.34
N HIS F 455 13.24 2.44 14.10
CA HIS F 455 12.02 3.04 13.59
C HIS F 455 12.08 4.54 13.77
N ARG F 456 11.10 5.26 13.21
CA ARG F 456 11.10 6.72 13.29
C ARG F 456 10.39 7.25 14.54
N ARG F 457 10.07 6.39 15.51
CA ARG F 457 9.28 6.75 16.71
C ARG F 457 7.96 7.45 16.36
N THR F 458 7.44 7.19 15.17
CA THR F 458 6.10 7.53 14.73
C THR F 458 5.23 6.31 14.61
N TYR F 459 5.82 5.23 14.12
CA TYR F 459 5.11 3.96 14.04
C TYR F 459 4.94 3.36 15.41
N VAL F 460 3.90 2.52 15.55
CA VAL F 460 3.66 1.84 16.82
C VAL F 460 4.87 0.99 17.17
N GLY F 461 5.19 0.95 18.47
CA GLY F 461 6.20 0.04 18.97
C GLY F 461 7.53 0.30 18.33
N ALA F 462 7.78 1.55 17.96
CA ALA F 462 8.95 1.92 17.18
C ALA F 462 10.17 1.95 18.08
N MET F 463 10.60 0.76 18.50
CA MET F 463 11.80 0.66 19.30
C MET F 463 13.05 0.88 18.45
N PRO F 464 14.14 1.37 19.04
CA PRO F 464 15.37 1.52 18.28
C PRO F 464 15.90 0.16 17.86
N GLY F 465 16.58 0.14 16.73
CA GLY F 465 17.13 -1.09 16.20
C GLY F 465 18.16 -1.70 17.15
N LYS F 466 18.58 -2.93 16.82
CA LYS F 466 19.26 -3.82 17.77
C LYS F 466 20.52 -3.22 18.37
N ILE F 467 21.23 -2.40 17.60
CA ILE F 467 22.51 -1.88 18.08
C ILE F 467 22.33 -1.05 19.32
N ILE F 468 21.19 -0.34 19.41
CA ILE F 468 20.97 0.49 20.58
C ILE F 468 20.74 -0.39 21.80
N GLN F 469 20.02 -1.50 21.61
CA GLN F 469 19.85 -2.44 22.70
C GLN F 469 21.17 -3.03 23.12
N CYS F 470 22.02 -3.37 22.16
CA CYS F 470 23.30 -3.93 22.55
C CYS F 470 24.18 -2.91 23.26
N LEU F 471 24.14 -1.65 22.84
CA LEU F 471 24.94 -0.67 23.53
C LEU F 471 24.40 -0.41 24.92
N LYS F 472 23.08 -0.53 25.11
CA LYS F 472 22.54 -0.26 26.42
C LYS F 472 22.85 -1.44 27.32
N LYS F 473 22.55 -2.65 26.84
CA LYS F 473 22.71 -3.85 27.64
C LYS F 473 24.16 -4.09 28.00
N THR F 474 25.08 -3.72 27.11
CA THR F 474 26.49 -3.86 27.40
C THR F 474 27.01 -2.71 28.24
N LYS F 475 26.23 -1.63 28.37
CA LYS F 475 26.49 -0.50 29.27
C LYS F 475 27.89 0.06 29.13
N THR F 476 28.51 -0.10 27.96
CA THR F 476 29.83 0.41 27.64
C THR F 476 29.91 0.56 26.12
N GLU F 477 30.71 1.51 25.68
CA GLU F 477 30.75 1.89 24.29
C GLU F 477 31.68 1.02 23.45
N ASN F 478 32.40 0.07 24.05
CA ASN F 478 33.37 -0.73 23.32
C ASN F 478 33.11 -2.21 23.57
N PRO F 479 31.98 -2.73 23.10
CA PRO F 479 31.76 -4.16 23.12
C PRO F 479 32.54 -4.81 21.99
N LEU F 480 32.74 -6.11 22.15
CA LEU F 480 33.33 -6.94 21.11
C LEU F 480 32.18 -7.63 20.38
N ILE F 481 31.41 -6.81 19.67
CA ILE F 481 30.29 -7.36 18.91
C ILE F 481 30.80 -8.40 17.95
N LEU F 482 29.98 -9.43 17.75
CA LEU F 482 30.34 -10.60 16.98
C LEU F 482 29.16 -10.98 16.11
N ILE F 483 29.20 -10.55 14.87
CA ILE F 483 28.15 -10.90 13.94
C ILE F 483 28.23 -12.41 13.72
N ASP F 484 27.09 -13.02 13.41
CA ASP F 484 27.02 -14.46 13.21
C ASP F 484 26.06 -14.73 12.07
N GLU F 485 26.34 -15.83 11.36
CA GLU F 485 25.48 -16.29 10.27
C GLU F 485 25.34 -15.22 9.20
N VAL F 486 26.46 -14.66 8.77
CA VAL F 486 26.39 -13.64 7.74
C VAL F 486 25.87 -14.23 6.43
N ASP F 487 26.06 -15.54 6.22
CA ASP F 487 25.94 -16.14 4.89
C ASP F 487 24.54 -15.95 4.28
N LYS F 488 23.49 -15.93 5.11
CA LYS F 488 22.11 -15.93 4.63
C LYS F 488 21.39 -14.60 4.89
N ILE F 489 22.13 -13.49 4.95
CA ILE F 489 21.53 -12.16 4.99
C ILE F 489 21.09 -11.73 3.60
N GLY F 490 20.09 -10.86 3.55
CA GLY F 490 19.71 -10.16 2.35
C GLY F 490 18.31 -10.51 1.90
N ARG F 491 17.92 -9.87 0.79
CA ARG F 491 16.66 -10.14 0.11
C ARG F 491 15.47 -9.92 1.05
N GLY F 492 15.47 -8.76 1.71
CA GLY F 492 14.34 -8.31 2.50
C GLY F 492 13.35 -7.49 1.72
N TYR F 493 12.43 -6.86 2.47
CA TYR F 493 11.48 -5.92 1.88
C TYR F 493 12.19 -4.71 1.29
N GLN F 494 13.31 -4.29 1.89
CA GLN F 494 14.13 -3.19 1.36
C GLN F 494 15.20 -3.70 0.41
N GLY F 495 15.18 -4.99 0.09
CA GLY F 495 16.24 -5.63 -0.67
C GLY F 495 17.29 -6.15 0.27
N ASP F 496 18.05 -5.25 0.88
CA ASP F 496 18.94 -5.63 1.97
C ASP F 496 19.42 -4.38 2.70
N PRO F 497 19.76 -4.46 3.99
CA PRO F 497 20.38 -3.32 4.66
C PRO F 497 21.89 -3.25 4.50
N SER F 498 22.48 -4.15 3.70
CA SER F 498 23.94 -4.35 3.72
C SER F 498 24.71 -3.09 3.43
N SER F 499 24.15 -2.22 2.58
CA SER F 499 24.82 -0.94 2.31
C SER F 499 25.00 -0.17 3.60
N ALA F 500 23.91 -0.01 4.35
CA ALA F 500 23.98 0.68 5.63
C ALA F 500 24.87 -0.06 6.59
N LEU F 501 24.84 -1.39 6.53
CA LEU F 501 25.72 -2.15 7.38
C LEU F 501 27.18 -1.89 7.06
N LEU F 502 27.52 -1.80 5.77
CA LEU F 502 28.88 -1.45 5.41
C LEU F 502 29.19 -0.05 5.89
N GLU F 503 28.20 0.84 5.80
CA GLU F 503 28.35 2.19 6.32
C GLU F 503 28.61 2.13 7.82
N LEU F 504 28.07 1.11 8.48
CA LEU F 504 28.34 0.93 9.90
C LEU F 504 29.77 0.48 10.11
N LEU F 505 30.23 -0.48 9.31
CA LEU F 505 31.53 -1.07 9.57
C LEU F 505 32.65 -0.05 9.36
N ASP F 506 32.44 0.93 8.49
CA ASP F 506 33.52 1.80 8.07
C ASP F 506 33.68 2.97 9.04
N PRO F 507 34.83 3.13 9.73
CA PRO F 507 34.90 4.03 10.91
C PRO F 507 34.53 5.47 10.63
N GLU F 508 34.87 5.97 9.43
CA GLU F 508 34.59 7.36 9.18
C GLU F 508 33.10 7.56 8.99
N GLN F 509 32.39 6.48 8.64
CA GLN F 509 30.97 6.54 8.46
C GLN F 509 30.28 6.35 9.81
N ASN F 510 30.85 5.49 10.66
CA ASN F 510 30.14 5.14 11.89
C ASN F 510 30.26 6.22 12.95
N ALA F 511 31.17 7.19 12.75
CA ALA F 511 31.49 8.12 13.84
C ALA F 511 30.27 8.90 14.30
N ASN F 512 29.31 9.12 13.40
CA ASN F 512 28.05 9.80 13.68
C ASN F 512 26.93 8.96 13.14
N PHE F 513 26.92 7.69 13.54
CA PHE F 513 25.84 6.82 13.14
C PHE F 513 24.55 7.33 13.73
N LEU F 514 23.45 7.21 12.98
CA LEU F 514 22.20 7.86 13.32
C LEU F 514 20.99 6.99 13.05
N ASP F 515 20.41 6.47 14.12
CA ASP F 515 19.22 5.64 14.03
C ASP F 515 17.99 6.50 13.73
N HIS F 516 16.96 5.88 13.18
CA HIS F 516 15.72 6.61 12.96
C HIS F 516 15.08 6.99 14.30
N TYR F 517 15.22 6.14 15.32
CA TYR F 517 14.53 6.33 16.59
C TYR F 517 15.06 7.49 17.41
N LEU F 518 16.29 7.91 17.19
CA LEU F 518 16.89 9.02 17.92
C LEU F 518 17.44 9.92 16.84
N ASP F 519 17.06 11.19 16.87
CA ASP F 519 17.59 12.11 15.88
C ASP F 519 19.09 12.31 16.07
N VAL F 520 19.59 12.11 17.28
CA VAL F 520 21.00 12.43 17.53
C VAL F 520 21.86 11.38 16.83
N PRO F 521 22.89 11.75 16.07
CA PRO F 521 23.90 10.76 15.75
C PRO F 521 24.59 10.33 17.03
N VAL F 522 25.00 9.06 17.07
CA VAL F 522 25.64 8.48 18.23
C VAL F 522 26.89 7.74 17.78
N ASP F 523 28.04 8.23 18.22
CA ASP F 523 29.28 7.59 17.85
C ASP F 523 29.35 6.24 18.53
N LEU F 524 29.90 5.28 17.81
CA LEU F 524 30.08 3.92 18.28
C LEU F 524 31.42 3.37 17.79
N SER F 525 32.41 4.24 17.65
CA SER F 525 33.67 3.87 17.01
C SER F 525 34.43 2.80 17.76
N LYS F 526 34.28 2.71 19.08
CA LYS F 526 35.15 1.84 19.86
C LYS F 526 34.73 0.37 19.84
N VAL F 527 33.57 0.06 19.28
CA VAL F 527 33.14 -1.33 19.20
C VAL F 527 34.16 -2.08 18.36
N LEU F 528 34.37 -3.35 18.68
CA LEU F 528 35.37 -4.19 18.03
C LEU F 528 34.59 -5.30 17.34
N PHE F 529 34.12 -5.02 16.13
CA PHE F 529 33.30 -5.98 15.43
C PHE F 529 34.13 -7.18 15.01
N ILE F 530 33.47 -8.33 14.87
CA ILE F 530 34.07 -9.55 14.35
C ILE F 530 32.98 -10.22 13.54
N CYS F 531 33.35 -11.14 12.66
CA CYS F 531 32.45 -11.79 11.73
C CYS F 531 32.70 -13.28 11.67
N THR F 532 31.65 -14.02 11.30
CA THR F 532 31.69 -15.46 11.09
C THR F 532 30.67 -15.80 10.01
N ALA F 533 31.00 -16.81 9.21
CA ALA F 533 30.12 -17.25 8.13
C ALA F 533 30.50 -18.67 7.77
N ASN F 534 29.52 -19.44 7.29
CA ASN F 534 29.77 -20.85 7.05
C ASN F 534 30.83 -21.10 5.98
N VAL F 535 30.90 -20.25 4.95
CA VAL F 535 31.88 -20.37 3.87
C VAL F 535 32.15 -18.98 3.30
N THR F 536 33.36 -18.77 2.80
CA THR F 536 33.83 -17.43 2.38
C THR F 536 33.68 -17.16 0.87
N ASP F 537 32.52 -17.41 0.23
CA ASP F 537 32.35 -17.13 -1.20
C ASP F 537 31.15 -16.25 -1.52
N THR F 538 30.03 -16.45 -0.83
CA THR F 538 28.76 -15.83 -1.19
C THR F 538 28.61 -14.42 -0.63
N ILE F 539 29.51 -13.99 0.24
CA ILE F 539 29.42 -12.65 0.84
C ILE F 539 29.57 -11.63 -0.27
N PRO F 540 28.79 -10.54 -0.30
CA PRO F 540 29.02 -9.55 -1.36
C PRO F 540 30.44 -8.99 -1.25
N GLU F 541 31.04 -8.74 -2.40
CA GLU F 541 32.46 -8.38 -2.47
C GLU F 541 32.83 -7.16 -1.61
N PRO F 542 32.10 -6.03 -1.64
CA PRO F 542 32.56 -4.82 -0.92
C PRO F 542 32.77 -5.08 0.55
N LEU F 543 31.94 -5.94 1.14
CA LEU F 543 32.26 -6.37 2.48
C LEU F 543 33.41 -7.37 2.47
N ARG F 544 33.55 -8.21 1.43
CA ARG F 544 34.54 -9.29 1.48
C ARG F 544 35.94 -8.75 1.57
N ASP F 545 36.19 -7.65 0.86
CA ASP F 545 37.51 -7.03 0.92
C ASP F 545 37.63 -6.13 2.13
N ARG F 546 36.51 -5.81 2.79
CA ARG F 546 36.51 -4.92 3.93
C ARG F 546 36.91 -5.66 5.21
N MET F 547 37.01 -6.99 5.18
CA MET F 547 37.21 -7.82 6.36
C MET F 547 38.21 -8.92 6.02
N GLU F 548 38.94 -9.37 7.03
CA GLU F 548 39.88 -10.46 6.87
C GLU F 548 39.09 -11.76 6.62
N MET F 549 39.79 -12.90 6.54
CA MET F 549 39.16 -14.22 6.42
C MET F 549 40.04 -15.22 7.15
N ILE F 550 39.43 -16.27 7.72
CA ILE F 550 40.20 -17.33 8.37
C ILE F 550 39.47 -18.67 8.25
N ASN F 551 40.23 -19.72 7.93
CA ASN F 551 39.66 -21.06 7.71
C ASN F 551 39.93 -21.89 8.95
N VAL F 552 38.92 -22.02 9.81
CA VAL F 552 39.01 -22.99 10.89
C VAL F 552 39.05 -24.40 10.32
N SER F 553 39.91 -25.26 10.87
CA SER F 553 40.07 -26.63 10.40
C SER F 553 39.12 -27.55 11.16
N GLY F 554 39.27 -28.87 10.99
CA GLY F 554 38.61 -29.85 11.82
C GLY F 554 39.43 -30.22 13.06
N TYR F 555 39.01 -31.32 13.70
CA TYR F 555 39.65 -31.85 14.90
C TYR F 555 40.10 -33.29 14.75
N VAL F 556 41.25 -33.61 15.32
CA VAL F 556 41.73 -34.97 15.28
C VAL F 556 40.89 -35.82 16.23
N ALA F 557 40.64 -37.08 15.85
CA ALA F 557 39.81 -37.94 16.69
C ALA F 557 40.43 -38.24 18.06
N GLN F 558 41.76 -38.30 18.14
CA GLN F 558 42.43 -38.55 19.40
C GLN F 558 42.52 -37.30 20.26
N GLU F 559 42.11 -36.15 19.73
CA GLU F 559 42.10 -34.89 20.44
C GLU F 559 40.69 -34.37 20.68
N LYS F 560 39.70 -34.85 19.92
CA LYS F 560 38.33 -34.42 20.13
C LYS F 560 37.86 -34.82 21.52
N LEU F 561 38.40 -35.93 22.02
CA LEU F 561 38.10 -36.40 23.36
C LEU F 561 38.44 -35.38 24.42
N ALA F 562 39.50 -34.60 24.22
CA ALA F 562 39.85 -33.62 25.23
C ALA F 562 38.75 -32.57 25.40
N ILE F 563 38.05 -32.27 24.31
CA ILE F 563 36.93 -31.35 24.43
C ILE F 563 35.79 -32.09 25.06
N ALA F 564 35.58 -33.35 24.62
CA ALA F 564 34.42 -34.10 25.08
C ALA F 564 34.48 -34.27 26.58
N GLU F 565 35.69 -34.31 27.11
CA GLU F 565 35.93 -34.51 28.50
C GLU F 565 35.83 -33.19 29.24
N ARG F 566 36.24 -32.09 28.58
CA ARG F 566 36.36 -30.82 29.29
C ARG F 566 35.13 -29.94 29.23
N TYR F 567 34.24 -30.13 28.24
CA TYR F 567 33.12 -29.21 28.04
C TYR F 567 31.79 -29.89 27.84
N LEU F 568 31.74 -31.00 27.11
CA LEU F 568 30.47 -31.59 26.75
C LEU F 568 29.83 -32.34 27.89
N VAL F 569 30.53 -33.35 28.42
CA VAL F 569 29.95 -34.17 29.47
C VAL F 569 29.52 -33.33 30.65
N PRO F 570 30.36 -32.44 31.22
CA PRO F 570 29.94 -31.72 32.43
C PRO F 570 28.70 -30.87 32.25
N GLN F 571 28.52 -30.30 31.06
CA GLN F 571 27.39 -29.42 30.86
C GLN F 571 26.14 -30.15 30.46
N ALA F 572 26.23 -31.21 29.64
CA ALA F 572 25.03 -31.98 29.42
C ALA F 572 24.56 -32.59 30.73
N ARG F 573 25.52 -32.95 31.60
CA ARG F 573 25.21 -33.47 32.92
C ARG F 573 24.46 -32.45 33.73
N ALA F 574 24.98 -31.23 33.79
CA ALA F 574 24.31 -30.19 34.54
C ALA F 574 22.95 -29.85 33.93
N LEU F 575 22.81 -29.97 32.60
CA LEU F 575 21.52 -29.69 32.00
C LEU F 575 20.48 -30.72 32.42
N CYS F 576 20.89 -31.96 32.62
CA CYS F 576 19.94 -32.93 33.15
C CYS F 576 19.85 -32.91 34.66
N GLY F 577 20.73 -32.18 35.33
CA GLY F 577 20.69 -32.04 36.76
C GLY F 577 21.36 -33.19 37.48
N LEU F 578 21.81 -34.21 36.76
CA LEU F 578 22.45 -35.35 37.37
C LEU F 578 23.78 -34.96 37.97
N ASP F 579 24.08 -35.57 39.11
CA ASP F 579 25.39 -35.57 39.72
C ASP F 579 26.31 -36.59 39.06
N GLU F 580 27.62 -36.32 39.21
CA GLU F 580 28.65 -37.19 38.64
C GLU F 580 28.59 -38.59 39.24
N SER F 581 28.05 -38.75 40.43
CA SER F 581 28.16 -40.02 41.13
C SER F 581 27.16 -41.05 40.61
N LYS F 582 26.28 -40.65 39.70
CA LYS F 582 25.19 -41.46 39.24
C LYS F 582 25.31 -41.78 37.76
N ALA F 583 26.17 -41.08 37.01
CA ALA F 583 26.26 -41.23 35.57
C ALA F 583 27.72 -41.28 35.10
N LYS F 584 28.52 -42.20 35.63
CA LYS F 584 29.89 -42.32 35.12
C LYS F 584 29.87 -42.75 33.68
N LEU F 585 30.75 -42.15 32.87
CA LEU F 585 30.95 -42.55 31.49
C LEU F 585 32.45 -42.78 31.28
N SER F 586 32.82 -44.03 31.02
CA SER F 586 34.23 -44.31 30.73
C SER F 586 34.64 -43.62 29.44
N SER F 587 35.85 -43.08 29.44
CA SER F 587 36.36 -42.39 28.26
C SER F 587 36.47 -43.33 27.07
N ASP F 588 36.81 -44.60 27.30
CA ASP F 588 36.89 -45.52 26.17
C ASP F 588 35.53 -45.78 25.56
N VAL F 589 34.47 -45.74 26.38
CA VAL F 589 33.13 -45.87 25.82
C VAL F 589 32.83 -44.69 24.92
N LEU F 590 33.20 -43.49 25.36
CA LEU F 590 33.01 -42.34 24.51
C LEU F 590 33.88 -42.43 23.26
N THR F 591 35.06 -43.04 23.40
CA THR F 591 35.94 -43.21 22.26
C THR F 591 35.27 -44.08 21.21
N LEU F 592 34.74 -45.22 21.65
CA LEU F 592 34.07 -46.11 20.71
C LEU F 592 32.85 -45.42 20.12
N LEU F 593 32.11 -44.66 20.95
CA LEU F 593 30.91 -43.99 20.49
C LEU F 593 31.25 -42.99 19.40
N ILE F 594 32.39 -42.33 19.56
CA ILE F 594 32.82 -41.37 18.56
C ILE F 594 33.28 -42.13 17.33
N LYS F 595 33.92 -43.28 17.53
CA LYS F 595 34.47 -44.05 16.44
C LYS F 595 33.40 -44.62 15.55
N GLN F 596 32.19 -44.78 16.08
CA GLN F 596 31.12 -45.47 15.41
C GLN F 596 30.00 -44.51 15.05
N TYR F 597 29.36 -43.92 16.04
CA TYR F 597 28.06 -43.30 15.82
C TYR F 597 28.13 -41.90 15.22
N CYS F 598 29.29 -41.26 15.14
CA CYS F 598 29.33 -39.96 14.47
C CYS F 598 30.76 -39.61 14.09
N ARG F 599 30.94 -39.22 12.82
CA ARG F 599 32.22 -38.81 12.28
C ARG F 599 31.96 -37.53 11.51
N GLU F 600 32.65 -36.46 11.89
CA GLU F 600 32.51 -35.18 11.19
C GLU F 600 33.59 -34.24 11.71
N SER F 601 33.88 -33.22 10.92
CA SER F 601 34.86 -32.23 11.34
C SER F 601 34.38 -31.46 12.57
N GLY F 602 33.06 -31.32 12.73
CA GLY F 602 32.53 -30.56 13.83
C GLY F 602 32.47 -31.41 15.07
N VAL F 603 32.15 -30.77 16.19
CA VAL F 603 31.92 -31.47 17.45
C VAL F 603 30.45 -31.55 17.83
N ARG F 604 29.58 -30.79 17.14
CA ARG F 604 28.20 -30.60 17.58
C ARG F 604 27.41 -31.91 17.66
N ASN F 605 27.53 -32.76 16.63
CA ASN F 605 26.65 -33.92 16.55
C ASN F 605 26.88 -34.91 17.67
N LEU F 606 28.10 -34.99 18.19
CA LEU F 606 28.38 -35.91 19.28
C LEU F 606 27.58 -35.54 20.51
N GLN F 607 27.27 -34.25 20.68
CA GLN F 607 26.55 -33.82 21.85
C GLN F 607 25.20 -34.48 21.92
N LYS F 608 24.55 -34.65 20.79
CA LYS F 608 23.24 -35.28 20.82
C LYS F 608 23.35 -36.72 21.28
N GLN F 609 24.42 -37.42 20.89
CA GLN F 609 24.60 -38.79 21.33
C GLN F 609 24.78 -38.84 22.83
N VAL F 610 25.64 -37.96 23.33
CA VAL F 610 25.92 -37.93 24.75
C VAL F 610 24.66 -37.60 25.51
N GLU F 611 23.90 -36.64 24.99
CA GLU F 611 22.67 -36.25 25.65
C GLU F 611 21.70 -37.39 25.68
N LYS F 612 21.70 -38.21 24.63
CA LYS F 612 20.81 -39.35 24.60
C LYS F 612 21.17 -40.30 25.73
N VAL F 613 22.47 -40.52 25.91
CA VAL F 613 22.92 -41.43 26.95
C VAL F 613 22.48 -40.92 28.31
N LEU F 614 22.59 -39.61 28.51
CA LEU F 614 22.24 -39.06 29.80
C LEU F 614 20.75 -39.14 30.07
N ARG F 615 19.93 -38.81 29.07
CA ARG F 615 18.49 -38.85 29.31
C ARG F 615 18.04 -40.26 29.61
N LYS F 616 18.63 -41.25 28.94
CA LYS F 616 18.23 -42.60 29.27
C LYS F 616 18.68 -42.95 30.68
N SER F 617 19.85 -42.43 31.08
CA SER F 617 20.30 -42.65 32.44
C SER F 617 19.37 -42.02 33.47
N ALA F 618 18.82 -40.87 33.14
CA ALA F 618 17.92 -40.21 34.07
C ALA F 618 16.67 -41.02 34.23
N TYR F 619 16.15 -41.51 33.11
CA TYR F 619 14.95 -42.32 33.18
C TYR F 619 15.21 -43.62 33.92
N LYS F 620 16.43 -44.14 33.85
CA LYS F 620 16.73 -45.34 34.61
C LYS F 620 16.94 -45.06 36.08
N ILE F 621 17.22 -43.82 36.46
CA ILE F 621 17.32 -43.50 37.87
C ILE F 621 15.95 -43.25 38.49
N VAL F 622 15.10 -42.44 37.84
CA VAL F 622 13.92 -41.91 38.53
C VAL F 622 12.97 -43.01 39.00
N SER F 623 12.94 -44.11 38.30
CA SER F 623 12.14 -45.26 38.66
C SER F 623 12.89 -46.55 38.36
N GLY F 624 13.98 -46.49 37.60
CA GLY F 624 14.54 -47.64 36.97
C GLY F 624 15.34 -48.48 37.91
N GLU F 625 15.85 -49.56 37.35
CA GLU F 625 16.41 -50.65 38.11
C GLU F 625 17.87 -50.42 38.44
N ALA F 626 18.16 -49.28 39.06
CA ALA F 626 19.52 -48.98 39.48
C ALA F 626 19.48 -47.74 40.33
N GLU F 627 20.53 -47.58 41.13
CA GLU F 627 20.73 -46.40 41.95
C GLU F 627 21.80 -45.50 41.37
N SER F 628 22.55 -45.97 40.39
CA SER F 628 23.59 -45.16 39.80
C SER F 628 23.93 -45.84 38.48
N VAL F 629 23.40 -45.31 37.38
CA VAL F 629 23.70 -45.89 36.09
C VAL F 629 25.19 -45.69 35.83
N GLU F 630 25.81 -46.66 35.15
CA GLU F 630 27.20 -46.48 34.75
C GLU F 630 27.42 -47.21 33.43
N VAL F 631 27.45 -46.46 32.34
CA VAL F 631 27.52 -47.10 31.03
C VAL F 631 28.87 -47.79 30.91
N THR F 632 28.86 -48.96 30.28
CA THR F 632 30.02 -49.75 29.90
C THR F 632 29.71 -50.31 28.53
N PRO F 633 30.72 -50.59 27.70
CA PRO F 633 30.45 -50.83 26.26
C PRO F 633 29.48 -51.95 26.00
N GLU F 634 29.50 -52.98 26.84
CA GLU F 634 28.67 -54.15 26.63
C GLU F 634 27.19 -53.79 26.65
N ASN F 635 26.80 -52.80 27.45
CA ASN F 635 25.41 -52.39 27.55
C ASN F 635 25.17 -51.07 26.84
N LEU F 636 26.19 -50.48 26.21
CA LEU F 636 25.99 -49.19 25.56
C LEU F 636 24.98 -49.31 24.44
N GLN F 637 24.92 -50.49 23.82
CA GLN F 637 23.92 -50.75 22.79
C GLN F 637 22.55 -50.48 23.35
N ASP F 638 22.32 -50.91 24.60
CA ASP F 638 21.01 -50.76 25.20
C ASP F 638 20.61 -49.31 25.31
N PHE F 639 21.58 -48.42 25.47
CA PHE F 639 21.26 -47.01 25.55
C PHE F 639 21.13 -46.35 24.18
N VAL F 640 21.88 -46.83 23.18
CA VAL F 640 21.99 -46.06 21.93
C VAL F 640 21.79 -46.91 20.67
N GLY F 641 21.73 -48.24 20.81
CA GLY F 641 21.52 -49.06 19.62
C GLY F 641 22.75 -49.29 18.76
N LYS F 642 22.48 -49.74 17.53
CA LYS F 642 23.49 -50.34 16.66
C LYS F 642 24.50 -49.32 16.13
N PRO F 643 25.77 -49.72 15.93
CA PRO F 643 26.72 -48.80 15.27
C PRO F 643 26.33 -48.52 13.83
N VAL F 644 26.65 -47.32 13.37
CA VAL F 644 26.38 -46.94 11.99
C VAL F 644 27.54 -47.41 11.14
N PHE F 645 28.71 -46.82 11.37
CA PHE F 645 29.93 -47.17 10.68
C PHE F 645 30.59 -48.38 11.32
N THR F 646 31.44 -49.03 10.53
CA THR F 646 32.19 -50.20 10.95
C THR F 646 33.61 -50.04 10.45
N VAL F 647 34.43 -51.04 10.74
CA VAL F 647 35.87 -51.06 10.48
C VAL F 647 36.12 -52.12 9.43
N GLU F 648 35.20 -52.20 8.45
CA GLU F 648 35.00 -53.30 7.49
C GLU F 648 36.24 -54.05 7.04
N ARG F 649 37.22 -53.35 6.47
CA ARG F 649 38.49 -53.96 6.03
C ARG F 649 38.20 -55.17 5.14
N MET F 650 37.64 -54.89 3.95
CA MET F 650 36.93 -55.91 3.17
C MET F 650 37.82 -57.11 2.84
N TYR F 651 39.10 -56.87 2.66
CA TYR F 651 40.05 -57.86 2.21
C TYR F 651 41.10 -57.94 3.30
N ASP F 652 41.76 -59.06 3.34
CA ASP F 652 42.90 -59.28 4.21
C ASP F 652 44.15 -59.71 3.45
N VAL F 653 43.98 -60.50 2.40
CA VAL F 653 45.11 -60.99 1.63
C VAL F 653 45.31 -60.18 0.36
N THR F 654 44.28 -59.47 -0.11
CA THR F 654 44.37 -58.65 -1.31
C THR F 654 44.78 -59.57 -2.45
N PRO F 655 43.91 -60.42 -2.96
CA PRO F 655 44.29 -61.33 -4.06
C PRO F 655 44.70 -60.57 -5.32
N PRO F 656 45.10 -61.26 -6.37
CA PRO F 656 45.54 -60.55 -7.58
C PRO F 656 44.42 -59.71 -8.14
N GLY F 657 44.79 -58.57 -8.70
CA GLY F 657 43.81 -57.77 -9.40
C GLY F 657 42.91 -56.98 -8.49
N VAL F 658 43.43 -56.55 -7.34
CA VAL F 658 42.69 -55.67 -6.44
C VAL F 658 43.71 -54.83 -5.71
N VAL F 659 43.34 -53.59 -5.41
CA VAL F 659 44.23 -52.71 -4.65
C VAL F 659 43.38 -51.74 -3.85
N MET F 660 43.77 -51.53 -2.61
CA MET F 660 43.09 -50.54 -1.80
C MET F 660 43.64 -49.18 -2.17
N GLY F 661 42.83 -48.15 -2.02
CA GLY F 661 43.25 -46.84 -2.43
C GLY F 661 42.54 -45.71 -1.72
N LEU F 662 43.31 -44.76 -1.25
CA LEU F 662 42.77 -43.60 -0.56
C LEU F 662 41.92 -42.76 -1.49
N ALA F 663 40.97 -42.06 -0.91
CA ALA F 663 40.17 -41.13 -1.68
C ALA F 663 39.62 -40.12 -0.69
N TRP F 664 39.59 -38.86 -1.10
CA TRP F 664 39.17 -37.80 -0.20
C TRP F 664 37.66 -37.76 -0.36
N THR F 665 36.96 -38.44 0.53
CA THR F 665 35.51 -38.39 0.50
C THR F 665 35.08 -36.99 0.93
N ALA F 666 33.86 -36.61 0.54
CA ALA F 666 33.35 -35.29 0.82
C ALA F 666 33.32 -34.97 2.31
N MET F 667 33.29 -35.98 3.17
CA MET F 667 33.42 -35.83 4.61
C MET F 667 34.62 -36.70 4.98
N GLY F 668 35.74 -36.07 5.32
CA GLY F 668 36.94 -36.82 5.68
C GLY F 668 37.43 -37.78 4.60
N GLY F 669 38.46 -38.57 4.92
CA GLY F 669 39.02 -39.49 3.96
C GLY F 669 38.28 -40.82 3.97
N SER F 670 38.71 -41.71 3.10
CA SER F 670 38.18 -43.07 3.04
C SER F 670 39.19 -43.95 2.33
N THR F 671 38.94 -45.26 2.40
CA THR F 671 39.86 -46.25 1.88
C THR F 671 39.12 -47.23 0.97
N LEU F 672 38.47 -46.69 -0.06
CA LEU F 672 37.75 -47.54 -0.99
C LEU F 672 38.73 -48.39 -1.80
N PHE F 673 38.33 -49.62 -2.07
CA PHE F 673 39.13 -50.52 -2.88
C PHE F 673 38.87 -50.28 -4.35
N VAL F 674 39.67 -50.92 -5.20
CA VAL F 674 39.45 -50.95 -6.64
C VAL F 674 39.71 -52.36 -7.11
N GLU F 675 38.84 -52.85 -8.00
CA GLU F 675 38.81 -54.27 -8.33
C GLU F 675 38.71 -54.44 -9.83
N THR F 676 39.10 -55.64 -10.29
CA THR F 676 39.27 -55.87 -11.70
C THR F 676 38.96 -57.31 -12.01
N SER F 677 38.52 -57.59 -13.23
CA SER F 677 38.22 -58.98 -13.55
C SER F 677 38.19 -59.19 -15.04
N LEU F 678 38.51 -60.43 -15.41
CA LEU F 678 38.35 -60.88 -16.77
C LEU F 678 36.87 -61.06 -17.04
N ARG F 679 36.49 -60.99 -18.32
CA ARG F 679 35.09 -61.01 -18.69
C ARG F 679 34.75 -61.93 -19.84
N ARG F 680 35.73 -62.42 -20.59
CA ARG F 680 35.53 -63.46 -21.59
C ARG F 680 36.79 -64.30 -21.62
N PRO F 681 36.71 -65.54 -22.10
CA PRO F 681 37.93 -66.36 -22.15
C PRO F 681 38.96 -65.66 -23.01
N GLN F 682 40.19 -65.71 -22.56
CA GLN F 682 41.18 -64.82 -23.16
C GLN F 682 41.73 -65.34 -24.48
N ASP F 683 41.51 -66.61 -24.84
CA ASP F 683 42.10 -67.21 -26.04
C ASP F 683 41.01 -67.90 -26.87
N LYS F 684 39.81 -67.32 -26.95
CA LYS F 684 38.80 -67.88 -27.84
C LYS F 684 39.16 -67.75 -29.32
N ASP F 685 40.04 -66.83 -29.68
CA ASP F 685 40.62 -66.70 -31.03
C ASP F 685 42.09 -66.32 -30.88
N ALA F 686 42.97 -67.31 -30.95
CA ALA F 686 44.39 -67.11 -30.67
C ALA F 686 45.03 -66.07 -31.58
N LYS F 687 44.56 -65.95 -32.83
CA LYS F 687 45.04 -64.92 -33.75
C LYS F 687 44.14 -63.70 -33.90
N GLY F 688 43.01 -63.61 -33.18
CA GLY F 688 42.10 -62.50 -33.43
C GLY F 688 42.70 -61.13 -33.18
N ASP F 689 42.51 -60.23 -34.15
CA ASP F 689 42.98 -58.85 -34.04
C ASP F 689 41.77 -57.95 -33.75
N LYS F 690 41.39 -57.90 -32.49
CA LYS F 690 40.29 -57.05 -32.05
C LYS F 690 40.60 -56.63 -30.63
N ASP F 691 40.25 -55.38 -30.31
CA ASP F 691 40.81 -54.74 -29.13
C ASP F 691 40.31 -55.40 -27.86
N GLY F 692 41.17 -55.41 -26.83
CA GLY F 692 40.78 -55.84 -25.51
C GLY F 692 40.04 -54.72 -24.81
N SER F 693 38.77 -54.54 -25.16
CA SER F 693 38.03 -53.40 -24.65
C SER F 693 37.87 -53.46 -23.14
N LEU F 694 38.09 -52.32 -22.51
CA LEU F 694 37.79 -52.13 -21.10
C LEU F 694 36.29 -51.95 -20.92
N GLU F 695 35.80 -52.29 -19.75
CA GLU F 695 34.40 -52.04 -19.42
C GLU F 695 34.40 -51.52 -17.98
N VAL F 696 34.44 -50.22 -17.84
CA VAL F 696 34.52 -49.62 -16.53
C VAL F 696 33.12 -49.59 -15.94
N THR F 697 33.04 -49.68 -14.61
CA THR F 697 31.78 -49.52 -13.88
C THR F 697 32.06 -48.98 -12.49
N GLY F 698 31.02 -48.42 -11.89
CA GLY F 698 31.13 -47.72 -10.64
C GLY F 698 30.45 -46.37 -10.63
N GLN F 699 29.59 -46.11 -11.62
CA GLN F 699 28.85 -44.86 -11.72
C GLN F 699 29.83 -43.69 -11.84
N LEU F 700 30.62 -43.76 -12.90
CA LEU F 700 31.68 -42.81 -13.12
C LEU F 700 31.10 -41.52 -13.70
N GLY F 701 31.82 -40.42 -13.48
CA GLY F 701 31.62 -39.21 -14.23
C GLY F 701 32.44 -39.19 -15.50
N GLU F 702 32.34 -38.09 -16.23
CA GLU F 702 33.01 -38.01 -17.52
C GLU F 702 34.51 -37.98 -17.34
N VAL F 703 34.97 -37.13 -16.44
CA VAL F 703 36.40 -37.00 -16.21
C VAL F 703 36.97 -38.32 -15.73
N MET F 704 36.18 -39.09 -14.99
CA MET F 704 36.62 -40.42 -14.62
C MET F 704 36.77 -41.31 -15.83
N LYS F 705 35.85 -41.21 -16.78
CA LYS F 705 36.00 -42.01 -18.00
C LYS F 705 37.27 -41.62 -18.73
N GLU F 706 37.56 -40.32 -18.74
CA GLU F 706 38.74 -39.84 -19.43
C GLU F 706 39.99 -40.40 -18.78
N SER F 707 40.06 -40.25 -17.45
CA SER F 707 41.23 -40.70 -16.74
C SER F 707 41.36 -42.21 -16.85
N ALA F 708 40.24 -42.91 -16.87
CA ALA F 708 40.30 -44.35 -17.00
C ALA F 708 40.87 -44.75 -18.33
N ARG F 709 40.43 -44.07 -19.40
CA ARG F 709 40.93 -44.45 -20.70
C ARG F 709 42.41 -44.19 -20.82
N ILE F 710 42.85 -43.03 -20.36
CA ILE F 710 44.27 -42.72 -20.51
C ILE F 710 45.08 -43.67 -19.65
N ALA F 711 44.55 -44.05 -18.49
CA ALA F 711 45.27 -45.01 -17.67
C ALA F 711 45.36 -46.34 -18.37
N TYR F 712 44.29 -46.75 -19.05
CA TYR F 712 44.34 -48.00 -19.78
C TYR F 712 45.39 -47.96 -20.87
N THR F 713 45.45 -46.85 -21.58
CA THR F 713 46.40 -46.79 -22.67
C THR F 713 47.80 -46.82 -22.12
N PHE F 714 48.00 -46.14 -20.99
CA PHE F 714 49.34 -46.15 -20.42
C PHE F 714 49.68 -47.56 -19.96
N ALA F 715 48.69 -48.30 -19.46
CA ALA F 715 48.99 -49.65 -19.02
C ALA F 715 49.41 -50.50 -20.19
N ARG F 716 48.62 -50.45 -21.26
CA ARG F 716 48.92 -51.25 -22.42
C ARG F 716 50.25 -50.84 -23.04
N ALA F 717 50.64 -49.57 -22.87
CA ALA F 717 51.91 -49.16 -23.40
C ALA F 717 53.03 -49.65 -22.52
N PHE F 718 52.90 -49.50 -21.20
CA PHE F 718 53.98 -49.88 -20.32
C PHE F 718 54.27 -51.35 -20.46
N LEU F 719 53.24 -52.16 -20.66
CA LEU F 719 53.52 -53.58 -20.64
C LEU F 719 54.34 -54.00 -21.85
N MET F 720 54.02 -53.48 -23.02
CA MET F 720 54.86 -53.79 -24.16
C MET F 720 56.23 -53.15 -24.00
N GLN F 721 56.30 -52.04 -23.28
CA GLN F 721 57.62 -51.47 -23.04
C GLN F 721 58.45 -52.32 -22.11
N HIS F 722 57.82 -53.05 -21.21
CA HIS F 722 58.55 -53.70 -20.13
C HIS F 722 58.69 -55.19 -20.33
N ALA F 723 57.61 -55.89 -20.61
CA ALA F 723 57.57 -57.34 -20.65
C ALA F 723 56.94 -57.72 -21.98
N PRO F 724 57.68 -57.61 -23.09
CA PRO F 724 57.04 -57.67 -24.42
C PRO F 724 56.27 -58.94 -24.72
N ALA F 725 56.73 -60.09 -24.20
CA ALA F 725 56.09 -61.35 -24.58
C ALA F 725 54.66 -61.43 -24.09
N ASN F 726 54.38 -60.90 -22.90
CA ASN F 726 53.02 -60.98 -22.40
C ASN F 726 52.18 -60.09 -23.29
N ASP F 727 50.97 -60.53 -23.54
CA ASP F 727 50.02 -59.75 -24.34
C ASP F 727 48.61 -59.90 -23.80
N TYR F 728 48.49 -60.27 -22.53
CA TYR F 728 47.19 -60.54 -21.95
C TYR F 728 46.27 -59.34 -22.04
N LEU F 729 46.82 -58.14 -22.00
CA LEU F 729 46.00 -56.96 -21.90
C LEU F 729 45.64 -56.38 -23.25
N VAL F 730 46.48 -56.62 -24.26
CA VAL F 730 46.18 -56.14 -25.60
C VAL F 730 44.90 -56.79 -26.11
N THR F 731 44.70 -58.05 -25.76
CA THR F 731 43.55 -58.84 -26.20
C THR F 731 42.92 -59.57 -25.02
N SER F 732 42.00 -58.91 -24.35
CA SER F 732 41.23 -59.52 -23.29
C SER F 732 40.14 -58.57 -22.82
N HIS F 733 38.87 -58.87 -23.02
CA HIS F 733 37.87 -57.95 -22.50
C HIS F 733 38.06 -57.98 -21.00
N ILE F 734 37.97 -56.82 -20.36
CA ILE F 734 38.26 -56.73 -18.93
C ILE F 734 37.27 -55.75 -18.34
N HIS F 735 36.50 -56.23 -17.40
CA HIS F 735 35.70 -55.33 -16.62
C HIS F 735 36.57 -54.78 -15.53
N LEU F 736 36.31 -53.54 -15.18
CA LEU F 736 37.00 -52.86 -14.11
C LEU F 736 35.98 -52.11 -13.29
N HIS F 737 36.16 -52.12 -11.98
CA HIS F 737 35.19 -51.55 -11.06
C HIS F 737 35.87 -50.62 -10.08
N VAL F 738 35.47 -49.36 -10.13
CA VAL F 738 35.98 -48.35 -9.23
C VAL F 738 34.81 -47.83 -8.39
N PRO F 739 34.67 -48.19 -7.11
CA PRO F 739 33.50 -47.75 -6.34
C PRO F 739 33.44 -46.25 -6.25
N GLU F 740 32.24 -45.71 -6.27
CA GLU F 740 32.03 -44.29 -6.13
C GLU F 740 32.18 -43.87 -4.67
N GLY F 741 32.46 -42.58 -4.47
CA GLY F 741 32.64 -41.99 -3.15
C GLY F 741 33.70 -40.91 -3.11
N ALA F 742 34.66 -40.93 -4.03
CA ALA F 742 35.67 -39.89 -4.07
C ALA F 742 34.97 -38.58 -4.40
N THR F 743 35.45 -37.48 -3.83
CA THR F 743 34.85 -36.20 -4.19
C THR F 743 35.16 -35.95 -5.66
N PRO F 744 34.16 -35.47 -6.45
CA PRO F 744 34.37 -35.46 -7.91
C PRO F 744 35.54 -34.66 -8.41
N LYS F 745 35.83 -33.52 -7.77
CA LYS F 745 37.02 -32.79 -8.19
C LYS F 745 38.27 -33.58 -7.89
N ASP F 746 38.23 -34.40 -6.85
CA ASP F 746 39.38 -35.20 -6.49
C ASP F 746 39.38 -36.53 -7.25
N GLY F 747 38.37 -36.77 -8.10
CA GLY F 747 38.19 -38.08 -8.67
C GLY F 747 39.32 -38.63 -9.49
N PRO F 748 40.04 -37.81 -10.27
CA PRO F 748 41.22 -38.35 -10.98
C PRO F 748 42.30 -38.88 -10.05
N SER F 749 42.31 -38.48 -8.78
CA SER F 749 43.44 -38.74 -7.88
C SER F 749 43.74 -40.22 -7.74
N ALA F 750 42.74 -41.07 -7.91
CA ALA F 750 42.90 -42.49 -7.73
C ALA F 750 43.58 -43.17 -8.91
N GLY F 751 43.85 -42.41 -9.99
CA GLY F 751 44.24 -42.99 -11.27
C GLY F 751 45.37 -43.98 -11.18
N CYS F 752 46.41 -43.62 -10.42
CA CYS F 752 47.63 -44.42 -10.37
C CYS F 752 47.34 -45.82 -9.90
N THR F 753 46.40 -45.96 -8.98
CA THR F 753 46.06 -47.27 -8.43
C THR F 753 45.62 -48.22 -9.51
N ILE F 754 44.78 -47.72 -10.43
CA ILE F 754 44.28 -48.54 -11.52
C ILE F 754 45.43 -49.10 -12.31
N VAL F 755 46.42 -48.26 -12.57
CA VAL F 755 47.47 -48.66 -13.48
C VAL F 755 48.27 -49.79 -12.87
N THR F 756 48.29 -49.91 -11.55
CA THR F 756 48.94 -51.04 -10.92
C THR F 756 48.01 -52.22 -10.80
N ALA F 757 46.74 -51.93 -10.50
CA ALA F 757 45.71 -52.97 -10.46
C ALA F 757 45.83 -53.84 -11.68
N LEU F 758 45.66 -53.23 -12.85
CA LEU F 758 45.67 -53.95 -14.11
C LEU F 758 46.97 -54.72 -14.24
N LEU F 759 48.08 -54.07 -13.88
CA LEU F 759 49.39 -54.70 -14.05
C LEU F 759 49.49 -55.94 -13.20
N SER F 760 48.90 -55.90 -12.01
CA SER F 760 48.92 -57.08 -11.16
C SER F 760 48.26 -58.22 -11.90
N LEU F 761 47.07 -57.96 -12.43
CA LEU F 761 46.34 -58.99 -13.15
C LEU F 761 47.12 -59.41 -14.39
N ALA F 762 47.92 -58.52 -14.95
CA ALA F 762 48.64 -58.89 -16.14
C ALA F 762 49.90 -59.69 -15.85
N MET F 763 50.30 -59.79 -14.59
CA MET F 763 51.46 -60.60 -14.22
C MET F 763 51.12 -61.68 -13.22
N GLY F 764 49.99 -61.58 -12.53
CA GLY F 764 49.56 -62.59 -11.60
C GLY F 764 50.08 -62.47 -10.19
N ARG F 765 50.91 -61.48 -9.89
CA ARG F 765 51.39 -61.36 -8.52
C ARG F 765 50.39 -60.56 -7.71
N PRO F 766 49.89 -61.07 -6.58
CA PRO F 766 49.08 -60.19 -5.73
C PRO F 766 49.97 -59.08 -5.23
N VAL F 767 49.36 -57.92 -5.01
CA VAL F 767 50.10 -56.77 -4.52
C VAL F 767 50.70 -57.09 -3.15
N ARG F 768 51.68 -56.29 -2.76
CA ARG F 768 52.21 -56.38 -1.41
C ARG F 768 51.15 -55.95 -0.39
N GLN F 769 51.24 -56.54 0.79
CA GLN F 769 50.19 -56.40 1.80
C GLN F 769 50.08 -54.95 2.24
N ASN F 770 48.83 -54.54 2.48
CA ASN F 770 48.42 -53.28 3.15
C ASN F 770 49.28 -52.10 2.72
N LEU F 771 49.25 -51.83 1.42
CA LEU F 771 50.08 -50.79 0.80
C LEU F 771 49.25 -49.91 -0.12
N ALA F 772 48.64 -48.91 0.47
CA ALA F 772 47.79 -47.98 -0.23
C ALA F 772 48.60 -46.95 -0.99
N MET F 773 48.00 -46.39 -2.03
CA MET F 773 48.67 -45.41 -2.88
C MET F 773 47.62 -44.57 -3.57
N THR F 774 48.06 -43.44 -4.11
CA THR F 774 47.16 -42.53 -4.80
C THR F 774 47.96 -41.72 -5.80
N GLY F 775 47.34 -40.69 -6.35
CA GLY F 775 48.00 -39.74 -7.22
C GLY F 775 47.65 -39.92 -8.70
N GLU F 776 47.61 -38.80 -9.40
CA GLU F 776 47.24 -38.75 -10.80
C GLU F 776 48.44 -39.16 -11.67
N VAL F 777 48.16 -39.66 -12.87
CA VAL F 777 49.17 -40.11 -13.82
C VAL F 777 48.92 -39.43 -15.16
N SER F 778 49.97 -39.31 -15.96
CA SER F 778 49.88 -38.78 -17.32
C SER F 778 50.25 -39.85 -18.31
N LEU F 779 50.00 -39.56 -19.59
CA LEU F 779 50.16 -40.60 -20.60
C LEU F 779 51.57 -41.10 -20.75
N THR F 780 52.56 -40.34 -20.33
CA THR F 780 53.93 -40.80 -20.35
C THR F 780 54.37 -41.20 -18.94
N GLY F 781 53.47 -41.10 -17.97
CA GLY F 781 53.79 -41.51 -16.63
C GLY F 781 54.51 -40.48 -15.81
N LYS F 782 54.09 -39.23 -15.88
CA LYS F 782 54.62 -38.22 -14.97
C LYS F 782 53.53 -37.92 -13.94
N ILE F 783 53.74 -38.40 -12.72
CA ILE F 783 52.73 -38.28 -11.68
C ILE F 783 52.63 -36.82 -11.29
N LEU F 784 51.44 -36.41 -10.85
CA LEU F 784 51.12 -35.02 -10.55
C LEU F 784 50.59 -34.85 -9.13
N PRO F 785 50.73 -33.67 -8.53
CA PRO F 785 50.26 -33.48 -7.16
C PRO F 785 48.75 -33.61 -7.06
N VAL F 786 48.29 -34.07 -5.90
CA VAL F 786 46.86 -34.15 -5.60
C VAL F 786 46.61 -33.51 -4.24
N GLY F 787 45.43 -32.87 -4.10
CA GLY F 787 45.09 -32.14 -2.90
C GLY F 787 44.44 -32.97 -1.80
N GLY F 788 44.18 -32.30 -0.68
CA GLY F 788 43.47 -32.93 0.42
C GLY F 788 44.22 -34.08 1.04
N ILE F 789 45.54 -33.95 1.15
CA ILE F 789 46.35 -35.04 1.66
C ILE F 789 45.99 -35.37 3.10
N LYS F 790 45.55 -34.40 3.87
CA LYS F 790 45.39 -34.61 5.30
C LYS F 790 44.30 -35.62 5.59
N GLU F 791 43.14 -35.43 4.95
CA GLU F 791 42.03 -36.35 5.16
C GLU F 791 42.41 -37.74 4.74
N LYS F 792 43.18 -37.82 3.67
CA LYS F 792 43.61 -39.10 3.16
C LYS F 792 44.50 -39.81 4.17
N THR F 793 45.49 -39.08 4.71
CA THR F 793 46.41 -39.70 5.65
C THR F 793 45.69 -40.18 6.89
N ILE F 794 44.83 -39.32 7.44
CA ILE F 794 44.17 -39.67 8.69
C ILE F 794 43.23 -40.83 8.50
N ALA F 795 42.65 -40.97 7.31
CA ALA F 795 41.74 -42.10 7.11
C ALA F 795 42.52 -43.39 6.89
N ALA F 796 43.57 -43.33 6.08
CA ALA F 796 44.32 -44.54 5.83
C ALA F 796 45.09 -45.03 7.03
N LYS F 797 45.40 -44.15 7.99
CA LYS F 797 46.23 -44.56 9.12
C LYS F 797 45.58 -45.68 9.91
N ARG F 798 44.26 -45.62 10.04
CA ARG F 798 43.54 -46.53 10.91
C ARG F 798 43.07 -47.79 10.18
N ALA F 799 43.36 -47.91 8.89
CA ALA F 799 43.01 -49.11 8.15
C ALA F 799 44.07 -50.21 8.28
N GLY F 800 45.16 -49.97 9.01
CA GLY F 800 46.25 -50.93 9.09
C GLY F 800 47.29 -50.79 8.00
N VAL F 801 47.17 -49.80 7.12
CA VAL F 801 48.17 -49.57 6.11
C VAL F 801 49.48 -49.16 6.76
N THR F 802 50.61 -49.57 6.17
CA THR F 802 51.91 -49.32 6.76
C THR F 802 52.88 -48.58 5.86
N CYS F 803 52.73 -48.66 4.54
CA CYS F 803 53.72 -48.09 3.60
C CYS F 803 52.97 -47.27 2.55
N ILE F 804 52.63 -46.05 2.90
CA ILE F 804 51.99 -45.19 1.94
C ILE F 804 53.03 -44.77 0.91
N VAL F 805 52.58 -44.45 -0.30
CA VAL F 805 53.47 -43.86 -1.32
C VAL F 805 52.69 -42.74 -1.97
N LEU F 806 53.37 -41.63 -2.22
CA LEU F 806 52.72 -40.41 -2.67
C LEU F 806 53.59 -39.76 -3.73
N PRO F 807 53.02 -38.90 -4.58
CA PRO F 807 53.86 -38.22 -5.56
C PRO F 807 54.91 -37.37 -4.88
N ALA F 808 56.10 -37.33 -5.47
CA ALA F 808 57.17 -36.56 -4.85
C ALA F 808 56.88 -35.06 -4.87
N GLU F 809 55.98 -34.63 -5.75
CA GLU F 809 55.68 -33.22 -5.91
C GLU F 809 54.75 -32.71 -4.84
N ASN F 810 54.20 -33.59 -4.01
CA ASN F 810 53.36 -33.25 -2.89
C ASN F 810 54.07 -33.46 -1.56
N LYS F 811 55.35 -33.85 -1.58
CA LYS F 811 56.00 -34.34 -0.37
C LYS F 811 56.01 -33.33 0.77
N LYS F 812 56.08 -32.04 0.44
CA LYS F 812 56.22 -31.05 1.50
C LYS F 812 55.04 -31.08 2.44
N ASP F 813 53.83 -31.31 1.90
CA ASP F 813 52.67 -31.32 2.77
C ASP F 813 52.67 -32.54 3.66
N PHE F 814 53.32 -33.61 3.23
CA PHE F 814 53.43 -34.77 4.10
C PHE F 814 54.47 -34.56 5.19
N TYR F 815 55.29 -33.53 5.09
CA TYR F 815 56.28 -33.23 6.11
C TYR F 815 55.90 -31.96 6.84
N ASP F 816 54.60 -31.72 6.98
CA ASP F 816 54.09 -30.64 7.80
C ASP F 816 52.98 -31.05 8.74
N LEU F 817 52.42 -32.24 8.61
CA LEU F 817 51.36 -32.64 9.53
C LEU F 817 51.93 -32.98 10.89
N ALA F 818 51.07 -32.84 11.90
CA ALA F 818 51.45 -33.05 13.29
C ALA F 818 52.07 -34.42 13.49
N ALA F 819 53.14 -34.45 14.29
CA ALA F 819 54.02 -35.61 14.31
C ALA F 819 53.31 -36.89 14.74
N PHE F 820 52.35 -36.80 15.66
CA PHE F 820 51.73 -38.02 16.17
C PHE F 820 50.98 -38.74 15.06
N ILE F 821 50.43 -38.00 14.12
CA ILE F 821 49.76 -38.58 12.98
C ILE F 821 50.77 -39.32 12.11
N THR F 822 51.98 -38.79 12.02
CA THR F 822 52.96 -39.35 11.10
C THR F 822 53.69 -40.56 11.66
N GLU F 823 53.64 -40.78 12.97
CA GLU F 823 54.40 -41.90 13.53
C GLU F 823 53.86 -43.23 13.05
N GLY F 824 54.76 -44.18 12.90
CA GLY F 824 54.41 -45.47 12.32
C GLY F 824 54.78 -45.58 10.86
N LEU F 825 53.81 -45.29 9.99
CA LEU F 825 53.91 -45.60 8.57
C LEU F 825 55.13 -45.02 7.87
N GLU F 826 55.75 -45.86 7.05
CA GLU F 826 56.77 -45.46 6.09
C GLU F 826 56.16 -44.76 4.90
N VAL F 827 56.95 -43.89 4.26
CA VAL F 827 56.53 -43.15 3.09
C VAL F 827 57.56 -43.29 1.98
N HIS F 828 57.10 -43.22 0.74
CA HIS F 828 57.96 -43.15 -0.43
C HIS F 828 57.64 -41.85 -1.15
N PHE F 829 58.45 -41.52 -2.16
CA PHE F 829 58.16 -40.38 -3.04
C PHE F 829 58.76 -40.64 -4.40
N VAL F 830 58.04 -40.22 -5.44
CA VAL F 830 58.39 -40.52 -6.81
C VAL F 830 57.84 -39.50 -7.78
N GLU F 831 58.34 -39.50 -9.04
CA GLU F 831 57.84 -38.62 -10.10
C GLU F 831 57.48 -39.38 -11.36
N HIS F 832 58.29 -40.34 -11.79
CA HIS F 832 58.00 -41.16 -12.95
C HIS F 832 57.52 -42.51 -12.44
N TYR F 833 56.40 -42.98 -12.99
CA TYR F 833 55.70 -44.15 -12.45
C TYR F 833 56.58 -45.38 -12.45
N ARG F 834 57.61 -45.44 -13.30
CA ARG F 834 58.46 -46.61 -13.37
C ARG F 834 59.15 -46.88 -12.04
N GLU F 835 59.26 -45.89 -11.17
CA GLU F 835 59.81 -46.15 -9.85
C GLU F 835 58.80 -46.95 -9.00
N ILE F 836 57.52 -46.51 -8.98
CA ILE F 836 56.58 -47.19 -8.09
C ILE F 836 56.42 -48.63 -8.51
N PHE F 837 56.53 -48.89 -9.82
CA PHE F 837 56.36 -50.25 -10.28
C PHE F 837 57.48 -51.14 -9.76
N ASP F 838 58.62 -50.56 -9.41
CA ASP F 838 59.69 -51.31 -8.81
C ASP F 838 59.58 -51.32 -7.30
N ILE F 839 58.59 -50.64 -6.74
CA ILE F 839 58.34 -50.75 -5.30
C ILE F 839 57.31 -51.81 -5.02
N ALA F 840 56.15 -51.72 -5.67
CA ALA F 840 55.01 -52.55 -5.31
C ALA F 840 55.30 -54.05 -5.45
N PHE F 841 56.22 -54.43 -6.36
CA PHE F 841 56.54 -55.82 -6.68
C PHE F 841 58.04 -55.96 -6.47
N PRO F 842 58.48 -56.04 -5.22
CA PRO F 842 59.93 -56.15 -5.00
C PRO F 842 60.48 -57.45 -5.55
N UNK G 1 -22.71 32.18 24.38
CA UNK G 1 -21.78 31.20 24.93
C UNK G 1 -21.13 30.43 23.80
N UNK G 2 -19.83 30.17 23.94
CA UNK G 2 -19.10 29.40 22.95
C UNK G 2 -19.68 28.00 22.91
N UNK G 3 -20.21 27.64 21.75
CA UNK G 3 -20.71 26.30 21.54
C UNK G 3 -19.60 25.28 21.76
N UNK G 4 -20.01 24.07 22.10
CA UNK G 4 -19.10 22.93 22.21
C UNK G 4 -18.29 22.68 20.94
N UNK G 5 -17.28 21.83 21.08
CA UNK G 5 -16.41 21.48 19.97
C UNK G 5 -15.67 20.18 20.25
N UNK G 6 -16.44 19.12 20.51
CA UNK G 6 -15.86 17.82 20.81
C UNK G 6 -15.15 17.24 19.60
N UNK G 7 -14.46 16.13 19.80
CA UNK G 7 -13.84 15.40 18.70
C UNK G 7 -13.43 14.00 19.16
N UNK G 8 -13.64 13.02 18.28
CA UNK G 8 -13.24 11.65 18.58
C UNK G 8 -13.18 10.84 17.28
N UNK G 9 -12.11 10.05 17.14
CA UNK G 9 -11.88 9.25 15.94
C UNK G 9 -11.19 7.96 16.33
N UNK G 10 -10.98 7.09 15.35
CA UNK G 10 -10.14 5.93 15.56
C UNK G 10 -9.86 5.27 14.22
N UNK G 11 -8.95 4.30 14.23
CA UNK G 11 -8.35 3.79 13.00
C UNK G 11 -8.82 2.39 12.63
N UNK G 12 -10.05 2.26 12.15
CA UNK G 12 -10.51 1.00 11.59
C UNK G 12 -9.84 0.83 10.24
N UNK G 13 -9.03 -0.21 10.11
CA UNK G 13 -8.09 -0.31 8.99
C UNK G 13 -8.58 -1.23 7.87
N UNK G 14 -8.80 -0.66 6.69
CA UNK G 14 -9.18 -1.45 5.52
C UNK G 14 -7.93 -2.18 5.01
N UNK G 15 -8.10 -3.10 4.06
CA UNK G 15 -7.01 -3.92 3.55
C UNK G 15 -6.95 -3.95 2.03
N UNK G 16 -5.75 -4.21 1.50
CA UNK G 16 -5.53 -4.24 0.06
C UNK G 16 -4.40 -5.19 -0.28
N UNK G 17 -4.61 -6.01 -1.31
CA UNK G 17 -3.58 -6.96 -1.71
C UNK G 17 -2.54 -6.21 -2.50
N UNK G 18 -1.54 -6.93 -2.99
CA UNK G 18 -0.46 -6.31 -3.75
C UNK G 18 0.20 -7.33 -4.65
N UNK G 19 0.03 -7.15 -5.95
CA UNK G 19 0.64 -8.06 -6.90
C UNK G 19 2.15 -7.89 -6.84
N UNK G 20 2.86 -9.00 -6.96
CA UNK G 20 4.31 -9.00 -6.83
C UNK G 20 4.81 -10.40 -7.18
N UNK G 21 6.04 -10.71 -6.83
CA UNK G 21 6.57 -12.04 -7.08
C UNK G 21 7.78 -12.27 -6.19
#